data_9CAS
#
_entry.id   9CAS
#
_cell.length_a   1.00
_cell.length_b   1.00
_cell.length_c   1.00
_cell.angle_alpha   90.00
_cell.angle_beta   90.00
_cell.angle_gamma   90.00
#
_symmetry.space_group_name_H-M   'P 1'
#
_entity_poly.entity_id   1
_entity_poly.type   'polypeptide(L)'
_entity_poly.pdbx_seq_one_letter_code
;MKLLVLVFATLVSSYTIEKCLDFDDRTPPANTQFLSSHRGVYYPDDIFRSNVLHLVQDHFLPFDSNVTRFITFGLNFDNP
IIPFRDGIYFAATEKSNVIRGWVFGSTMNNKSQSVIIMNNSTNLVIRACNFELCDNPFFVVLKSNNTQIPSYIFNNAFNC
TFEYVSKDFNLDLGEKPGNFKDLREFVFRNKDGFLHVYSGYQPISAASGLPTGFNALKPIFKLPLGINITNFRTLLTAFP
PRPDYWGTSAAAYFVGYLKPTTFMLKYDENGTITDAVDCSQNPLAELKCSVKSFEIDKGIYQTSNFRVAPSKEVVRFPNI
TNLCPFGEVFNATTFPSVYAWERKRISNCVADYSVLYNSTSFSTFKCYGVSATKLNDLCFSNVYADSFVVKGDDVRQIAP
GQTGVIADYNYKLPDDFLGCVLAWNTNSKDSSTSGNYNYLYRWVRRSKLNPYERDLSNDIYSPGGQSCSAVGPNCYNPLR
PYGFFTTAGVGHQPYRVVVLSFELLNAPATVCGPKLSTDLIKNQCVNFNFNGLTGTGVLTPSSKRFQPFQQFGRDVSDFT
DSVRDPKTSEILDISPCSFGGVSVITPGTNTSSEVAVLYQDVNCTDVPVAIHADQLTPSWRVYSTGNNVFQTQAGCLIGA
EHVDTSYECDIPIGAGICASYHTVSSLRSTSQKSIVAYTMSLGADSSIAYSNNTIAIPTNFSISITTEVMPVSMAKTSVD
CNMYICGDSTECANLLLQYGSFCTQLNRALSGIAVEQDRNTREVFAQVKQMYKTPTLKDFGGFNFSQILPDPLKPTKRSF
IEDLLFNKVTLADAGFMKQYGECLGDINARDLICAQKFNGLTVLPPLLTDDMIAAYTAALVSGTATAGWTFGAGAALQIP
FAMQMAYRFNGIGVTQNVLYENQKQIANQFNKAISQIQESLTTTSTALGKLQDVVNQNAQALNTLVKQLSSNFGAISSVL
NDILSRLDKVEAEVQIDRLITGRLQSLQTYVTQQLIRAAEIRASANLAATKMSECVLGQSKRVDFCGKGYHLMSFPQAAP
HGVVFLHVTYVPSQERNFTTAPAICHEGKAYFPREGVFVFNGTSWFITQRNFFSPQIITTDNTFVSGSCDVVIGIINNTV
YDPLQPELDSFKEELDKYFKNHTSPDVDLGDISGINASVVNIQKEIDRLNEVAKNLNESLIDLQELGKYEQGSGYIPEAP
RDGQAYVRKDGEWVLLSTFLGRSLEVLFQGPGHHHHHHHHSAWSHPQFEKGGGSGGGGSGGSAWSHPQFEK
;
_entity_poly.pdbx_strand_id   A,B,C
#
# COMPACT_ATOMS: atom_id res chain seq x y z
N GLN A 33 13.31 -19.33 -48.41
CA GLN A 33 12.77 -20.47 -49.16
C GLN A 33 11.61 -21.11 -48.41
N PHE A 34 11.92 -21.86 -47.36
CA PHE A 34 10.95 -22.68 -46.66
C PHE A 34 10.36 -21.91 -45.47
N LEU A 35 9.55 -22.60 -44.67
CA LEU A 35 8.98 -22.06 -43.44
C LEU A 35 9.24 -23.06 -42.32
N SER A 36 9.73 -22.59 -41.18
CA SER A 36 10.23 -23.47 -40.09
C SER A 36 9.16 -24.02 -39.16
N SER A 37 7.88 -23.97 -39.51
CA SER A 37 6.79 -24.40 -38.60
C SER A 37 7.10 -23.89 -37.18
N HIS A 38 7.04 -24.73 -36.14
CA HIS A 38 7.26 -24.32 -34.73
C HIS A 38 8.57 -24.95 -34.30
N ARG A 39 9.62 -24.84 -35.12
CA ARG A 39 10.92 -25.43 -34.82
C ARG A 39 11.91 -24.36 -34.37
N GLY A 40 12.91 -24.80 -33.61
CA GLY A 40 13.98 -23.92 -33.19
C GLY A 40 13.83 -23.40 -31.77
N VAL A 41 13.52 -24.31 -30.84
CA VAL A 41 13.37 -23.96 -29.43
C VAL A 41 14.49 -24.66 -28.66
N TYR A 42 15.21 -23.89 -27.86
CA TYR A 42 16.34 -24.40 -27.08
C TYR A 42 16.19 -23.92 -25.64
N TYR A 43 16.83 -24.63 -24.73
CA TYR A 43 16.79 -24.23 -23.33
C TYR A 43 17.69 -23.01 -23.13
N PRO A 44 17.15 -21.86 -22.71
CA PRO A 44 18.01 -20.69 -22.52
C PRO A 44 18.66 -20.65 -21.14
N ILE A 47 20.28 -23.79 -15.75
CA ILE A 47 19.30 -23.74 -14.67
C ILE A 47 18.26 -24.84 -14.86
N PHE A 48 17.72 -25.33 -13.75
CA PHE A 48 16.67 -26.34 -13.78
C PHE A 48 15.37 -25.75 -13.26
N ARG A 49 14.27 -26.09 -13.91
CA ARG A 49 12.94 -25.68 -13.46
C ARG A 49 11.92 -26.67 -14.01
N SER A 50 10.76 -26.72 -13.37
CA SER A 50 9.72 -27.66 -13.75
C SER A 50 8.36 -27.09 -13.42
N ASN A 51 7.43 -27.20 -14.36
CA ASN A 51 6.05 -26.75 -14.18
C ASN A 51 6.00 -25.29 -13.74
N VAL A 52 6.62 -24.42 -14.52
CA VAL A 52 6.73 -23.01 -14.18
C VAL A 52 6.03 -22.10 -15.18
N LEU A 53 5.93 -22.48 -16.45
CA LEU A 53 5.35 -21.61 -17.48
C LEU A 53 6.09 -20.26 -17.50
N HIS A 54 7.37 -20.35 -17.86
CA HIS A 54 8.30 -19.25 -17.67
C HIS A 54 8.43 -18.42 -18.95
N LEU A 55 8.42 -17.11 -18.80
CA LEU A 55 8.52 -16.18 -19.91
C LEU A 55 9.93 -15.61 -19.98
N VAL A 56 10.56 -15.74 -21.14
CA VAL A 56 11.97 -15.37 -21.29
C VAL A 56 12.19 -14.65 -22.60
N GLN A 57 13.01 -13.60 -22.55
CA GLN A 57 13.40 -12.82 -23.73
C GLN A 57 14.83 -13.22 -24.09
N ASP A 58 15.02 -13.68 -25.32
CA ASP A 58 16.33 -14.16 -25.74
C ASP A 58 16.36 -14.24 -27.27
N HIS A 59 17.47 -14.75 -27.80
CA HIS A 59 17.64 -14.89 -29.25
C HIS A 59 16.99 -16.20 -29.67
N PHE A 60 15.77 -16.10 -30.20
CA PHE A 60 14.99 -17.24 -30.64
C PHE A 60 14.66 -17.11 -32.13
N LEU A 61 14.30 -18.25 -32.73
CA LEU A 61 13.90 -18.27 -34.12
C LEU A 61 12.40 -18.03 -34.22
N PRO A 62 11.95 -16.95 -34.84
CA PRO A 62 10.50 -16.69 -34.92
C PRO A 62 9.77 -17.82 -35.61
N PHE A 63 8.55 -18.10 -35.13
CA PHE A 63 7.73 -19.14 -35.72
C PHE A 63 7.27 -18.73 -37.11
N ASP A 64 7.18 -19.72 -38.00
CA ASP A 64 6.85 -19.47 -39.40
C ASP A 64 7.78 -18.42 -40.01
N SER A 65 9.07 -18.60 -39.78
CA SER A 65 10.10 -17.72 -40.33
C SER A 65 10.69 -18.32 -41.59
N ASN A 66 11.42 -17.51 -42.33
CA ASN A 66 12.10 -17.96 -43.54
C ASN A 66 13.45 -18.56 -43.17
N VAL A 67 13.67 -19.81 -43.58
CA VAL A 67 14.93 -20.50 -43.37
C VAL A 67 15.48 -20.89 -44.74
N THR A 68 16.72 -20.51 -45.01
CA THR A 68 17.30 -20.79 -46.32
C THR A 68 17.70 -22.25 -46.41
N ARG A 69 17.77 -22.76 -47.63
CA ARG A 69 18.16 -24.14 -47.90
C ARG A 69 19.38 -24.16 -48.81
N PHE A 70 20.31 -25.07 -48.51
CA PHE A 70 21.50 -25.25 -49.32
C PHE A 70 21.57 -26.70 -49.78
N ASN A 79 28.01 -25.19 -50.74
CA ASN A 79 28.66 -25.14 -49.44
C ASN A 79 29.45 -23.85 -49.28
N PRO A 80 28.75 -22.70 -49.29
CA PRO A 80 29.44 -21.41 -49.23
C PRO A 80 29.71 -20.95 -47.81
N ILE A 81 30.28 -19.75 -47.67
CA ILE A 81 30.48 -19.13 -46.37
C ILE A 81 29.19 -18.47 -45.95
N ILE A 82 28.63 -18.92 -44.83
CA ILE A 82 27.30 -18.51 -44.38
C ILE A 82 27.46 -17.56 -43.20
N PRO A 83 27.03 -16.29 -43.32
CA PRO A 83 27.15 -15.38 -42.18
C PRO A 83 26.42 -15.90 -40.96
N PHE A 84 27.01 -15.63 -39.79
CA PHE A 84 26.55 -16.18 -38.52
C PHE A 84 25.60 -15.25 -37.78
N ARG A 85 25.87 -13.94 -37.80
CA ARG A 85 24.99 -12.94 -37.19
C ARG A 85 24.88 -13.24 -35.70
N ASP A 86 23.68 -13.39 -35.14
CA ASP A 86 23.47 -13.54 -33.71
C ASP A 86 23.09 -14.96 -33.31
N GLY A 87 23.69 -15.97 -33.91
CA GLY A 87 23.35 -17.35 -33.62
C GLY A 87 22.62 -17.92 -34.81
N ILE A 88 22.60 -19.24 -34.91
CA ILE A 88 21.95 -19.90 -36.04
C ILE A 88 21.25 -21.17 -35.59
N TYR A 89 20.20 -21.52 -36.33
CA TYR A 89 19.51 -22.79 -36.21
C TYR A 89 19.80 -23.57 -37.48
N PHE A 90 20.52 -24.68 -37.35
CA PHE A 90 20.93 -25.51 -38.47
C PHE A 90 20.15 -26.82 -38.43
N ALA A 91 19.75 -27.31 -39.59
CA ALA A 91 18.95 -28.53 -39.67
C ALA A 91 19.33 -29.32 -40.91
N ALA A 92 19.09 -30.62 -40.86
CA ALA A 92 19.39 -31.49 -41.99
C ALA A 92 18.44 -32.68 -42.04
N VAL A 98 25.46 -37.44 -43.34
CA VAL A 98 26.46 -37.06 -44.34
C VAL A 98 27.23 -35.83 -43.89
N ILE A 99 26.57 -34.96 -43.13
CA ILE A 99 27.23 -33.77 -42.61
C ILE A 99 28.16 -34.20 -41.47
N ARG A 100 29.42 -33.81 -41.57
CA ARG A 100 30.45 -34.26 -40.62
C ARG A 100 30.55 -33.33 -39.41
N GLY A 101 30.79 -32.06 -39.64
CA GLY A 101 30.91 -31.11 -38.54
C GLY A 101 30.67 -29.68 -38.98
N TRP A 102 31.39 -28.73 -38.37
CA TRP A 102 31.26 -27.33 -38.72
C TRP A 102 32.59 -26.63 -38.44
N VAL A 103 32.77 -25.48 -39.09
CA VAL A 103 33.92 -24.61 -38.87
C VAL A 103 33.40 -23.20 -38.66
N PHE A 104 33.64 -22.64 -37.48
CA PHE A 104 33.19 -21.29 -37.16
C PHE A 104 34.41 -20.39 -37.05
N GLY A 105 34.25 -19.14 -37.47
CA GLY A 105 35.36 -18.20 -37.42
C GLY A 105 34.95 -16.86 -37.97
N SER A 106 35.94 -15.99 -38.14
CA SER A 106 35.72 -14.66 -38.67
C SER A 106 36.31 -14.50 -40.08
N THR A 107 37.59 -14.81 -40.25
CA THR A 107 38.24 -14.72 -41.55
C THR A 107 38.51 -16.08 -42.18
N MET A 108 38.75 -17.11 -41.38
CA MET A 108 38.98 -18.46 -41.88
C MET A 108 40.16 -18.49 -42.85
N ASN A 109 41.21 -17.73 -42.54
CA ASN A 109 42.35 -17.62 -43.44
C ASN A 109 43.67 -17.68 -42.69
N ASN A 110 43.67 -18.15 -41.45
CA ASN A 110 44.81 -18.32 -40.55
C ASN A 110 45.24 -17.01 -39.90
N LYS A 111 44.55 -15.91 -40.16
CA LYS A 111 44.83 -14.65 -39.49
C LYS A 111 43.93 -14.40 -38.30
N SER A 112 43.04 -15.34 -37.99
CA SER A 112 42.10 -15.19 -36.88
C SER A 112 41.68 -16.58 -36.41
N GLN A 113 41.66 -16.76 -35.11
CA GLN A 113 41.36 -18.07 -34.54
C GLN A 113 39.99 -18.55 -34.99
N SER A 114 39.93 -19.81 -35.41
CA SER A 114 38.69 -20.45 -35.82
C SER A 114 38.57 -21.81 -35.13
N VAL A 115 37.34 -22.24 -34.89
CA VAL A 115 37.06 -23.48 -34.17
C VAL A 115 36.47 -24.49 -35.15
N ILE A 116 36.99 -25.71 -35.10
CA ILE A 116 36.55 -26.81 -35.95
C ILE A 116 35.95 -27.89 -35.05
N ILE A 117 34.69 -28.22 -35.29
CA ILE A 117 34.00 -29.34 -34.67
C ILE A 117 33.84 -30.42 -35.72
N MET A 118 34.25 -31.64 -35.42
CA MET A 118 34.17 -32.68 -36.44
C MET A 118 34.09 -34.05 -35.77
N ASN A 119 33.75 -35.05 -36.58
CA ASN A 119 33.59 -36.43 -36.13
C ASN A 119 34.29 -37.34 -37.13
N ASN A 120 35.25 -38.12 -36.65
CA ASN A 120 35.97 -39.06 -37.51
C ASN A 120 35.58 -40.50 -37.16
N LEU A 124 34.74 -37.69 -31.77
CA LEU A 124 34.42 -36.26 -31.79
C LEU A 124 35.63 -35.43 -31.40
N VAL A 125 35.99 -34.47 -32.24
CA VAL A 125 37.15 -33.62 -32.03
C VAL A 125 36.72 -32.17 -32.16
N ILE A 126 37.07 -31.35 -31.17
CA ILE A 126 36.84 -29.92 -31.19
C ILE A 126 38.18 -29.24 -30.96
N ARG A 127 38.63 -28.45 -31.93
CA ARG A 127 39.89 -27.73 -31.78
C ARG A 127 39.75 -26.31 -32.27
N ALA A 128 40.23 -25.36 -31.48
CA ALA A 128 40.22 -23.94 -31.84
C ALA A 128 41.65 -23.51 -32.11
N CYS A 129 41.96 -23.20 -33.37
CA CYS A 129 43.31 -22.77 -33.73
C CYS A 129 43.25 -21.90 -34.97
N ASN A 130 44.42 -21.43 -35.40
CA ASN A 130 44.56 -20.55 -36.56
C ASN A 130 44.73 -21.40 -37.81
N PHE A 131 43.62 -21.95 -38.29
CA PHE A 131 43.64 -22.85 -39.43
C PHE A 131 43.87 -22.09 -40.73
N GLU A 132 44.41 -22.79 -41.73
CA GLU A 132 44.65 -22.17 -43.02
C GLU A 132 43.35 -21.85 -43.73
N LEU A 133 42.37 -22.74 -43.63
CA LEU A 133 41.03 -22.47 -44.15
C LEU A 133 40.00 -23.15 -43.28
N ASN A 156 49.82 -26.98 -39.54
CA ASN A 156 48.74 -26.12 -39.98
C ASN A 156 48.11 -25.38 -38.81
N ALA A 157 48.21 -25.96 -37.61
CA ALA A 157 47.65 -25.40 -36.40
C ALA A 157 48.77 -24.85 -35.53
N PHE A 158 48.70 -23.56 -35.21
CA PHE A 158 49.73 -22.88 -34.45
C PHE A 158 49.11 -21.83 -33.55
N ASN A 159 49.84 -21.45 -32.50
CA ASN A 159 49.41 -20.37 -31.56
C ASN A 159 47.91 -20.51 -31.29
N CYS A 160 47.51 -21.52 -30.53
CA CYS A 160 46.06 -21.77 -30.28
C CYS A 160 45.77 -22.39 -28.91
N THR A 161 44.49 -22.60 -28.60
CA THR A 161 44.03 -22.95 -27.23
C THR A 161 43.13 -24.16 -27.08
N PHE A 162 41.81 -24.01 -26.99
CA PHE A 162 40.88 -25.11 -26.62
C PHE A 162 41.16 -26.35 -27.46
N GLU A 163 41.11 -27.51 -26.83
CA GLU A 163 41.25 -28.80 -27.53
C GLU A 163 40.38 -29.78 -26.76
N TYR A 164 39.72 -30.69 -27.42
CA TYR A 164 38.77 -31.62 -26.79
C TYR A 164 38.68 -32.87 -27.64
N VAL A 165 38.17 -33.94 -27.04
CA VAL A 165 37.92 -35.18 -27.75
C VAL A 165 36.48 -35.64 -27.49
N LEU A 183 16.20 -36.68 -39.18
CA LEU A 183 16.22 -35.24 -39.01
C LEU A 183 17.16 -34.83 -37.87
N ARG A 184 18.15 -34.02 -38.21
CA ARG A 184 19.12 -33.50 -37.25
C ARG A 184 18.90 -32.00 -37.11
N GLU A 185 18.95 -31.50 -35.87
CA GLU A 185 18.81 -30.07 -35.62
C GLU A 185 19.85 -29.65 -34.59
N PHE A 186 20.36 -28.43 -34.76
CA PHE A 186 21.33 -27.87 -33.84
C PHE A 186 21.10 -26.37 -33.74
N VAL A 187 21.46 -25.81 -32.59
CA VAL A 187 21.40 -24.37 -32.37
C VAL A 187 22.76 -23.92 -31.85
N PHE A 188 23.33 -22.90 -32.48
CA PHE A 188 24.64 -22.37 -32.12
C PHE A 188 24.49 -20.92 -31.70
N ARG A 189 25.00 -20.61 -30.51
CA ARG A 189 24.98 -19.24 -30.00
C ARG A 189 26.36 -18.91 -29.42
N ASN A 190 26.68 -17.63 -29.36
CA ASN A 190 27.96 -17.17 -28.83
C ASN A 190 27.68 -16.04 -27.84
N LYS A 191 27.79 -16.33 -26.56
CA LYS A 191 27.53 -15.35 -25.50
C LYS A 191 28.66 -15.37 -24.49
N ASP A 192 29.22 -14.20 -24.22
CA ASP A 192 30.29 -14.04 -23.22
C ASP A 192 31.47 -14.96 -23.52
N GLY A 193 31.76 -15.10 -24.80
CA GLY A 193 32.90 -15.90 -25.24
C GLY A 193 32.64 -17.38 -25.19
N PHE A 194 31.46 -17.77 -24.72
CA PHE A 194 31.06 -19.17 -24.65
C PHE A 194 30.21 -19.53 -25.86
N LEU A 195 30.59 -20.60 -26.54
CA LEU A 195 29.82 -21.13 -27.66
C LEU A 195 28.86 -22.18 -27.12
N HIS A 196 27.57 -21.86 -27.11
CA HIS A 196 26.55 -22.80 -26.72
C HIS A 196 26.09 -23.60 -27.92
N VAL A 197 26.15 -24.92 -27.81
CA VAL A 197 25.74 -25.85 -28.86
C VAL A 197 24.64 -26.73 -28.29
N TYR A 198 23.45 -26.65 -28.89
CA TYR A 198 22.31 -27.48 -28.53
C TYR A 198 22.00 -28.42 -29.70
N SER A 199 21.59 -29.64 -29.38
CA SER A 199 21.38 -30.65 -30.41
C SER A 199 20.03 -31.35 -30.21
N GLY A 200 19.53 -31.91 -31.30
CA GLY A 200 18.31 -32.70 -31.26
C GLY A 200 18.18 -33.52 -32.51
N TYR A 201 17.42 -34.62 -32.42
CA TYR A 201 17.27 -35.53 -33.54
C TYR A 201 15.89 -36.18 -33.47
N GLN A 202 15.24 -36.29 -34.62
CA GLN A 202 13.93 -36.91 -34.71
C GLN A 202 13.86 -37.78 -35.95
N PRO A 203 13.10 -38.88 -35.90
CA PRO A 203 12.96 -39.78 -37.07
C PRO A 203 11.90 -39.32 -38.07
N ILE A 204 12.30 -38.39 -38.93
CA ILE A 204 11.42 -37.87 -39.97
C ILE A 204 12.07 -38.02 -41.34
N GLY A 213 6.28 -30.54 -36.78
CA GLY A 213 6.49 -31.14 -35.48
C GLY A 213 7.00 -30.14 -34.45
N PHE A 214 7.43 -30.65 -33.30
CA PHE A 214 7.98 -29.82 -32.24
C PHE A 214 8.94 -30.64 -31.41
N ASN A 215 10.04 -30.01 -31.00
CA ASN A 215 11.00 -30.66 -30.12
C ASN A 215 11.98 -29.63 -29.56
N ALA A 216 12.21 -29.66 -28.25
CA ALA A 216 13.15 -28.76 -27.60
C ALA A 216 14.55 -29.34 -27.67
N LEU A 217 15.51 -28.48 -28.03
CA LEU A 217 16.88 -28.91 -28.24
C LEU A 217 17.66 -28.81 -26.93
N LYS A 218 18.03 -29.96 -26.37
CA LYS A 218 18.74 -30.00 -25.11
C LYS A 218 20.17 -29.49 -25.28
N PRO A 219 20.69 -28.75 -24.30
CA PRO A 219 22.07 -28.25 -24.42
C PRO A 219 23.07 -29.41 -24.45
N ILE A 220 24.12 -29.22 -25.25
CA ILE A 220 25.19 -30.20 -25.39
C ILE A 220 26.51 -29.64 -24.90
N PHE A 221 26.92 -28.48 -25.41
CA PHE A 221 28.20 -27.91 -25.05
C PHE A 221 28.05 -26.43 -24.70
N LYS A 222 28.91 -25.99 -23.78
CA LYS A 222 29.13 -24.57 -23.49
C LYS A 222 30.65 -24.39 -23.53
N LEU A 223 31.19 -24.21 -24.72
CA LEU A 223 32.63 -24.26 -24.92
C LEU A 223 33.26 -22.90 -24.62
N PRO A 224 34.27 -22.82 -23.76
CA PRO A 224 34.96 -21.53 -23.51
C PRO A 224 35.98 -21.19 -24.58
N LEU A 225 35.51 -20.63 -25.68
CA LEU A 225 36.36 -20.33 -26.83
C LEU A 225 36.86 -18.89 -26.81
N GLY A 226 35.96 -17.93 -26.55
CA GLY A 226 36.35 -16.54 -26.53
C GLY A 226 36.89 -16.05 -27.85
N ILE A 227 36.18 -16.32 -28.95
CA ILE A 227 36.57 -15.85 -30.27
C ILE A 227 35.37 -15.22 -30.95
N ASN A 228 35.66 -14.34 -31.91
CA ASN A 228 34.63 -13.60 -32.63
C ASN A 228 34.19 -14.40 -33.85
N ILE A 229 32.92 -14.77 -33.89
CA ILE A 229 32.36 -15.57 -34.97
C ILE A 229 31.46 -14.70 -35.82
N THR A 230 31.80 -14.56 -37.10
CA THR A 230 30.97 -13.86 -38.05
C THR A 230 30.73 -14.66 -39.33
N ASN A 231 31.26 -15.87 -39.41
CA ASN A 231 31.05 -16.73 -40.57
C ASN A 231 31.24 -18.17 -40.12
N PHE A 232 30.68 -19.09 -40.92
CA PHE A 232 30.86 -20.51 -40.64
C PHE A 232 30.65 -21.29 -41.93
N ARG A 233 31.10 -22.54 -41.89
CA ARG A 233 30.99 -23.44 -43.03
C ARG A 233 30.71 -24.85 -42.51
N THR A 234 30.12 -25.66 -43.37
CA THR A 234 29.85 -27.06 -43.07
C THR A 234 30.90 -27.96 -43.71
N LEU A 235 31.06 -29.15 -43.13
CA LEU A 235 32.03 -30.12 -43.60
C LEU A 235 31.29 -31.41 -43.94
N LEU A 236 31.38 -31.83 -45.20
CA LEU A 236 30.71 -33.03 -45.67
C LEU A 236 31.72 -34.11 -46.04
N ALA A 252 19.98 -29.19 -49.19
CA ALA A 252 20.08 -30.43 -48.44
C ALA A 252 20.06 -30.17 -46.94
N TYR A 253 20.51 -28.98 -46.53
CA TYR A 253 20.43 -28.58 -45.13
C TYR A 253 19.93 -27.14 -45.03
N PHE A 254 19.25 -26.85 -43.93
CA PHE A 254 18.54 -25.59 -43.74
C PHE A 254 19.22 -24.77 -42.67
N VAL A 255 19.29 -23.45 -42.90
CA VAL A 255 19.93 -22.52 -41.99
C VAL A 255 18.98 -21.36 -41.74
N GLY A 256 18.75 -21.05 -40.46
CA GLY A 256 17.95 -19.91 -40.09
C GLY A 256 18.65 -19.07 -39.05
N TYR A 257 18.27 -17.80 -38.98
CA TYR A 257 18.93 -16.83 -38.12
C TYR A 257 18.04 -16.52 -36.93
N LEU A 258 18.63 -16.49 -35.74
CA LEU A 258 17.90 -16.14 -34.53
C LEU A 258 17.81 -14.64 -34.37
N LYS A 259 16.69 -14.19 -33.83
CA LYS A 259 16.42 -12.77 -33.59
C LYS A 259 15.98 -12.60 -32.15
N PRO A 260 16.15 -11.40 -31.58
CA PRO A 260 15.71 -11.17 -30.20
C PRO A 260 14.19 -11.13 -30.09
N THR A 261 13.62 -12.03 -29.29
CA THR A 261 12.18 -12.15 -29.15
C THR A 261 11.88 -12.73 -27.79
N THR A 262 10.64 -12.54 -27.34
CA THR A 262 10.19 -13.05 -26.05
C THR A 262 9.27 -14.25 -26.26
N PHE A 263 9.60 -15.36 -25.61
CA PHE A 263 8.86 -16.60 -25.70
C PHE A 263 8.29 -16.94 -24.34
N MET A 264 7.30 -17.83 -24.34
CA MET A 264 6.68 -18.33 -23.12
C MET A 264 6.71 -19.85 -23.16
N LEU A 265 7.67 -20.43 -22.45
CA LEU A 265 7.89 -21.88 -22.43
C LEU A 265 7.15 -22.49 -21.25
N LYS A 266 6.90 -23.81 -21.36
CA LYS A 266 6.04 -24.48 -20.40
C LYS A 266 6.80 -25.20 -19.30
N TYR A 267 7.82 -25.98 -19.66
CA TYR A 267 8.53 -26.80 -18.69
C TYR A 267 7.56 -27.76 -18.01
N GLY A 271 11.92 -31.72 -16.13
CA GLY A 271 12.25 -30.38 -16.61
C GLY A 271 12.43 -30.34 -18.12
N THR A 272 11.44 -30.86 -18.84
CA THR A 272 11.46 -30.89 -20.29
C THR A 272 10.48 -29.87 -20.85
N ILE A 273 10.97 -28.99 -21.70
CA ILE A 273 10.13 -27.99 -22.34
C ILE A 273 9.08 -28.68 -23.19
N THR A 274 7.87 -28.10 -23.23
CA THR A 274 6.80 -28.63 -24.06
C THR A 274 5.91 -27.48 -24.50
N ASP A 275 5.64 -27.41 -25.80
CA ASP A 275 4.67 -26.48 -26.36
C ASP A 275 4.99 -25.03 -25.94
N ALA A 276 6.11 -24.54 -26.43
CA ALA A 276 6.42 -23.12 -26.31
C ALA A 276 5.65 -22.32 -27.36
N VAL A 277 5.44 -21.04 -27.07
CA VAL A 277 4.66 -20.16 -27.95
C VAL A 277 5.41 -18.84 -28.12
N ASP A 278 5.41 -18.33 -29.34
CA ASP A 278 6.06 -17.07 -29.66
C ASP A 278 5.04 -15.93 -29.60
N CYS A 279 5.37 -14.87 -28.86
CA CYS A 279 4.40 -13.85 -28.52
C CYS A 279 4.25 -12.76 -29.59
N SER A 280 5.01 -12.83 -30.67
CA SER A 280 5.07 -11.74 -31.64
C SER A 280 4.53 -12.13 -33.02
N GLN A 281 3.78 -13.22 -33.12
CA GLN A 281 3.35 -13.72 -34.43
C GLN A 281 1.85 -13.57 -34.69
N ASN A 282 1.00 -13.72 -33.68
CA ASN A 282 -0.43 -13.65 -33.87
C ASN A 282 -1.05 -12.88 -32.71
N PRO A 283 -2.22 -12.28 -32.91
CA PRO A 283 -2.95 -11.72 -31.76
C PRO A 283 -3.27 -12.76 -30.70
N LEU A 284 -3.61 -13.98 -31.13
CA LEU A 284 -3.88 -15.03 -30.16
C LEU A 284 -2.65 -15.36 -29.34
N ALA A 285 -1.48 -15.45 -29.99
CA ALA A 285 -0.25 -15.73 -29.26
C ALA A 285 0.09 -14.57 -28.32
N GLU A 286 -0.12 -13.34 -28.77
CA GLU A 286 0.13 -12.19 -27.91
C GLU A 286 -0.77 -12.23 -26.68
N LEU A 287 -2.05 -12.55 -26.86
CA LEU A 287 -2.95 -12.66 -25.71
C LEU A 287 -2.51 -13.79 -24.79
N LYS A 288 -2.11 -14.92 -25.37
CA LYS A 288 -1.65 -16.05 -24.56
C LYS A 288 -0.45 -15.66 -23.72
N CYS A 289 0.48 -14.91 -24.30
CA CYS A 289 1.69 -14.51 -23.59
C CYS A 289 1.39 -13.45 -22.54
N SER A 290 0.46 -12.53 -22.83
CA SER A 290 0.15 -11.49 -21.86
C SER A 290 -0.69 -11.99 -20.70
N VAL A 291 -1.37 -13.13 -20.87
CA VAL A 291 -2.15 -13.73 -19.78
C VAL A 291 -1.37 -14.81 -19.04
N LYS A 292 -0.22 -15.24 -19.55
CA LYS A 292 0.59 -16.26 -18.91
C LYS A 292 -0.19 -17.55 -18.71
N SER A 293 -0.96 -17.93 -19.73
CA SER A 293 -1.70 -19.19 -19.68
C SER A 293 -1.92 -19.67 -21.11
N PHE A 294 -1.89 -21.00 -21.27
CA PHE A 294 -2.08 -21.59 -22.59
C PHE A 294 -3.55 -21.88 -22.88
N GLU A 295 -4.37 -22.00 -21.85
CA GLU A 295 -5.80 -22.19 -21.98
C GLU A 295 -6.51 -20.88 -21.66
N ILE A 296 -7.26 -20.36 -22.63
CA ILE A 296 -7.95 -19.09 -22.49
C ILE A 296 -9.45 -19.33 -22.68
N ASP A 297 -10.25 -18.82 -21.76
CA ASP A 297 -11.70 -18.96 -21.85
C ASP A 297 -12.29 -17.85 -22.72
N LYS A 298 -13.56 -18.03 -23.08
CA LYS A 298 -14.24 -17.05 -23.91
C LYS A 298 -14.22 -15.68 -23.24
N GLY A 299 -13.88 -14.66 -24.01
CA GLY A 299 -13.93 -13.31 -23.50
C GLY A 299 -13.03 -12.37 -24.27
N ILE A 300 -12.98 -11.14 -23.79
CA ILE A 300 -12.22 -10.06 -24.38
C ILE A 300 -11.23 -9.55 -23.35
N TYR A 301 -9.94 -9.51 -23.72
CA TYR A 301 -8.87 -9.14 -22.80
C TYR A 301 -7.97 -8.09 -23.42
N GLN A 302 -7.50 -7.17 -22.59
CA GLN A 302 -6.47 -6.22 -23.01
C GLN A 302 -5.11 -6.91 -23.01
N THR A 303 -4.24 -6.47 -23.93
CA THR A 303 -2.95 -7.11 -24.13
C THR A 303 -1.85 -6.07 -24.18
N SER A 304 -0.67 -6.46 -23.70
CA SER A 304 0.50 -5.61 -23.81
C SER A 304 1.11 -5.73 -25.21
N ASN A 305 2.01 -4.79 -25.52
CA ASN A 305 2.60 -4.71 -26.87
C ASN A 305 3.76 -5.69 -26.95
N PHE A 306 3.50 -6.86 -27.53
CA PHE A 306 4.54 -7.79 -27.94
C PHE A 306 4.72 -7.80 -29.46
N ARG A 307 4.01 -6.94 -30.17
CA ARG A 307 3.97 -7.03 -31.63
C ARG A 307 5.30 -6.62 -32.25
N VAL A 308 5.76 -5.41 -31.98
CA VAL A 308 6.90 -4.81 -32.67
C VAL A 308 7.88 -4.25 -31.67
N ALA A 309 9.16 -4.48 -31.90
CA ALA A 309 10.24 -3.89 -31.14
C ALA A 309 11.23 -3.23 -32.10
N PRO A 310 11.90 -2.17 -31.66
CA PRO A 310 12.81 -1.47 -32.57
C PRO A 310 13.98 -2.35 -32.99
N SER A 311 14.44 -2.16 -34.22
CA SER A 311 15.56 -2.90 -34.77
C SER A 311 16.72 -1.98 -35.16
N LYS A 312 16.44 -0.89 -35.87
CA LYS A 312 17.48 0.02 -36.29
C LYS A 312 17.80 1.01 -35.18
N GLU A 313 18.78 1.88 -35.43
CA GLU A 313 19.14 2.93 -34.50
C GLU A 313 19.37 4.22 -35.28
N VAL A 314 19.06 5.35 -34.66
CA VAL A 314 19.15 6.67 -35.29
C VAL A 314 20.00 7.54 -34.38
N VAL A 315 21.30 7.59 -34.65
CA VAL A 315 22.24 8.42 -33.89
C VAL A 315 22.40 9.74 -34.61
N ARG A 316 22.23 10.85 -33.88
CA ARG A 316 22.41 12.18 -34.43
C ARG A 316 23.25 13.00 -33.46
N PHE A 317 24.44 13.37 -33.89
CA PHE A 317 25.39 14.15 -33.11
C PHE A 317 25.70 15.44 -33.85
N PRO A 318 26.16 16.47 -33.15
CA PRO A 318 26.42 17.74 -33.81
C PRO A 318 27.62 17.67 -34.74
N ASN A 319 27.71 18.67 -35.62
CA ASN A 319 28.74 18.71 -36.66
C ASN A 319 30.03 19.26 -36.05
N ILE A 320 30.72 18.39 -35.32
CA ILE A 320 32.01 18.72 -34.70
C ILE A 320 33.04 17.72 -35.19
N THR A 321 34.17 18.22 -35.68
CA THR A 321 35.25 17.38 -36.19
C THR A 321 36.57 17.55 -35.46
N ASN A 322 36.78 18.66 -34.76
CA ASN A 322 38.05 18.87 -34.06
C ASN A 322 38.17 17.91 -32.88
N LEU A 323 39.40 17.56 -32.55
CA LEU A 323 39.70 16.66 -31.46
C LEU A 323 40.24 17.46 -30.27
N CYS A 324 39.77 17.11 -29.07
CA CYS A 324 40.20 17.85 -27.89
C CYS A 324 41.70 17.69 -27.71
N PRO A 325 42.41 18.73 -27.27
CA PRO A 325 43.87 18.64 -27.13
C PRO A 325 44.30 18.04 -25.80
N PHE A 326 43.84 16.81 -25.55
CA PHE A 326 44.24 16.14 -24.32
C PHE A 326 45.74 15.90 -24.27
N GLY A 327 46.33 15.51 -25.41
CA GLY A 327 47.75 15.24 -25.42
C GLY A 327 48.58 16.44 -25.04
N GLU A 328 48.24 17.62 -25.57
CA GLU A 328 49.02 18.81 -25.25
C GLU A 328 48.83 19.20 -23.79
N VAL A 329 47.60 19.12 -23.28
CA VAL A 329 47.34 19.53 -21.90
C VAL A 329 48.04 18.61 -20.92
N PHE A 330 47.93 17.29 -21.12
CA PHE A 330 48.52 16.35 -20.19
C PHE A 330 50.04 16.30 -20.32
N ASN A 331 50.60 16.87 -21.39
CA ASN A 331 52.04 16.85 -21.62
C ASN A 331 52.72 18.17 -21.32
N ALA A 332 52.00 19.12 -20.71
CA ALA A 332 52.59 20.41 -20.39
C ALA A 332 53.77 20.23 -19.44
N THR A 333 54.81 21.03 -19.64
CA THR A 333 56.04 20.86 -18.87
C THR A 333 55.88 21.39 -17.45
N THR A 334 54.92 22.27 -17.22
CA THR A 334 54.66 22.83 -15.90
C THR A 334 53.17 22.76 -15.58
N PHE A 335 52.87 22.44 -14.33
CA PHE A 335 51.52 22.39 -13.80
C PHE A 335 51.41 23.30 -12.57
N PRO A 336 50.22 23.80 -12.28
CA PRO A 336 50.09 24.70 -11.14
C PRO A 336 50.25 23.99 -9.82
N SER A 337 50.61 24.76 -8.79
CA SER A 337 50.53 24.25 -7.45
C SER A 337 49.08 23.97 -7.10
N VAL A 338 48.87 23.09 -6.12
CA VAL A 338 47.49 22.72 -5.77
C VAL A 338 46.74 23.94 -5.24
N TYR A 339 47.43 24.82 -4.53
CA TYR A 339 46.78 26.01 -3.98
C TYR A 339 46.44 27.04 -5.04
N ALA A 340 47.04 26.94 -6.23
CA ALA A 340 46.78 27.87 -7.33
C ALA A 340 46.31 27.11 -8.56
N TRP A 341 45.45 26.10 -8.35
CA TRP A 341 44.94 25.31 -9.47
C TRP A 341 44.23 26.22 -10.47
N GLU A 342 44.49 25.98 -11.75
CA GLU A 342 43.85 26.71 -12.82
C GLU A 342 42.57 26.03 -13.27
N ARG A 343 41.88 26.68 -14.20
CA ARG A 343 40.67 26.16 -14.82
C ARG A 343 40.69 26.49 -16.30
N LYS A 344 40.24 25.54 -17.11
CA LYS A 344 40.10 25.74 -18.54
C LYS A 344 38.73 25.28 -18.97
N ARG A 345 38.16 25.94 -19.98
CA ARG A 345 36.87 25.54 -20.54
C ARG A 345 37.16 24.81 -21.85
N ILE A 346 36.78 23.54 -21.91
CA ILE A 346 36.96 22.75 -23.12
C ILE A 346 35.67 22.77 -23.91
N SER A 347 35.76 23.13 -25.19
CA SER A 347 34.57 23.30 -26.00
C SER A 347 34.90 23.03 -27.47
N ASN A 348 33.86 22.69 -28.23
CA ASN A 348 33.96 22.53 -29.68
C ASN A 348 35.05 21.51 -30.04
N CYS A 349 35.05 20.40 -29.35
CA CYS A 349 36.01 19.33 -29.62
C CYS A 349 35.39 17.99 -29.25
N VAL A 350 35.94 16.93 -29.84
CA VAL A 350 35.46 15.57 -29.61
C VAL A 350 36.34 14.91 -28.56
N ALA A 351 35.72 14.45 -27.48
CA ALA A 351 36.45 13.85 -26.37
C ALA A 351 36.75 12.40 -26.71
N ASP A 352 37.96 12.14 -27.18
CA ASP A 352 38.40 10.80 -27.56
C ASP A 352 39.53 10.39 -26.63
N TYR A 353 39.21 9.60 -25.60
CA TYR A 353 40.24 9.11 -24.69
C TYR A 353 41.05 7.98 -25.29
N SER A 354 40.52 7.30 -26.31
CA SER A 354 41.23 6.16 -26.88
C SER A 354 42.57 6.58 -27.46
N VAL A 355 42.62 7.73 -28.14
CA VAL A 355 43.88 8.22 -28.68
C VAL A 355 44.94 8.37 -27.60
N LEU A 356 44.53 8.44 -26.34
CA LEU A 356 45.43 8.63 -25.21
C LEU A 356 45.95 7.32 -24.63
N TYR A 357 45.46 6.17 -25.10
CA TYR A 357 45.93 4.89 -24.59
C TYR A 357 47.39 4.63 -24.93
N ASN A 358 47.94 5.36 -25.90
CA ASN A 358 49.35 5.19 -26.25
C ASN A 358 50.27 5.69 -25.15
N SER A 359 49.76 6.48 -24.21
CA SER A 359 50.56 7.01 -23.10
C SER A 359 49.63 7.32 -21.93
N THR A 360 50.16 7.96 -20.90
CA THR A 360 49.35 8.50 -19.80
C THR A 360 48.55 7.38 -19.14
N SER A 361 49.28 6.48 -18.48
CA SER A 361 48.69 5.30 -17.87
C SER A 361 47.45 5.59 -17.03
N PHE A 362 47.30 6.81 -16.52
CA PHE A 362 46.10 7.21 -15.77
C PHE A 362 45.89 6.30 -14.55
N SER A 363 46.79 6.45 -13.58
CA SER A 363 46.70 5.67 -12.35
C SER A 363 45.37 5.83 -11.63
N THR A 364 44.51 6.77 -12.03
CA THR A 364 43.19 6.92 -11.44
C THR A 364 42.25 7.52 -12.47
N PHE A 365 41.07 6.91 -12.62
CA PHE A 365 40.06 7.39 -13.56
C PHE A 365 38.68 7.30 -12.93
N LYS A 366 38.54 7.74 -11.68
CA LYS A 366 37.24 7.72 -11.03
C LYS A 366 36.30 8.71 -11.71
N CYS A 367 35.11 8.25 -12.06
CA CYS A 367 34.09 9.06 -12.70
C CYS A 367 32.85 9.11 -11.81
N TYR A 368 32.38 10.31 -11.52
CA TYR A 368 31.23 10.52 -10.64
C TYR A 368 30.06 11.05 -11.46
N GLY A 369 28.89 10.46 -11.25
CA GLY A 369 27.70 10.85 -12.01
C GLY A 369 27.56 10.06 -13.29
N VAL A 370 28.46 10.29 -14.24
CA VAL A 370 28.49 9.54 -15.49
C VAL A 370 29.36 8.31 -15.31
N SER A 371 29.21 7.32 -16.19
CA SER A 371 30.04 6.14 -16.20
C SER A 371 31.05 6.23 -17.35
N ALA A 372 32.30 5.88 -17.07
CA ALA A 372 33.35 6.06 -18.06
C ALA A 372 32.99 5.41 -19.39
N THR A 373 32.39 4.22 -19.35
CA THR A 373 32.06 3.52 -20.58
C THR A 373 31.10 4.34 -21.44
N LYS A 374 30.29 5.20 -20.81
CA LYS A 374 29.33 6.02 -21.55
C LYS A 374 29.96 7.30 -22.09
N LEU A 375 31.19 7.64 -21.68
CA LEU A 375 31.77 8.91 -22.09
C LEU A 375 32.02 8.97 -23.59
N ASN A 376 31.95 7.84 -24.29
CA ASN A 376 32.13 7.82 -25.73
C ASN A 376 30.81 7.96 -26.48
N ASP A 377 29.69 8.12 -25.78
CA ASP A 377 28.37 8.26 -26.41
C ASP A 377 27.56 9.34 -25.72
N LEU A 378 28.23 10.29 -25.07
CA LEU A 378 27.58 11.39 -24.38
C LEU A 378 28.04 12.71 -24.98
N CYS A 379 27.17 13.71 -24.91
CA CYS A 379 27.48 15.08 -25.29
C CYS A 379 27.20 15.98 -24.12
N PHE A 380 28.13 16.86 -23.80
CA PHE A 380 28.02 17.77 -22.67
C PHE A 380 27.89 19.20 -23.16
N SER A 381 27.18 20.02 -22.39
CA SER A 381 27.02 21.43 -22.73
C SER A 381 28.19 22.28 -22.29
N ASN A 382 28.94 21.84 -21.28
CA ASN A 382 30.08 22.60 -20.78
C ASN A 382 31.03 21.69 -20.00
N VAL A 383 32.32 21.76 -20.30
CA VAL A 383 33.33 20.94 -19.65
C VAL A 383 34.41 21.84 -19.10
N TYR A 384 34.74 21.67 -17.83
CA TYR A 384 35.76 22.45 -17.14
C TYR A 384 36.86 21.53 -16.65
N ALA A 385 38.11 21.85 -16.97
CA ALA A 385 39.26 21.05 -16.55
C ALA A 385 40.09 21.85 -15.57
N ASP A 386 40.25 21.34 -14.35
CA ASP A 386 41.07 21.95 -13.31
C ASP A 386 42.28 21.06 -13.06
N SER A 387 43.47 21.61 -13.25
CA SER A 387 44.70 20.84 -13.21
C SER A 387 45.59 21.31 -12.06
N PHE A 388 46.34 20.38 -11.49
CA PHE A 388 47.28 20.71 -10.42
C PHE A 388 48.15 19.48 -10.13
N VAL A 389 49.02 19.62 -9.13
CA VAL A 389 49.97 18.58 -8.75
C VAL A 389 49.86 18.36 -7.25
N VAL A 390 49.84 17.08 -6.84
CA VAL A 390 49.72 16.72 -5.43
C VAL A 390 50.65 15.55 -5.13
N LYS A 391 50.64 15.14 -3.86
CA LYS A 391 51.36 13.95 -3.44
C LYS A 391 50.64 12.69 -3.90
N GLY A 392 51.35 11.56 -3.87
CA GLY A 392 50.71 10.29 -4.12
C GLY A 392 49.69 9.94 -3.05
N ASP A 393 49.98 10.30 -1.81
CA ASP A 393 49.05 10.04 -0.70
C ASP A 393 47.89 11.01 -0.69
N ASP A 394 48.01 12.15 -1.35
CA ASP A 394 46.97 13.18 -1.36
C ASP A 394 45.96 12.99 -2.48
N VAL A 395 46.20 12.08 -3.41
CA VAL A 395 45.24 11.88 -4.50
C VAL A 395 43.92 11.37 -3.96
N ARG A 396 43.95 10.55 -2.92
CA ARG A 396 42.72 10.03 -2.34
C ARG A 396 41.80 11.16 -1.89
N GLN A 397 42.37 12.31 -1.52
CA GLN A 397 41.57 13.42 -1.01
C GLN A 397 40.79 14.11 -2.10
N ILE A 398 41.10 13.87 -3.37
CA ILE A 398 40.40 14.54 -4.48
C ILE A 398 39.18 13.67 -4.79
N ALA A 399 38.11 13.92 -4.05
CA ALA A 399 36.84 13.25 -4.24
C ALA A 399 35.81 13.87 -3.32
N PRO A 400 34.53 13.89 -3.69
CA PRO A 400 33.53 14.55 -2.85
C PRO A 400 33.41 13.87 -1.49
N GLY A 401 33.33 14.69 -0.43
CA GLY A 401 33.13 14.21 0.90
C GLY A 401 34.38 13.90 1.70
N GLN A 402 35.55 13.92 1.07
CA GLN A 402 36.78 13.63 1.79
C GLN A 402 37.23 14.85 2.58
N THR A 403 38.04 14.60 3.61
CA THR A 403 38.59 15.65 4.45
C THR A 403 40.09 15.45 4.60
N GLY A 404 40.80 16.57 4.66
CA GLY A 404 42.25 16.55 4.75
C GLY A 404 42.78 17.92 4.37
N VAL A 405 44.11 18.01 4.33
CA VAL A 405 44.73 19.30 4.00
C VAL A 405 44.30 19.74 2.61
N ILE A 406 44.42 18.85 1.62
CA ILE A 406 44.06 19.22 0.26
C ILE A 406 42.58 19.48 0.14
N ALA A 407 41.75 18.63 0.74
CA ALA A 407 40.31 18.73 0.54
C ALA A 407 39.76 20.05 1.05
N ASP A 408 40.21 20.48 2.24
CA ASP A 408 39.57 21.61 2.90
C ASP A 408 40.38 22.90 2.88
N TYR A 409 41.68 22.85 2.58
CA TYR A 409 42.50 24.05 2.56
C TYR A 409 42.97 24.44 1.17
N ASN A 410 43.07 23.50 0.24
CA ASN A 410 43.63 23.77 -1.08
C ASN A 410 42.63 23.60 -2.20
N TYR A 411 41.96 22.45 -2.28
CA TYR A 411 41.00 22.17 -3.36
C TYR A 411 39.84 21.38 -2.78
N LYS A 412 38.63 21.89 -2.97
CA LYS A 412 37.42 21.27 -2.46
C LYS A 412 36.48 20.98 -3.63
N LEU A 413 35.79 19.83 -3.56
CA LEU A 413 34.89 19.40 -4.61
C LEU A 413 33.44 19.43 -4.10
N PRO A 414 32.47 19.76 -4.96
CA PRO A 414 31.08 19.78 -4.52
C PRO A 414 30.59 18.39 -4.14
N ASP A 415 29.62 18.36 -3.21
CA ASP A 415 29.00 17.09 -2.83
C ASP A 415 28.16 16.51 -3.96
N ASP A 416 27.76 17.34 -4.92
CA ASP A 416 26.98 16.90 -6.09
C ASP A 416 27.87 16.84 -7.33
N PHE A 417 29.12 16.41 -7.14
CA PHE A 417 30.06 16.38 -8.25
C PHE A 417 29.54 15.51 -9.38
N LEU A 418 29.58 16.05 -10.60
CA LEU A 418 29.17 15.35 -11.81
C LEU A 418 30.31 15.50 -12.80
N GLY A 419 31.17 14.49 -12.86
CA GLY A 419 32.34 14.55 -13.71
C GLY A 419 33.29 13.40 -13.49
N CYS A 420 34.59 13.68 -13.57
CA CYS A 420 35.59 12.62 -13.49
C CYS A 420 36.89 13.23 -12.97
N VAL A 421 37.76 12.36 -12.45
CA VAL A 421 39.07 12.76 -11.96
C VAL A 421 40.11 11.85 -12.57
N LEU A 422 41.22 12.42 -13.02
CA LEU A 422 42.30 11.68 -13.64
C LEU A 422 43.59 12.02 -12.91
N ALA A 423 44.42 11.02 -12.64
CA ALA A 423 45.66 11.25 -11.93
C ALA A 423 46.73 10.31 -12.45
N TRP A 424 47.94 10.83 -12.67
CA TRP A 424 49.02 9.98 -13.15
C TRP A 424 50.35 10.47 -12.59
N ASN A 425 51.25 9.53 -12.34
CA ASN A 425 52.55 9.85 -11.77
C ASN A 425 53.41 10.59 -12.79
N THR A 426 54.25 11.48 -12.29
CA THR A 426 55.24 12.17 -13.11
C THR A 426 56.56 12.25 -12.38
N ASN A 427 56.98 11.14 -11.76
CA ASN A 427 58.22 11.14 -11.00
C ASN A 427 59.43 11.45 -11.87
N SER A 428 59.36 11.17 -13.17
CA SER A 428 60.46 11.47 -14.07
C SER A 428 60.39 12.88 -14.64
N LYS A 429 59.33 13.63 -14.37
CA LYS A 429 59.12 14.95 -14.95
C LYS A 429 59.02 16.04 -13.90
N ASP A 430 58.23 15.83 -12.84
CA ASP A 430 58.01 16.83 -11.81
C ASP A 430 58.91 16.66 -10.61
N SER A 431 59.94 15.80 -10.70
CA SER A 431 60.82 15.53 -9.58
C SER A 431 62.27 15.59 -10.05
N SER A 432 63.17 15.71 -9.08
CA SER A 432 64.60 15.79 -9.37
C SER A 432 65.38 15.25 -8.18
N THR A 433 66.64 14.89 -8.44
CA THR A 433 67.46 14.33 -7.38
C THR A 433 67.69 15.35 -6.27
N SER A 434 68.00 16.59 -6.62
CA SER A 434 68.23 17.62 -5.63
C SER A 434 66.95 18.09 -4.95
N GLY A 435 65.79 17.73 -5.48
CA GLY A 435 64.52 18.15 -4.91
C GLY A 435 63.87 19.25 -5.71
N ASN A 436 62.60 19.06 -6.06
CA ASN A 436 61.82 20.06 -6.81
C ASN A 436 60.85 20.72 -5.84
N TYR A 437 61.19 21.91 -5.38
CA TYR A 437 60.42 22.63 -4.37
C TYR A 437 59.46 23.64 -4.98
N ASN A 438 59.32 23.68 -6.30
CA ASN A 438 58.45 24.65 -6.94
C ASN A 438 56.97 24.39 -6.67
N TYR A 439 56.62 23.23 -6.13
CA TYR A 439 55.24 22.87 -5.85
C TYR A 439 54.96 23.06 -4.36
N LEU A 440 53.94 23.86 -4.05
CA LEU A 440 53.62 24.21 -2.67
C LEU A 440 52.16 23.91 -2.39
N TYR A 441 51.82 23.86 -1.11
CA TYR A 441 50.44 23.66 -0.69
C TYR A 441 50.20 24.40 0.63
N ARG A 442 48.94 24.71 0.88
CA ARG A 442 48.54 25.46 2.05
C ARG A 442 48.14 24.50 3.17
N TRP A 443 48.71 24.68 4.35
CA TRP A 443 48.47 23.77 5.46
C TRP A 443 47.81 24.43 6.66
N VAL A 444 47.50 25.73 6.61
CA VAL A 444 46.74 26.40 7.66
C VAL A 444 45.75 27.35 7.02
N ARG A 445 44.55 27.39 7.60
CA ARG A 445 43.49 28.30 7.17
C ARG A 445 42.42 28.30 8.24
N ARG A 446 41.86 29.48 8.51
CA ARG A 446 40.91 29.60 9.60
C ARG A 446 39.66 28.77 9.36
N SER A 447 39.20 28.72 8.11
CA SER A 447 38.01 27.96 7.75
C SER A 447 38.25 27.17 6.47
N LYS A 448 37.49 26.10 6.29
CA LYS A 448 37.62 25.26 5.11
C LYS A 448 37.11 25.99 3.87
N LEU A 449 37.75 25.71 2.74
CA LEU A 449 37.32 26.28 1.47
C LEU A 449 35.94 25.78 1.09
N ASN A 450 35.14 26.66 0.51
CA ASN A 450 33.90 26.22 -0.11
C ASN A 450 34.22 25.50 -1.42
N PRO A 451 33.29 24.69 -1.93
CA PRO A 451 33.59 23.93 -3.14
C PRO A 451 34.04 24.82 -4.29
N TYR A 452 35.05 24.37 -5.02
CA TYR A 452 35.55 25.06 -6.20
C TYR A 452 35.99 26.50 -5.85
N GLU A 453 36.81 26.61 -4.81
CA GLU A 453 37.28 27.91 -4.35
C GLU A 453 38.80 27.94 -4.40
N ARG A 454 39.33 29.15 -4.54
CA ARG A 454 40.77 29.38 -4.67
C ARG A 454 41.21 30.39 -3.63
N ASP A 455 42.42 30.21 -3.12
CA ASP A 455 42.91 30.98 -1.97
C ASP A 455 44.34 31.47 -2.20
N LEU A 456 44.56 32.14 -3.34
CA LEU A 456 45.89 32.70 -3.58
C LEU A 456 46.18 33.85 -2.62
N SER A 457 46.92 33.56 -1.56
CA SER A 457 47.36 34.57 -0.60
C SER A 457 48.50 33.98 0.23
N ASN A 458 49.45 34.84 0.60
CA ASN A 458 50.62 34.41 1.34
C ASN A 458 50.84 35.26 2.59
N ASP A 459 49.75 35.72 3.19
CA ASP A 459 49.86 36.48 4.43
C ASP A 459 50.30 35.57 5.58
N ILE A 460 51.06 36.15 6.52
CA ILE A 460 51.56 35.35 7.64
C ILE A 460 50.40 34.98 8.57
N TYR A 461 50.38 33.73 9.00
CA TYR A 461 49.31 33.19 9.81
C TYR A 461 49.72 33.15 11.28
N SER A 462 48.75 33.41 12.16
CA SER A 462 48.94 33.37 13.60
C SER A 462 47.78 32.63 14.24
N PRO A 463 48.03 31.56 15.01
CA PRO A 463 46.90 30.82 15.59
C PRO A 463 45.97 31.71 16.41
N GLY A 464 46.51 32.66 17.16
CA GLY A 464 45.72 33.52 18.02
C GLY A 464 45.20 34.78 17.36
N GLY A 465 45.37 34.94 16.06
CA GLY A 465 44.91 36.14 15.39
C GLY A 465 45.65 37.38 15.83
N GLN A 466 46.96 37.29 16.02
CA GLN A 466 47.77 38.43 16.41
C GLN A 466 48.43 39.06 15.19
N SER A 467 49.13 40.17 15.41
CA SER A 467 49.78 40.91 14.34
C SER A 467 51.19 40.34 14.13
N CYS A 468 51.25 39.29 13.33
CA CYS A 468 52.54 38.71 12.98
C CYS A 468 53.34 39.66 12.10
N SER A 469 54.66 39.54 12.17
CA SER A 469 55.57 40.34 11.36
C SER A 469 56.57 39.52 10.56
N ALA A 470 57.03 38.39 11.09
CA ALA A 470 57.96 37.54 10.38
C ALA A 470 57.83 36.12 10.89
N VAL A 471 58.28 35.16 10.08
CA VAL A 471 58.21 33.77 10.48
C VAL A 471 58.99 33.56 11.77
N GLY A 472 58.39 32.85 12.71
CA GLY A 472 59.00 32.60 13.99
C GLY A 472 58.03 31.97 14.96
N PRO A 473 58.16 32.28 16.25
CA PRO A 473 57.21 31.74 17.23
C PRO A 473 55.80 32.27 16.98
N ASN A 474 54.86 31.34 16.85
CA ASN A 474 53.44 31.68 16.65
C ASN A 474 53.23 32.50 15.39
N CYS A 475 54.09 32.31 14.38
CA CYS A 475 53.95 33.01 13.10
C CYS A 475 54.43 32.05 12.02
N TYR A 476 53.49 31.33 11.40
CA TYR A 476 53.80 30.32 10.41
C TYR A 476 53.50 30.82 9.01
N ASN A 477 54.27 30.33 8.05
CA ASN A 477 54.00 30.62 6.65
C ASN A 477 52.99 29.61 6.11
N PRO A 478 51.80 30.06 5.68
CA PRO A 478 50.76 29.09 5.29
C PRO A 478 51.16 28.17 4.15
N LEU A 479 52.05 28.60 3.25
CA LEU A 479 52.48 27.79 2.13
C LEU A 479 53.72 26.98 2.51
N ARG A 480 53.69 25.68 2.22
CA ARG A 480 54.81 24.80 2.52
C ARG A 480 55.11 24.00 1.27
N PRO A 481 56.38 23.85 0.89
CA PRO A 481 56.71 23.13 -0.33
C PRO A 481 56.54 21.63 -0.18
N TYR A 482 56.41 20.95 -1.33
CA TYR A 482 56.27 19.50 -1.30
C TYR A 482 57.64 18.82 -1.19
N GLY A 483 58.60 19.26 -2.00
CA GLY A 483 59.93 18.68 -1.96
C GLY A 483 59.96 17.29 -2.55
N PHE A 484 59.72 17.18 -3.85
CA PHE A 484 59.64 15.89 -4.53
C PHE A 484 61.04 15.39 -4.85
N PHE A 485 61.36 14.18 -4.41
CA PHE A 485 62.62 13.52 -4.70
C PHE A 485 62.36 12.29 -5.55
N THR A 486 63.31 11.96 -6.43
CA THR A 486 63.10 10.83 -7.33
C THR A 486 63.05 9.52 -6.58
N THR A 487 63.85 9.38 -5.53
CA THR A 487 63.96 8.11 -4.80
C THR A 487 62.93 7.95 -3.70
N ALA A 488 62.08 8.96 -3.48
CA ALA A 488 61.10 8.88 -2.40
C ALA A 488 60.03 7.84 -2.74
N GLY A 489 59.38 7.34 -1.69
CA GLY A 489 58.36 6.32 -1.87
C GLY A 489 57.20 6.83 -2.71
N VAL A 490 56.42 5.88 -3.22
CA VAL A 490 55.36 6.23 -4.18
C VAL A 490 54.41 7.25 -3.56
N GLY A 491 54.26 7.23 -2.24
CA GLY A 491 53.45 8.24 -1.59
C GLY A 491 54.00 9.63 -1.77
N HIS A 492 55.31 9.79 -1.63
CA HIS A 492 55.95 11.10 -1.77
C HIS A 492 56.49 11.29 -3.19
N GLN A 493 55.60 11.18 -4.16
CA GLN A 493 55.95 11.39 -5.56
C GLN A 493 54.89 12.26 -6.21
N PRO A 494 55.26 13.11 -7.16
CA PRO A 494 54.28 13.98 -7.81
C PRO A 494 53.24 13.19 -8.56
N TYR A 495 52.00 13.64 -8.47
CA TYR A 495 50.89 12.97 -9.15
C TYR A 495 50.04 14.05 -9.80
N ARG A 496 50.24 14.26 -11.10
CA ARG A 496 49.46 15.27 -11.80
C ARG A 496 48.00 14.86 -11.81
N VAL A 497 47.13 15.79 -11.43
CA VAL A 497 45.69 15.54 -11.30
C VAL A 497 44.95 16.53 -12.19
N VAL A 498 43.96 16.04 -12.92
CA VAL A 498 43.09 16.85 -13.75
C VAL A 498 41.65 16.43 -13.46
N VAL A 499 40.81 17.39 -13.08
CA VAL A 499 39.43 17.15 -12.73
C VAL A 499 38.55 17.73 -13.81
N LEU A 500 37.70 16.91 -14.40
CA LEU A 500 36.76 17.31 -15.45
C LEU A 500 35.37 17.42 -14.85
N SER A 501 34.73 18.57 -15.05
CA SER A 501 33.38 18.81 -14.56
C SER A 501 32.47 19.05 -15.76
N PHE A 502 31.39 18.29 -15.83
CA PHE A 502 30.49 18.28 -16.97
C PHE A 502 29.15 18.91 -16.61
N GLU A 503 28.52 19.53 -17.59
CA GLU A 503 27.17 20.08 -17.45
C GLU A 503 26.27 19.46 -18.51
N LEU A 504 25.29 18.65 -18.07
CA LEU A 504 24.34 18.04 -18.97
C LEU A 504 23.01 18.80 -18.98
N LEU A 505 23.00 19.98 -19.60
CA LEU A 505 21.84 20.86 -19.58
C LEU A 505 21.16 20.92 -20.94
N ASN A 506 19.93 21.44 -20.94
CA ASN A 506 19.17 21.63 -22.16
C ASN A 506 19.67 22.87 -22.92
N ALA A 507 20.93 22.78 -23.33
CA ALA A 507 21.64 23.84 -24.02
C ALA A 507 22.47 23.21 -25.13
N PRO A 508 22.89 24.01 -26.11
CA PRO A 508 23.64 23.42 -27.23
C PRO A 508 24.87 22.67 -26.75
N ALA A 509 25.10 21.51 -27.34
CA ALA A 509 26.23 20.68 -26.96
C ALA A 509 27.53 21.27 -27.46
N THR A 510 28.58 21.16 -26.65
CA THR A 510 29.91 21.65 -26.98
C THR A 510 30.95 20.55 -27.08
N VAL A 511 30.92 19.58 -26.18
CA VAL A 511 31.85 18.45 -26.18
C VAL A 511 31.04 17.19 -26.43
N CYS A 512 31.45 16.41 -27.42
CA CYS A 512 30.73 15.22 -27.83
C CYS A 512 31.70 14.05 -28.00
N GLY A 513 31.15 12.85 -27.94
CA GLY A 513 31.93 11.64 -28.11
C GLY A 513 32.25 11.38 -29.56
N PRO A 514 33.12 10.39 -29.78
CA PRO A 514 33.56 10.06 -31.15
C PRO A 514 32.62 9.09 -31.86
N LYS A 515 31.32 9.37 -31.80
CA LYS A 515 30.32 8.58 -32.49
C LYS A 515 30.02 9.20 -33.84
N LEU A 516 29.46 8.38 -34.73
CA LEU A 516 29.11 8.78 -36.08
C LEU A 516 27.61 8.94 -36.20
N SER A 517 27.18 10.09 -36.72
CA SER A 517 25.76 10.33 -36.93
C SER A 517 25.21 9.39 -37.99
N THR A 518 23.94 9.05 -37.87
CA THR A 518 23.24 8.18 -38.80
C THR A 518 22.10 8.94 -39.47
N ASP A 519 21.62 8.40 -40.58
CA ASP A 519 20.53 9.03 -41.31
C ASP A 519 19.25 9.02 -40.46
N LEU A 520 18.30 9.87 -40.85
CA LEU A 520 17.06 10.00 -40.11
C LEU A 520 16.02 9.01 -40.64
N ILE A 521 15.44 8.23 -39.73
CA ILE A 521 14.40 7.28 -40.05
C ILE A 521 13.14 7.69 -39.29
N LYS A 522 12.03 7.86 -40.02
CA LYS A 522 10.80 8.41 -39.48
C LYS A 522 9.66 7.42 -39.65
N ASN A 523 8.65 7.57 -38.81
CA ASN A 523 7.45 6.73 -38.87
C ASN A 523 7.78 5.26 -38.62
N GLN A 524 8.78 5.00 -37.79
CA GLN A 524 9.14 3.65 -37.40
C GLN A 524 9.53 3.63 -35.93
N CYS A 525 9.14 2.59 -35.23
CA CYS A 525 9.56 2.41 -33.84
C CYS A 525 11.05 2.08 -33.85
N VAL A 526 11.87 3.09 -33.61
CA VAL A 526 13.32 2.97 -33.81
C VAL A 526 14.04 3.60 -32.63
N ASN A 527 15.09 2.93 -32.16
CA ASN A 527 15.96 3.52 -31.15
C ASN A 527 16.67 4.73 -31.73
N PHE A 528 16.85 5.75 -30.89
CA PHE A 528 17.46 6.99 -31.33
C PHE A 528 18.41 7.48 -30.25
N ASN A 529 19.41 8.26 -30.68
CA ASN A 529 20.41 8.85 -29.79
C ASN A 529 20.68 10.27 -30.29
N PHE A 530 19.98 11.24 -29.70
CA PHE A 530 20.10 12.64 -30.07
C PHE A 530 20.96 13.35 -29.04
N ASN A 531 22.23 13.57 -29.35
CA ASN A 531 23.14 14.33 -28.49
C ASN A 531 23.19 13.77 -27.08
N GLY A 532 23.11 12.44 -26.94
CA GLY A 532 23.13 11.81 -25.65
C GLY A 532 21.77 11.37 -25.14
N LEU A 533 20.69 11.91 -25.69
CA LEU A 533 19.33 11.47 -25.35
C LEU A 533 19.07 10.17 -26.09
N THR A 534 19.17 9.05 -25.38
CA THR A 534 18.88 7.75 -25.95
C THR A 534 17.45 7.36 -25.60
N GLY A 535 16.70 6.91 -26.58
CA GLY A 535 15.32 6.55 -26.33
C GLY A 535 14.76 5.67 -27.42
N THR A 536 13.50 5.29 -27.23
CA THR A 536 12.75 4.49 -28.19
C THR A 536 11.46 5.22 -28.54
N GLY A 537 11.22 5.41 -29.82
CA GLY A 537 10.04 6.15 -30.24
C GLY A 537 9.91 6.17 -31.74
N VAL A 538 8.99 7.00 -32.20
CA VAL A 538 8.71 7.15 -33.63
C VAL A 538 8.94 8.62 -33.97
N LEU A 539 10.00 8.90 -34.71
CA LEU A 539 10.32 10.28 -35.07
C LEU A 539 9.40 10.76 -36.19
N THR A 540 8.83 11.95 -36.02
CA THR A 540 8.00 12.56 -37.03
C THR A 540 8.22 14.07 -37.01
N PRO A 541 7.96 14.76 -38.12
CA PRO A 541 8.06 16.23 -38.11
C PRO A 541 7.01 16.83 -37.19
N SER A 542 7.35 18.00 -36.63
CA SER A 542 6.50 18.64 -35.64
C SER A 542 6.46 20.13 -35.90
N SER A 543 5.38 20.77 -35.43
CA SER A 543 5.21 22.21 -35.49
C SER A 543 5.52 22.89 -34.17
N LYS A 544 6.08 22.14 -33.21
CA LYS A 544 6.37 22.70 -31.89
C LYS A 544 7.31 23.89 -32.02
N ARG A 545 7.06 24.91 -31.21
CA ARG A 545 7.91 26.10 -31.18
C ARG A 545 8.97 25.91 -30.11
N PHE A 546 10.23 25.86 -30.54
CA PHE A 546 11.35 25.69 -29.63
C PHE A 546 12.09 27.01 -29.45
N GLN A 547 12.63 27.21 -28.25
CA GLN A 547 13.40 28.41 -27.98
C GLN A 547 14.71 28.36 -28.76
N PRO A 548 15.36 29.51 -28.95
CA PRO A 548 16.56 29.53 -29.80
C PRO A 548 17.63 28.56 -29.35
N PHE A 549 17.81 28.38 -28.04
CA PHE A 549 18.85 27.52 -27.50
C PHE A 549 18.36 26.12 -27.16
N GLN A 550 17.04 25.90 -27.15
CA GLN A 550 16.50 24.65 -26.64
C GLN A 550 16.95 23.47 -27.50
N GLN A 551 17.22 22.34 -26.85
CA GLN A 551 17.62 21.12 -27.52
C GLN A 551 16.59 20.01 -27.45
N PHE A 552 15.77 19.99 -26.40
CA PHE A 552 14.71 19.00 -26.29
C PHE A 552 13.63 19.55 -25.36
N GLY A 553 12.46 18.95 -25.44
CA GLY A 553 11.34 19.37 -24.62
C GLY A 553 10.52 18.18 -24.19
N ARG A 554 9.91 18.31 -23.01
CA ARG A 554 9.12 17.24 -22.41
C ARG A 554 7.78 17.82 -21.95
N ASP A 555 6.95 16.97 -21.37
CA ASP A 555 5.60 17.33 -20.97
C ASP A 555 5.46 17.23 -19.45
N VAL A 556 4.22 17.34 -18.97
CA VAL A 556 3.97 17.39 -17.53
C VAL A 556 4.48 16.13 -16.86
N SER A 557 4.42 14.99 -17.56
CA SER A 557 4.89 13.72 -17.01
C SER A 557 6.36 13.46 -17.29
N ASP A 558 7.13 14.49 -17.61
CA ASP A 558 8.56 14.35 -17.92
C ASP A 558 8.78 13.25 -18.95
N PHE A 559 8.03 13.33 -20.04
CA PHE A 559 8.18 12.46 -21.20
C PHE A 559 8.72 13.27 -22.36
N THR A 560 9.86 12.86 -22.91
CA THR A 560 10.55 13.62 -23.94
C THR A 560 9.79 13.47 -25.26
N ASP A 561 8.82 14.37 -25.46
CA ASP A 561 7.96 14.30 -26.62
C ASP A 561 8.46 15.13 -27.81
N SER A 562 9.63 15.76 -27.70
CA SER A 562 10.17 16.53 -28.81
C SER A 562 11.68 16.62 -28.65
N VAL A 563 12.37 16.81 -29.77
CA VAL A 563 13.83 16.85 -29.77
C VAL A 563 14.28 17.63 -30.99
N ARG A 564 15.44 18.28 -30.87
CA ARG A 564 16.02 19.06 -31.95
C ARG A 564 17.08 18.23 -32.66
N ASP A 565 17.06 18.26 -33.99
CA ASP A 565 18.08 17.58 -34.77
C ASP A 565 19.36 18.40 -34.74
N PRO A 566 20.45 17.89 -34.16
CA PRO A 566 21.64 18.74 -33.96
C PRO A 566 22.25 19.25 -35.25
N LYS A 567 22.12 18.50 -36.35
CA LYS A 567 22.77 18.87 -37.60
C LYS A 567 21.90 19.72 -38.52
N THR A 568 20.57 19.51 -38.49
CA THR A 568 19.66 20.29 -39.30
C THR A 568 18.80 21.25 -38.49
N SER A 569 18.74 21.08 -37.17
CA SER A 569 18.00 21.99 -36.29
C SER A 569 16.52 22.04 -36.66
N GLU A 570 15.94 20.87 -36.86
CA GLU A 570 14.52 20.72 -37.11
C GLU A 570 13.87 20.03 -35.90
N ILE A 571 12.73 20.55 -35.48
CA ILE A 571 12.03 20.00 -34.32
C ILE A 571 11.30 18.74 -34.75
N LEU A 572 11.55 17.64 -34.04
CA LEU A 572 10.93 16.36 -34.31
C LEU A 572 10.17 15.90 -33.08
N ASP A 573 8.91 15.51 -33.27
CA ASP A 573 8.14 14.90 -32.21
C ASP A 573 8.40 13.41 -32.19
N ILE A 574 8.36 12.81 -31.01
CA ILE A 574 8.56 11.37 -30.87
C ILE A 574 7.44 10.81 -30.00
N SER A 575 6.83 9.73 -30.48
CA SER A 575 5.71 9.10 -29.81
C SER A 575 6.04 7.65 -29.49
N PRO A 576 5.43 7.07 -28.47
CA PRO A 576 5.70 5.67 -28.15
C PRO A 576 5.19 4.75 -29.26
N CYS A 577 5.65 3.50 -29.21
CA CYS A 577 5.27 2.51 -30.20
C CYS A 577 4.02 1.73 -29.83
N SER A 578 3.82 1.42 -28.55
CA SER A 578 2.67 0.61 -28.14
C SER A 578 1.35 1.29 -28.49
N PHE A 579 1.21 2.57 -28.19
CA PHE A 579 0.05 3.38 -28.53
C PHE A 579 -1.19 3.02 -27.71
N GLY A 580 -1.16 1.89 -27.01
CA GLY A 580 -2.18 1.66 -25.99
C GLY A 580 -3.50 1.17 -26.53
N GLY A 581 -4.06 0.12 -25.93
CA GLY A 581 -5.47 -0.19 -26.07
C GLY A 581 -5.83 -1.41 -26.89
N VAL A 582 -4.87 -2.10 -27.50
CA VAL A 582 -5.24 -3.25 -28.32
C VAL A 582 -5.86 -4.31 -27.43
N SER A 583 -7.03 -4.83 -27.82
CA SER A 583 -7.71 -5.86 -27.06
C SER A 583 -8.05 -7.02 -27.99
N VAL A 584 -8.03 -8.23 -27.46
CA VAL A 584 -8.28 -9.43 -28.25
C VAL A 584 -9.54 -10.11 -27.75
N ILE A 585 -10.36 -10.57 -28.69
CA ILE A 585 -11.65 -11.21 -28.43
C ILE A 585 -11.52 -12.65 -28.89
N THR A 586 -11.65 -13.60 -27.94
CA THR A 586 -11.45 -15.00 -28.26
C THR A 586 -12.63 -15.83 -27.79
N PRO A 587 -13.20 -16.71 -28.61
CA PRO A 587 -14.27 -17.60 -28.13
C PRO A 587 -13.77 -18.73 -27.25
N GLY A 588 -12.48 -18.79 -26.94
CA GLY A 588 -11.92 -19.86 -26.16
C GLY A 588 -11.06 -20.78 -27.01
N THR A 589 -9.81 -21.00 -26.59
CA THR A 589 -8.95 -21.89 -27.35
C THR A 589 -9.54 -23.28 -27.48
N ASN A 590 -10.32 -23.71 -26.47
CA ASN A 590 -10.97 -25.01 -26.56
C ASN A 590 -11.94 -25.07 -27.73
N THR A 591 -12.71 -24.00 -27.92
CA THR A 591 -13.69 -23.97 -29.01
C THR A 591 -13.01 -23.75 -30.35
N SER A 592 -12.30 -22.65 -30.51
CA SER A 592 -11.63 -22.34 -31.77
C SER A 592 -10.44 -21.43 -31.48
N SER A 593 -9.51 -21.42 -32.42
CA SER A 593 -8.34 -20.55 -32.34
C SER A 593 -8.53 -19.22 -33.06
N GLU A 594 -9.69 -19.00 -33.69
CA GLU A 594 -9.97 -17.73 -34.33
C GLU A 594 -10.27 -16.67 -33.29
N VAL A 595 -9.73 -15.47 -33.52
CA VAL A 595 -9.90 -14.34 -32.61
C VAL A 595 -10.11 -13.07 -33.43
N ALA A 596 -10.55 -12.02 -32.75
CA ALA A 596 -10.75 -10.70 -33.34
C ALA A 596 -9.97 -9.68 -32.54
N VAL A 597 -9.65 -8.55 -33.17
CA VAL A 597 -8.82 -7.53 -32.56
C VAL A 597 -9.56 -6.20 -32.57
N LEU A 598 -9.57 -5.51 -31.43
CA LEU A 598 -10.20 -4.22 -31.29
C LEU A 598 -9.14 -3.19 -30.93
N TYR A 599 -9.01 -2.16 -31.76
CA TYR A 599 -8.15 -1.01 -31.48
C TYR A 599 -9.03 0.10 -30.93
N GLN A 600 -8.74 0.56 -29.72
CA GLN A 600 -9.74 1.27 -28.94
C GLN A 600 -10.12 2.60 -29.58
N ASP A 601 -9.15 3.37 -30.08
CA ASP A 601 -9.44 4.70 -30.56
C ASP A 601 -8.95 4.98 -31.97
N VAL A 602 -8.47 3.97 -32.70
CA VAL A 602 -8.04 4.19 -34.07
C VAL A 602 -9.26 4.34 -34.96
N ASN A 603 -9.14 5.21 -35.96
CA ASN A 603 -10.18 5.36 -36.99
C ASN A 603 -9.95 4.41 -38.14
N CYS A 604 -9.77 3.13 -37.81
CA CYS A 604 -9.50 2.08 -38.78
C CYS A 604 -8.36 2.47 -39.72
N THR A 605 -7.18 2.63 -39.12
CA THR A 605 -5.96 2.92 -39.85
C THR A 605 -4.84 2.05 -39.27
N ASP A 606 -3.64 2.20 -39.84
CA ASP A 606 -2.48 1.42 -39.42
C ASP A 606 -1.61 2.25 -38.47
N VAL A 607 -2.09 2.34 -37.23
CA VAL A 607 -1.32 2.91 -36.13
C VAL A 607 -0.31 1.88 -35.63
N PRO A 608 -0.66 0.59 -35.52
CA PRO A 608 0.36 -0.40 -35.15
C PRO A 608 1.31 -0.64 -36.30
N VAL A 609 2.35 0.18 -36.38
CA VAL A 609 3.20 0.31 -37.57
C VAL A 609 3.45 -1.07 -38.16
N ALA A 610 3.16 -1.22 -39.45
CA ALA A 610 3.15 -2.53 -40.11
C ALA A 610 4.57 -2.87 -40.59
N ILE A 611 5.42 -3.19 -39.62
CA ILE A 611 6.77 -3.67 -39.88
C ILE A 611 6.94 -5.03 -39.23
N HIS A 612 5.85 -5.80 -39.15
CA HIS A 612 5.87 -7.15 -38.61
C HIS A 612 5.21 -8.10 -39.59
N ALA A 613 5.73 -9.33 -39.65
CA ALA A 613 5.16 -10.33 -40.54
C ALA A 613 3.77 -10.73 -40.06
N ASP A 614 3.02 -11.37 -40.94
CA ASP A 614 1.57 -11.58 -40.75
C ASP A 614 0.99 -10.17 -40.70
N GLN A 615 0.19 -9.81 -39.69
CA GLN A 615 -0.10 -8.40 -39.46
C GLN A 615 -0.22 -8.06 -37.97
N LEU A 616 0.23 -8.93 -37.07
CA LEU A 616 0.26 -8.59 -35.66
C LEU A 616 1.03 -9.64 -34.89
N VAL A 622 -7.90 -10.88 -36.91
CA VAL A 622 -6.52 -10.88 -36.43
C VAL A 622 -5.69 -9.85 -37.17
N TYR A 623 -6.13 -9.50 -38.37
CA TYR A 623 -5.33 -8.74 -39.32
C TYR A 623 -5.46 -7.25 -39.05
N SER A 624 -4.58 -6.47 -39.67
CA SER A 624 -4.64 -5.02 -39.55
C SER A 624 -5.16 -4.42 -40.86
N THR A 625 -6.31 -3.77 -40.79
CA THR A 625 -6.95 -3.18 -41.97
C THR A 625 -7.09 -4.22 -43.08
N GLY A 626 -7.85 -5.27 -42.79
CA GLY A 626 -8.19 -6.27 -43.77
C GLY A 626 -9.42 -5.87 -44.56
N ASN A 627 -10.34 -6.82 -44.71
CA ASN A 627 -11.61 -6.58 -45.37
C ASN A 627 -12.77 -6.55 -44.39
N ASN A 628 -12.76 -7.45 -43.39
CA ASN A 628 -13.86 -7.57 -42.44
C ASN A 628 -13.65 -6.61 -41.27
N VAL A 629 -13.83 -5.32 -41.57
CA VAL A 629 -13.59 -4.24 -40.61
C VAL A 629 -14.92 -3.61 -40.24
N PHE A 630 -15.10 -3.33 -38.95
CA PHE A 630 -16.28 -2.67 -38.44
C PHE A 630 -15.84 -1.48 -37.60
N GLN A 631 -16.52 -0.35 -37.76
CA GLN A 631 -16.16 0.88 -37.07
C GLN A 631 -17.07 1.07 -35.87
N THR A 632 -16.69 0.48 -34.75
CA THR A 632 -17.46 0.63 -33.52
C THR A 632 -17.22 2.00 -32.92
N GLN A 633 -18.26 2.56 -32.31
CA GLN A 633 -18.09 3.83 -31.62
C GLN A 633 -16.95 3.71 -30.61
N ALA A 634 -15.93 4.53 -30.80
CA ALA A 634 -14.70 4.41 -30.02
C ALA A 634 -14.06 3.03 -30.20
N GLY A 635 -13.67 2.75 -31.44
CA GLY A 635 -12.96 1.53 -31.73
C GLY A 635 -13.06 1.04 -33.17
N CYS A 636 -12.03 0.34 -33.62
CA CYS A 636 -12.05 -0.38 -34.89
C CYS A 636 -11.90 -1.87 -34.60
N LEU A 637 -12.82 -2.67 -35.10
CA LEU A 637 -12.87 -4.10 -34.81
C LEU A 637 -12.62 -4.87 -36.09
N ILE A 638 -11.69 -5.83 -36.04
CA ILE A 638 -11.30 -6.61 -37.20
C ILE A 638 -11.36 -8.08 -36.85
N GLY A 639 -11.88 -8.87 -37.78
CA GLY A 639 -12.04 -10.29 -37.58
C GLY A 639 -13.43 -10.73 -37.20
N ALA A 640 -14.38 -9.80 -37.06
CA ALA A 640 -15.75 -10.11 -36.69
C ALA A 640 -16.70 -9.59 -37.76
N GLU A 641 -17.72 -10.38 -38.08
CA GLU A 641 -18.70 -10.03 -39.10
C GLU A 641 -19.87 -9.28 -38.48
N HIS A 642 -20.23 -8.15 -39.08
CA HIS A 642 -21.33 -7.34 -38.57
C HIS A 642 -22.65 -7.80 -39.18
N VAL A 643 -23.61 -8.09 -38.31
CA VAL A 643 -24.92 -8.58 -38.72
C VAL A 643 -25.98 -7.61 -38.20
N ASP A 644 -26.91 -7.23 -39.07
CA ASP A 644 -27.93 -6.26 -38.69
C ASP A 644 -28.80 -6.79 -37.55
N THR A 645 -29.15 -8.08 -37.59
CA THR A 645 -29.98 -8.65 -36.54
C THR A 645 -29.29 -8.50 -35.19
N SER A 646 -30.07 -8.14 -34.16
CA SER A 646 -29.56 -7.87 -32.83
C SER A 646 -29.96 -8.99 -31.89
N TYR A 647 -29.01 -9.41 -31.05
CA TYR A 647 -29.25 -10.49 -30.10
C TYR A 647 -28.82 -10.06 -28.70
N GLU A 648 -28.92 -10.97 -27.73
CA GLU A 648 -28.42 -10.69 -26.40
C GLU A 648 -26.90 -10.59 -26.42
N CYS A 649 -26.34 -10.01 -25.36
CA CYS A 649 -24.90 -9.78 -25.28
C CYS A 649 -24.22 -11.03 -24.75
N ASP A 650 -23.17 -11.48 -25.45
CA ASP A 650 -22.37 -12.61 -25.04
C ASP A 650 -20.96 -12.20 -24.65
N ILE A 651 -20.25 -11.52 -25.55
CA ILE A 651 -18.92 -10.99 -25.28
C ILE A 651 -18.98 -9.48 -25.46
N PRO A 652 -19.09 -8.71 -24.39
CA PRO A 652 -19.24 -7.26 -24.54
C PRO A 652 -18.03 -6.62 -25.20
N ILE A 653 -18.29 -5.62 -26.03
CA ILE A 653 -17.23 -4.82 -26.65
C ILE A 653 -17.36 -3.39 -26.15
N GLY A 654 -18.50 -2.79 -26.38
CA GLY A 654 -18.76 -1.47 -25.84
C GLY A 654 -19.57 -0.62 -26.80
N ALA A 655 -19.99 0.54 -26.31
CA ALA A 655 -20.83 1.46 -27.08
C ALA A 655 -22.09 0.75 -27.58
N GLY A 656 -22.56 -0.22 -26.81
CA GLY A 656 -23.74 -0.97 -27.19
C GLY A 656 -23.49 -2.02 -28.26
N ILE A 657 -22.25 -2.46 -28.42
CA ILE A 657 -21.89 -3.49 -29.39
C ILE A 657 -21.33 -4.68 -28.65
N CYS A 658 -21.81 -5.87 -28.99
CA CYS A 658 -21.37 -7.13 -28.41
C CYS A 658 -21.06 -8.13 -29.51
N ALA A 659 -20.22 -9.10 -29.20
CA ALA A 659 -19.81 -10.11 -30.17
C ALA A 659 -20.04 -11.50 -29.59
N SER A 660 -20.18 -12.47 -30.49
CA SER A 660 -20.42 -13.86 -30.10
C SER A 660 -19.97 -14.78 -31.22
N TYR A 661 -19.84 -16.07 -30.88
CA TYR A 661 -19.38 -17.08 -31.83
C TYR A 661 -20.59 -17.82 -32.41
N HIS A 662 -21.30 -17.12 -33.28
CA HIS A 662 -22.47 -17.69 -33.94
C HIS A 662 -22.04 -18.58 -35.11
N THR A 663 -23.01 -19.34 -35.62
CA THR A 663 -22.78 -20.20 -36.77
C THR A 663 -23.17 -19.50 -38.06
N VAL A 664 -22.40 -19.77 -39.12
CA VAL A 664 -22.69 -19.22 -40.44
C VAL A 664 -21.70 -19.77 -41.45
N LYS A 673 -19.07 -21.34 -39.05
CA LYS A 673 -18.89 -20.80 -37.70
C LYS A 673 -17.81 -19.73 -37.70
N SER A 674 -18.16 -18.55 -37.19
CA SER A 674 -17.26 -17.41 -37.18
C SER A 674 -17.67 -16.47 -36.06
N ILE A 675 -16.88 -15.43 -35.85
CA ILE A 675 -17.17 -14.42 -34.84
C ILE A 675 -18.03 -13.34 -35.48
N VAL A 676 -19.15 -13.02 -34.84
CA VAL A 676 -20.11 -12.04 -35.34
C VAL A 676 -20.27 -10.94 -34.30
N ALA A 677 -20.24 -9.69 -34.75
CA ALA A 677 -20.45 -8.53 -33.90
C ALA A 677 -21.79 -7.90 -34.27
N TYR A 678 -22.49 -7.36 -33.27
CA TYR A 678 -23.81 -6.81 -33.49
C TYR A 678 -24.12 -5.79 -32.42
N THR A 679 -25.26 -5.13 -32.57
CA THR A 679 -25.76 -4.21 -31.56
C THR A 679 -26.65 -4.95 -30.57
N MET A 680 -26.53 -4.56 -29.30
CA MET A 680 -27.21 -5.28 -28.24
C MET A 680 -28.73 -5.16 -28.38
N SER A 681 -29.44 -6.12 -27.80
CA SER A 681 -30.90 -6.13 -27.78
C SER A 681 -31.37 -5.70 -26.40
N LEU A 682 -32.14 -4.60 -26.35
CA LEU A 682 -32.62 -4.08 -25.08
C LEU A 682 -33.67 -4.98 -24.43
N GLY A 683 -34.62 -5.48 -25.19
CA GLY A 683 -35.65 -6.33 -24.64
C GLY A 683 -36.70 -6.65 -25.69
N ALA A 684 -37.65 -7.48 -25.29
CA ALA A 684 -38.71 -7.93 -26.18
C ALA A 684 -39.69 -6.78 -26.39
N ASP A 685 -39.75 -6.26 -27.61
CA ASP A 685 -40.66 -5.17 -27.91
C ASP A 685 -42.09 -5.59 -27.61
N SER A 686 -42.86 -4.69 -27.01
CA SER A 686 -44.22 -4.95 -26.60
C SER A 686 -45.14 -3.84 -27.09
N SER A 687 -46.38 -4.22 -27.40
CA SER A 687 -47.41 -3.27 -27.84
C SER A 687 -48.39 -3.10 -26.69
N ILE A 688 -48.51 -1.87 -26.19
CA ILE A 688 -49.39 -1.54 -25.08
C ILE A 688 -50.39 -0.52 -25.59
N ALA A 689 -51.68 -0.84 -25.46
CA ALA A 689 -52.75 0.03 -25.91
C ALA A 689 -53.33 0.76 -24.70
N TYR A 690 -53.33 2.09 -24.75
CA TYR A 690 -53.87 2.91 -23.69
C TYR A 690 -55.30 3.29 -24.04
N SER A 691 -56.22 3.06 -23.10
CA SER A 691 -57.62 3.38 -23.27
C SER A 691 -58.12 4.09 -22.03
N ASN A 692 -58.98 5.07 -22.24
CA ASN A 692 -59.55 5.85 -21.15
C ASN A 692 -60.71 5.14 -20.46
N ASN A 693 -61.25 4.07 -21.06
CA ASN A 693 -62.38 3.36 -20.46
C ASN A 693 -62.25 1.84 -20.57
N THR A 694 -61.04 1.29 -20.45
CA THR A 694 -60.85 -0.16 -20.51
C THR A 694 -59.66 -0.55 -19.64
N ILE A 695 -59.77 -1.70 -18.99
CA ILE A 695 -58.71 -2.26 -18.14
C ILE A 695 -58.64 -3.75 -18.40
N ALA A 696 -57.43 -4.31 -18.22
CA ALA A 696 -57.24 -5.75 -18.26
C ALA A 696 -57.14 -6.25 -16.82
N ILE A 697 -57.98 -7.22 -16.47
CA ILE A 697 -57.93 -7.83 -15.16
C ILE A 697 -57.55 -9.30 -15.33
N PRO A 698 -56.75 -9.88 -14.44
CA PRO A 698 -56.43 -11.30 -14.56
C PRO A 698 -57.59 -12.17 -14.10
N THR A 699 -57.76 -13.30 -14.79
CA THR A 699 -58.79 -14.27 -14.46
C THR A 699 -58.23 -15.54 -13.84
N ASN A 700 -56.92 -15.77 -13.91
CA ASN A 700 -56.30 -16.92 -13.26
C ASN A 700 -54.97 -16.47 -12.68
N PHE A 701 -54.31 -17.38 -11.98
CA PHE A 701 -53.05 -17.07 -11.34
C PHE A 701 -52.17 -18.31 -11.34
N SER A 702 -50.88 -18.08 -11.14
CA SER A 702 -49.91 -19.17 -11.04
C SER A 702 -48.96 -18.88 -9.89
N ILE A 703 -48.38 -19.94 -9.35
CA ILE A 703 -47.43 -19.86 -8.25
C ILE A 703 -46.04 -20.07 -8.81
N SER A 704 -45.15 -19.11 -8.56
CA SER A 704 -43.80 -19.13 -9.09
C SER A 704 -42.81 -19.15 -7.93
N ILE A 705 -41.90 -20.12 -7.94
CA ILE A 705 -40.86 -20.23 -6.92
C ILE A 705 -39.54 -19.84 -7.57
N THR A 706 -38.94 -18.77 -7.06
CA THR A 706 -37.70 -18.22 -7.62
C THR A 706 -36.57 -18.35 -6.60
N THR A 707 -35.35 -18.53 -7.10
CA THR A 707 -34.19 -18.70 -6.26
C THR A 707 -33.36 -17.44 -6.20
N GLU A 708 -32.84 -17.14 -5.01
CA GLU A 708 -31.92 -16.02 -4.82
C GLU A 708 -30.73 -16.51 -4.01
N VAL A 709 -29.54 -16.48 -4.61
CA VAL A 709 -28.31 -16.93 -3.97
C VAL A 709 -27.60 -15.70 -3.41
N MET A 710 -27.19 -15.79 -2.15
CA MET A 710 -26.54 -14.67 -1.46
C MET A 710 -25.31 -15.16 -0.73
N PRO A 711 -24.10 -14.73 -1.08
CA PRO A 711 -22.93 -15.03 -0.25
C PRO A 711 -23.11 -14.43 1.13
N VAL A 712 -22.67 -15.18 2.15
CA VAL A 712 -22.87 -14.76 3.53
C VAL A 712 -21.53 -14.69 4.27
N SER A 713 -20.55 -15.47 3.82
CA SER A 713 -19.26 -15.52 4.49
C SER A 713 -18.18 -15.89 3.50
N MET A 714 -16.94 -15.56 3.86
CA MET A 714 -15.76 -15.88 3.07
C MET A 714 -14.79 -16.68 3.93
N ALA A 715 -13.85 -17.34 3.26
CA ALA A 715 -12.89 -18.16 3.98
C ALA A 715 -12.08 -17.32 4.95
N LYS A 716 -11.88 -17.83 6.15
CA LYS A 716 -11.10 -17.16 7.18
C LYS A 716 -9.63 -17.55 7.02
N THR A 717 -8.77 -16.55 6.84
CA THR A 717 -7.36 -16.78 6.58
C THR A 717 -6.52 -16.15 7.69
N SER A 718 -5.40 -16.81 7.98
CA SER A 718 -4.44 -16.32 8.96
C SER A 718 -3.03 -16.52 8.40
N VAL A 719 -2.13 -15.61 8.78
CA VAL A 719 -0.77 -15.59 8.25
C VAL A 719 0.21 -15.46 9.40
N ASP A 720 1.46 -15.85 9.15
CA ASP A 720 2.52 -15.79 10.13
C ASP A 720 3.59 -14.80 9.67
N CYS A 721 4.13 -14.04 10.61
CA CYS A 721 5.15 -13.05 10.30
C CYS A 721 6.39 -13.69 9.69
N ASN A 722 7.10 -14.46 10.51
CA ASN A 722 8.41 -14.98 10.11
C ASN A 722 8.27 -16.13 9.12
N MET A 723 7.33 -17.04 9.35
CA MET A 723 7.20 -18.19 8.47
C MET A 723 7.01 -17.76 7.02
N TYR A 724 6.41 -16.59 6.79
CA TYR A 724 6.24 -16.08 5.44
C TYR A 724 7.39 -15.17 5.03
N ILE A 725 7.63 -14.09 5.79
CA ILE A 725 8.62 -13.11 5.37
C ILE A 725 10.01 -13.73 5.38
N CYS A 726 10.35 -14.45 6.44
CA CYS A 726 11.69 -14.98 6.63
C CYS A 726 11.75 -16.50 6.49
N GLY A 727 10.95 -17.23 7.25
CA GLY A 727 11.02 -18.67 7.27
C GLY A 727 11.54 -19.19 8.59
N ASP A 728 12.78 -19.70 8.58
CA ASP A 728 13.41 -20.21 9.80
C ASP A 728 14.79 -19.59 10.02
N SER A 729 15.06 -18.44 9.41
CA SER A 729 16.37 -17.80 9.51
C SER A 729 16.39 -16.86 10.70
N THR A 730 17.28 -17.11 11.65
CA THR A 730 17.38 -16.24 12.82
C THR A 730 17.80 -14.83 12.42
N GLU A 731 18.76 -14.71 11.51
CA GLU A 731 19.23 -13.39 11.11
C GLU A 731 18.12 -12.59 10.46
N CYS A 732 17.31 -13.24 9.62
CA CYS A 732 16.19 -12.53 8.99
C CYS A 732 15.17 -12.09 10.04
N ALA A 733 14.93 -12.93 11.05
CA ALA A 733 14.01 -12.53 12.11
C ALA A 733 14.54 -11.31 12.86
N ASN A 734 15.84 -11.30 13.17
CA ASN A 734 16.43 -10.16 13.85
C ASN A 734 16.30 -8.89 12.99
N LEU A 735 16.57 -9.02 11.69
CA LEU A 735 16.43 -7.87 10.81
C LEU A 735 14.99 -7.41 10.71
N LEU A 736 14.04 -8.35 10.78
CA LEU A 736 12.63 -7.99 10.66
C LEU A 736 12.14 -7.29 11.91
N LEU A 737 12.68 -7.65 13.08
CA LEU A 737 12.26 -6.98 14.30
C LEU A 737 12.42 -5.46 14.20
N GLN A 738 13.38 -5.00 13.41
CA GLN A 738 13.66 -3.57 13.31
C GLN A 738 12.61 -2.83 12.50
N TYR A 739 11.69 -3.51 11.84
CA TYR A 739 10.67 -2.85 11.03
C TYR A 739 9.43 -2.48 11.83
N GLY A 740 9.35 -2.89 13.10
CA GLY A 740 8.27 -2.44 13.96
C GLY A 740 7.18 -3.47 14.17
N SER A 741 5.93 -3.02 14.07
CA SER A 741 4.76 -3.83 14.34
C SER A 741 3.85 -3.94 13.12
N PHE A 742 4.46 -4.16 11.95
CA PHE A 742 3.65 -4.32 10.74
C PHE A 742 2.82 -5.60 10.80
N CYS A 743 3.50 -6.74 10.98
CA CYS A 743 2.77 -8.01 10.91
C CYS A 743 1.83 -8.19 12.09
N THR A 744 2.11 -7.53 13.22
CA THR A 744 1.16 -7.56 14.33
C THR A 744 -0.17 -6.94 13.91
N GLN A 745 -0.11 -5.79 13.22
CA GLN A 745 -1.33 -5.16 12.76
C GLN A 745 -1.97 -5.94 11.62
N LEU A 746 -1.18 -6.60 10.78
CA LEU A 746 -1.76 -7.49 9.77
C LEU A 746 -2.53 -8.63 10.44
N ASN A 747 -1.97 -9.22 11.49
CA ASN A 747 -2.66 -10.28 12.22
C ASN A 747 -3.93 -9.75 12.85
N ARG A 748 -3.88 -8.53 13.40
CA ARG A 748 -5.07 -7.94 13.98
C ARG A 748 -6.17 -7.76 12.93
N ALA A 749 -5.80 -7.28 11.74
CA ALA A 749 -6.79 -7.12 10.69
C ALA A 749 -7.39 -8.45 10.26
N LEU A 750 -6.54 -9.47 10.10
CA LEU A 750 -7.04 -10.78 9.68
C LEU A 750 -7.96 -11.38 10.74
N SER A 751 -7.61 -11.23 12.01
CA SER A 751 -8.48 -11.71 13.08
C SER A 751 -9.82 -10.98 13.07
N GLY A 752 -9.79 -9.66 12.87
CA GLY A 752 -11.03 -8.93 12.75
C GLY A 752 -11.89 -9.44 11.62
N ILE A 753 -11.28 -9.73 10.47
CA ILE A 753 -12.04 -10.23 9.33
C ILE A 753 -12.67 -11.59 9.65
N ALA A 754 -11.91 -12.48 10.30
CA ALA A 754 -12.44 -13.80 10.62
C ALA A 754 -13.60 -13.70 11.60
N VAL A 755 -13.45 -12.88 12.65
CA VAL A 755 -14.52 -12.70 13.61
C VAL A 755 -15.74 -12.10 12.92
N GLU A 756 -15.52 -11.17 11.99
CA GLU A 756 -16.64 -10.59 11.26
C GLU A 756 -17.36 -11.63 10.43
N GLN A 757 -16.62 -12.57 9.83
CA GLN A 757 -17.27 -13.62 9.05
C GLN A 757 -18.14 -14.51 9.94
N ASP A 758 -17.61 -14.88 11.11
CA ASP A 758 -18.40 -15.68 12.04
C ASP A 758 -19.66 -14.92 12.45
N ARG A 759 -19.53 -13.63 12.74
CA ARG A 759 -20.69 -12.82 13.10
C ARG A 759 -21.68 -12.73 11.96
N ASN A 760 -21.20 -12.60 10.73
CA ASN A 760 -22.08 -12.53 9.58
C ASN A 760 -22.95 -13.77 9.49
N THR A 761 -22.32 -14.94 9.53
CA THR A 761 -23.10 -16.17 9.43
C THR A 761 -24.08 -16.29 10.60
N ARG A 762 -23.62 -16.00 11.82
CA ARG A 762 -24.49 -16.14 12.98
C ARG A 762 -25.69 -15.22 12.88
N GLU A 763 -25.47 -13.96 12.52
CA GLU A 763 -26.58 -13.01 12.44
C GLU A 763 -27.53 -13.36 11.31
N VAL A 764 -27.03 -13.89 10.20
CA VAL A 764 -27.92 -14.27 9.11
C VAL A 764 -28.80 -15.44 9.53
N PHE A 765 -28.22 -16.45 10.19
CA PHE A 765 -28.96 -17.69 10.44
C PHE A 765 -29.58 -17.75 11.83
N ALA A 766 -28.87 -17.28 12.86
CA ALA A 766 -29.36 -17.39 14.24
C ALA A 766 -30.38 -16.29 14.50
N GLN A 767 -31.56 -16.46 13.92
CA GLN A 767 -32.66 -15.53 14.13
C GLN A 767 -33.84 -16.15 14.87
N VAL A 768 -33.82 -17.46 15.10
CA VAL A 768 -34.86 -18.15 15.84
C VAL A 768 -34.29 -18.58 17.18
N LYS A 769 -34.92 -18.16 18.27
CA LYS A 769 -34.48 -18.55 19.60
C LYS A 769 -34.88 -19.96 19.97
N GLN A 770 -35.82 -20.57 19.23
CA GLN A 770 -36.30 -21.91 19.50
C GLN A 770 -36.04 -22.80 18.29
N MET A 771 -35.47 -23.98 18.54
CA MET A 771 -35.19 -24.95 17.48
C MET A 771 -36.42 -25.82 17.28
N TYR A 772 -37.36 -25.32 16.48
CA TYR A 772 -38.62 -26.01 16.28
C TYR A 772 -38.38 -27.41 15.71
N LYS A 773 -39.12 -28.38 16.24
CA LYS A 773 -38.96 -29.77 15.83
C LYS A 773 -39.49 -29.98 14.42
N THR A 774 -38.81 -30.83 13.66
CA THR A 774 -39.25 -31.14 12.30
C THR A 774 -40.50 -32.01 12.35
N PRO A 775 -41.60 -31.62 11.72
CA PRO A 775 -42.82 -32.45 11.79
C PRO A 775 -42.63 -33.79 11.10
N THR A 776 -43.31 -34.80 11.64
CA THR A 776 -43.28 -36.12 11.03
C THR A 776 -44.12 -36.14 9.75
N LEU A 777 -45.28 -35.48 9.76
CA LEU A 777 -46.11 -35.36 8.57
C LEU A 777 -45.67 -34.11 7.82
N LYS A 778 -45.11 -34.30 6.63
CA LYS A 778 -44.56 -33.20 5.84
C LYS A 778 -45.48 -32.78 4.70
N ASP A 779 -46.75 -33.16 4.75
CA ASP A 779 -47.77 -32.69 3.81
C ASP A 779 -48.78 -31.87 4.61
N PHE A 780 -48.93 -30.60 4.24
CA PHE A 780 -49.79 -29.66 4.96
C PHE A 780 -50.86 -29.16 4.00
N GLY A 781 -51.97 -29.89 3.94
CA GLY A 781 -53.04 -29.52 3.02
C GLY A 781 -52.66 -29.66 1.57
N GLY A 782 -51.90 -30.69 1.23
CA GLY A 782 -51.47 -30.94 -0.12
C GLY A 782 -50.14 -30.34 -0.51
N PHE A 783 -49.55 -29.51 0.35
CA PHE A 783 -48.25 -28.90 0.08
C PHE A 783 -47.15 -29.86 0.49
N ASN A 784 -46.38 -30.34 -0.47
CA ASN A 784 -45.33 -31.32 -0.20
C ASN A 784 -44.06 -30.57 0.17
N PHE A 785 -43.71 -30.58 1.46
CA PHE A 785 -42.51 -29.94 1.96
C PHE A 785 -41.34 -30.91 2.11
N SER A 786 -41.53 -32.18 1.75
CA SER A 786 -40.49 -33.18 2.01
C SER A 786 -39.20 -32.87 1.25
N GLN A 787 -39.28 -32.08 0.18
CA GLN A 787 -38.07 -31.76 -0.58
C GLN A 787 -37.20 -30.73 0.15
N ILE A 788 -37.82 -29.86 0.95
CA ILE A 788 -37.08 -28.80 1.61
C ILE A 788 -36.86 -29.06 3.10
N LEU A 789 -37.39 -30.16 3.65
CA LEU A 789 -37.14 -30.53 5.02
C LEU A 789 -36.25 -31.75 5.10
N PRO A 790 -35.51 -31.93 6.19
CA PRO A 790 -34.59 -33.08 6.27
C PRO A 790 -35.33 -34.40 6.23
N ASP A 791 -34.66 -35.42 5.70
CA ASP A 791 -35.21 -36.76 5.63
C ASP A 791 -34.74 -37.53 6.87
N PRO A 792 -35.65 -37.97 7.75
CA PRO A 792 -35.18 -38.64 8.98
C PRO A 792 -34.38 -39.90 8.74
N LEU A 793 -34.69 -40.66 7.67
CA LEU A 793 -33.98 -41.92 7.44
C LEU A 793 -32.50 -41.69 7.20
N LYS A 794 -32.15 -40.65 6.45
CA LYS A 794 -30.75 -40.34 6.18
C LYS A 794 -30.06 -39.84 7.44
N THR A 796 -27.24 -36.17 5.35
CA THR A 796 -27.91 -36.80 6.48
C THR A 796 -28.91 -35.83 7.13
N LYS A 797 -28.38 -34.77 7.73
CA LYS A 797 -29.22 -33.75 8.35
C LYS A 797 -29.69 -32.69 7.36
N ARG A 798 -29.30 -32.78 6.10
CA ARG A 798 -29.68 -31.78 5.11
C ARG A 798 -30.85 -32.26 4.26
N SER A 799 -31.61 -31.31 3.73
CA SER A 799 -32.69 -31.61 2.82
C SER A 799 -32.14 -31.86 1.42
N PHE A 800 -33.00 -32.38 0.53
CA PHE A 800 -32.53 -32.77 -0.79
C PHE A 800 -32.00 -31.57 -1.56
N ILE A 801 -32.71 -30.45 -1.49
CA ILE A 801 -32.26 -29.26 -2.21
C ILE A 801 -30.94 -28.76 -1.64
N GLU A 802 -30.79 -28.85 -0.32
CA GLU A 802 -29.51 -28.48 0.29
C GLU A 802 -28.40 -29.38 -0.20
N ASP A 803 -28.66 -30.68 -0.32
CA ASP A 803 -27.65 -31.60 -0.83
C ASP A 803 -27.27 -31.23 -2.26
N LEU A 804 -28.26 -30.93 -3.10
CA LEU A 804 -27.98 -30.52 -4.47
C LEU A 804 -27.10 -29.26 -4.49
N LEU A 805 -27.43 -28.29 -3.63
CA LEU A 805 -26.67 -27.05 -3.62
C LEU A 805 -25.23 -27.29 -3.18
N PHE A 806 -25.03 -28.08 -2.12
CA PHE A 806 -23.66 -28.37 -1.69
C PHE A 806 -22.89 -29.13 -2.75
N ASN A 807 -23.56 -30.03 -3.48
CA ASN A 807 -22.87 -30.77 -4.52
C ASN A 807 -22.51 -29.88 -5.71
N LYS A 808 -23.36 -28.89 -6.01
CA LYS A 808 -23.18 -28.02 -7.20
C LYS A 808 -21.87 -27.22 -7.10
N VAL A 809 -21.53 -26.72 -5.91
CA VAL A 809 -20.35 -25.86 -5.72
C VAL A 809 -19.18 -26.71 -5.30
N THR A 810 -18.07 -26.60 -6.01
CA THR A 810 -16.86 -27.37 -5.74
C THR A 810 -16.03 -26.61 -4.70
N LEU A 811 -16.01 -27.13 -3.47
CA LEU A 811 -15.25 -26.50 -2.40
C LEU A 811 -13.82 -27.04 -2.36
N LEU A 832 -0.79 -24.34 -4.50
CA LEU A 832 -0.86 -25.66 -3.88
C LEU A 832 -0.92 -25.52 -2.37
N ILE A 833 -1.87 -26.21 -1.74
CA ILE A 833 -2.12 -26.00 -0.31
C ILE A 833 -0.87 -26.28 0.52
N CYS A 834 -0.04 -27.23 0.09
CA CYS A 834 1.15 -27.57 0.87
C CYS A 834 2.10 -26.39 0.95
N ALA A 835 2.29 -25.68 -0.16
CA ALA A 835 3.15 -24.50 -0.14
C ALA A 835 2.59 -23.43 0.78
N GLN A 836 1.27 -23.23 0.75
CA GLN A 836 0.66 -22.27 1.65
C GLN A 836 0.91 -22.64 3.10
N LYS A 837 0.79 -23.93 3.43
CA LYS A 837 1.05 -24.36 4.80
C LYS A 837 2.51 -24.13 5.18
N PHE A 838 3.44 -24.40 4.26
CA PHE A 838 4.85 -24.21 4.55
C PHE A 838 5.28 -22.76 4.56
N ASN A 839 4.44 -21.84 4.06
CA ASN A 839 4.76 -20.42 4.08
C ASN A 839 3.91 -19.63 5.06
N GLY A 840 3.32 -20.30 6.05
CA GLY A 840 2.60 -19.61 7.09
C GLY A 840 1.18 -19.22 6.75
N LEU A 841 0.67 -19.63 5.59
CA LEU A 841 -0.69 -19.29 5.18
C LEU A 841 -1.63 -20.42 5.58
N THR A 842 -2.59 -20.11 6.44
CA THR A 842 -3.51 -21.11 6.98
C THR A 842 -4.93 -20.62 6.84
N VAL A 843 -5.86 -21.57 6.82
CA VAL A 843 -7.30 -21.29 6.75
C VAL A 843 -7.95 -21.84 8.01
N LEU A 844 -8.61 -20.97 8.75
CA LEU A 844 -9.30 -21.34 9.98
C LEU A 844 -10.68 -21.89 9.66
N PRO A 845 -11.13 -22.96 10.33
CA PRO A 845 -12.44 -23.50 10.01
C PRO A 845 -13.54 -22.60 10.54
N PRO A 846 -14.70 -22.56 9.88
CA PRO A 846 -15.80 -21.72 10.37
C PRO A 846 -16.35 -22.22 11.69
N LEU A 847 -16.89 -21.29 12.48
CA LEU A 847 -17.38 -21.63 13.80
C LEU A 847 -18.58 -22.57 13.74
N LEU A 848 -19.52 -22.30 12.84
CA LEU A 848 -20.70 -23.13 12.69
C LEU A 848 -20.48 -24.12 11.55
N THR A 849 -20.59 -25.40 11.86
CA THR A 849 -20.42 -26.43 10.84
C THR A 849 -21.68 -26.54 9.99
N ASP A 850 -21.55 -27.20 8.85
CA ASP A 850 -22.66 -27.29 7.90
C ASP A 850 -23.90 -27.89 8.56
N ASP A 851 -23.71 -28.83 9.47
CA ASP A 851 -24.85 -29.45 10.14
C ASP A 851 -25.63 -28.44 10.96
N MET A 852 -24.93 -27.52 11.63
CA MET A 852 -25.62 -26.53 12.45
C MET A 852 -26.43 -25.56 11.59
N ILE A 853 -25.87 -25.12 10.47
CA ILE A 853 -26.61 -24.24 9.57
C ILE A 853 -27.81 -24.96 8.99
N ALA A 854 -27.65 -26.24 8.62
CA ALA A 854 -28.76 -27.00 8.11
C ALA A 854 -29.85 -27.14 9.17
N ALA A 855 -29.45 -27.34 10.43
CA ALA A 855 -30.42 -27.41 11.51
C ALA A 855 -31.15 -26.09 11.67
N TYR A 856 -30.43 -24.97 11.55
CA TYR A 856 -31.08 -23.66 11.65
C TYR A 856 -32.12 -23.49 10.55
N THR A 857 -31.76 -23.83 9.31
CA THR A 857 -32.68 -23.64 8.21
C THR A 857 -33.88 -24.59 8.32
N ALA A 858 -33.65 -25.82 8.77
CA ALA A 858 -34.76 -26.75 8.96
C ALA A 858 -35.70 -26.25 10.04
N ALA A 859 -35.14 -25.69 11.13
CA ALA A 859 -35.98 -25.11 12.17
C ALA A 859 -36.79 -23.94 11.62
N LEU A 860 -36.17 -23.09 10.81
CA LEU A 860 -36.88 -21.96 10.23
C LEU A 860 -38.03 -22.43 9.34
N VAL A 861 -37.78 -23.45 8.51
CA VAL A 861 -38.82 -23.94 7.62
C VAL A 861 -39.94 -24.60 8.42
N SER A 862 -39.61 -25.34 9.47
CA SER A 862 -40.64 -25.94 10.30
C SER A 862 -41.48 -24.87 10.99
N GLY A 863 -40.83 -23.82 11.50
CA GLY A 863 -41.58 -22.73 12.09
C GLY A 863 -42.48 -22.04 11.10
N THR A 864 -41.99 -21.81 9.89
CA THR A 864 -42.84 -21.19 8.87
C THR A 864 -44.03 -22.08 8.54
N ALA A 865 -43.80 -23.39 8.43
CA ALA A 865 -44.88 -24.29 8.05
C ALA A 865 -45.93 -24.42 9.15
N THR A 866 -45.51 -24.42 10.42
CA THR A 866 -46.44 -24.64 11.51
C THR A 866 -47.02 -23.34 12.05
N ALA A 867 -46.17 -22.45 12.56
CA ALA A 867 -46.60 -21.21 13.19
C ALA A 867 -46.76 -20.05 12.21
N GLY A 868 -46.33 -20.22 10.96
CA GLY A 868 -46.47 -19.14 10.01
C GLY A 868 -45.57 -17.97 10.36
N TRP A 869 -46.03 -16.77 9.99
CA TRP A 869 -45.28 -15.54 10.22
C TRP A 869 -45.15 -15.20 11.70
N THR A 870 -45.95 -15.81 12.58
CA THR A 870 -46.08 -15.30 13.94
C THR A 870 -44.81 -15.55 14.75
N PHE A 871 -44.13 -16.69 14.52
CA PHE A 871 -42.98 -17.03 15.35
C PHE A 871 -41.87 -16.00 15.25
N GLY A 872 -41.85 -15.18 14.21
CA GLY A 872 -40.84 -14.14 14.10
C GLY A 872 -41.21 -12.84 14.76
N ALA A 873 -42.47 -12.64 15.13
CA ALA A 873 -42.94 -11.40 15.73
C ALA A 873 -43.24 -11.55 17.23
N GLY A 874 -42.64 -12.54 17.88
CA GLY A 874 -42.87 -12.76 19.29
C GLY A 874 -43.11 -14.22 19.62
N ALA A 875 -44.21 -14.51 20.32
CA ALA A 875 -44.56 -15.89 20.62
C ALA A 875 -45.00 -16.61 19.35
N ALA A 876 -44.75 -17.92 19.31
CA ALA A 876 -45.08 -18.73 18.14
C ALA A 876 -46.45 -19.34 18.31
N LEU A 877 -47.39 -18.97 17.44
CA LEU A 877 -48.76 -19.45 17.48
C LEU A 877 -49.00 -20.38 16.30
N GLN A 878 -49.44 -21.62 16.59
CA GLN A 878 -49.73 -22.56 15.53
C GLN A 878 -50.98 -22.12 14.78
N ILE A 879 -51.02 -22.44 13.49
CA ILE A 879 -52.17 -22.13 12.65
C ILE A 879 -52.18 -23.09 11.47
N PRO A 880 -53.33 -23.63 11.07
CA PRO A 880 -53.34 -24.55 9.93
C PRO A 880 -52.76 -23.88 8.69
N PHE A 881 -52.06 -24.67 7.88
CA PHE A 881 -51.38 -24.11 6.71
C PHE A 881 -52.38 -23.50 5.74
N ALA A 882 -53.55 -24.09 5.60
CA ALA A 882 -54.55 -23.54 4.69
C ALA A 882 -54.94 -22.13 5.11
N MET A 883 -55.19 -21.93 6.40
CA MET A 883 -55.57 -20.59 6.88
C MET A 883 -54.40 -19.63 6.80
N GLN A 884 -53.18 -20.12 7.02
CA GLN A 884 -52.01 -19.25 6.86
C GLN A 884 -51.91 -18.75 5.43
N MET A 885 -52.07 -19.65 4.45
CA MET A 885 -52.04 -19.23 3.07
C MET A 885 -53.24 -18.34 2.72
N ALA A 886 -54.38 -18.57 3.37
CA ALA A 886 -55.51 -17.68 3.16
C ALA A 886 -55.20 -16.26 3.61
N TYR A 887 -54.56 -16.12 4.77
CA TYR A 887 -54.16 -14.79 5.23
C TYR A 887 -53.12 -14.19 4.30
N ARG A 888 -52.19 -15.00 3.82
CA ARG A 888 -51.17 -14.49 2.91
C ARG A 888 -51.79 -14.03 1.60
N PHE A 889 -52.82 -14.73 1.13
CA PHE A 889 -53.57 -14.26 -0.04
C PHE A 889 -54.27 -12.93 0.25
N ASN A 890 -54.94 -12.84 1.41
CA ASN A 890 -55.56 -11.59 1.79
C ASN A 890 -54.54 -10.45 1.81
N GLY A 891 -53.30 -10.76 2.16
CA GLY A 891 -52.28 -9.73 2.25
C GLY A 891 -51.91 -9.10 0.92
N ILE A 892 -52.34 -9.70 -0.19
CA ILE A 892 -52.00 -9.17 -1.51
C ILE A 892 -53.28 -8.83 -2.27
N GLY A 893 -54.32 -8.44 -1.54
CA GLY A 893 -55.52 -7.94 -2.18
C GLY A 893 -56.39 -8.98 -2.84
N VAL A 894 -56.28 -10.25 -2.44
CA VAL A 894 -57.10 -11.32 -2.98
C VAL A 894 -57.90 -11.92 -1.84
N THR A 895 -59.22 -12.02 -2.01
CA THR A 895 -60.06 -12.57 -0.96
C THR A 895 -59.69 -14.03 -0.71
N GLN A 896 -59.93 -14.48 0.53
CA GLN A 896 -59.51 -15.81 0.93
C GLN A 896 -60.38 -16.91 0.35
N ASN A 897 -61.58 -16.59 -0.15
CA ASN A 897 -62.40 -17.62 -0.78
C ASN A 897 -61.72 -18.18 -2.03
N VAL A 898 -60.88 -17.37 -2.68
CA VAL A 898 -60.14 -17.85 -3.84
C VAL A 898 -59.30 -19.06 -3.47
N LEU A 899 -58.54 -18.96 -2.38
CA LEU A 899 -57.72 -20.08 -1.96
C LEU A 899 -58.57 -21.26 -1.52
N TYR A 900 -59.63 -21.00 -0.76
CA TYR A 900 -60.43 -22.13 -0.25
C TYR A 900 -61.16 -22.83 -1.37
N GLU A 901 -61.32 -22.20 -2.53
CA GLU A 901 -61.93 -22.84 -3.68
C GLU A 901 -60.90 -23.45 -4.63
N ASN A 902 -59.67 -22.94 -4.65
CA ASN A 902 -58.63 -23.44 -5.56
C ASN A 902 -57.44 -24.00 -4.80
N GLN A 903 -57.68 -24.56 -3.61
CA GLN A 903 -56.59 -25.15 -2.83
C GLN A 903 -55.89 -26.26 -3.59
N LYS A 904 -56.64 -27.12 -4.27
CA LYS A 904 -56.01 -28.21 -5.00
C LYS A 904 -55.10 -27.68 -6.09
N GLN A 905 -55.57 -26.68 -6.85
CA GLN A 905 -54.75 -26.11 -7.90
C GLN A 905 -53.52 -25.44 -7.33
N ILE A 906 -53.67 -24.71 -6.23
CA ILE A 906 -52.53 -24.00 -5.65
C ILE A 906 -51.49 -24.99 -5.12
N ALA A 907 -51.96 -26.06 -4.46
CA ALA A 907 -51.02 -27.07 -3.97
C ALA A 907 -50.31 -27.75 -5.12
N ASN A 908 -51.03 -28.07 -6.19
CA ASN A 908 -50.41 -28.71 -7.35
C ASN A 908 -49.36 -27.78 -7.96
N GLN A 909 -49.67 -26.49 -8.08
CA GLN A 909 -48.70 -25.56 -8.64
C GLN A 909 -47.48 -25.43 -7.73
N PHE A 910 -47.70 -25.38 -6.42
CA PHE A 910 -46.59 -25.38 -5.47
C PHE A 910 -45.67 -26.57 -5.70
N ASN A 911 -46.25 -27.77 -5.76
CA ASN A 911 -45.44 -28.98 -5.92
C ASN A 911 -44.72 -28.99 -7.27
N LYS A 912 -45.41 -28.58 -8.34
CA LYS A 912 -44.79 -28.57 -9.65
C LYS A 912 -43.63 -27.59 -9.68
N ALA A 913 -43.79 -26.42 -9.06
CA ALA A 913 -42.70 -25.45 -9.03
C ALA A 913 -41.52 -25.99 -8.23
N ILE A 914 -41.80 -26.67 -7.11
CA ILE A 914 -40.72 -27.24 -6.32
C ILE A 914 -39.95 -28.28 -7.13
N SER A 915 -40.67 -29.15 -7.85
CA SER A 915 -40.00 -30.13 -8.69
C SER A 915 -39.21 -29.46 -9.80
N GLN A 916 -39.75 -28.39 -10.37
CA GLN A 916 -39.05 -27.67 -11.43
C GLN A 916 -37.73 -27.11 -10.91
N ILE A 917 -37.74 -26.50 -9.72
CA ILE A 917 -36.50 -25.94 -9.19
C ILE A 917 -35.52 -27.07 -8.86
N GLN A 918 -36.03 -28.19 -8.36
CA GLN A 918 -35.18 -29.35 -8.13
C GLN A 918 -34.44 -29.76 -9.39
N GLU A 919 -35.18 -29.94 -10.48
CA GLU A 919 -34.55 -30.37 -11.74
C GLU A 919 -33.61 -29.30 -12.28
N SER A 920 -33.97 -28.02 -12.07
CA SER A 920 -33.12 -26.89 -12.52
C SER A 920 -31.79 -26.95 -11.78
N LEU A 921 -31.83 -27.23 -10.49
CA LEU A 921 -30.60 -27.26 -9.65
C LEU A 921 -29.75 -28.45 -10.06
N THR A 922 -30.35 -29.62 -10.34
CA THR A 922 -29.58 -30.87 -10.60
C THR A 922 -28.85 -30.84 -11.95
N THR A 923 -29.37 -30.07 -12.91
CA THR A 923 -28.76 -29.93 -14.25
C THR A 923 -27.62 -28.90 -14.14
N THR A 924 -26.40 -29.27 -14.52
CA THR A 924 -25.23 -28.36 -14.45
C THR A 924 -25.70 -26.94 -14.73
N SER A 925 -25.60 -26.04 -13.76
CA SER A 925 -26.11 -24.64 -13.89
C SER A 925 -25.19 -23.69 -13.13
N THR A 926 -25.26 -22.39 -13.42
CA THR A 926 -24.45 -21.34 -12.74
C THR A 926 -25.29 -20.73 -11.61
N ALA A 927 -26.39 -21.38 -11.20
CA ALA A 927 -27.23 -20.92 -10.09
C ALA A 927 -26.33 -20.43 -8.95
N LEU A 928 -25.37 -21.26 -8.53
CA LEU A 928 -24.42 -20.91 -7.43
C LEU A 928 -23.15 -20.34 -8.06
N GLY A 929 -23.25 -19.25 -8.82
CA GLY A 929 -22.11 -18.63 -9.51
C GLY A 929 -21.41 -17.62 -8.63
N LYS A 930 -22.12 -16.95 -7.73
CA LYS A 930 -21.55 -16.04 -6.74
C LYS A 930 -20.74 -16.78 -5.67
N LEU A 931 -21.26 -17.90 -5.17
CA LEU A 931 -20.55 -18.64 -4.14
C LEU A 931 -19.26 -19.25 -4.69
N GLN A 932 -19.34 -19.91 -5.83
CA GLN A 932 -18.13 -20.41 -6.47
C GLN A 932 -17.19 -19.27 -6.83
N ASP A 933 -17.74 -18.11 -7.16
CA ASP A 933 -16.90 -16.96 -7.49
C ASP A 933 -16.09 -16.52 -6.28
N VAL A 934 -16.71 -16.44 -5.11
CA VAL A 934 -15.97 -16.02 -3.92
C VAL A 934 -14.95 -17.09 -3.53
N VAL A 935 -15.31 -18.37 -3.69
CA VAL A 935 -14.35 -19.43 -3.40
C VAL A 935 -13.12 -19.30 -4.31
N ASN A 936 -13.36 -19.11 -5.60
CA ASN A 936 -12.27 -18.95 -6.55
C ASN A 936 -11.44 -17.71 -6.24
N GLN A 937 -12.11 -16.63 -5.84
CA GLN A 937 -11.39 -15.40 -5.51
C GLN A 937 -10.42 -15.63 -4.36
N ASN A 938 -10.89 -16.27 -3.29
CA ASN A 938 -10.01 -16.53 -2.17
C ASN A 938 -8.86 -17.44 -2.56
N ALA A 939 -9.15 -18.50 -3.31
CA ALA A 939 -8.09 -19.42 -3.73
C ALA A 939 -7.04 -18.71 -4.58
N GLN A 940 -7.50 -17.88 -5.53
CA GLN A 940 -6.57 -17.16 -6.39
C GLN A 940 -5.73 -16.17 -5.59
N ALA A 941 -6.35 -15.49 -4.61
CA ALA A 941 -5.59 -14.54 -3.81
C ALA A 941 -4.49 -15.25 -3.04
N LEU A 942 -4.82 -16.38 -2.41
CA LEU A 942 -3.78 -17.12 -1.68
C LEU A 942 -2.69 -17.63 -2.62
N ASN A 943 -3.07 -18.12 -3.79
CA ASN A 943 -2.08 -18.61 -4.73
C ASN A 943 -1.15 -17.50 -5.19
N THR A 944 -1.70 -16.32 -5.49
CA THR A 944 -0.85 -15.20 -5.87
C THR A 944 0.08 -14.82 -4.72
N LEU A 945 -0.44 -14.79 -3.50
CA LEU A 945 0.40 -14.44 -2.36
C LEU A 945 1.58 -15.39 -2.24
N VAL A 946 1.33 -16.70 -2.35
CA VAL A 946 2.42 -17.66 -2.17
C VAL A 946 3.38 -17.61 -3.35
N LYS A 947 2.86 -17.42 -4.56
CA LYS A 947 3.73 -17.34 -5.73
C LYS A 947 4.55 -16.06 -5.76
N GLN A 948 4.17 -15.04 -4.98
CA GLN A 948 4.94 -13.82 -4.95
C GLN A 948 6.32 -14.00 -4.32
N LEU A 949 6.57 -15.14 -3.66
CA LEU A 949 7.88 -15.35 -3.04
C LEU A 949 8.95 -15.60 -4.09
N SER A 950 8.57 -16.18 -5.22
CA SER A 950 9.56 -16.50 -6.26
C SER A 950 10.23 -15.26 -6.82
N SER A 951 9.59 -14.09 -6.72
CA SER A 951 10.18 -12.86 -7.23
C SER A 951 11.34 -12.44 -6.35
N ASN A 952 12.47 -12.12 -6.97
CA ASN A 952 13.65 -11.71 -6.23
C ASN A 952 13.62 -10.24 -5.86
N PHE A 953 12.65 -9.48 -6.36
CA PHE A 953 12.46 -8.08 -5.98
C PHE A 953 13.72 -7.25 -6.23
N GLY A 954 14.43 -7.55 -7.31
CA GLY A 954 15.62 -6.80 -7.67
C GLY A 954 16.85 -7.10 -6.85
N ALA A 955 16.82 -8.13 -6.01
CA ALA A 955 17.96 -8.50 -5.20
C ALA A 955 18.78 -9.57 -5.91
N ILE A 956 19.81 -10.08 -5.24
CA ILE A 956 20.66 -11.10 -5.86
C ILE A 956 19.85 -12.33 -6.19
N SER A 957 18.96 -12.74 -5.30
CA SER A 957 18.12 -13.90 -5.53
C SER A 957 16.89 -13.81 -4.65
N SER A 958 15.88 -14.60 -5.01
CA SER A 958 14.62 -14.65 -4.26
C SER A 958 14.67 -15.59 -3.07
N VAL A 959 15.80 -16.25 -2.83
CA VAL A 959 15.94 -17.22 -1.76
C VAL A 959 16.92 -16.68 -0.73
N LEU A 960 16.57 -16.82 0.55
CA LEU A 960 17.46 -16.35 1.60
C LEU A 960 18.65 -17.28 1.80
N ASN A 961 18.47 -18.57 1.55
CA ASN A 961 19.55 -19.52 1.81
C ASN A 961 20.79 -19.20 0.99
N ASP A 962 20.63 -18.99 -0.32
CA ASP A 962 21.79 -18.74 -1.16
C ASP A 962 22.38 -17.37 -0.89
N ILE A 963 21.55 -16.38 -0.57
CA ILE A 963 22.07 -15.05 -0.23
C ILE A 963 22.93 -15.14 1.03
N LEU A 964 22.46 -15.89 2.03
CA LEU A 964 23.19 -16.00 3.29
C LEU A 964 24.43 -16.86 3.14
N SER A 965 24.39 -17.84 2.24
CA SER A 965 25.55 -18.71 2.04
C SER A 965 26.58 -18.10 1.11
N ARG A 966 26.21 -17.10 0.31
CA ARG A 966 27.12 -16.48 -0.64
C ARG A 966 27.69 -15.16 -0.12
N LEU A 967 26.83 -14.28 0.37
CA LEU A 967 27.24 -12.95 0.79
C LEU A 967 27.38 -12.87 2.30
N ASP A 968 28.43 -12.20 2.75
CA ASP A 968 28.66 -12.02 4.18
C ASP A 968 27.55 -11.15 4.78
N LYS A 969 27.62 -10.97 6.10
CA LYS A 969 26.52 -10.33 6.81
C LYS A 969 26.28 -8.90 6.32
N VAL A 970 27.28 -8.04 6.47
CA VAL A 970 27.07 -6.62 6.22
C VAL A 970 26.61 -6.38 4.79
N GLU A 971 27.25 -7.04 3.83
CA GLU A 971 26.85 -6.86 2.44
C GLU A 971 25.48 -7.46 2.19
N ALA A 972 25.19 -8.61 2.79
CA ALA A 972 23.91 -9.27 2.59
C ALA A 972 22.75 -8.52 3.23
N GLU A 973 23.02 -7.55 4.10
CA GLU A 973 21.92 -6.78 4.69
C GLU A 973 21.10 -6.09 3.63
N VAL A 974 21.74 -5.62 2.56
CA VAL A 974 21.00 -4.92 1.50
C VAL A 974 20.01 -5.87 0.84
N GLN A 975 20.48 -7.08 0.51
CA GLN A 975 19.58 -8.05 -0.13
C GLN A 975 18.46 -8.46 0.81
N ILE A 976 18.79 -8.65 2.09
CA ILE A 976 17.76 -9.02 3.06
C ILE A 976 16.71 -7.93 3.15
N ASP A 977 17.14 -6.67 3.20
CA ASP A 977 16.18 -5.57 3.27
C ASP A 977 15.32 -5.52 2.03
N ARG A 978 15.91 -5.73 0.85
CA ARG A 978 15.13 -5.73 -0.38
C ARG A 978 14.03 -6.78 -0.33
N LEU A 979 14.40 -8.02 0.02
CA LEU A 979 13.42 -9.10 0.06
C LEU A 979 12.36 -8.84 1.12
N ILE A 980 12.76 -8.35 2.29
CA ILE A 980 11.80 -8.12 3.36
C ILE A 980 10.80 -7.04 2.96
N THR A 981 11.28 -5.95 2.35
CA THR A 981 10.37 -4.92 1.90
C THR A 981 9.39 -5.45 0.85
N GLY A 982 9.90 -6.22 -0.10
CA GLY A 982 9.01 -6.78 -1.12
C GLY A 982 7.94 -7.66 -0.52
N ARG A 983 8.34 -8.56 0.39
CA ARG A 983 7.37 -9.49 0.96
C ARG A 983 6.39 -8.78 1.87
N LEU A 984 6.83 -7.76 2.61
CA LEU A 984 5.91 -6.96 3.40
C LEU A 984 4.90 -6.25 2.52
N GLN A 985 5.33 -5.71 1.39
CA GLN A 985 4.38 -5.06 0.49
C GLN A 985 3.38 -6.07 -0.06
N SER A 986 3.84 -7.27 -0.40
CA SER A 986 2.90 -8.29 -0.88
C SER A 986 1.86 -8.62 0.19
N LEU A 987 2.31 -8.79 1.44
CA LEU A 987 1.37 -9.09 2.52
C LEU A 987 0.38 -7.94 2.71
N GLN A 988 0.85 -6.70 2.66
CA GLN A 988 -0.06 -5.56 2.84
C GLN A 988 -1.09 -5.50 1.72
N THR A 989 -0.66 -5.74 0.48
CA THR A 989 -1.62 -5.73 -0.62
C THR A 989 -2.68 -6.81 -0.42
N TYR A 990 -2.25 -8.01 -0.03
CA TYR A 990 -3.20 -9.09 0.20
C TYR A 990 -4.18 -8.72 1.30
N VAL A 991 -3.69 -8.13 2.40
CA VAL A 991 -4.56 -7.81 3.52
C VAL A 991 -5.56 -6.73 3.13
N THR A 992 -5.12 -5.72 2.36
CA THR A 992 -6.05 -4.68 1.94
C THR A 992 -7.14 -5.25 1.03
N GLN A 993 -6.76 -6.11 0.09
CA GLN A 993 -7.77 -6.72 -0.78
C GLN A 993 -8.74 -7.56 0.03
N GLN A 994 -8.22 -8.30 1.03
CA GLN A 994 -9.10 -9.09 1.87
C GLN A 994 -10.06 -8.21 2.66
N LEU A 995 -9.57 -7.06 3.15
CA LEU A 995 -10.46 -6.17 3.89
C LEU A 995 -11.58 -5.65 3.02
N ILE A 996 -11.27 -5.26 1.78
CA ILE A 996 -12.31 -4.76 0.89
C ILE A 996 -13.31 -5.86 0.55
N ARG A 997 -12.81 -7.07 0.27
CA ARG A 997 -13.72 -8.18 -0.01
C ARG A 997 -14.59 -8.49 1.20
N ALA A 998 -14.02 -8.39 2.40
CA ALA A 998 -14.80 -8.63 3.61
C ALA A 998 -15.90 -7.58 3.78
N ALA A 999 -15.59 -6.33 3.43
CA ALA A 999 -16.64 -5.30 3.47
C ALA A 999 -17.77 -5.64 2.51
N GLU A 1000 -17.43 -6.06 1.29
CA GLU A 1000 -18.48 -6.44 0.33
C GLU A 1000 -19.30 -7.61 0.85
N ILE A 1001 -18.64 -8.62 1.42
CA ILE A 1001 -19.35 -9.78 1.94
C ILE A 1001 -20.23 -9.38 3.12
N ARG A 1002 -19.79 -8.43 3.94
CA ARG A 1002 -20.61 -7.97 5.05
C ARG A 1002 -21.86 -7.27 4.53
N ALA A 1003 -21.71 -6.47 3.47
CA ALA A 1003 -22.89 -5.85 2.87
C ALA A 1003 -23.88 -6.92 2.39
N SER A 1004 -23.37 -7.94 1.71
CA SER A 1004 -24.25 -9.01 1.24
C SER A 1004 -24.90 -9.75 2.40
N ALA A 1005 -24.15 -9.99 3.48
CA ALA A 1005 -24.69 -10.70 4.63
C ALA A 1005 -25.78 -9.89 5.33
N ASN A 1006 -25.59 -8.58 5.43
CA ASN A 1006 -26.63 -7.74 6.00
C ASN A 1006 -27.89 -7.76 5.14
N LEU A 1007 -27.72 -7.71 3.82
CA LEU A 1007 -28.89 -7.83 2.95
C LEU A 1007 -29.58 -9.16 3.14
N ALA A 1008 -28.81 -10.24 3.28
CA ALA A 1008 -29.42 -11.55 3.49
C ALA A 1008 -30.15 -11.62 4.83
N ALA A 1009 -29.60 -11.00 5.87
CA ALA A 1009 -30.29 -10.96 7.15
C ALA A 1009 -31.60 -10.20 7.05
N THR A 1010 -31.60 -9.07 6.34
CA THR A 1010 -32.83 -8.33 6.14
C THR A 1010 -33.85 -9.15 5.36
N LYS A 1011 -33.41 -9.87 4.33
CA LYS A 1011 -34.32 -10.73 3.59
C LYS A 1011 -34.89 -11.83 4.47
N MET A 1012 -34.08 -12.43 5.32
CA MET A 1012 -34.59 -13.44 6.24
C MET A 1012 -35.64 -12.85 7.17
N SER A 1013 -35.37 -11.65 7.69
CA SER A 1013 -36.31 -11.03 8.62
C SER A 1013 -37.63 -10.70 7.93
N GLU A 1014 -37.58 -10.20 6.70
CA GLU A 1014 -38.77 -9.61 6.09
C GLU A 1014 -39.53 -10.57 5.19
N CYS A 1015 -38.85 -11.45 4.47
CA CYS A 1015 -39.49 -12.39 3.58
C CYS A 1015 -39.82 -13.72 4.25
N VAL A 1016 -38.93 -14.24 5.08
CA VAL A 1016 -39.14 -15.54 5.70
C VAL A 1016 -39.99 -15.44 6.95
N LEU A 1017 -39.65 -14.56 7.89
CA LEU A 1017 -40.39 -14.38 9.12
C LEU A 1017 -41.59 -13.45 8.96
N GLY A 1018 -42.03 -13.21 7.73
CA GLY A 1018 -43.17 -12.34 7.51
C GLY A 1018 -43.44 -12.22 6.02
N GLN A 1019 -44.44 -11.42 5.70
CA GLN A 1019 -44.81 -11.14 4.32
C GLN A 1019 -44.35 -9.73 3.97
N SER A 1020 -43.64 -9.60 2.85
CA SER A 1020 -43.06 -8.32 2.48
C SER A 1020 -43.91 -7.61 1.43
N LYS A 1021 -44.24 -6.35 1.72
CA LYS A 1021 -44.97 -5.51 0.78
C LYS A 1021 -44.04 -4.77 -0.17
N ARG A 1022 -42.73 -4.88 0.02
CA ARG A 1022 -41.77 -4.26 -0.89
C ARG A 1022 -41.81 -4.95 -2.25
N VAL A 1023 -41.71 -4.16 -3.31
CA VAL A 1023 -41.77 -4.71 -4.66
C VAL A 1023 -40.42 -5.30 -5.03
N ASP A 1024 -40.43 -6.51 -5.56
CA ASP A 1024 -39.26 -7.21 -6.07
C ASP A 1024 -38.20 -7.45 -5.01
N PHE A 1025 -38.49 -7.18 -3.74
CA PHE A 1025 -37.51 -7.45 -2.70
C PHE A 1025 -37.40 -8.93 -2.40
N CYS A 1026 -38.53 -9.64 -2.36
CA CYS A 1026 -38.59 -11.06 -2.05
C CYS A 1026 -39.12 -11.85 -3.24
N GLY A 1027 -38.61 -11.55 -4.42
CA GLY A 1027 -38.98 -12.29 -5.62
C GLY A 1027 -39.88 -11.50 -6.54
N LYS A 1028 -39.87 -11.86 -7.81
CA LYS A 1028 -40.66 -11.15 -8.80
C LYS A 1028 -42.12 -11.58 -8.71
N GLY A 1029 -43.01 -10.59 -8.62
CA GLY A 1029 -44.42 -10.84 -8.41
C GLY A 1029 -44.88 -10.38 -7.04
N TYR A 1030 -45.98 -10.97 -6.59
CA TYR A 1030 -46.53 -10.69 -5.27
C TYR A 1030 -46.04 -11.75 -4.29
N HIS A 1031 -45.38 -11.31 -3.23
CA HIS A 1031 -44.76 -12.24 -2.30
C HIS A 1031 -45.80 -12.91 -1.42
N LEU A 1032 -45.69 -14.23 -1.27
CA LEU A 1032 -46.49 -15.00 -0.35
C LEU A 1032 -45.67 -15.52 0.84
N MET A 1033 -44.54 -16.15 0.57
CA MET A 1033 -43.67 -16.65 1.63
C MET A 1033 -42.30 -16.94 1.05
N SER A 1034 -41.39 -17.39 1.91
CA SER A 1034 -40.06 -17.77 1.46
C SER A 1034 -39.52 -18.88 2.36
N PHE A 1035 -38.57 -19.62 1.82
CA PHE A 1035 -37.94 -20.73 2.54
C PHE A 1035 -36.43 -20.59 2.39
N PRO A 1036 -35.66 -20.67 3.47
CA PRO A 1036 -34.21 -20.60 3.34
C PRO A 1036 -33.59 -21.99 3.15
N GLN A 1037 -32.42 -21.99 2.51
CA GLN A 1037 -31.63 -23.21 2.33
C GLN A 1037 -30.17 -22.82 2.47
N ALA A 1038 -29.38 -23.67 3.10
CA ALA A 1038 -27.96 -23.40 3.23
C ALA A 1038 -27.23 -23.74 1.94
N ALA A 1039 -26.03 -23.18 1.80
CA ALA A 1039 -25.16 -23.52 0.67
C ALA A 1039 -23.75 -23.11 1.04
N PRO A 1040 -22.74 -23.67 0.38
CA PRO A 1040 -21.36 -23.36 0.76
C PRO A 1040 -21.12 -21.86 0.72
N HIS A 1041 -20.89 -21.28 1.90
CA HIS A 1041 -20.60 -19.86 2.04
C HIS A 1041 -21.74 -19.00 1.52
N GLY A 1042 -22.98 -19.42 1.77
CA GLY A 1042 -24.09 -18.60 1.33
C GLY A 1042 -25.44 -19.22 1.67
N VAL A 1043 -26.48 -18.48 1.30
CA VAL A 1043 -27.86 -18.87 1.57
C VAL A 1043 -28.66 -18.72 0.29
N VAL A 1044 -29.52 -19.70 0.01
CA VAL A 1044 -30.40 -19.70 -1.14
C VAL A 1044 -31.82 -19.54 -0.64
N PHE A 1045 -32.51 -18.51 -1.12
CA PHE A 1045 -33.89 -18.24 -0.74
C PHE A 1045 -34.80 -18.73 -1.85
N LEU A 1046 -35.81 -19.51 -1.49
CA LEU A 1046 -36.88 -19.93 -2.40
C LEU A 1046 -38.07 -19.02 -2.09
N HIS A 1047 -38.32 -18.07 -2.99
CA HIS A 1047 -39.40 -17.11 -2.82
C HIS A 1047 -40.63 -17.62 -3.57
N VAL A 1048 -41.75 -17.76 -2.86
CA VAL A 1048 -43.02 -18.15 -3.45
C VAL A 1048 -43.79 -16.88 -3.78
N THR A 1049 -44.25 -16.76 -5.02
CA THR A 1049 -44.91 -15.56 -5.49
C THR A 1049 -46.16 -15.92 -6.28
N TYR A 1050 -47.13 -15.01 -6.25
CA TYR A 1050 -48.40 -15.15 -6.95
C TYR A 1050 -48.37 -14.24 -8.17
N VAL A 1051 -48.39 -14.82 -9.37
CA VAL A 1051 -48.32 -14.07 -10.60
C VAL A 1051 -49.64 -14.22 -11.34
N PRO A 1052 -50.35 -13.13 -11.64
CA PRO A 1052 -51.62 -13.24 -12.37
C PRO A 1052 -51.39 -13.64 -13.83
N SER A 1053 -52.44 -14.13 -14.45
CA SER A 1053 -52.39 -14.58 -15.83
C SER A 1053 -53.80 -14.77 -16.35
N GLN A 1054 -53.90 -15.02 -17.66
CA GLN A 1054 -55.17 -15.13 -18.36
C GLN A 1054 -55.99 -13.83 -18.20
N GLU A 1055 -55.41 -12.77 -18.77
CA GLU A 1055 -56.01 -11.45 -18.72
C GLU A 1055 -57.31 -11.41 -19.52
N ARG A 1056 -58.22 -10.54 -19.09
CA ARG A 1056 -59.44 -10.25 -19.85
C ARG A 1056 -59.67 -8.76 -19.87
N ASN A 1057 -60.07 -8.24 -21.02
CA ASN A 1057 -60.35 -6.81 -21.17
C ASN A 1057 -61.79 -6.51 -20.77
N PHE A 1058 -61.99 -5.35 -20.14
CA PHE A 1058 -63.30 -4.94 -19.71
C PHE A 1058 -63.40 -3.43 -19.85
N THR A 1059 -64.62 -2.93 -19.99
CA THR A 1059 -64.90 -1.50 -20.02
C THR A 1059 -65.39 -1.09 -18.63
N THR A 1060 -64.82 -0.02 -18.09
CA THR A 1060 -65.06 0.38 -16.72
C THR A 1060 -65.52 1.84 -16.65
N ALA A 1061 -65.83 2.29 -15.42
CA ALA A 1061 -66.32 3.62 -15.16
C ALA A 1061 -65.76 4.08 -13.82
N PRO A 1062 -65.35 5.34 -13.69
CA PRO A 1062 -64.89 5.80 -12.37
C PRO A 1062 -65.94 5.66 -11.29
N ALA A 1063 -67.22 5.84 -11.64
CA ALA A 1063 -68.29 5.77 -10.66
C ALA A 1063 -69.57 5.40 -11.41
N ILE A 1064 -70.65 5.23 -10.65
CA ILE A 1064 -71.96 4.92 -11.23
C ILE A 1064 -72.97 5.93 -10.71
N CYS A 1065 -73.65 6.62 -11.63
CA CYS A 1065 -74.65 7.61 -11.26
C CYS A 1065 -75.98 6.90 -11.04
N HIS A 1066 -76.62 7.17 -9.92
CA HIS A 1066 -77.88 6.54 -9.55
C HIS A 1066 -78.73 7.55 -8.80
N GLU A 1067 -79.96 7.76 -9.25
CA GLU A 1067 -80.88 8.73 -8.65
C GLU A 1067 -80.19 10.06 -8.37
N GLY A 1068 -79.30 10.48 -9.26
CA GLY A 1068 -78.67 11.77 -9.18
C GLY A 1068 -77.48 11.88 -8.26
N LYS A 1069 -76.98 10.77 -7.71
CA LYS A 1069 -75.80 10.77 -6.86
C LYS A 1069 -74.82 9.72 -7.34
N ALA A 1070 -73.53 9.97 -7.13
CA ALA A 1070 -72.49 9.11 -7.66
C ALA A 1070 -72.02 8.11 -6.60
N TYR A 1071 -71.99 6.84 -6.99
CA TYR A 1071 -71.51 5.75 -6.15
C TYR A 1071 -70.11 5.36 -6.61
N PHE A 1072 -69.16 5.36 -5.68
CA PHE A 1072 -67.81 4.88 -5.91
C PHE A 1072 -67.62 3.54 -5.22
N PRO A 1073 -66.70 2.70 -5.71
CA PRO A 1073 -66.51 1.38 -5.10
C PRO A 1073 -65.61 1.47 -3.87
N ARG A 1074 -66.03 0.81 -2.79
CA ARG A 1074 -65.21 0.77 -1.59
C ARG A 1074 -63.89 0.06 -1.89
N GLU A 1075 -63.94 -1.05 -2.62
CA GLU A 1075 -62.74 -1.75 -3.06
C GLU A 1075 -62.96 -2.27 -4.47
N GLY A 1076 -61.87 -2.46 -5.19
CA GLY A 1076 -61.96 -2.96 -6.54
C GLY A 1076 -62.42 -1.90 -7.51
N VAL A 1077 -62.90 -2.37 -8.67
CA VAL A 1077 -63.31 -1.50 -9.77
C VAL A 1077 -64.61 -2.02 -10.37
N PHE A 1078 -65.32 -1.12 -11.03
CA PHE A 1078 -66.48 -1.48 -11.84
C PHE A 1078 -66.01 -2.08 -13.16
N VAL A 1079 -66.76 -3.05 -13.67
CA VAL A 1079 -66.49 -3.66 -14.96
C VAL A 1079 -67.82 -3.94 -15.66
N PHE A 1080 -67.72 -4.26 -16.95
CA PHE A 1080 -68.90 -4.51 -17.79
C PHE A 1080 -68.58 -5.68 -18.71
N ASN A 1081 -69.14 -6.85 -18.39
CA ASN A 1081 -68.86 -8.06 -19.16
C ASN A 1081 -69.54 -8.07 -20.52
N GLY A 1082 -70.43 -7.12 -20.80
CA GLY A 1082 -71.20 -7.10 -22.02
C GLY A 1082 -72.69 -7.29 -21.80
N THR A 1083 -73.12 -7.61 -20.58
CA THR A 1083 -74.53 -7.75 -20.23
C THR A 1083 -74.97 -6.78 -19.14
N SER A 1084 -74.14 -6.57 -18.13
CA SER A 1084 -74.50 -5.67 -17.04
C SER A 1084 -73.22 -5.22 -16.34
N TRP A 1085 -73.37 -4.22 -15.47
CA TRP A 1085 -72.25 -3.67 -14.73
C TRP A 1085 -72.05 -4.42 -13.42
N PHE A 1086 -70.83 -4.86 -13.16
CA PHE A 1086 -70.47 -5.57 -11.95
C PHE A 1086 -69.34 -4.86 -11.25
N ILE A 1087 -69.02 -5.32 -10.04
CA ILE A 1087 -67.89 -4.86 -9.26
C ILE A 1087 -66.96 -6.04 -9.03
N THR A 1088 -65.65 -5.81 -9.16
CA THR A 1088 -64.70 -6.90 -9.04
C THR A 1088 -63.42 -6.40 -8.38
N GLN A 1089 -62.60 -7.35 -7.96
CA GLN A 1089 -61.29 -7.01 -7.41
C GLN A 1089 -60.33 -6.64 -8.54
N ARG A 1090 -59.29 -5.87 -8.20
CA ARG A 1090 -58.31 -5.51 -9.21
C ARG A 1090 -57.42 -6.68 -9.59
N ASN A 1091 -57.18 -7.61 -8.67
CA ASN A 1091 -56.19 -8.66 -8.85
C ASN A 1091 -56.78 -9.99 -9.28
N PHE A 1092 -58.09 -10.07 -9.48
CA PHE A 1092 -58.74 -11.32 -9.82
C PHE A 1092 -60.17 -11.02 -10.25
N PHE A 1093 -60.62 -11.67 -11.32
CA PHE A 1093 -61.96 -11.46 -11.84
C PHE A 1093 -62.93 -12.29 -11.01
N SER A 1094 -63.60 -11.63 -10.07
CA SER A 1094 -64.63 -12.26 -9.23
C SER A 1094 -65.84 -11.33 -9.26
N PRO A 1095 -66.60 -11.31 -10.37
CA PRO A 1095 -67.68 -10.34 -10.50
C PRO A 1095 -68.72 -10.52 -9.41
N GLN A 1096 -69.25 -9.40 -8.93
CA GLN A 1096 -70.26 -9.41 -7.89
C GLN A 1096 -71.28 -8.30 -8.18
N ILE A 1097 -72.50 -8.53 -7.73
CA ILE A 1097 -73.55 -7.54 -7.92
C ILE A 1097 -73.19 -6.26 -7.18
N ILE A 1098 -73.63 -5.13 -7.73
CA ILE A 1098 -73.37 -3.83 -7.10
C ILE A 1098 -74.44 -3.58 -6.06
N THR A 1099 -74.02 -3.39 -4.81
CA THR A 1099 -74.93 -3.11 -3.71
C THR A 1099 -74.47 -1.85 -2.99
N THR A 1100 -75.11 -1.58 -1.86
CA THR A 1100 -74.77 -0.40 -1.07
C THR A 1100 -73.66 -0.66 -0.07
N ASP A 1101 -73.38 -1.91 0.27
CA ASP A 1101 -72.34 -2.20 1.24
C ASP A 1101 -70.94 -2.06 0.65
N ASN A 1102 -70.76 -2.39 -0.64
CA ASN A 1102 -69.48 -2.28 -1.30
C ASN A 1102 -69.33 -0.99 -2.08
N THR A 1103 -70.29 -0.07 -2.00
CA THR A 1103 -70.22 1.21 -2.66
C THR A 1103 -70.57 2.31 -1.67
N PHE A 1104 -69.99 3.49 -1.86
CA PHE A 1104 -70.29 4.64 -1.03
C PHE A 1104 -70.53 5.87 -1.91
N VAL A 1105 -71.42 6.74 -1.44
CA VAL A 1105 -71.87 7.89 -2.23
C VAL A 1105 -71.04 9.10 -1.85
N SER A 1106 -70.86 10.00 -2.83
CA SER A 1106 -70.14 11.24 -2.60
C SER A 1106 -70.48 12.21 -3.71
N GLY A 1107 -71.10 13.34 -3.37
CA GLY A 1107 -71.35 14.38 -4.34
C GLY A 1107 -72.49 14.04 -5.29
N SER A 1108 -72.43 14.66 -6.47
CA SER A 1108 -73.43 14.50 -7.51
C SER A 1108 -72.79 13.87 -8.75
N CYS A 1109 -73.56 13.79 -9.83
CA CYS A 1109 -73.12 13.15 -11.06
C CYS A 1109 -72.51 14.12 -12.07
N ASP A 1110 -72.49 15.41 -11.76
CA ASP A 1110 -72.06 16.43 -12.72
C ASP A 1110 -70.61 16.84 -12.50
N VAL A 1111 -69.90 16.20 -11.58
CA VAL A 1111 -68.56 16.64 -11.21
C VAL A 1111 -67.47 15.62 -11.57
N VAL A 1112 -67.84 14.40 -11.96
CA VAL A 1112 -66.88 13.36 -12.30
C VAL A 1112 -67.08 12.98 -13.76
N ILE A 1113 -65.97 12.83 -14.49
CA ILE A 1113 -66.00 12.47 -15.89
C ILE A 1113 -65.92 10.94 -16.01
N GLY A 1114 -66.70 10.38 -16.93
CA GLY A 1114 -66.75 8.95 -17.11
C GLY A 1114 -67.82 8.24 -16.32
N ILE A 1115 -68.61 8.97 -15.54
CA ILE A 1115 -69.70 8.36 -14.79
C ILE A 1115 -70.74 7.83 -15.76
N ILE A 1116 -71.27 6.63 -15.48
CA ILE A 1116 -72.21 5.96 -16.36
C ILE A 1116 -73.42 5.53 -15.53
N ASN A 1117 -74.61 5.84 -16.04
CA ASN A 1117 -75.84 5.57 -15.32
C ASN A 1117 -76.06 4.08 -15.16
N ASN A 1118 -76.53 3.68 -13.98
CA ASN A 1118 -76.88 2.30 -13.69
C ASN A 1118 -77.54 2.28 -12.32
N THR A 1119 -78.14 1.14 -11.99
CA THR A 1119 -78.85 0.97 -10.72
C THR A 1119 -78.00 0.16 -9.75
N VAL A 1120 -78.16 0.46 -8.46
CA VAL A 1120 -77.44 -0.21 -7.39
C VAL A 1120 -78.45 -1.01 -6.58
N TYR A 1121 -78.35 -2.34 -6.66
CA TYR A 1121 -79.29 -3.19 -5.95
C TYR A 1121 -79.18 -2.99 -4.45
N ASP A 1122 -80.33 -2.92 -3.79
CA ASP A 1122 -80.41 -2.72 -2.34
C ASP A 1122 -80.88 -4.02 -1.71
N PRO A 1123 -80.13 -4.61 -0.77
CA PRO A 1123 -80.55 -5.91 -0.21
C PRO A 1123 -81.95 -5.87 0.40
N LEU A 1124 -82.39 -4.73 0.91
CA LEU A 1124 -83.75 -4.60 1.43
C LEU A 1124 -84.75 -4.67 0.28
N GLN B 33 15.33 53.32 4.23
CA GLN B 33 14.73 51.99 4.12
C GLN B 33 13.41 52.04 3.38
N PHE B 34 13.43 51.65 2.11
CA PHE B 34 12.24 51.58 1.29
C PHE B 34 11.63 50.18 1.40
N LEU B 35 10.66 49.88 0.54
CA LEU B 35 10.04 48.56 0.48
C LEU B 35 10.13 48.05 -0.95
N SER B 36 10.53 46.78 -1.09
CA SER B 36 10.86 46.17 -2.41
C SER B 36 9.63 45.77 -3.21
N SER B 37 8.41 46.01 -2.72
CA SER B 37 7.20 45.53 -3.42
C SER B 37 7.35 44.02 -3.64
N HIS B 38 7.15 43.52 -4.86
CA HIS B 38 7.27 42.08 -5.18
C HIS B 38 8.44 41.94 -6.14
N ARG B 39 9.54 42.64 -5.87
CA ARG B 39 10.71 42.64 -6.73
C ARG B 39 11.80 41.72 -6.18
N GLY B 40 12.66 41.27 -7.09
CA GLY B 40 13.79 40.45 -6.71
C GLY B 40 13.56 38.97 -6.90
N VAL B 41 13.01 38.59 -8.06
CA VAL B 41 12.79 37.19 -8.41
C VAL B 41 13.74 36.84 -9.55
N TYR B 42 14.54 35.79 -9.34
CA TYR B 42 15.51 35.34 -10.32
C TYR B 42 15.30 33.85 -10.56
N TYR B 43 15.77 33.39 -11.71
CA TYR B 43 15.65 31.98 -12.04
C TYR B 43 16.66 31.18 -11.22
N PRO B 44 16.22 30.26 -10.36
CA PRO B 44 17.19 29.49 -9.57
C PRO B 44 17.70 28.26 -10.31
N ILE B 47 16.80 22.85 -15.73
CA ILE B 47 16.70 24.28 -15.51
C ILE B 47 15.53 24.86 -16.29
N PHE B 48 15.11 24.18 -17.36
CA PHE B 48 14.04 24.65 -18.21
C PHE B 48 12.74 23.93 -17.85
N ARG B 49 11.66 24.69 -17.74
CA ARG B 49 10.35 24.14 -17.40
C ARG B 49 9.29 25.11 -17.87
N SER B 50 8.06 24.61 -18.00
CA SER B 50 6.95 25.42 -18.49
C SER B 50 5.65 24.90 -17.91
N ASN B 51 4.82 25.83 -17.43
CA ASN B 51 3.48 25.51 -16.92
C ASN B 51 3.54 24.37 -15.90
N VAL B 52 4.31 24.59 -14.82
CA VAL B 52 4.53 23.57 -13.83
C VAL B 52 4.18 24.03 -12.42
N LEU B 53 4.22 25.32 -12.12
CA LEU B 53 3.94 25.82 -10.78
C LEU B 53 4.84 25.13 -9.75
N HIS B 54 6.14 25.38 -9.91
CA HIS B 54 7.16 24.61 -9.22
C HIS B 54 7.65 25.34 -7.97
N LEU B 55 7.79 24.59 -6.89
CA LEU B 55 8.13 25.15 -5.58
C LEU B 55 9.61 24.93 -5.29
N VAL B 56 10.33 26.01 -4.96
CA VAL B 56 11.78 25.96 -4.83
C VAL B 56 12.21 26.71 -3.57
N GLN B 57 13.17 26.13 -2.86
CA GLN B 57 13.75 26.75 -1.66
C GLN B 57 15.16 27.22 -2.02
N ASP B 58 15.41 28.52 -1.84
CA ASP B 58 16.68 29.10 -2.24
C ASP B 58 16.85 30.46 -1.58
N HIS B 59 17.91 31.15 -1.95
CA HIS B 59 18.21 32.49 -1.42
C HIS B 59 17.41 33.51 -2.22
N PHE B 60 16.27 33.91 -1.68
CA PHE B 60 15.38 34.87 -2.31
C PHE B 60 15.21 36.09 -1.42
N LEU B 61 14.79 37.20 -2.06
CA LEU B 61 14.54 38.44 -1.33
C LEU B 61 13.09 38.43 -0.83
N PRO B 62 12.85 38.47 0.48
CA PRO B 62 11.46 38.42 0.96
C PRO B 62 10.64 39.58 0.43
N PHE B 63 9.38 39.30 0.13
CA PHE B 63 8.47 40.33 -0.35
C PHE B 63 8.17 41.34 0.75
N ASP B 64 8.03 42.61 0.33
CA ASP B 64 7.83 43.72 1.26
C ASP B 64 8.91 43.72 2.34
N SER B 65 10.16 43.53 1.91
CA SER B 65 11.31 43.60 2.80
C SER B 65 11.92 44.99 2.74
N ASN B 66 12.83 45.26 3.67
CA ASN B 66 13.52 46.54 3.72
C ASN B 66 14.77 46.50 2.86
N VAL B 67 14.90 47.45 1.94
CA VAL B 67 16.05 47.59 1.07
C VAL B 67 16.70 48.95 1.36
N THR B 68 17.97 48.93 1.72
CA THR B 68 18.66 50.17 2.03
C THR B 68 18.88 50.99 0.76
N ARG B 69 18.97 52.30 0.92
CA ARG B 69 19.21 53.22 -0.19
C ARG B 69 20.49 54.00 0.06
N PHE B 70 21.31 54.12 -0.98
CA PHE B 70 22.53 54.93 -0.91
C PHE B 70 22.43 56.08 -1.89
N ASN B 79 28.92 56.04 -1.43
CA ASN B 79 29.45 54.91 -2.15
C ASN B 79 30.42 54.12 -1.28
N PRO B 80 29.92 53.56 -0.18
CA PRO B 80 30.80 52.86 0.77
C PRO B 80 31.02 51.40 0.43
N ILE B 81 31.75 50.70 1.30
CA ILE B 81 31.94 49.26 1.17
C ILE B 81 30.73 48.56 1.77
N ILE B 82 30.02 47.80 0.96
CA ILE B 82 28.73 47.23 1.32
C ILE B 82 28.90 45.72 1.53
N PRO B 83 28.64 45.20 2.73
CA PRO B 83 28.76 43.75 2.92
C PRO B 83 27.85 42.97 1.98
N PHE B 84 28.35 41.82 1.56
CA PHE B 84 27.69 40.99 0.54
C PHE B 84 26.81 39.90 1.15
N ARG B 85 27.26 39.26 2.22
CA ARG B 85 26.47 38.23 2.93
C ARG B 85 26.19 37.10 1.95
N ASP B 86 24.94 36.68 1.76
CA ASP B 86 24.60 35.52 0.95
C ASP B 86 23.98 35.88 -0.38
N GLY B 87 24.43 36.95 -1.03
CA GLY B 87 23.88 37.39 -2.28
C GLY B 87 23.19 38.72 -2.07
N ILE B 88 22.99 39.46 -3.16
CA ILE B 88 22.38 40.77 -3.07
C ILE B 88 21.47 41.03 -4.27
N TYR B 89 20.48 41.87 -4.05
CA TYR B 89 19.62 42.42 -5.09
C TYR B 89 19.92 43.91 -5.17
N PHE B 90 20.49 44.34 -6.29
CA PHE B 90 20.90 45.72 -6.50
C PHE B 90 19.96 46.35 -7.51
N ALA B 91 19.62 47.62 -7.30
CA ALA B 91 18.69 48.31 -8.19
C ALA B 91 19.08 49.77 -8.32
N ALA B 92 18.70 50.38 -9.44
CA ALA B 92 19.00 51.78 -9.69
C ALA B 92 17.90 52.42 -10.53
N VAL B 98 24.67 56.08 -15.18
CA VAL B 98 25.70 56.72 -14.36
C VAL B 98 26.53 55.67 -13.64
N ILE B 99 25.90 54.55 -13.28
CA ILE B 99 26.59 53.47 -12.59
C ILE B 99 27.39 52.68 -13.62
N ARG B 100 28.70 52.57 -13.41
CA ARG B 100 29.61 51.95 -14.36
C ARG B 100 29.58 50.43 -14.26
N GLY B 101 29.95 49.88 -13.09
CA GLY B 101 30.00 48.45 -12.90
C GLY B 101 30.00 48.08 -11.44
N TRP B 102 30.80 47.08 -11.06
CA TRP B 102 30.87 46.65 -9.67
C TRP B 102 32.25 46.07 -9.39
N VAL B 103 32.61 46.02 -8.12
CA VAL B 103 33.83 45.38 -7.65
C VAL B 103 33.46 44.50 -6.46
N PHE B 104 33.73 43.20 -6.58
CA PHE B 104 33.45 42.26 -5.51
C PHE B 104 34.77 41.71 -4.97
N GLY B 105 34.81 41.48 -3.67
CA GLY B 105 36.02 40.98 -3.06
C GLY B 105 35.84 40.77 -1.58
N SER B 106 36.94 40.48 -0.90
CA SER B 106 36.96 40.28 0.54
C SER B 106 37.68 41.40 1.28
N THR B 107 38.93 41.67 0.92
CA THR B 107 39.69 42.77 1.51
C THR B 107 39.85 43.95 0.58
N MET B 108 39.85 43.73 -0.73
CA MET B 108 39.92 44.81 -1.72
C MET B 108 41.16 45.68 -1.51
N ASN B 109 42.28 45.03 -1.16
CA ASN B 109 43.50 45.78 -0.86
C ASN B 109 44.74 45.13 -1.47
N ASN B 110 44.55 44.29 -2.50
CA ASN B 110 45.58 43.59 -3.27
C ASN B 110 46.13 42.37 -2.55
N LYS B 111 45.66 42.07 -1.34
CA LYS B 111 46.06 40.86 -0.63
C LYS B 111 45.07 39.71 -0.85
N SER B 112 44.05 39.92 -1.67
CA SER B 112 43.04 38.91 -1.91
C SER B 112 42.39 39.19 -3.26
N GLN B 113 42.19 38.13 -4.04
CA GLN B 113 41.65 38.29 -5.39
C GLN B 113 40.28 38.96 -5.35
N SER B 114 40.10 39.95 -6.22
CA SER B 114 38.83 40.65 -6.37
C SER B 114 38.47 40.72 -7.84
N VAL B 115 37.17 40.73 -8.12
CA VAL B 115 36.65 40.72 -9.49
C VAL B 115 36.02 42.07 -9.79
N ILE B 116 36.38 42.64 -10.93
CA ILE B 116 35.90 43.94 -11.37
C ILE B 116 35.12 43.74 -12.66
N ILE B 117 33.86 44.19 -12.64
CA ILE B 117 33.00 44.25 -13.82
C ILE B 117 32.83 45.71 -14.19
N MET B 118 33.06 46.05 -15.46
CA MET B 118 32.96 47.44 -15.86
C MET B 118 32.58 47.54 -17.34
N ASN B 119 32.17 48.73 -17.74
CA ASN B 119 31.77 49.03 -19.11
C ASN B 119 32.44 50.34 -19.50
N ASN B 120 32.80 50.47 -20.78
CA ASN B 120 33.55 51.63 -21.25
C ASN B 120 32.84 52.92 -20.86
N LEU B 124 32.08 45.51 -22.52
CA LEU B 124 32.04 44.95 -21.17
C LEU B 124 33.34 44.22 -20.86
N VAL B 125 33.89 44.47 -19.67
CA VAL B 125 35.14 43.88 -19.23
C VAL B 125 34.92 43.27 -17.85
N ILE B 126 35.34 42.02 -17.69
CA ILE B 126 35.31 41.32 -16.40
C ILE B 126 36.70 40.76 -16.16
N ARG B 127 37.34 41.20 -15.07
CA ARG B 127 38.67 40.71 -14.74
C ARG B 127 38.77 40.42 -13.25
N ALA B 128 39.28 39.25 -12.91
CA ALA B 128 39.48 38.85 -11.53
C ALA B 128 40.98 38.84 -11.26
N CYS B 129 41.46 39.79 -10.44
CA CYS B 129 42.88 39.86 -10.11
C CYS B 129 43.05 40.52 -8.75
N ASN B 130 44.31 40.59 -8.32
CA ASN B 130 44.68 41.17 -7.03
C ASN B 130 44.89 42.68 -7.20
N PHE B 131 43.78 43.39 -7.32
CA PHE B 131 43.82 44.82 -7.59
C PHE B 131 44.29 45.59 -6.37
N GLU B 132 44.89 46.76 -6.61
CA GLU B 132 45.31 47.62 -5.51
C GLU B 132 44.11 48.31 -4.87
N LEU B 133 43.19 48.80 -5.69
CA LEU B 133 41.97 49.43 -5.20
C LEU B 133 42.25 50.41 -4.07
N ASN B 156 47.89 47.94 -10.23
CA ASN B 156 48.57 46.87 -10.94
C ASN B 156 47.92 45.53 -10.65
N ALA B 157 47.73 44.69 -11.68
CA ALA B 157 47.05 43.38 -11.54
C ALA B 157 48.08 42.25 -11.52
N PHE B 158 48.07 41.39 -10.49
CA PHE B 158 49.01 40.25 -10.36
C PHE B 158 48.21 39.02 -9.92
N ASN B 159 48.81 37.82 -9.96
CA ASN B 159 48.11 36.56 -9.62
C ASN B 159 46.76 36.60 -10.36
N CYS B 160 46.76 36.97 -11.64
CA CYS B 160 45.51 37.15 -12.42
C CYS B 160 44.92 35.82 -12.88
N THR B 161 43.62 35.63 -12.72
CA THR B 161 42.83 34.48 -13.24
C THR B 161 41.79 34.92 -14.28
N PHE B 162 40.59 34.34 -14.35
CA PHE B 162 39.59 34.56 -15.39
C PHE B 162 39.52 36.00 -15.86
N GLU B 163 39.56 36.16 -17.18
CA GLU B 163 39.42 37.45 -17.84
C GLU B 163 38.43 37.29 -18.97
N TYR B 164 37.67 38.35 -19.25
CA TYR B 164 36.59 38.26 -20.23
C TYR B 164 36.26 39.64 -20.79
N VAL B 165 35.81 39.69 -22.04
CA VAL B 165 35.45 40.95 -22.69
C VAL B 165 34.02 40.87 -23.21
N LEU B 183 14.88 51.93 -15.11
CA LEU B 183 15.09 51.11 -13.92
C LEU B 183 15.95 49.91 -14.25
N ARG B 184 17.07 49.77 -13.52
CA ARG B 184 18.00 48.66 -13.69
C ARG B 184 17.96 47.81 -12.44
N GLU B 185 17.96 46.49 -12.61
CA GLU B 185 17.97 45.55 -11.49
C GLU B 185 18.95 44.44 -11.79
N PHE B 186 19.64 43.97 -10.75
CA PHE B 186 20.58 42.87 -10.87
C PHE B 186 20.52 42.04 -9.60
N VAL B 187 20.84 40.76 -9.73
CA VAL B 187 20.93 39.85 -8.60
C VAL B 187 22.28 39.15 -8.68
N PHE B 188 23.03 39.18 -7.59
CA PHE B 188 24.35 38.56 -7.53
C PHE B 188 24.35 37.48 -6.46
N ARG B 189 24.79 36.28 -6.85
CA ARG B 189 24.90 35.17 -5.92
C ARG B 189 26.25 34.49 -6.14
N ASN B 190 26.75 33.80 -5.11
CA ASN B 190 28.01 33.09 -5.18
C ASN B 190 27.78 31.68 -4.64
N LYS B 191 27.73 30.70 -5.54
CA LYS B 191 27.50 29.31 -5.18
C LYS B 191 28.52 28.42 -5.88
N ASP B 192 29.19 27.57 -5.11
CA ASP B 192 30.14 26.59 -5.64
C ASP B 192 31.22 27.28 -6.47
N GLY B 193 31.63 28.47 -6.03
CA GLY B 193 32.70 29.19 -6.69
C GLY B 193 32.24 29.91 -7.94
N PHE B 194 30.97 29.76 -8.30
CA PHE B 194 30.40 30.42 -9.47
C PHE B 194 29.65 31.67 -9.01
N LEU B 195 29.94 32.78 -9.66
CA LEU B 195 29.22 34.04 -9.44
C LEU B 195 28.09 34.11 -10.46
N HIS B 196 26.86 33.91 -9.99
CA HIS B 196 25.69 34.06 -10.84
C HIS B 196 25.24 35.51 -10.84
N VAL B 197 25.10 36.07 -12.04
CA VAL B 197 24.67 37.45 -12.24
C VAL B 197 23.42 37.41 -13.11
N TYR B 198 22.32 37.90 -12.56
CA TYR B 198 21.04 38.02 -13.26
C TYR B 198 20.74 39.50 -13.46
N SER B 199 20.14 39.84 -14.60
CA SER B 199 19.90 41.24 -14.94
C SER B 199 18.47 41.43 -15.40
N GLY B 200 17.99 42.66 -15.25
CA GLY B 200 16.67 43.04 -15.72
C GLY B 200 16.56 44.54 -15.82
N TYR B 201 15.64 44.99 -16.68
CA TYR B 201 15.48 46.41 -16.92
C TYR B 201 14.02 46.71 -17.22
N GLN B 202 13.54 47.84 -16.72
CA GLN B 202 12.17 48.28 -16.98
C GLN B 202 12.19 49.76 -17.34
N PRO B 203 11.22 50.22 -18.15
CA PRO B 203 11.21 51.62 -18.60
C PRO B 203 10.61 52.57 -17.57
N ILE B 204 11.42 52.94 -16.59
CA ILE B 204 11.01 53.90 -15.57
C ILE B 204 12.18 54.83 -15.27
N PHE B 214 6.36 43.84 -10.86
CA PHE B 214 6.97 42.52 -10.82
C PHE B 214 7.70 42.27 -12.13
N ASN B 215 8.84 41.59 -12.04
CA ASN B 215 9.58 41.19 -13.22
C ASN B 215 10.66 40.18 -12.83
N ALA B 216 10.76 39.09 -13.60
CA ALA B 216 11.75 38.06 -13.34
C ALA B 216 13.05 38.41 -14.06
N LEU B 217 14.17 38.19 -13.36
CA LEU B 217 15.48 38.60 -13.85
C LEU B 217 16.15 37.41 -14.54
N LYS B 218 16.28 37.49 -15.87
CA LYS B 218 16.89 36.43 -16.64
C LYS B 218 18.38 36.34 -16.35
N PRO B 219 18.93 35.13 -16.24
CA PRO B 219 20.37 34.99 -15.95
C PRO B 219 21.21 35.56 -17.07
N ILE B 220 22.33 36.18 -16.67
CA ILE B 220 23.27 36.78 -17.61
C ILE B 220 24.60 36.05 -17.60
N PHE B 221 25.19 35.86 -16.41
CA PHE B 221 26.50 35.23 -16.31
C PHE B 221 26.50 34.18 -15.21
N LYS B 222 27.33 33.16 -15.41
CA LYS B 222 27.73 32.23 -14.37
C LYS B 222 29.26 32.18 -14.44
N LEU B 223 29.90 33.12 -13.78
CA LEU B 223 31.35 33.29 -13.90
C LEU B 223 32.08 32.29 -13.02
N PRO B 224 33.01 31.50 -13.56
CA PRO B 224 33.82 30.59 -12.72
C PRO B 224 34.99 31.29 -12.06
N LEU B 225 34.71 31.97 -10.94
CA LEU B 225 35.71 32.79 -10.27
C LEU B 225 36.39 32.04 -9.12
N GLY B 226 35.61 31.42 -8.25
CA GLY B 226 36.18 30.71 -7.12
C GLY B 226 36.91 31.61 -6.16
N ILE B 227 36.24 32.67 -5.69
CA ILE B 227 36.82 33.58 -4.72
C ILE B 227 35.80 33.83 -3.61
N ASN B 228 36.30 34.21 -2.44
CA ASN B 228 35.46 34.51 -1.29
C ASN B 228 35.04 35.97 -1.32
N ILE B 229 33.74 36.22 -1.39
CA ILE B 229 33.19 37.56 -1.47
C ILE B 229 32.51 37.89 -0.16
N THR B 230 33.01 38.92 0.52
CA THR B 230 32.39 39.42 1.74
C THR B 230 32.12 40.91 1.68
N ASN B 231 32.48 41.58 0.59
CA ASN B 231 32.27 43.01 0.44
C ASN B 231 32.22 43.33 -1.05
N PHE B 232 31.62 44.49 -1.36
CA PHE B 232 31.58 44.95 -2.74
C PHE B 232 31.39 46.45 -2.75
N ARG B 233 31.66 47.04 -3.92
CA ARG B 233 31.54 48.47 -4.13
C ARG B 233 31.06 48.72 -5.55
N THR B 234 30.54 49.92 -5.77
CA THR B 234 30.05 50.33 -7.08
C THR B 234 31.05 51.26 -7.74
N LEU B 235 31.01 51.27 -9.07
CA LEU B 235 31.85 52.12 -9.89
C LEU B 235 30.97 53.13 -10.61
N LEU B 236 31.26 54.41 -10.42
CA LEU B 236 30.45 55.47 -11.00
C LEU B 236 30.99 55.88 -12.37
N ALA B 252 20.88 57.77 -6.68
CA ALA B 252 20.81 56.84 -5.57
C ALA B 252 20.48 55.44 -6.05
N TYR B 253 20.96 54.42 -5.33
CA TYR B 253 20.72 53.04 -5.69
C TYR B 253 20.36 52.24 -4.46
N PHE B 254 19.61 51.16 -4.67
CA PHE B 254 19.03 50.37 -3.60
C PHE B 254 19.71 49.02 -3.52
N VAL B 255 19.95 48.55 -2.29
CA VAL B 255 20.61 47.28 -2.04
C VAL B 255 19.78 46.49 -1.05
N GLY B 256 19.51 45.22 -1.37
CA GLY B 256 18.83 44.34 -0.44
C GLY B 256 19.56 43.02 -0.35
N TYR B 257 19.42 42.37 0.79
CA TYR B 257 20.11 41.13 1.08
C TYR B 257 19.16 39.95 0.95
N LEU B 258 19.58 38.94 0.19
CA LEU B 258 18.79 37.74 0.02
C LEU B 258 18.86 36.87 1.28
N LYS B 259 17.77 36.17 1.55
CA LYS B 259 17.66 35.29 2.70
C LYS B 259 17.13 33.94 2.24
N PRO B 260 17.41 32.87 2.98
CA PRO B 260 16.89 31.55 2.59
C PRO B 260 15.40 31.44 2.81
N THR B 261 14.64 31.20 1.75
CA THR B 261 13.19 31.16 1.81
C THR B 261 12.68 30.27 0.69
N THR B 262 11.42 29.84 0.82
CA THR B 262 10.79 28.99 -0.17
C THR B 262 9.76 29.80 -0.96
N PHE B 263 9.87 29.73 -2.28
CA PHE B 263 8.98 30.43 -3.20
C PHE B 263 8.24 29.42 -4.05
N MET B 264 7.18 29.88 -4.70
CA MET B 264 6.39 29.08 -5.62
C MET B 264 6.18 29.88 -6.89
N LEU B 265 6.87 29.48 -7.96
CA LEU B 265 6.89 30.23 -9.21
C LEU B 265 6.02 29.55 -10.24
N LYS B 266 5.58 30.32 -11.23
CA LYS B 266 4.53 29.86 -12.13
C LYS B 266 5.07 29.33 -13.45
N TYR B 267 6.09 29.96 -14.01
CA TYR B 267 6.62 29.55 -15.30
C TYR B 267 5.53 29.55 -16.36
N GLY B 271 9.16 29.43 -21.35
CA GLY B 271 9.56 29.24 -19.97
C GLY B 271 9.90 30.53 -19.27
N THR B 272 8.92 31.44 -19.20
CA THR B 272 9.10 32.74 -18.58
C THR B 272 8.41 32.76 -17.21
N ILE B 273 9.15 33.15 -16.19
CA ILE B 273 8.61 33.18 -14.84
C ILE B 273 7.55 34.26 -14.75
N THR B 274 6.50 34.00 -13.97
CA THR B 274 5.42 34.96 -13.82
C THR B 274 4.78 34.79 -12.45
N ASP B 275 4.62 35.90 -11.72
CA ASP B 275 3.83 35.93 -10.49
C ASP B 275 4.29 34.87 -9.50
N ALA B 276 5.51 35.04 -9.00
CA ALA B 276 5.97 34.24 -7.87
C ALA B 276 5.35 34.77 -6.57
N VAL B 277 5.19 33.87 -5.60
CA VAL B 277 4.60 34.21 -4.31
C VAL B 277 5.50 33.69 -3.20
N ASP B 278 5.72 34.51 -2.18
CA ASP B 278 6.55 34.15 -1.05
C ASP B 278 5.68 33.55 0.05
N CYS B 279 6.03 32.35 0.50
CA CYS B 279 5.16 31.56 1.36
C CYS B 279 5.25 31.96 2.83
N SER B 280 6.14 32.86 3.21
CA SER B 280 6.41 33.15 4.61
C SER B 280 5.99 34.55 5.04
N GLN B 281 5.11 35.21 4.28
CA GLN B 281 4.75 36.59 4.58
C GLN B 281 3.32 36.78 5.06
N ASN B 282 2.37 36.01 4.54
CA ASN B 282 0.97 36.15 4.92
C ASN B 282 0.35 34.78 5.11
N PRO B 283 -0.72 34.69 5.90
CA PRO B 283 -1.47 33.42 5.94
C PRO B 283 -2.02 33.04 4.57
N LEU B 284 -2.47 34.02 3.78
CA LEU B 284 -2.96 33.71 2.44
C LEU B 284 -1.86 33.14 1.57
N ALA B 285 -0.66 33.73 1.62
CA ALA B 285 0.44 33.20 0.84
C ALA B 285 0.85 31.81 1.32
N GLU B 286 0.83 31.60 2.63
CA GLU B 286 1.14 30.27 3.16
C GLU B 286 0.15 29.24 2.65
N LEU B 287 -1.14 29.57 2.67
CA LEU B 287 -2.15 28.64 2.14
C LEU B 287 -1.95 28.41 0.65
N LYS B 288 -1.65 29.48 -0.09
CA LYS B 288 -1.42 29.34 -1.52
C LYS B 288 -0.26 28.40 -1.80
N CYS B 289 0.81 28.50 -1.02
CA CYS B 289 1.98 27.66 -1.22
C CYS B 289 1.72 26.22 -0.79
N SER B 290 0.95 26.02 0.28
CA SER B 290 0.68 24.67 0.76
C SER B 290 -0.36 23.96 -0.09
N VAL B 291 -1.13 24.70 -0.90
CA VAL B 291 -2.12 24.09 -1.79
C VAL B 291 -1.60 23.94 -3.21
N LYS B 292 -0.48 24.59 -3.55
CA LYS B 292 0.10 24.52 -4.89
C LYS B 292 -0.89 25.02 -5.95
N SER B 293 -1.52 26.16 -5.67
CA SER B 293 -2.41 26.79 -6.62
C SER B 293 -2.53 28.26 -6.28
N PHE B 294 -2.79 29.08 -7.31
CA PHE B 294 -2.95 30.52 -7.09
C PHE B 294 -4.39 30.90 -6.84
N GLU B 295 -5.35 30.18 -7.42
CA GLU B 295 -6.76 30.43 -7.19
C GLU B 295 -7.27 29.43 -6.16
N ILE B 296 -7.86 29.94 -5.08
CA ILE B 296 -8.35 29.13 -3.98
C ILE B 296 -9.85 29.36 -3.85
N ASP B 297 -10.61 28.28 -3.81
CA ASP B 297 -12.05 28.39 -3.64
C ASP B 297 -12.40 28.66 -2.18
N LYS B 298 -13.63 29.12 -1.97
CA LYS B 298 -14.09 29.43 -0.61
C LYS B 298 -13.97 28.19 0.26
N GLY B 299 -13.43 28.37 1.46
CA GLY B 299 -13.36 27.27 2.40
C GLY B 299 -12.24 27.46 3.40
N ILE B 300 -12.08 26.43 4.23
CA ILE B 300 -11.09 26.40 5.31
C ILE B 300 -10.14 25.24 5.05
N TYR B 301 -8.84 25.52 5.03
CA TYR B 301 -7.83 24.52 4.71
C TYR B 301 -6.74 24.51 5.76
N GLN B 302 -6.22 23.32 6.05
CA GLN B 302 -5.04 23.17 6.89
C GLN B 302 -3.80 23.55 6.09
N THR B 303 -2.79 24.06 6.80
CA THR B 303 -1.58 24.56 6.17
C THR B 303 -0.35 24.03 6.89
N SER B 304 0.73 23.82 6.12
CA SER B 304 2.01 23.45 6.71
C SER B 304 2.73 24.70 7.22
N ASN B 305 3.79 24.47 7.99
CA ASN B 305 4.50 25.56 8.65
C ASN B 305 5.51 26.14 7.67
N PHE B 306 5.21 27.32 7.14
CA PHE B 306 6.16 28.15 6.42
C PHE B 306 6.47 29.43 7.16
N ARG B 307 5.83 29.67 8.30
CA ARG B 307 5.90 30.97 8.96
C ARG B 307 7.32 31.29 9.42
N VAL B 308 7.93 30.38 10.17
CA VAL B 308 9.18 30.66 10.87
C VAL B 308 10.17 29.54 10.60
N ALA B 309 11.42 29.91 10.36
CA ALA B 309 12.52 28.97 10.23
C ALA B 309 13.67 29.44 11.10
N PRO B 310 14.47 28.50 11.62
CA PRO B 310 15.58 28.90 12.50
C PRO B 310 16.63 29.70 11.75
N SER B 311 17.24 30.64 12.47
CA SER B 311 18.31 31.47 11.93
C SER B 311 19.62 31.30 12.69
N LYS B 312 19.58 31.34 14.02
CA LYS B 312 20.77 31.20 14.83
C LYS B 312 21.04 29.71 15.12
N GLU B 313 22.19 29.45 15.74
CA GLU B 313 22.57 28.11 16.14
C GLU B 313 23.05 28.16 17.58
N VAL B 314 22.81 27.08 18.32
CA VAL B 314 23.15 26.98 19.74
C VAL B 314 24.00 25.74 19.91
N VAL B 315 25.33 25.91 19.85
CA VAL B 315 26.28 24.81 19.98
C VAL B 315 26.75 24.75 21.42
N ARG B 316 26.63 23.58 22.05
CA ARG B 316 27.01 23.40 23.44
C ARG B 316 27.85 22.13 23.56
N PHE B 317 29.11 22.29 23.93
CA PHE B 317 30.07 21.21 24.08
C PHE B 317 30.58 21.21 25.52
N PRO B 318 31.12 20.09 25.99
CA PRO B 318 31.59 20.04 27.38
C PRO B 318 32.85 20.85 27.56
N ASN B 319 33.17 21.11 28.83
CA ASN B 319 34.29 21.97 29.19
C ASN B 319 35.59 21.16 29.16
N ILE B 320 36.09 20.93 27.94
CA ILE B 320 37.33 20.21 27.71
C ILE B 320 38.25 21.10 26.89
N THR B 321 39.49 21.26 27.33
CA THR B 321 40.47 22.09 26.65
C THR B 321 41.73 21.34 26.23
N ASN B 322 42.06 20.23 26.87
CA ASN B 322 43.26 19.49 26.53
C ASN B 322 43.16 18.93 25.12
N LEU B 323 44.30 18.88 24.43
CA LEU B 323 44.39 18.35 23.09
C LEU B 323 44.93 16.92 23.14
N CYS B 324 44.32 16.04 22.35
CA CYS B 324 44.74 14.64 22.38
C CYS B 324 46.19 14.53 21.93
N PRO B 325 46.97 13.62 22.49
CA PRO B 325 48.39 13.51 22.12
C PRO B 325 48.62 12.67 20.88
N PHE B 326 47.97 13.08 19.78
CA PHE B 326 48.12 12.35 18.53
C PHE B 326 49.57 12.40 18.04
N GLY B 327 50.21 13.56 18.16
CA GLY B 327 51.57 13.68 17.69
C GLY B 327 52.53 12.74 18.39
N GLU B 328 52.42 12.65 19.71
CA GLU B 328 53.30 11.75 20.46
C GLU B 328 53.03 10.29 20.10
N VAL B 329 51.75 9.92 20.02
CA VAL B 329 51.41 8.52 19.77
C VAL B 329 51.85 8.09 18.38
N PHE B 330 51.55 8.90 17.36
CA PHE B 330 51.92 8.55 16.00
C PHE B 330 53.42 8.67 15.77
N ASN B 331 54.15 9.31 16.68
CA ASN B 331 55.59 9.50 16.54
C ASN B 331 56.39 8.58 17.45
N ALA B 332 55.75 7.61 18.09
CA ALA B 332 56.46 6.72 19.00
C ALA B 332 57.54 5.95 18.25
N THR B 333 58.66 5.70 18.93
CA THR B 333 59.81 5.08 18.27
C THR B 333 59.56 3.61 17.96
N THR B 334 58.72 2.95 18.75
CA THR B 334 58.40 1.54 18.54
C THR B 334 56.90 1.33 18.51
N PHE B 335 56.46 0.42 17.64
CA PHE B 335 55.07 0.01 17.54
C PHE B 335 54.98 -1.49 17.73
N PRO B 336 53.87 -1.99 18.29
CA PRO B 336 53.75 -3.43 18.53
C PRO B 336 53.59 -4.21 17.24
N SER B 337 53.97 -5.48 17.30
CA SER B 337 53.72 -6.37 16.19
C SER B 337 52.21 -6.57 16.02
N VAL B 338 51.81 -6.94 14.79
CA VAL B 338 50.38 -7.06 14.51
C VAL B 338 49.77 -8.15 15.38
N TYR B 339 50.53 -9.21 15.66
CA TYR B 339 50.01 -10.30 16.49
C TYR B 339 49.88 -9.91 17.95
N ALA B 340 50.56 -8.85 18.39
CA ALA B 340 50.50 -8.36 19.76
C ALA B 340 50.04 -6.91 19.79
N TRP B 341 49.05 -6.58 18.97
CA TRP B 341 48.57 -5.21 18.89
C TRP B 341 48.11 -4.72 20.25
N GLU B 342 48.44 -3.48 20.57
CA GLU B 342 48.09 -2.88 21.84
C GLU B 342 46.76 -2.15 21.75
N ARG B 343 46.32 -1.62 22.88
CA ARG B 343 45.08 -0.86 22.96
C ARG B 343 45.25 0.26 23.98
N LYS B 344 44.73 1.44 23.65
CA LYS B 344 44.78 2.59 24.53
C LYS B 344 43.39 3.21 24.59
N ARG B 345 43.03 3.75 25.73
CA ARG B 345 41.76 4.46 25.91
C ARG B 345 42.06 5.95 25.87
N ILE B 346 41.53 6.64 24.86
CA ILE B 346 41.71 8.08 24.74
C ILE B 346 40.51 8.77 25.37
N SER B 347 40.77 9.71 26.28
CA SER B 347 39.69 10.33 27.03
C SER B 347 40.10 11.73 27.46
N ASN B 348 39.09 12.57 27.71
CA ASN B 348 39.28 13.90 28.26
C ASN B 348 40.25 14.72 27.41
N CYS B 349 40.06 14.66 26.09
CA CYS B 349 40.89 15.41 25.18
C CYS B 349 40.08 15.77 23.94
N VAL B 350 40.52 16.80 23.23
CA VAL B 350 39.84 17.27 22.04
C VAL B 350 40.56 16.72 20.81
N ALA B 351 39.81 16.00 19.97
CA ALA B 351 40.39 15.34 18.80
C ALA B 351 40.47 16.36 17.67
N ASP B 352 41.66 16.89 17.44
CA ASP B 352 41.92 17.86 16.39
C ASP B 352 42.94 17.26 15.44
N TYR B 353 42.47 16.76 14.29
CA TYR B 353 43.39 16.22 13.29
C TYR B 353 44.06 17.31 12.47
N SER B 354 43.53 18.54 12.51
CA SER B 354 44.12 19.61 11.71
C SER B 354 45.56 19.88 12.11
N VAL B 355 45.84 19.89 13.42
CA VAL B 355 47.20 20.10 13.89
C VAL B 355 48.15 19.07 13.30
N LEU B 356 47.64 17.97 12.77
CA LEU B 356 48.45 16.89 12.24
C LEU B 356 48.71 17.01 10.75
N TYR B 357 48.14 18.02 10.07
CA TYR B 357 48.41 18.18 8.64
C TYR B 357 49.87 18.51 8.36
N ASN B 358 50.60 18.99 9.36
CA ASN B 358 52.00 19.32 9.17
C ASN B 358 52.85 18.07 8.91
N SER B 359 52.33 16.88 9.18
CA SER B 359 53.04 15.63 8.95
C SER B 359 52.03 14.52 8.78
N THR B 360 52.50 13.27 8.78
CA THR B 360 51.63 12.09 8.82
C THR B 360 50.63 12.13 7.66
N SER B 361 51.18 11.97 6.46
CA SER B 361 50.39 12.05 5.23
C SER B 361 49.13 11.19 5.28
N PHE B 362 49.08 10.15 6.10
CA PHE B 362 47.89 9.33 6.27
C PHE B 362 47.45 8.72 4.93
N SER B 363 48.28 7.80 4.45
CA SER B 363 47.99 7.10 3.21
C SER B 363 46.64 6.41 3.19
N THR B 364 45.96 6.29 4.33
CA THR B 364 44.63 5.69 4.38
C THR B 364 43.85 6.29 5.54
N PHE B 365 42.65 6.77 5.27
CA PHE B 365 41.78 7.33 6.29
C PHE B 365 40.34 6.87 6.10
N LYS B 366 40.15 5.58 5.84
CA LYS B 366 38.80 5.04 5.75
C LYS B 366 38.09 5.18 7.08
N CYS B 367 36.82 5.53 7.06
CA CYS B 367 36.05 5.78 8.27
C CYS B 367 34.69 5.13 8.14
N TYR B 368 34.34 4.29 9.11
CA TYR B 368 33.15 3.47 9.06
C TYR B 368 32.14 3.94 10.11
N GLY B 369 30.88 4.01 9.72
CA GLY B 369 29.84 4.46 10.63
C GLY B 369 29.72 5.96 10.66
N VAL B 370 30.80 6.62 11.08
CA VAL B 370 30.84 8.08 11.11
C VAL B 370 31.57 8.57 9.86
N SER B 371 31.36 9.83 9.49
CA SER B 371 32.01 10.44 8.35
C SER B 371 33.10 11.38 8.82
N ALA B 372 34.26 11.34 8.16
CA ALA B 372 35.40 12.11 8.60
C ALA B 372 35.07 13.59 8.73
N THR B 373 34.31 14.13 7.78
CA THR B 373 33.97 15.55 7.82
C THR B 373 33.23 15.91 9.10
N LYS B 374 32.45 14.97 9.65
CA LYS B 374 31.70 15.23 10.86
C LYS B 374 32.54 15.06 12.12
N LEU B 375 33.74 14.51 12.01
CA LEU B 375 34.52 14.25 13.22
C LEU B 375 34.92 15.52 13.95
N ASN B 376 34.78 16.67 13.30
CA ASN B 376 35.09 17.95 13.95
C ASN B 376 33.91 18.52 14.71
N ASP B 377 32.73 17.91 14.62
CA ASP B 377 31.56 18.37 15.36
C ASP B 377 30.83 17.19 15.96
N LEU B 378 31.57 16.25 16.55
CA LEU B 378 31.00 15.11 17.24
C LEU B 378 31.69 14.91 18.58
N CYS B 379 30.95 14.33 19.52
CA CYS B 379 31.49 13.97 20.82
C CYS B 379 31.22 12.49 21.06
N PHE B 380 32.25 11.76 21.48
CA PHE B 380 32.15 10.32 21.71
C PHE B 380 32.25 10.03 23.19
N SER B 381 31.54 9.00 23.64
CA SER B 381 31.60 8.59 25.03
C SER B 381 32.79 7.71 25.34
N ASN B 382 33.46 7.18 24.31
CA ASN B 382 34.59 6.28 24.51
C ASN B 382 35.36 6.09 23.21
N VAL B 383 36.69 6.25 23.25
CA VAL B 383 37.54 6.10 22.08
C VAL B 383 38.66 5.14 22.42
N TYR B 384 38.83 4.12 21.60
CA TYR B 384 39.88 3.10 21.77
C TYR B 384 40.78 3.13 20.55
N ALA B 385 42.09 3.26 20.79
CA ALA B 385 43.08 3.28 19.71
C ALA B 385 43.93 2.02 19.78
N ASP B 386 43.89 1.22 18.72
CA ASP B 386 44.67 -0.01 18.62
C ASP B 386 45.72 0.17 17.54
N SER B 387 46.98 0.02 17.90
CA SER B 387 48.10 0.35 17.02
C SER B 387 48.93 -0.89 16.73
N PHE B 388 49.48 -0.95 15.52
CA PHE B 388 50.35 -2.06 15.12
C PHE B 388 51.02 -1.70 13.80
N VAL B 389 51.78 -2.65 13.26
CA VAL B 389 52.53 -2.46 12.02
C VAL B 389 52.28 -3.65 11.11
N VAL B 390 52.06 -3.38 9.83
CA VAL B 390 51.76 -4.42 8.84
C VAL B 390 52.48 -4.10 7.53
N LYS B 391 52.30 -4.99 6.57
CA LYS B 391 52.82 -4.79 5.22
C LYS B 391 52.02 -3.72 4.49
N GLY B 392 52.58 -3.25 3.38
CA GLY B 392 51.82 -2.38 2.50
C GLY B 392 50.62 -3.08 1.89
N ASP B 393 50.78 -4.35 1.53
CA ASP B 393 49.70 -5.11 0.93
C ASP B 393 48.71 -5.64 1.97
N ASP B 394 49.07 -5.60 3.25
CA ASP B 394 48.20 -6.08 4.32
C ASP B 394 47.29 -5.00 4.87
N VAL B 395 47.48 -3.74 4.48
CA VAL B 395 46.61 -2.67 4.96
C VAL B 395 45.19 -2.88 4.46
N ARG B 396 45.05 -3.42 3.24
CA ARG B 396 43.72 -3.66 2.71
C ARG B 396 42.91 -4.58 3.61
N GLN B 397 43.59 -5.44 4.37
CA GLN B 397 42.89 -6.42 5.19
C GLN B 397 42.30 -5.82 6.45
N ILE B 398 42.69 -4.60 6.82
CA ILE B 398 42.19 -3.98 8.06
C ILE B 398 40.90 -3.26 7.67
N ALA B 399 39.81 -4.02 7.71
CA ALA B 399 38.47 -3.52 7.43
C ALA B 399 37.47 -4.63 7.67
N PRO B 400 36.24 -4.32 8.07
CA PRO B 400 35.27 -5.39 8.33
C PRO B 400 34.96 -6.19 7.07
N GLY B 401 34.91 -7.51 7.23
CA GLY B 401 34.54 -8.40 6.14
C GLY B 401 35.70 -8.93 5.33
N GLN B 402 36.89 -8.34 5.44
CA GLN B 402 38.03 -8.83 4.68
C GLN B 402 38.56 -10.13 5.29
N THR B 403 39.24 -10.91 4.45
CA THR B 403 39.82 -12.17 4.87
C THR B 403 41.27 -12.24 4.43
N GLY B 404 42.07 -12.95 5.21
CA GLY B 404 43.49 -13.07 4.96
C GLY B 404 44.19 -13.41 6.26
N VAL B 405 45.52 -13.44 6.18
CA VAL B 405 46.31 -13.80 7.36
C VAL B 405 46.06 -12.78 8.47
N ILE B 406 46.14 -11.50 8.15
CA ILE B 406 45.97 -10.47 9.18
C ILE B 406 44.54 -10.48 9.71
N ALA B 407 43.56 -10.59 8.82
CA ALA B 407 42.17 -10.47 9.25
C ALA B 407 41.78 -11.57 10.22
N ASP B 408 42.17 -12.82 9.94
CA ASP B 408 41.63 -13.95 10.69
C ASP B 408 42.63 -14.60 11.65
N TYR B 409 43.91 -14.26 11.58
CA TYR B 409 44.90 -14.85 12.47
C TYR B 409 45.55 -13.85 13.41
N ASN B 410 45.60 -12.56 13.05
CA ASN B 410 46.30 -11.56 13.84
C ASN B 410 45.39 -10.49 14.40
N TYR B 411 44.59 -9.83 13.54
CA TYR B 411 43.73 -8.75 13.99
C TYR B 411 42.42 -8.83 13.20
N LYS B 412 41.31 -8.98 13.91
CA LYS B 412 39.99 -9.06 13.30
C LYS B 412 39.13 -7.90 13.75
N LEU B 413 38.35 -7.35 12.82
CA LEU B 413 37.48 -6.21 13.10
C LEU B 413 36.02 -6.66 13.13
N PRO B 414 35.18 -6.07 13.99
CA PRO B 414 33.77 -6.46 14.02
C PRO B 414 33.06 -6.07 12.75
N ASP B 415 32.01 -6.84 12.43
CA ASP B 415 31.18 -6.51 11.27
C ASP B 415 30.38 -5.22 11.49
N ASP B 416 30.20 -4.80 12.74
CA ASP B 416 29.48 -3.58 13.07
C ASP B 416 30.45 -2.47 13.46
N PHE B 417 31.59 -2.40 12.79
CA PHE B 417 32.62 -1.44 13.15
C PHE B 417 32.07 -0.02 13.06
N LEU B 418 32.30 0.76 14.11
CA LEU B 418 31.92 2.16 14.18
C LEU B 418 33.19 2.92 14.60
N GLY B 419 33.90 3.45 13.62
CA GLY B 419 35.15 4.14 13.90
C GLY B 419 35.90 4.55 12.65
N CYS B 420 37.22 4.44 12.71
CA CYS B 420 38.06 4.96 11.64
C CYS B 420 39.36 4.15 11.65
N VAL B 421 40.06 4.14 10.53
CA VAL B 421 41.35 3.46 10.40
C VAL B 421 42.33 4.42 9.73
N LEU B 422 43.54 4.49 10.28
CA LEU B 422 44.59 5.37 9.78
C LEU B 422 45.82 4.53 9.51
N ALA B 423 46.48 4.76 8.38
CA ALA B 423 47.67 4.01 8.04
C ALA B 423 48.65 4.92 7.32
N TRP B 424 49.92 4.86 7.71
CA TRP B 424 50.94 5.69 7.07
C TRP B 424 52.25 4.92 6.97
N ASN B 425 52.96 5.14 5.87
CA ASN B 425 54.23 4.48 5.65
C ASN B 425 55.28 5.00 6.61
N THR B 426 56.17 4.11 7.04
CA THR B 426 57.31 4.48 7.87
C THR B 426 58.57 3.76 7.38
N ASN B 427 58.77 3.74 6.06
CA ASN B 427 59.92 3.02 5.50
C ASN B 427 61.24 3.59 5.98
N SER B 428 61.28 4.86 6.38
CA SER B 428 62.50 5.46 6.89
C SER B 428 62.69 5.28 8.38
N LYS B 429 61.71 4.69 9.06
CA LYS B 429 61.73 4.55 10.51
C LYS B 429 61.67 3.09 10.95
N ASP B 430 60.77 2.30 10.38
CA ASP B 430 60.57 0.92 10.77
C ASP B 430 61.33 -0.07 9.90
N SER B 431 62.21 0.41 9.03
CA SER B 431 62.94 -0.46 8.11
C SER B 431 64.43 -0.11 8.16
N SER B 432 65.24 -1.03 7.64
CA SER B 432 66.68 -0.87 7.63
C SER B 432 67.26 -1.60 6.43
N THR B 433 68.48 -1.21 6.05
CA THR B 433 69.13 -1.84 4.90
C THR B 433 69.36 -3.33 5.14
N SER B 434 69.86 -3.69 6.31
CA SER B 434 70.12 -5.08 6.63
C SER B 434 68.84 -5.86 6.92
N GLY B 435 67.71 -5.18 7.10
CA GLY B 435 66.46 -5.83 7.40
C GLY B 435 66.05 -5.69 8.85
N ASN B 436 64.81 -5.25 9.08
CA ASN B 436 64.29 -5.09 10.43
C ASN B 436 63.31 -6.24 10.70
N TYR B 437 63.77 -7.23 11.46
CA TYR B 437 63.00 -8.44 11.69
C TYR B 437 62.24 -8.42 13.02
N ASN B 438 62.22 -7.29 13.71
CA ASN B 438 61.55 -7.20 15.00
C ASN B 438 60.03 -7.25 14.89
N TYR B 439 59.49 -7.14 13.68
CA TYR B 439 58.04 -7.17 13.46
C TYR B 439 57.65 -8.53 12.91
N LEU B 440 56.70 -9.19 13.58
CA LEU B 440 56.31 -10.55 13.25
C LEU B 440 54.80 -10.63 13.08
N TYR B 441 54.35 -11.74 12.51
CA TYR B 441 52.92 -12.00 12.36
C TYR B 441 52.68 -13.50 12.41
N ARG B 442 51.47 -13.87 12.79
CA ARG B 442 51.07 -15.26 12.94
C ARG B 442 50.41 -15.73 11.66
N TRP B 443 50.89 -16.85 11.11
CA TRP B 443 50.40 -17.36 9.83
C TRP B 443 49.71 -18.71 9.93
N VAL B 444 49.62 -19.30 11.11
CA VAL B 444 48.90 -20.56 11.30
C VAL B 444 48.10 -20.48 12.60
N ARG B 445 46.87 -20.99 12.54
CA ARG B 445 45.99 -21.04 13.70
C ARG B 445 44.85 -21.98 13.37
N ARG B 446 44.52 -22.85 14.32
CA ARG B 446 43.50 -23.87 14.06
C ARG B 446 42.15 -23.23 13.73
N SER B 447 41.84 -22.10 14.36
CA SER B 447 40.58 -21.40 14.15
C SER B 447 40.84 -19.91 13.99
N LYS B 448 39.91 -19.23 13.34
CA LYS B 448 40.05 -17.79 13.12
C LYS B 448 39.72 -17.01 14.39
N LEU B 449 40.39 -15.88 14.56
CA LEU B 449 40.14 -15.02 15.71
C LEU B 449 38.75 -14.44 15.66
N ASN B 450 38.11 -14.33 16.82
CA ASN B 450 36.89 -13.57 16.93
C ASN B 450 37.22 -12.08 16.91
N PRO B 451 36.24 -11.23 16.60
CA PRO B 451 36.55 -9.80 16.47
C PRO B 451 37.19 -9.25 17.74
N TYR B 452 38.21 -8.42 17.55
CA TYR B 452 38.91 -7.76 18.66
C TYR B 452 39.46 -8.78 19.64
N GLU B 453 40.26 -9.71 19.11
CA GLU B 453 40.85 -10.77 19.93
C GLU B 453 42.36 -10.78 19.73
N ARG B 454 43.07 -11.28 20.74
CA ARG B 454 44.52 -11.32 20.75
C ARG B 454 44.98 -12.75 20.99
N ASP B 455 46.13 -13.11 20.41
CA ASP B 455 46.62 -14.48 20.42
C ASP B 455 48.09 -14.54 20.79
N LEU B 456 48.46 -13.91 21.91
CA LEU B 456 49.85 -13.97 22.35
C LEU B 456 50.21 -15.38 22.80
N SER B 457 50.88 -16.13 21.92
CA SER B 457 51.33 -17.48 22.23
C SER B 457 52.30 -17.91 21.14
N ASN B 458 53.32 -18.65 21.53
CA ASN B 458 54.37 -19.06 20.60
C ASN B 458 54.60 -20.57 20.66
N ASP B 459 53.55 -21.33 20.98
CA ASP B 459 53.67 -22.77 21.01
C ASP B 459 53.84 -23.33 19.61
N ILE B 460 54.61 -24.42 19.49
CA ILE B 460 54.87 -25.00 18.18
C ILE B 460 53.59 -25.59 17.62
N TYR B 461 53.42 -25.45 16.30
CA TYR B 461 52.19 -25.85 15.62
C TYR B 461 52.43 -27.10 14.79
N SER B 462 51.43 -27.98 14.79
CA SER B 462 51.47 -29.23 14.02
C SER B 462 50.16 -29.41 13.27
N PRO B 463 50.18 -29.47 11.94
CA PRO B 463 48.89 -29.61 11.22
C PRO B 463 48.10 -30.84 11.62
N GLY B 464 48.76 -31.95 11.92
CA GLY B 464 48.11 -33.19 12.24
C GLY B 464 47.78 -33.38 13.70
N GLY B 465 47.94 -32.35 14.53
CA GLY B 465 47.68 -32.48 15.95
C GLY B 465 48.63 -33.44 16.64
N GLN B 466 49.88 -33.48 16.20
CA GLN B 466 50.89 -34.33 16.83
C GLN B 466 51.64 -33.54 17.90
N SER B 467 52.44 -34.25 18.69
CA SER B 467 53.20 -33.65 19.79
C SER B 467 54.54 -33.16 19.25
N CYS B 468 54.52 -31.95 18.71
CA CYS B 468 55.74 -31.34 18.21
C CYS B 468 56.66 -30.97 19.37
N SER B 469 57.97 -30.99 19.11
CA SER B 469 58.97 -30.61 20.09
C SER B 469 59.95 -29.56 19.58
N ALA B 470 60.24 -29.54 18.28
CA ALA B 470 61.16 -28.57 17.71
C ALA B 470 60.79 -28.33 16.26
N VAL B 471 61.23 -27.18 15.73
CA VAL B 471 60.95 -26.85 14.34
C VAL B 471 61.49 -27.95 13.43
N GLY B 472 60.70 -28.30 12.42
CA GLY B 472 61.06 -29.33 11.49
C GLY B 472 59.89 -29.73 10.62
N PRO B 473 59.93 -30.95 10.08
CA PRO B 473 58.79 -31.42 9.28
C PRO B 473 57.52 -31.52 10.11
N ASN B 474 56.46 -30.87 9.63
CA ASN B 474 55.17 -30.85 10.31
C ASN B 474 55.29 -30.23 11.70
N CYS B 475 56.26 -29.34 11.88
CA CYS B 475 56.42 -28.61 13.15
C CYS B 475 56.89 -27.20 12.78
N TYR B 476 55.95 -26.28 12.65
CA TYR B 476 56.24 -24.91 12.21
C TYR B 476 56.11 -23.94 13.37
N ASN B 477 56.91 -22.89 13.31
CA ASN B 477 56.80 -21.80 14.27
C ASN B 477 55.69 -20.84 13.81
N PRO B 478 54.61 -20.67 14.57
CA PRO B 478 53.50 -19.86 14.05
C PRO B 478 53.86 -18.41 13.77
N LEU B 479 54.86 -17.86 14.43
CA LEU B 479 55.27 -16.47 14.22
C LEU B 479 56.35 -16.43 13.14
N ARG B 480 56.18 -15.53 12.18
CA ARG B 480 57.11 -15.37 11.08
C ARG B 480 57.41 -13.89 10.94
N PRO B 481 58.68 -13.50 10.77
CA PRO B 481 59.01 -12.07 10.70
C PRO B 481 58.64 -11.47 9.35
N TYR B 482 58.52 -10.15 9.34
CA TYR B 482 58.16 -9.45 8.10
C TYR B 482 59.38 -9.26 7.22
N GLY B 483 60.50 -8.84 7.80
CA GLY B 483 61.71 -8.60 7.03
C GLY B 483 61.61 -7.36 6.18
N PHE B 484 61.52 -6.20 6.83
CA PHE B 484 61.35 -4.94 6.12
C PHE B 484 62.69 -4.43 5.62
N PHE B 485 62.77 -4.15 4.32
CA PHE B 485 63.98 -3.64 3.69
C PHE B 485 63.71 -2.25 3.13
N THR B 486 64.74 -1.40 3.15
CA THR B 486 64.56 -0.03 2.69
C THR B 486 64.23 0.02 1.20
N THR B 487 64.83 -0.87 0.42
CA THR B 487 64.70 -0.85 -1.03
C THR B 487 63.53 -1.69 -1.54
N ALA B 488 62.79 -2.35 -0.66
CA ALA B 488 61.70 -3.22 -1.10
C ALA B 488 60.55 -2.40 -1.67
N GLY B 489 59.75 -3.06 -2.50
CA GLY B 489 58.62 -2.37 -3.11
C GLY B 489 57.58 -1.96 -2.09
N VAL B 490 56.68 -1.07 -2.53
CA VAL B 490 55.73 -0.46 -1.60
C VAL B 490 54.93 -1.52 -0.88
N GLY B 491 54.67 -2.65 -1.54
CA GLY B 491 53.97 -3.72 -0.87
C GLY B 491 54.71 -4.23 0.35
N HIS B 492 56.03 -4.44 0.22
CA HIS B 492 56.85 -4.94 1.31
C HIS B 492 57.53 -3.80 2.06
N GLN B 493 56.71 -2.89 2.59
CA GLN B 493 57.20 -1.77 3.38
C GLN B 493 56.29 -1.60 4.59
N PRO B 494 56.84 -1.13 5.71
CA PRO B 494 56.04 -1.02 6.93
C PRO B 494 54.98 0.07 6.81
N TYR B 495 53.79 -0.23 7.32
CA TYR B 495 52.70 0.75 7.32
C TYR B 495 52.10 0.75 8.72
N ARG B 496 52.50 1.74 9.51
CA ARG B 496 51.95 1.88 10.85
C ARG B 496 50.44 2.12 10.75
N VAL B 497 49.67 1.34 11.50
CA VAL B 497 48.21 1.37 11.45
C VAL B 497 47.68 1.66 12.85
N VAL B 498 46.72 2.56 12.93
CA VAL B 498 46.02 2.90 14.16
C VAL B 498 44.53 2.87 13.87
N VAL B 499 43.80 2.04 14.61
CA VAL B 499 42.37 1.86 14.44
C VAL B 499 41.67 2.52 15.63
N LEU B 500 40.78 3.47 15.34
CA LEU B 500 40.02 4.17 16.36
C LEU B 500 38.61 3.62 16.38
N SER B 501 38.15 3.22 17.56
CA SER B 501 36.81 2.70 17.78
C SER B 501 36.06 3.67 18.68
N PHE B 502 34.90 4.11 18.23
CA PHE B 502 34.12 5.12 18.93
C PHE B 502 32.84 4.53 19.50
N GLU B 503 32.40 5.07 20.62
CA GLU B 503 31.13 4.70 21.23
C GLU B 503 30.27 5.94 21.40
N LEU B 504 29.16 6.01 20.67
CA LEU B 504 28.23 7.13 20.76
C LEU B 504 27.06 6.76 21.66
N LEU B 505 27.28 6.73 22.97
CA LEU B 505 26.29 6.27 23.93
C LEU B 505 25.65 7.45 24.65
N ASN B 506 24.51 7.16 25.28
CA ASN B 506 23.82 8.14 26.13
C ASN B 506 24.53 8.21 27.49
N ALA B 507 25.80 8.59 27.44
CA ALA B 507 26.70 8.65 28.57
C ALA B 507 27.55 9.90 28.46
N PRO B 508 28.17 10.33 29.55
CA PRO B 508 28.94 11.59 29.49
C PRO B 508 30.02 11.52 28.41
N ALA B 509 30.15 12.63 27.68
CA ALA B 509 31.12 12.70 26.60
C ALA B 509 32.53 12.78 27.16
N THR B 510 33.46 12.12 26.48
CA THR B 510 34.87 12.12 26.88
C THR B 510 35.78 12.73 25.83
N VAL B 511 35.54 12.45 24.55
CA VAL B 511 36.33 12.99 23.45
C VAL B 511 35.41 13.83 22.58
N CYS B 512 35.81 15.07 22.32
CA CYS B 512 34.98 16.03 21.61
C CYS B 512 35.80 16.73 20.54
N GLY B 513 35.09 17.30 19.57
CA GLY B 513 35.73 18.03 18.49
C GLY B 513 36.19 19.40 18.93
N PRO B 514 36.94 20.07 18.06
CA PRO B 514 37.49 21.39 18.38
C PRO B 514 36.51 22.52 18.07
N LYS B 515 35.28 22.38 18.57
CA LYS B 515 34.23 23.36 18.36
C LYS B 515 34.09 24.24 19.59
N LEU B 516 33.54 25.44 19.38
CA LEU B 516 33.36 26.43 20.43
C LEU B 516 31.90 26.51 20.81
N SER B 517 31.63 26.45 22.11
CA SER B 517 30.26 26.51 22.59
C SER B 517 29.69 27.92 22.42
N THR B 518 28.36 27.99 22.31
CA THR B 518 27.65 29.25 22.17
C THR B 518 26.71 29.44 23.36
N ASP B 519 26.22 30.66 23.52
CA ASP B 519 25.30 30.96 24.61
C ASP B 519 23.97 30.23 24.38
N LEU B 520 23.22 30.09 25.46
CA LEU B 520 21.93 29.41 25.42
C LEU B 520 20.84 30.37 24.99
N ILE B 521 20.04 29.94 24.00
CA ILE B 521 18.92 30.72 23.48
C ILE B 521 17.65 29.92 23.74
N LYS B 522 16.69 30.54 24.41
CA LYS B 522 15.48 29.86 24.85
C LYS B 522 14.25 30.53 24.24
N ASN B 523 13.20 29.72 24.06
CA ASN B 523 11.92 30.20 23.54
C ASN B 523 12.06 30.74 22.11
N GLN B 524 12.96 30.15 21.34
CA GLN B 524 13.12 30.49 19.93
C GLN B 524 13.34 29.22 19.13
N CYS B 525 12.75 29.16 17.95
CA CYS B 525 12.97 28.03 17.05
C CYS B 525 14.38 28.12 16.50
N VAL B 526 15.32 27.45 17.15
CA VAL B 526 16.74 27.65 16.87
C VAL B 526 17.42 26.29 16.73
N ASN B 527 18.30 26.17 15.75
CA ASN B 527 19.13 24.99 15.62
C ASN B 527 20.08 24.88 16.80
N PHE B 528 20.34 23.64 17.21
CA PHE B 528 21.19 23.40 18.37
C PHE B 528 22.08 22.20 18.10
N ASN B 529 23.19 22.15 18.82
CA ASN B 529 24.17 21.07 18.74
C ASN B 529 24.66 20.79 20.16
N PHE B 530 24.05 19.80 20.80
CA PHE B 530 24.37 19.42 22.17
C PHE B 530 25.19 18.13 22.15
N ASN B 531 26.51 18.27 22.28
CA ASN B 531 27.41 17.13 22.37
C ASN B 531 27.26 16.19 21.17
N GLY B 532 26.98 16.75 19.99
CA GLY B 532 26.79 15.96 18.79
C GLY B 532 25.34 15.76 18.41
N LEU B 533 24.41 15.95 19.34
CA LEU B 533 22.97 15.91 19.02
C LEU B 533 22.63 17.22 18.30
N THR B 534 22.53 17.15 16.99
CA THR B 534 22.13 18.29 16.18
C THR B 534 20.65 18.22 15.91
N GLY B 535 19.94 19.32 16.14
CA GLY B 535 18.51 19.30 15.95
C GLY B 535 17.95 20.70 15.81
N THR B 536 16.64 20.76 15.63
CA THR B 536 15.89 22.00 15.53
C THR B 536 14.74 21.95 16.52
N GLY B 537 14.62 22.99 17.35
CA GLY B 537 13.57 23.00 18.35
C GLY B 537 13.57 24.30 19.12
N VAL B 538 12.80 24.30 20.20
CA VAL B 538 12.66 25.45 21.08
C VAL B 538 13.12 25.01 22.47
N LEU B 539 14.30 25.47 22.89
CA LEU B 539 14.83 25.09 24.18
C LEU B 539 14.13 25.86 25.30
N THR B 540 13.66 25.14 26.32
CA THR B 540 13.06 25.76 27.49
C THR B 540 13.46 24.97 28.73
N PRO B 541 13.43 25.60 29.91
CA PRO B 541 13.76 24.87 31.13
C PRO B 541 12.74 23.77 31.41
N SER B 542 13.20 22.72 32.07
CA SER B 542 12.37 21.54 32.31
C SER B 542 12.60 21.03 33.72
N SER B 543 11.61 20.30 34.23
CA SER B 543 11.68 19.67 35.53
C SER B 543 11.79 18.15 35.45
N LYS B 544 12.21 17.63 34.30
CA LYS B 544 12.29 16.19 34.12
C LYS B 544 13.32 15.59 35.05
N ARG B 545 13.09 14.35 35.46
CA ARG B 545 14.01 13.61 36.31
C ARG B 545 15.01 12.88 35.43
N PHE B 546 16.28 13.23 35.53
CA PHE B 546 17.34 12.62 34.75
C PHE B 546 18.26 11.80 35.66
N GLN B 547 18.75 10.68 35.12
CA GLN B 547 19.71 9.86 35.85
C GLN B 547 21.04 10.58 35.93
N PRO B 548 21.90 10.19 36.88
CA PRO B 548 23.16 10.92 37.06
C PRO B 548 24.02 10.99 35.80
N PHE B 549 24.02 9.95 34.97
CA PHE B 549 24.84 9.89 33.78
C PHE B 549 24.08 10.23 32.51
N GLN B 550 22.76 10.26 32.54
CA GLN B 550 21.98 10.50 31.33
C GLN B 550 22.36 11.83 30.70
N GLN B 551 22.48 11.83 29.37
CA GLN B 551 22.80 13.03 28.61
C GLN B 551 21.64 13.54 27.76
N PHE B 552 20.71 12.67 27.39
CA PHE B 552 19.54 13.10 26.64
C PHE B 552 18.45 12.05 26.82
N GLY B 553 17.21 12.45 26.55
CA GLY B 553 16.07 11.57 26.70
C GLY B 553 15.08 11.78 25.57
N ARG B 554 14.39 10.70 25.23
CA ARG B 554 13.42 10.71 24.15
C ARG B 554 12.15 10.02 24.63
N ASP B 555 11.14 9.98 23.77
CA ASP B 555 9.81 9.49 24.11
C ASP B 555 9.49 8.24 23.27
N VAL B 556 8.23 7.81 23.36
CA VAL B 556 7.83 6.55 22.72
C VAL B 556 8.08 6.62 21.22
N SER B 557 7.95 7.80 20.62
CA SER B 557 8.18 7.97 19.20
C SER B 557 9.63 8.29 18.87
N ASP B 558 10.56 8.01 19.78
CA ASP B 558 11.98 8.30 19.58
C ASP B 558 12.17 9.75 19.12
N PHE B 559 11.57 10.67 19.86
CA PHE B 559 11.74 12.10 19.65
C PHE B 559 12.51 12.66 20.83
N THR B 560 13.66 13.30 20.55
CA THR B 560 14.55 13.75 21.60
C THR B 560 13.92 14.97 22.26
N ASP B 561 13.02 14.70 23.20
CA ASP B 561 12.21 15.74 23.82
C ASP B 561 12.89 16.42 25.00
N SER B 562 14.09 15.98 25.39
CA SER B 562 14.82 16.63 26.46
C SER B 562 16.31 16.34 26.31
N VAL B 563 17.12 17.21 26.92
CA VAL B 563 18.56 17.15 26.73
C VAL B 563 19.23 17.74 27.97
N ARG B 564 20.50 17.43 28.15
CA ARG B 564 21.30 17.94 29.26
C ARG B 564 22.31 18.95 28.74
N ASP B 565 22.46 20.06 29.45
CA ASP B 565 23.46 21.04 29.08
C ASP B 565 24.81 20.62 29.65
N PRO B 566 25.81 20.31 28.79
CA PRO B 566 27.05 19.72 29.32
C PRO B 566 27.84 20.64 30.23
N LYS B 567 27.66 21.96 30.12
CA LYS B 567 28.46 22.91 30.89
C LYS B 567 27.78 23.34 32.18
N THR B 568 26.45 23.35 32.23
CA THR B 568 25.71 23.69 33.43
C THR B 568 24.90 22.53 33.99
N SER B 569 24.70 21.47 33.21
CA SER B 569 23.99 20.28 33.67
C SER B 569 22.57 20.60 34.12
N GLU B 570 21.88 21.37 33.28
CA GLU B 570 20.46 21.69 33.48
C GLU B 570 19.65 20.98 32.42
N ILE B 571 18.55 20.36 32.83
CA ILE B 571 17.70 19.63 31.91
C ILE B 571 16.85 20.62 31.13
N LEU B 572 16.92 20.55 29.81
CA LEU B 572 16.17 21.43 28.92
C LEU B 572 15.23 20.59 28.07
N ASP B 573 13.95 20.99 28.04
CA ASP B 573 12.99 20.39 27.14
C ASP B 573 13.05 21.13 25.81
N ILE B 574 12.77 20.41 24.73
CA ILE B 574 12.74 20.99 23.39
C ILE B 574 11.44 20.57 22.72
N SER B 575 10.78 21.51 22.05
CA SER B 575 9.55 21.24 21.34
C SER B 575 9.68 21.72 19.90
N PRO B 576 8.96 21.11 18.97
CA PRO B 576 9.01 21.58 17.58
C PRO B 576 8.48 23.00 17.47
N CYS B 577 8.63 23.57 16.28
CA CYS B 577 8.23 24.94 16.03
C CYS B 577 6.87 25.06 15.35
N SER B 578 6.44 24.05 14.61
CA SER B 578 5.17 24.13 13.89
C SER B 578 3.98 24.08 14.84
N PHE B 579 4.03 23.22 15.85
CA PHE B 579 3.05 23.07 16.93
C PHE B 579 1.72 22.55 16.40
N GLY B 580 1.51 22.54 15.09
CA GLY B 580 0.39 21.83 14.52
C GLY B 580 -0.93 22.57 14.60
N GLY B 581 -1.66 22.59 13.49
CA GLY B 581 -3.08 22.91 13.51
C GLY B 581 -3.49 24.22 12.86
N VAL B 582 -2.56 25.07 12.44
CA VAL B 582 -2.96 26.35 11.87
C VAL B 582 -3.78 26.09 10.61
N SER B 583 -4.94 26.72 10.51
CA SER B 583 -5.81 26.57 9.35
C SER B 583 -6.24 27.95 8.87
N VAL B 584 -6.37 28.11 7.57
CA VAL B 584 -6.73 29.40 6.98
C VAL B 584 -8.13 29.31 6.38
N ILE B 585 -8.91 30.36 6.60
CA ILE B 585 -10.30 30.45 6.16
C ILE B 585 -10.34 31.57 5.12
N THR B 586 -10.74 31.23 3.89
CA THR B 586 -10.74 32.24 2.84
C THR B 586 -12.06 32.22 2.07
N PRO B 587 -12.64 33.39 1.76
CA PRO B 587 -13.85 33.40 0.93
C PRO B 587 -13.57 33.19 -0.55
N GLY B 588 -12.32 32.98 -0.93
CA GLY B 588 -11.95 32.82 -2.32
C GLY B 588 -11.16 34.00 -2.83
N THR B 589 -9.97 33.76 -3.36
CA THR B 589 -9.15 34.85 -3.88
C THR B 589 -9.90 35.62 -4.96
N ASN B 590 -10.83 34.97 -5.67
CA ASN B 590 -11.62 35.68 -6.66
C ASN B 590 -12.47 36.76 -6.00
N THR B 591 -13.07 36.46 -4.86
CA THR B 591 -13.92 37.44 -4.18
C THR B 591 -13.06 38.48 -3.45
N SER B 592 -12.24 38.04 -2.50
CA SER B 592 -11.39 38.94 -1.75
C SER B 592 -10.16 38.19 -1.28
N SER B 593 -9.11 38.95 -0.98
CA SER B 593 -7.88 38.38 -0.44
C SER B 593 -7.86 38.35 1.08
N GLU B 594 -8.88 38.89 1.74
CA GLU B 594 -8.97 38.81 3.18
C GLU B 594 -9.22 37.38 3.62
N VAL B 595 -8.58 36.98 4.72
CA VAL B 595 -8.68 35.63 5.26
C VAL B 595 -8.60 35.70 6.77
N ALA B 596 -8.98 34.60 7.42
CA ALA B 596 -8.90 34.45 8.87
C ALA B 596 -8.06 33.24 9.20
N VAL B 597 -7.53 33.21 10.42
CA VAL B 597 -6.62 32.16 10.86
C VAL B 597 -7.19 31.51 12.12
N LEU B 598 -7.24 30.18 12.12
CA LEU B 598 -7.70 29.41 13.27
C LEU B 598 -6.54 28.57 13.79
N TYR B 599 -6.20 28.78 15.06
CA TYR B 599 -5.23 27.94 15.76
C TYR B 599 -5.99 26.95 16.62
N GLN B 600 -5.77 25.66 16.37
CA GLN B 600 -6.75 24.66 16.75
C GLN B 600 -6.92 24.57 18.27
N ASP B 601 -5.82 24.61 19.03
CA ASP B 601 -5.93 24.36 20.47
C ASP B 601 -5.27 25.43 21.33
N VAL B 602 -4.83 26.54 20.76
CA VAL B 602 -4.24 27.60 21.57
C VAL B 602 -5.34 28.37 22.30
N ASN B 603 -5.02 28.83 23.50
CA ASN B 603 -5.93 29.67 24.27
C ASN B 603 -5.69 31.14 23.96
N CYS B 604 -5.69 31.47 22.67
CA CYS B 604 -5.46 32.83 22.19
C CYS B 604 -4.19 33.43 22.81
N THR B 605 -3.06 32.80 22.50
CA THR B 605 -1.75 33.28 22.89
C THR B 605 -0.81 33.15 21.70
N ASP B 606 0.44 33.56 21.91
CA ASP B 606 1.44 33.57 20.85
C ASP B 606 2.33 32.32 20.96
N VAL B 607 1.76 31.20 20.54
CA VAL B 607 2.50 29.95 20.36
C VAL B 607 3.29 30.01 19.07
N PRO B 608 2.75 30.58 17.96
CA PRO B 608 3.59 30.75 16.76
C PRO B 608 4.60 31.86 16.98
N VAL B 609 5.75 31.49 17.54
CA VAL B 609 6.72 32.44 18.08
C VAL B 609 6.83 33.63 17.15
N ALA B 610 6.67 34.84 17.70
CA ALA B 610 6.57 36.06 16.90
C ALA B 610 7.97 36.59 16.60
N ILE B 611 8.66 35.87 15.71
CA ILE B 611 9.96 36.29 15.21
C ILE B 611 9.88 36.39 13.70
N HIS B 612 8.71 36.73 13.18
CA HIS B 612 8.48 36.93 11.75
C HIS B 612 7.82 38.28 11.51
N ALA B 613 8.16 38.90 10.39
CA ALA B 613 7.58 40.19 10.06
C ALA B 613 6.09 40.04 9.73
N ASP B 614 5.38 41.16 9.72
CA ASP B 614 3.92 41.17 9.68
C ASP B 614 3.47 40.45 10.94
N GLN B 615 2.62 39.42 10.86
CA GLN B 615 2.46 38.53 12.01
C GLN B 615 2.27 37.08 11.59
N LEU B 616 2.51 36.72 10.35
CA LEU B 616 2.49 35.32 9.94
C LEU B 616 3.02 35.17 8.52
N VAL B 622 -5.79 37.39 10.18
CA VAL B 622 -4.51 37.07 9.58
C VAL B 622 -3.38 37.24 10.59
N TYR B 623 -3.66 37.98 11.65
CA TYR B 623 -2.65 38.42 12.61
C TYR B 623 -2.58 37.45 13.78
N SER B 624 -1.58 37.65 14.64
CA SER B 624 -1.45 36.89 15.87
C SER B 624 -1.76 37.79 17.07
N THR B 625 -2.80 37.45 17.81
CA THR B 625 -3.24 38.25 18.95
C THR B 625 -3.45 39.70 18.55
N GLY B 626 -4.36 39.92 17.59
CA GLY B 626 -4.76 41.25 17.21
C GLY B 626 -5.81 41.79 18.16
N ASN B 627 -6.79 42.49 17.58
CA ASN B 627 -7.93 43.00 18.33
C ASN B 627 -9.17 42.15 18.10
N ASN B 628 -9.40 41.70 16.88
CA ASN B 628 -10.60 40.92 16.53
C ASN B 628 -10.27 39.45 16.72
N VAL B 629 -10.42 39.00 17.96
CA VAL B 629 -10.14 37.62 18.36
C VAL B 629 -11.41 37.01 18.91
N PHE B 630 -11.63 35.73 18.61
CA PHE B 630 -12.77 34.96 19.10
C PHE B 630 -12.25 33.64 19.66
N GLN B 631 -12.70 33.28 20.86
CA GLN B 631 -12.24 32.06 21.52
C GLN B 631 -13.24 30.95 21.23
N THR B 632 -13.08 30.29 20.08
CA THR B 632 -13.94 29.18 19.71
C THR B 632 -13.61 27.97 20.57
N GLN B 633 -14.64 27.21 20.92
CA GLN B 633 -14.42 25.97 21.65
C GLN B 633 -13.44 25.09 20.89
N ALA B 634 -12.29 24.83 21.50
CA ALA B 634 -11.18 24.15 20.83
C ALA B 634 -10.68 24.97 19.63
N GLY B 635 -10.20 26.17 19.94
CA GLY B 635 -9.58 27.01 18.93
C GLY B 635 -9.62 28.50 19.20
N CYS B 636 -8.65 29.21 18.65
CA CYS B 636 -8.65 30.68 18.63
C CYS B 636 -8.74 31.14 17.19
N LEU B 637 -9.71 32.01 16.90
CA LEU B 637 -10.00 32.46 15.55
C LEU B 637 -9.72 33.95 15.46
N ILE B 638 -8.90 34.35 14.49
CA ILE B 638 -8.49 35.73 14.34
C ILE B 638 -8.78 36.18 12.91
N GLY B 639 -9.34 37.38 12.79
CA GLY B 639 -9.69 37.92 11.49
C GLY B 639 -11.15 37.84 11.13
N ALA B 640 -11.99 37.25 11.99
CA ALA B 640 -13.42 37.13 11.75
C ALA B 640 -14.18 37.79 12.88
N GLU B 641 -15.25 38.51 12.54
CA GLU B 641 -16.05 39.24 13.51
C GLU B 641 -17.17 38.34 14.03
N HIS B 642 -17.33 38.31 15.36
CA HIS B 642 -18.35 37.49 15.98
C HIS B 642 -19.66 38.27 16.09
N VAL B 643 -20.73 37.70 15.54
CA VAL B 643 -22.04 38.34 15.52
C VAL B 643 -23.02 37.43 16.25
N ASP B 644 -23.81 38.02 17.15
CA ASP B 644 -24.78 37.24 17.91
C ASP B 644 -25.81 36.59 17.00
N THR B 645 -26.16 37.24 15.90
CA THR B 645 -27.11 36.65 14.96
C THR B 645 -26.55 35.35 14.41
N SER B 646 -27.43 34.35 14.29
CA SER B 646 -27.04 33.01 13.85
C SER B 646 -27.71 32.71 12.52
N TYR B 647 -26.91 32.20 11.58
CA TYR B 647 -27.42 31.83 10.26
C TYR B 647 -27.04 30.39 9.94
N GLU B 648 -27.42 29.92 8.75
CA GLU B 648 -27.00 28.60 8.31
C GLU B 648 -25.49 28.60 8.08
N CYS B 649 -24.91 27.40 8.06
CA CYS B 649 -23.47 27.24 7.96
C CYS B 649 -23.03 27.41 6.51
N ASP B 650 -21.99 28.23 6.31
CA ASP B 650 -21.40 28.42 4.99
C ASP B 650 -20.00 27.85 4.91
N ILE B 651 -19.12 28.24 5.82
CA ILE B 651 -17.76 27.70 5.93
C ILE B 651 -17.60 27.11 7.32
N PRO B 652 -17.71 25.80 7.47
CA PRO B 652 -17.65 25.20 8.81
C PRO B 652 -16.31 25.46 9.48
N ILE B 653 -16.34 25.67 10.79
CA ILE B 653 -15.13 25.81 11.58
C ILE B 653 -15.08 24.68 12.59
N GLY B 654 -16.10 24.57 13.43
CA GLY B 654 -16.20 23.46 14.35
C GLY B 654 -16.81 23.87 15.66
N ALA B 655 -17.16 22.85 16.46
CA ALA B 655 -17.78 23.06 17.76
C ALA B 655 -19.05 23.90 17.63
N GLY B 656 -19.76 23.73 16.51
CA GLY B 656 -20.98 24.47 16.29
C GLY B 656 -20.77 25.90 15.87
N ILE B 657 -19.58 26.25 15.39
CA ILE B 657 -19.26 27.59 14.94
C ILE B 657 -18.91 27.53 13.47
N CYS B 658 -19.49 28.46 12.69
CA CYS B 658 -19.25 28.57 11.26
C CYS B 658 -18.88 30.01 10.94
N ALA B 659 -18.45 30.25 9.70
CA ALA B 659 -18.09 31.57 9.24
C ALA B 659 -18.56 31.77 7.81
N SER B 660 -18.73 33.04 7.43
CA SER B 660 -19.19 33.38 6.09
C SER B 660 -18.76 34.80 5.76
N TYR B 661 -18.83 35.15 4.48
CA TYR B 661 -18.45 36.47 4.00
C TYR B 661 -19.68 37.37 3.85
N HIS B 662 -20.29 37.69 4.98
CA HIS B 662 -21.43 38.59 4.98
C HIS B 662 -20.98 40.04 4.90
N THR B 663 -21.95 40.92 4.67
CA THR B 663 -21.70 42.36 4.70
C THR B 663 -21.94 42.91 6.09
N VAL B 664 -21.40 44.10 6.34
CA VAL B 664 -21.58 44.77 7.63
C VAL B 664 -20.98 46.17 7.57
N LYS B 673 -17.93 44.87 4.04
CA LYS B 673 -17.83 43.43 3.80
C LYS B 673 -16.60 42.85 4.49
N SER B 674 -16.83 41.82 5.30
CA SER B 674 -15.75 41.20 6.06
C SER B 674 -16.19 39.79 6.44
N ILE B 675 -15.25 39.01 6.98
CA ILE B 675 -15.54 37.66 7.43
C ILE B 675 -16.23 37.73 8.78
N VAL B 676 -17.37 37.04 8.91
CA VAL B 676 -18.16 37.02 10.14
C VAL B 676 -18.24 35.58 10.63
N ALA B 677 -18.02 35.39 11.92
CA ALA B 677 -18.11 34.10 12.57
C ALA B 677 -19.33 34.09 13.49
N TYR B 678 -20.02 32.96 13.54
CA TYR B 678 -21.24 32.86 14.33
C TYR B 678 -21.45 31.41 14.74
N THR B 679 -22.46 31.20 15.58
CA THR B 679 -22.89 29.86 15.95
C THR B 679 -24.00 29.39 15.04
N MET B 680 -23.96 28.11 14.67
CA MET B 680 -24.85 27.59 13.66
C MET B 680 -26.30 27.63 14.12
N SER B 681 -27.20 27.69 13.15
CA SER B 681 -28.65 27.66 13.39
C SER B 681 -29.16 26.28 13.08
N LEU B 682 -29.71 25.60 14.08
CA LEU B 682 -30.21 24.24 13.92
C LEU B 682 -31.46 24.17 13.05
N GLY B 683 -32.40 25.07 13.22
CA GLY B 683 -33.62 25.06 12.45
C GLY B 683 -34.54 26.18 12.90
N ALA B 684 -35.63 26.33 12.14
CA ALA B 684 -36.61 27.38 12.41
C ALA B 684 -37.42 26.98 13.62
N ASP B 685 -37.25 27.73 14.72
CA ASP B 685 -38.00 27.44 15.93
C ASP B 685 -39.50 27.50 15.64
N SER B 686 -40.24 26.53 16.17
CA SER B 686 -41.65 26.38 15.90
C SER B 686 -42.42 26.24 17.21
N SER B 687 -43.66 26.71 17.21
CA SER B 687 -44.54 26.63 18.36
C SER B 687 -45.54 25.51 18.12
N ILE B 688 -45.51 24.50 18.97
CA ILE B 688 -46.42 23.35 18.88
C ILE B 688 -47.19 23.28 20.19
N ALA B 689 -48.50 23.36 20.10
CA ALA B 689 -49.37 23.31 21.28
C ALA B 689 -50.02 21.94 21.37
N TYR B 690 -49.86 21.28 22.52
CA TYR B 690 -50.42 19.96 22.74
C TYR B 690 -51.75 20.11 23.48
N SER B 691 -52.76 19.41 22.98
CA SER B 691 -54.10 19.45 23.54
C SER B 691 -54.63 18.04 23.69
N ASN B 692 -55.38 17.81 24.76
CA ASN B 692 -55.94 16.49 25.03
C ASN B 692 -57.25 16.27 24.29
N ASN B 693 -57.88 17.32 23.76
CA ASN B 693 -59.16 17.16 23.07
C ASN B 693 -59.24 17.97 21.78
N THR B 694 -58.13 18.18 21.09
CA THR B 694 -58.13 18.91 19.84
C THR B 694 -57.20 18.22 18.84
N ILE B 695 -57.64 18.19 17.58
CA ILE B 695 -56.90 17.58 16.49
C ILE B 695 -56.92 18.52 15.30
N ALA B 696 -55.79 18.58 14.60
CA ALA B 696 -55.66 19.40 13.40
C ALA B 696 -55.71 18.50 12.18
N ILE B 697 -56.62 18.78 11.26
CA ILE B 697 -56.75 17.97 10.05
C ILE B 697 -56.61 18.86 8.83
N PRO B 698 -55.94 18.42 7.77
CA PRO B 698 -55.84 19.25 6.57
C PRO B 698 -57.15 19.34 5.82
N THR B 699 -57.35 20.47 5.14
CA THR B 699 -58.51 20.68 4.31
C THR B 699 -58.18 20.77 2.82
N ASN B 700 -56.91 20.90 2.46
CA ASN B 700 -56.50 20.92 1.07
C ASN B 700 -55.20 20.14 0.94
N PHE B 701 -54.75 19.96 -0.30
CA PHE B 701 -53.53 19.22 -0.55
C PHE B 701 -52.83 19.81 -1.75
N SER B 702 -51.54 19.51 -1.87
CA SER B 702 -50.74 19.95 -3.01
C SER B 702 -49.87 18.79 -3.48
N ILE B 703 -49.51 18.84 -4.75
CA ILE B 703 -48.66 17.84 -5.37
C ILE B 703 -47.26 18.41 -5.46
N SER B 704 -46.29 17.70 -4.87
CA SER B 704 -44.90 18.15 -4.83
C SER B 704 -44.04 17.14 -5.58
N ILE B 705 -43.27 17.61 -6.53
CA ILE B 705 -42.35 16.76 -7.30
C ILE B 705 -40.94 17.10 -6.86
N THR B 706 -40.24 16.11 -6.31
CA THR B 706 -38.89 16.29 -5.78
C THR B 706 -37.90 15.48 -6.59
N THR B 707 -36.67 15.98 -6.69
CA THR B 707 -35.62 15.33 -7.44
C THR B 707 -34.64 14.62 -6.51
N GLU B 708 -34.20 13.44 -6.94
CA GLU B 708 -33.17 12.69 -6.22
C GLU B 708 -32.15 12.18 -7.22
N VAL B 709 -30.91 12.64 -7.08
CA VAL B 709 -29.83 12.30 -8.00
C VAL B 709 -28.99 11.20 -7.36
N MET B 710 -28.76 10.12 -8.10
CA MET B 710 -28.02 8.96 -7.59
C MET B 710 -26.94 8.57 -8.57
N PRO B 711 -25.67 8.66 -8.21
CA PRO B 711 -24.62 8.06 -9.06
C PRO B 711 -24.82 6.57 -9.19
N VAL B 712 -24.61 6.05 -10.40
CA VAL B 712 -24.87 4.64 -10.68
C VAL B 712 -23.60 3.96 -11.15
N SER B 713 -22.68 4.72 -11.76
CA SER B 713 -21.47 4.13 -12.31
C SER B 713 -20.37 5.18 -12.37
N MET B 714 -19.14 4.69 -12.45
CA MET B 714 -17.95 5.53 -12.55
C MET B 714 -17.17 5.14 -13.79
N ALA B 715 -16.30 6.04 -14.23
CA ALA B 715 -15.54 5.80 -15.45
C ALA B 715 -14.71 4.53 -15.33
N LYS B 716 -14.73 3.72 -16.39
CA LYS B 716 -13.94 2.50 -16.46
C LYS B 716 -12.54 2.82 -16.97
N THR B 717 -11.53 2.58 -16.16
CA THR B 717 -10.16 2.89 -16.51
C THR B 717 -9.36 1.60 -16.68
N SER B 718 -8.28 1.71 -17.47
CA SER B 718 -7.38 0.60 -17.73
C SER B 718 -5.96 1.13 -17.82
N VAL B 719 -5.01 0.31 -17.37
CA VAL B 719 -3.61 0.71 -17.29
C VAL B 719 -2.74 -0.40 -17.89
N ASP B 720 -1.53 -0.02 -18.28
CA ASP B 720 -0.58 -0.94 -18.88
C ASP B 720 0.66 -1.05 -18.00
N CYS B 721 1.18 -2.27 -17.88
CA CYS B 721 2.35 -2.52 -17.04
C CYS B 721 3.55 -1.69 -17.52
N ASN B 722 4.05 -2.04 -18.70
CA ASN B 722 5.33 -1.49 -19.15
C ASN B 722 5.20 -0.05 -19.59
N MET B 723 4.17 0.28 -20.37
CA MET B 723 4.08 1.64 -20.90
C MET B 723 4.01 2.66 -19.80
N TYR B 724 3.56 2.28 -18.61
CA TYR B 724 3.55 3.19 -17.48
C TYR B 724 4.84 3.06 -16.66
N ILE B 725 5.12 1.86 -16.16
CA ILE B 725 6.29 1.67 -15.30
C ILE B 725 7.57 1.96 -16.08
N CYS B 726 7.66 1.44 -17.30
CA CYS B 726 8.89 1.53 -18.10
C CYS B 726 8.73 2.42 -19.32
N GLY B 727 7.74 2.15 -20.17
CA GLY B 727 7.59 2.87 -21.41
C GLY B 727 7.91 1.98 -22.59
N ASP B 728 9.07 2.20 -23.23
CA ASP B 728 9.50 1.38 -24.36
C ASP B 728 10.93 0.88 -24.17
N SER B 729 11.40 0.79 -22.92
CA SER B 729 12.77 0.38 -22.65
C SER B 729 12.82 -1.13 -22.45
N THR B 730 13.62 -1.81 -23.27
CA THR B 730 13.77 -3.25 -23.16
C THR B 730 14.39 -3.63 -21.82
N GLU B 731 15.43 -2.90 -21.40
CA GLU B 731 16.10 -3.22 -20.14
C GLU B 731 15.16 -3.06 -18.97
N CYS B 732 14.34 -2.01 -18.97
CA CYS B 732 13.39 -1.82 -17.89
C CYS B 732 12.34 -2.93 -17.88
N ALA B 733 11.93 -3.38 -19.07
CA ALA B 733 10.98 -4.50 -19.12
C ALA B 733 11.59 -5.76 -18.53
N ASN B 734 12.85 -6.04 -18.87
CA ASN B 734 13.52 -7.21 -18.30
C ASN B 734 13.62 -7.10 -16.78
N LEU B 735 13.95 -5.91 -16.29
CA LEU B 735 14.02 -5.71 -14.84
C LEU B 735 12.66 -5.90 -14.19
N LEU B 736 11.60 -5.39 -14.84
CA LEU B 736 10.26 -5.48 -14.27
C LEU B 736 9.76 -6.91 -14.24
N LEU B 737 10.17 -7.73 -15.21
CA LEU B 737 9.73 -9.13 -15.19
C LEU B 737 10.10 -9.81 -13.88
N GLN B 738 11.17 -9.37 -13.22
CA GLN B 738 11.63 -10.00 -11.99
C GLN B 738 10.73 -9.74 -10.80
N TYR B 739 9.76 -8.83 -10.91
CA TYR B 739 8.87 -8.53 -9.79
C TYR B 739 7.65 -9.42 -9.74
N GLY B 740 7.42 -10.24 -10.76
CA GLY B 740 6.37 -11.24 -10.70
C GLY B 740 5.06 -10.81 -11.34
N SER B 741 3.97 -10.98 -10.60
CA SER B 741 2.62 -10.78 -11.11
C SER B 741 1.91 -9.63 -10.40
N PHE B 742 2.63 -8.52 -10.18
CA PHE B 742 2.00 -7.35 -9.58
C PHE B 742 1.01 -6.71 -10.55
N CYS B 743 1.51 -6.28 -11.71
CA CYS B 743 0.64 -5.56 -12.63
C CYS B 743 -0.43 -6.46 -13.23
N THR B 744 -0.19 -7.76 -13.27
CA THR B 744 -1.24 -8.69 -13.69
C THR B 744 -2.43 -8.61 -12.74
N GLN B 745 -2.17 -8.60 -11.45
CA GLN B 745 -3.25 -8.50 -10.48
C GLN B 745 -3.87 -7.10 -10.47
N LEU B 746 -3.07 -6.07 -10.76
CA LEU B 746 -3.66 -4.73 -10.91
C LEU B 746 -4.63 -4.71 -12.09
N ASN B 747 -4.25 -5.32 -13.21
CA ASN B 747 -5.14 -5.39 -14.36
C ASN B 747 -6.39 -6.18 -14.02
N ARG B 748 -6.24 -7.27 -13.27
CA ARG B 748 -7.40 -8.05 -12.87
C ARG B 748 -8.36 -7.20 -12.02
N ALA B 749 -7.81 -6.43 -11.08
CA ALA B 749 -8.66 -5.57 -10.25
C ALA B 749 -9.38 -4.52 -11.10
N LEU B 750 -8.66 -3.90 -12.03
CA LEU B 750 -9.29 -2.88 -12.87
C LEU B 750 -10.39 -3.49 -13.74
N SER B 751 -10.15 -4.68 -14.29
CA SER B 751 -11.18 -5.34 -15.09
C SER B 751 -12.40 -5.67 -14.23
N GLY B 752 -12.17 -6.14 -13.00
CA GLY B 752 -13.29 -6.37 -12.11
C GLY B 752 -14.10 -5.11 -11.86
N ILE B 753 -13.41 -3.99 -11.65
CA ILE B 753 -14.12 -2.73 -11.42
C ILE B 753 -14.95 -2.35 -12.65
N ALA B 754 -14.38 -2.51 -13.85
CA ALA B 754 -15.09 -2.12 -15.06
C ALA B 754 -16.34 -2.97 -15.27
N VAL B 755 -16.19 -4.29 -15.14
CA VAL B 755 -17.35 -5.16 -15.32
C VAL B 755 -18.38 -4.89 -14.23
N GLU B 756 -17.94 -4.57 -13.02
CA GLU B 756 -18.88 -4.21 -11.96
C GLU B 756 -19.66 -2.95 -12.32
N GLN B 757 -19.00 -1.97 -12.93
CA GLN B 757 -19.71 -0.77 -13.35
C GLN B 757 -20.77 -1.08 -14.40
N ASP B 758 -20.40 -1.91 -15.38
CA ASP B 758 -21.37 -2.32 -16.39
C ASP B 758 -22.56 -3.02 -15.75
N ARG B 759 -22.29 -3.91 -14.79
CA ARG B 759 -23.37 -4.60 -14.09
C ARG B 759 -24.22 -3.63 -13.29
N ASN B 760 -23.59 -2.63 -12.67
CA ASN B 760 -24.36 -1.64 -11.91
C ASN B 760 -25.37 -0.95 -12.80
N THR B 761 -24.92 -0.43 -13.94
CA THR B 761 -25.85 0.25 -14.83
C THR B 761 -26.93 -0.70 -15.32
N ARG B 762 -26.54 -1.92 -15.71
CA ARG B 762 -27.52 -2.86 -16.26
C ARG B 762 -28.58 -3.21 -15.22
N GLU B 763 -28.16 -3.48 -13.99
CA GLU B 763 -29.12 -3.87 -12.96
C GLU B 763 -30.01 -2.70 -12.55
N VAL B 764 -29.47 -1.48 -12.55
CA VAL B 764 -30.31 -0.34 -12.17
C VAL B 764 -31.35 -0.08 -13.23
N PHE B 765 -30.98 -0.14 -14.51
CA PHE B 765 -31.89 0.27 -15.57
C PHE B 765 -32.66 -0.89 -16.20
N ALA B 766 -31.99 -2.00 -16.51
CA ALA B 766 -32.63 -3.10 -17.21
C ALA B 766 -33.48 -3.90 -16.22
N GLN B 767 -34.61 -3.31 -15.83
CA GLN B 767 -35.56 -3.95 -14.93
C GLN B 767 -36.89 -4.25 -15.60
N VAL B 768 -37.10 -3.78 -16.82
CA VAL B 768 -38.31 -4.07 -17.60
C VAL B 768 -37.94 -5.03 -18.71
N LYS B 769 -38.66 -6.15 -18.79
CA LYS B 769 -38.41 -7.12 -19.84
C LYS B 769 -39.00 -6.73 -21.18
N GLN B 770 -39.90 -5.75 -21.21
CA GLN B 770 -40.56 -5.32 -22.43
C GLN B 770 -40.32 -3.84 -22.65
N MET B 771 -39.95 -3.48 -23.88
CA MET B 771 -39.70 -2.08 -24.25
C MET B 771 -41.02 -1.48 -24.71
N TYR B 772 -41.81 -1.02 -23.73
CA TYR B 772 -43.12 -0.46 -24.02
C TYR B 772 -43.01 0.71 -24.97
N LYS B 773 -43.92 0.76 -25.94
CA LYS B 773 -43.87 1.78 -26.98
C LYS B 773 -44.32 3.12 -26.44
N THR B 774 -43.66 4.17 -26.88
CA THR B 774 -44.01 5.53 -26.44
C THR B 774 -45.32 5.95 -27.08
N PRO B 775 -46.35 6.31 -26.31
CA PRO B 775 -47.61 6.71 -26.92
C PRO B 775 -47.49 8.03 -27.67
N THR B 776 -48.29 8.17 -28.72
CA THR B 776 -48.37 9.44 -29.42
C THR B 776 -49.20 10.45 -28.63
N LEU B 777 -50.25 9.99 -27.96
CA LEU B 777 -51.07 10.85 -27.10
C LEU B 777 -50.41 10.88 -25.73
N LYS B 778 -49.76 12.00 -25.42
CA LYS B 778 -48.97 12.13 -24.20
C LYS B 778 -49.68 12.92 -23.11
N ASP B 779 -51.00 13.12 -23.23
CA ASP B 779 -51.81 13.70 -22.18
C ASP B 779 -52.77 12.62 -21.68
N PHE B 780 -52.68 12.30 -20.39
CA PHE B 780 -53.44 11.21 -19.79
C PHE B 780 -54.35 11.79 -18.71
N GLY B 781 -55.56 12.19 -19.11
CA GLY B 781 -56.47 12.80 -18.17
C GLY B 781 -56.01 14.15 -17.67
N GLY B 782 -55.38 14.94 -18.53
CA GLY B 782 -54.89 16.25 -18.18
C GLY B 782 -53.46 16.28 -17.69
N PHE B 783 -52.83 15.13 -17.49
CA PHE B 783 -51.44 15.07 -17.03
C PHE B 783 -50.53 15.18 -18.24
N ASN B 784 -49.76 16.26 -18.33
CA ASN B 784 -48.88 16.50 -19.47
C ASN B 784 -47.57 15.78 -19.21
N PHE B 785 -47.36 14.68 -19.93
CA PHE B 785 -46.12 13.91 -19.83
C PHE B 785 -45.13 14.24 -20.93
N SER B 786 -45.45 15.18 -21.83
CA SER B 786 -44.59 15.44 -22.97
C SER B 786 -43.20 15.93 -22.55
N GLN B 787 -43.06 16.43 -21.33
CA GLN B 787 -41.75 16.91 -20.89
C GLN B 787 -40.82 15.76 -20.53
N ILE B 788 -41.36 14.66 -20.00
CA ILE B 788 -40.55 13.54 -19.55
C ILE B 788 -40.50 12.39 -20.55
N LEU B 789 -41.27 12.45 -21.64
CA LEU B 789 -41.22 11.42 -22.66
C LEU B 789 -40.49 11.93 -23.90
N PRO B 790 -39.90 11.04 -24.70
CA PRO B 790 -39.17 11.50 -25.89
C PRO B 790 -40.10 12.19 -26.88
N ASP B 791 -39.52 13.12 -27.64
CA ASP B 791 -40.25 13.84 -28.66
C ASP B 791 -39.97 13.20 -30.01
N PRO B 792 -40.97 12.64 -30.70
CA PRO B 792 -40.67 11.98 -31.99
C PRO B 792 -40.14 12.93 -33.05
N LEU B 793 -40.46 14.22 -32.98
CA LEU B 793 -40.02 15.15 -34.01
C LEU B 793 -38.51 15.23 -34.07
N LYS B 794 -37.84 15.23 -32.92
CA LYS B 794 -36.39 15.25 -32.89
C LYS B 794 -35.84 13.85 -33.13
N THR B 796 -31.35 13.03 -29.45
CA THR B 796 -32.68 13.23 -30.02
C THR B 796 -33.67 12.21 -29.44
N LYS B 797 -33.15 11.08 -28.97
CA LYS B 797 -33.98 10.07 -28.33
C LYS B 797 -34.25 10.37 -26.86
N ARG B 798 -33.68 11.45 -26.33
CA ARG B 798 -33.86 11.79 -24.93
C ARG B 798 -35.03 12.76 -24.77
N SER B 799 -35.61 12.76 -23.57
CA SER B 799 -36.68 13.70 -23.25
C SER B 799 -36.06 15.05 -22.87
N PHE B 800 -36.93 16.05 -22.72
CA PHE B 800 -36.44 17.41 -22.47
C PHE B 800 -35.66 17.49 -21.17
N ILE B 801 -36.21 16.92 -20.09
CA ILE B 801 -35.52 16.98 -18.82
C ILE B 801 -34.22 16.20 -18.88
N GLU B 802 -34.20 15.10 -19.63
CA GLU B 802 -32.95 14.37 -19.82
C GLU B 802 -31.93 15.22 -20.55
N ASP B 803 -32.37 15.97 -21.56
CA ASP B 803 -31.45 16.85 -22.28
C ASP B 803 -30.88 17.91 -21.34
N LEU B 804 -31.72 18.50 -20.50
CA LEU B 804 -31.24 19.48 -19.53
C LEU B 804 -30.22 18.85 -18.59
N LEU B 805 -30.49 17.64 -18.11
CA LEU B 805 -29.57 16.98 -17.19
C LEU B 805 -28.23 16.70 -17.85
N PHE B 806 -28.24 16.16 -19.07
CA PHE B 806 -26.99 15.90 -19.76
C PHE B 806 -26.23 17.19 -20.04
N ASN B 807 -26.94 18.28 -20.31
CA ASN B 807 -26.26 19.55 -20.58
C ASN B 807 -25.70 20.16 -19.31
N LYS B 808 -26.32 19.90 -18.15
CA LYS B 808 -25.92 20.52 -16.86
C LYS B 808 -24.54 20.03 -16.42
N VAL B 809 -24.17 18.78 -16.70
CA VAL B 809 -22.93 18.19 -16.23
C VAL B 809 -21.88 18.30 -17.34
N THR B 810 -20.72 18.83 -17.00
CA THR B 810 -19.61 18.98 -17.94
C THR B 810 -18.79 17.69 -17.93
N LEU B 811 -19.07 16.81 -18.88
CA LEU B 811 -18.39 15.53 -18.96
C LEU B 811 -17.10 15.67 -19.76
N LEU B 832 -3.26 16.26 -18.79
CA LEU B 832 -3.88 16.28 -20.11
C LEU B 832 -4.09 14.86 -20.62
N ILE B 833 -5.17 14.64 -21.37
CA ILE B 833 -5.51 13.29 -21.81
C ILE B 833 -4.41 12.67 -22.67
N CYS B 834 -3.66 13.50 -23.40
CA CYS B 834 -2.62 12.96 -24.28
C CYS B 834 -1.53 12.27 -23.47
N ALA B 835 -1.13 12.86 -22.34
CA ALA B 835 -0.12 12.22 -21.50
C ALA B 835 -0.65 10.89 -20.95
N GLN B 836 -1.92 10.87 -20.53
CA GLN B 836 -2.50 9.63 -20.05
C GLN B 836 -2.46 8.56 -21.13
N LYS B 837 -2.79 8.92 -22.37
CA LYS B 837 -2.75 7.96 -23.46
C LYS B 837 -1.33 7.47 -23.72
N PHE B 838 -0.35 8.37 -23.64
CA PHE B 838 1.04 7.99 -23.87
C PHE B 838 1.64 7.24 -22.70
N ASN B 839 0.98 7.19 -21.54
CA ASN B 839 1.47 6.45 -20.39
C ASN B 839 0.61 5.22 -20.07
N GLY B 840 -0.12 4.71 -21.05
CA GLY B 840 -0.88 3.50 -20.85
C GLY B 840 -2.19 3.67 -20.12
N LEU B 841 -2.60 4.90 -19.82
CA LEU B 841 -3.83 5.15 -19.09
C LEU B 841 -4.94 5.41 -20.10
N THR B 842 -5.97 4.56 -20.07
CA THR B 842 -7.06 4.65 -21.03
C THR B 842 -8.39 4.53 -20.30
N VAL B 843 -9.44 5.03 -20.95
CA VAL B 843 -10.81 4.93 -20.43
C VAL B 843 -11.61 4.11 -21.43
N LEU B 844 -12.16 2.99 -20.95
CA LEU B 844 -12.99 2.11 -21.75
C LEU B 844 -14.40 2.68 -21.86
N PRO B 845 -15.04 2.63 -23.03
CA PRO B 845 -16.38 3.20 -23.14
C PRO B 845 -17.39 2.32 -22.43
N PRO B 846 -18.47 2.91 -21.90
CA PRO B 846 -19.48 2.10 -21.23
C PRO B 846 -20.21 1.19 -22.20
N LEU B 847 -20.72 0.07 -21.66
CA LEU B 847 -21.37 -0.92 -22.51
C LEU B 847 -22.68 -0.38 -23.08
N LEU B 848 -23.48 0.30 -22.26
CA LEU B 848 -24.75 0.86 -22.69
C LEU B 848 -24.57 2.34 -23.01
N THR B 849 -24.82 2.71 -24.26
CA THR B 849 -24.70 4.10 -24.66
C THR B 849 -25.89 4.90 -24.14
N ASP B 850 -25.76 6.23 -24.20
CA ASP B 850 -26.79 7.11 -23.65
C ASP B 850 -28.14 6.82 -24.29
N ASP B 851 -28.15 6.47 -25.58
CA ASP B 851 -29.41 6.22 -26.27
C ASP B 851 -30.15 5.03 -25.67
N MET B 852 -29.42 3.97 -25.32
CA MET B 852 -30.07 2.79 -24.73
C MET B 852 -30.64 3.10 -23.35
N ILE B 853 -29.91 3.87 -22.54
CA ILE B 853 -30.43 4.22 -21.23
C ILE B 853 -31.66 5.12 -21.36
N ALA B 854 -31.63 6.05 -22.32
CA ALA B 854 -32.79 6.89 -22.56
C ALA B 854 -33.98 6.04 -23.01
N ALA B 855 -33.73 5.03 -23.85
CA ALA B 855 -34.79 4.14 -24.27
C ALA B 855 -35.35 3.37 -23.08
N TYR B 856 -34.48 2.92 -22.18
CA TYR B 856 -34.95 2.20 -21.00
C TYR B 856 -35.84 3.09 -20.14
N THR B 857 -35.42 4.34 -19.93
CA THR B 857 -36.22 5.24 -19.09
C THR B 857 -37.53 5.59 -19.76
N ALA B 858 -37.53 5.77 -21.09
CA ALA B 858 -38.77 6.04 -21.80
C ALA B 858 -39.71 4.85 -21.72
N ALA B 859 -39.17 3.64 -21.82
CA ALA B 859 -40.01 2.45 -21.66
C ALA B 859 -40.58 2.36 -20.26
N LEU B 860 -39.79 2.67 -19.24
CA LEU B 860 -40.28 2.64 -17.87
C LEU B 860 -41.39 3.67 -17.66
N VAL B 861 -41.21 4.88 -18.19
CA VAL B 861 -42.23 5.91 -18.01
C VAL B 861 -43.50 5.54 -18.77
N SER B 862 -43.36 4.98 -19.97
CA SER B 862 -44.55 4.56 -20.72
C SER B 862 -45.28 3.44 -19.99
N GLY B 863 -44.55 2.49 -19.45
CA GLY B 863 -45.18 1.43 -18.67
C GLY B 863 -45.90 1.97 -17.46
N THR B 864 -45.26 2.90 -16.74
CA THR B 864 -45.91 3.49 -15.58
C THR B 864 -47.18 4.24 -15.97
N ALA B 865 -47.13 4.97 -17.08
CA ALA B 865 -48.28 5.77 -17.49
C ALA B 865 -49.44 4.91 -17.96
N THR B 866 -49.14 3.80 -18.65
CA THR B 866 -50.20 2.98 -19.23
C THR B 866 -50.65 1.87 -18.27
N ALA B 867 -49.74 0.99 -17.88
CA ALA B 867 -50.06 -0.17 -17.06
C ALA B 867 -49.97 0.09 -15.56
N GLY B 868 -49.48 1.26 -15.16
CA GLY B 868 -49.37 1.54 -13.74
C GLY B 868 -48.34 0.66 -13.07
N TRP B 869 -48.61 0.32 -11.81
CA TRP B 869 -47.70 -0.49 -11.01
C TRP B 869 -47.65 -1.95 -11.45
N THR B 870 -48.61 -2.41 -12.26
CA THR B 870 -48.74 -3.84 -12.49
C THR B 870 -47.61 -4.40 -13.33
N PHE B 871 -47.07 -3.61 -14.27
CA PHE B 871 -46.05 -4.11 -15.17
C PHE B 871 -44.78 -4.53 -14.42
N GLY B 872 -44.60 -4.08 -13.18
CA GLY B 872 -43.48 -4.53 -12.38
C GLY B 872 -43.70 -5.81 -11.63
N ALA B 873 -44.95 -6.23 -11.45
CA ALA B 873 -45.29 -7.43 -10.70
C ALA B 873 -45.64 -8.60 -11.60
N GLY B 874 -45.34 -8.51 -12.89
CA GLY B 874 -45.67 -9.57 -13.83
C GLY B 874 -46.15 -9.04 -15.16
N ALA B 875 -47.32 -9.48 -15.60
CA ALA B 875 -47.89 -8.99 -16.84
C ALA B 875 -48.31 -7.53 -16.69
N ALA B 876 -48.31 -6.81 -17.80
CA ALA B 876 -48.68 -5.40 -17.81
C ALA B 876 -50.15 -5.26 -18.17
N LEU B 877 -50.96 -4.73 -17.25
CA LEU B 877 -52.38 -4.57 -17.44
C LEU B 877 -52.71 -3.10 -17.62
N GLN B 878 -53.36 -2.75 -18.72
CA GLN B 878 -53.69 -1.36 -18.96
C GLN B 878 -54.73 -0.87 -17.97
N ILE B 879 -54.65 0.42 -17.66
CA ILE B 879 -55.56 1.07 -16.72
C ILE B 879 -55.61 2.55 -17.07
N PRO B 880 -56.80 3.16 -17.14
CA PRO B 880 -56.85 4.61 -17.36
C PRO B 880 -56.08 5.33 -16.26
N PHE B 881 -55.39 6.41 -16.63
CA PHE B 881 -54.54 7.09 -15.66
C PHE B 881 -55.34 7.62 -14.49
N ALA B 882 -56.56 8.07 -14.74
CA ALA B 882 -57.38 8.58 -13.65
C ALA B 882 -57.64 7.50 -12.61
N MET B 883 -58.00 6.29 -13.05
CA MET B 883 -58.25 5.21 -12.11
C MET B 883 -56.98 4.78 -11.40
N GLN B 884 -55.85 4.79 -12.11
CA GLN B 884 -54.58 4.48 -11.48
C GLN B 884 -54.26 5.46 -10.37
N MET B 885 -54.46 6.76 -10.63
CA MET B 885 -54.21 7.75 -9.61
C MET B 885 -55.23 7.67 -8.48
N ALA B 886 -56.46 7.24 -8.77
CA ALA B 886 -57.43 7.01 -7.70
C ALA B 886 -56.98 5.89 -6.78
N TYR B 887 -56.46 4.81 -7.36
CA TYR B 887 -55.92 3.73 -6.53
C TYR B 887 -54.72 4.20 -5.72
N ARG B 888 -53.85 5.01 -6.35
CA ARG B 888 -52.69 5.51 -5.63
C ARG B 888 -53.09 6.45 -4.48
N PHE B 889 -54.17 7.20 -4.67
CA PHE B 889 -54.72 8.01 -3.58
C PHE B 889 -55.24 7.12 -2.47
N ASN B 890 -56.01 6.08 -2.83
CA ASN B 890 -56.48 5.14 -1.82
C ASN B 890 -55.30 4.54 -1.05
N GLY B 891 -54.17 4.35 -1.71
CA GLY B 891 -53.01 3.76 -1.05
C GLY B 891 -52.46 4.60 0.08
N ILE B 892 -52.85 5.87 0.16
CA ILE B 892 -52.35 6.75 1.22
C ILE B 892 -53.50 7.22 2.09
N GLY B 893 -54.54 6.41 2.20
CA GLY B 893 -55.61 6.70 3.15
C GLY B 893 -56.55 7.81 2.75
N VAL B 894 -56.68 8.09 1.46
CA VAL B 894 -57.61 9.09 0.96
C VAL B 894 -58.58 8.41 0.00
N THR B 895 -59.87 8.57 0.24
CA THR B 895 -60.86 7.94 -0.62
C THR B 895 -60.71 8.45 -2.04
N GLN B 896 -61.21 7.65 -2.99
CA GLN B 896 -61.00 7.98 -4.40
C GLN B 896 -61.94 9.07 -4.89
N ASN B 897 -62.99 9.38 -4.14
CA ASN B 897 -63.85 10.50 -4.53
C ASN B 897 -63.09 11.80 -4.56
N VAL B 898 -62.08 11.95 -3.70
CA VAL B 898 -61.30 13.18 -3.66
C VAL B 898 -60.68 13.46 -5.02
N LEU B 899 -60.05 12.45 -5.61
CA LEU B 899 -59.42 12.66 -6.92
C LEU B 899 -60.47 12.89 -8.00
N TYR B 900 -61.54 12.10 -8.01
CA TYR B 900 -62.52 12.25 -9.07
C TYR B 900 -63.24 13.60 -8.99
N GLU B 901 -63.21 14.26 -7.84
CA GLU B 901 -63.78 15.60 -7.71
C GLU B 901 -62.76 16.72 -7.90
N ASN B 902 -61.47 16.46 -7.65
CA ASN B 902 -60.44 17.47 -7.78
C ASN B 902 -59.41 17.11 -8.84
N GLN B 903 -59.84 16.38 -9.88
CA GLN B 903 -58.94 15.98 -10.94
C GLN B 903 -58.32 17.18 -11.64
N LYS B 904 -59.11 18.22 -11.91
CA LYS B 904 -58.56 19.39 -12.58
C LYS B 904 -57.46 20.02 -11.75
N GLN B 905 -57.70 20.20 -10.44
CA GLN B 905 -56.70 20.80 -9.58
C GLN B 905 -55.45 19.93 -9.50
N ILE B 906 -55.64 18.61 -9.38
CA ILE B 906 -54.49 17.72 -9.25
C ILE B 906 -53.65 17.72 -10.52
N ALA B 907 -54.30 17.69 -11.68
CA ALA B 907 -53.57 17.73 -12.95
C ALA B 907 -52.84 19.06 -13.11
N ASN B 908 -53.49 20.16 -12.74
CA ASN B 908 -52.84 21.46 -12.85
C ASN B 908 -51.62 21.53 -11.93
N GLN B 909 -51.75 21.01 -10.70
CA GLN B 909 -50.60 20.99 -9.79
C GLN B 909 -49.48 20.12 -10.33
N PHE B 910 -49.83 18.96 -10.89
CA PHE B 910 -48.83 18.11 -11.54
C PHE B 910 -48.05 18.89 -12.60
N ASN B 911 -48.78 19.53 -13.51
CA ASN B 911 -48.12 20.25 -14.61
C ASN B 911 -47.29 21.42 -14.09
N LYS B 912 -47.81 22.17 -13.12
CA LYS B 912 -47.07 23.30 -12.58
C LYS B 912 -45.80 22.83 -11.89
N ALA B 913 -45.87 21.72 -11.15
CA ALA B 913 -44.68 21.20 -10.50
C ALA B 913 -43.65 20.73 -11.53
N ILE B 914 -44.12 20.11 -12.61
CA ILE B 914 -43.20 19.68 -13.67
C ILE B 914 -42.50 20.88 -14.28
N SER B 915 -43.25 21.94 -14.57
CA SER B 915 -42.63 23.14 -15.13
C SER B 915 -41.66 23.77 -14.15
N GLN B 916 -42.00 23.76 -12.86
CA GLN B 916 -41.11 24.33 -11.86
C GLN B 916 -39.79 23.57 -11.80
N ILE B 917 -39.85 22.24 -11.81
CA ILE B 917 -38.61 21.46 -11.78
C ILE B 917 -37.83 21.70 -13.06
N GLN B 918 -38.53 21.81 -14.19
CA GLN B 918 -37.87 22.13 -15.45
C GLN B 918 -37.04 23.41 -15.32
N GLU B 919 -37.67 24.49 -14.85
CA GLU B 919 -36.97 25.76 -14.75
C GLU B 919 -35.84 25.68 -13.72
N SER B 920 -36.08 24.98 -12.60
CA SER B 920 -35.06 24.81 -11.53
C SER B 920 -33.83 24.14 -12.14
N LEU B 921 -34.04 23.12 -12.97
CA LEU B 921 -32.93 22.36 -13.59
C LEU B 921 -32.21 23.25 -14.59
N THR B 922 -32.92 24.15 -15.29
CA THR B 922 -32.30 24.97 -16.38
C THR B 922 -31.52 26.17 -15.85
N THR B 923 -31.88 26.66 -14.65
CA THR B 923 -31.16 27.78 -13.99
C THR B 923 -29.91 27.18 -13.36
N THR B 924 -28.73 27.68 -13.72
CA THR B 924 -27.43 27.15 -13.21
C THR B 924 -27.64 26.70 -11.76
N SER B 925 -27.42 25.42 -11.46
CA SER B 925 -27.67 24.84 -10.11
C SER B 925 -26.71 23.69 -9.85
N THR B 926 -26.61 23.22 -8.60
CA THR B 926 -25.73 22.09 -8.21
C THR B 926 -26.58 20.83 -8.07
N ALA B 927 -27.79 20.82 -8.64
CA ALA B 927 -28.68 19.64 -8.63
C ALA B 927 -27.86 18.39 -8.92
N LEU B 928 -27.03 18.41 -9.99
CA LEU B 928 -26.17 17.27 -10.38
C LEU B 928 -24.78 17.47 -9.76
N GLY B 929 -24.68 17.56 -8.43
CA GLY B 929 -23.40 17.81 -7.73
C GLY B 929 -22.67 16.52 -7.43
N LYS B 930 -23.37 15.42 -7.18
CA LYS B 930 -22.80 14.09 -7.00
C LYS B 930 -22.18 13.55 -8.28
N LEU B 931 -22.88 13.69 -9.42
CA LEU B 931 -22.37 13.16 -10.67
C LEU B 931 -21.12 13.92 -11.11
N GLN B 932 -21.18 15.25 -11.09
CA GLN B 932 -19.99 16.04 -11.39
C GLN B 932 -18.87 15.74 -10.41
N ASP B 933 -19.21 15.46 -9.15
CA ASP B 933 -18.19 15.16 -8.17
C ASP B 933 -17.46 13.87 -8.51
N VAL B 934 -18.19 12.83 -8.91
CA VAL B 934 -17.52 11.58 -9.26
C VAL B 934 -16.69 11.76 -10.54
N VAL B 935 -17.19 12.53 -11.49
CA VAL B 935 -16.41 12.78 -12.71
C VAL B 935 -15.10 13.48 -12.36
N ASN B 936 -15.19 14.53 -11.52
CA ASN B 936 -14.00 15.26 -11.12
C ASN B 936 -13.05 14.37 -10.34
N GLN B 937 -13.59 13.50 -9.48
CA GLN B 937 -12.73 12.61 -8.71
C GLN B 937 -11.92 11.70 -9.63
N ASN B 938 -12.59 11.11 -10.62
CA ASN B 938 -11.86 10.23 -11.54
C ASN B 938 -10.80 11.01 -12.32
N ALA B 939 -11.17 12.20 -12.81
CA ALA B 939 -10.21 12.99 -13.57
C ALA B 939 -9.00 13.35 -12.72
N GLN B 940 -9.24 13.78 -11.47
CA GLN B 940 -8.14 14.16 -10.60
C GLN B 940 -7.27 12.97 -10.25
N ALA B 941 -7.87 11.80 -10.04
CA ALA B 941 -7.07 10.62 -9.75
C ALA B 941 -6.15 10.27 -10.92
N LEU B 942 -6.68 10.30 -12.14
CA LEU B 942 -5.84 10.02 -13.30
C LEU B 942 -4.74 11.06 -13.45
N ASN B 943 -5.07 12.33 -13.23
CA ASN B 943 -4.06 13.38 -13.35
C ASN B 943 -2.95 13.20 -12.32
N THR B 944 -3.32 12.87 -11.08
CA THR B 944 -2.31 12.63 -10.06
C THR B 944 -1.43 11.44 -10.45
N LEU B 945 -2.03 10.37 -10.95
CA LEU B 945 -1.25 9.20 -11.34
C LEU B 945 -0.24 9.56 -12.43
N VAL B 946 -0.67 10.32 -13.44
CA VAL B 946 0.24 10.62 -14.54
C VAL B 946 1.32 11.60 -14.07
N LYS B 947 0.96 12.58 -13.23
CA LYS B 947 1.94 13.52 -12.74
C LYS B 947 2.93 12.88 -11.77
N GLN B 948 2.59 11.73 -11.20
CA GLN B 948 3.53 11.06 -10.31
C GLN B 948 4.80 10.61 -11.01
N LEU B 949 4.82 10.58 -12.34
CA LEU B 949 6.01 10.14 -13.05
C LEU B 949 7.14 11.17 -12.92
N SER B 950 6.78 12.45 -12.77
CA SER B 950 7.80 13.49 -12.69
C SER B 950 8.70 13.32 -11.47
N SER B 951 8.23 12.66 -10.43
CA SER B 951 9.03 12.47 -9.23
C SER B 951 10.13 11.46 -9.50
N ASN B 952 11.36 11.80 -9.10
CA ASN B 952 12.49 10.90 -9.30
C ASN B 952 12.65 9.88 -8.17
N PHE B 953 11.85 9.99 -7.11
CA PHE B 953 11.82 8.99 -6.05
C PHE B 953 13.18 8.78 -5.42
N GLY B 954 13.96 9.86 -5.30
CA GLY B 954 15.26 9.80 -4.67
C GLY B 954 16.35 9.21 -5.53
N ALA B 955 16.10 8.97 -6.82
CA ALA B 955 17.11 8.43 -7.71
C ALA B 955 17.83 9.58 -8.41
N ILE B 956 18.71 9.24 -9.36
CA ILE B 956 19.46 10.27 -10.07
C ILE B 956 18.51 11.18 -10.83
N SER B 957 17.50 10.62 -11.47
CA SER B 957 16.53 11.41 -12.21
C SER B 957 15.25 10.60 -12.37
N SER B 958 14.18 11.30 -12.72
CA SER B 958 12.87 10.68 -12.91
C SER B 958 12.68 10.11 -14.30
N VAL B 959 13.69 10.18 -15.17
CA VAL B 959 13.59 9.73 -16.54
C VAL B 959 14.52 8.53 -16.73
N LEU B 960 14.02 7.50 -17.41
CA LEU B 960 14.85 6.34 -17.68
C LEU B 960 15.89 6.63 -18.76
N ASN B 961 15.55 7.48 -19.73
CA ASN B 961 16.45 7.72 -20.85
C ASN B 961 17.79 8.28 -20.38
N ASP B 962 17.77 9.30 -19.52
CA ASP B 962 19.02 9.92 -19.10
C ASP B 962 19.79 9.00 -18.15
N ILE B 963 19.09 8.25 -17.32
CA ILE B 963 19.76 7.29 -16.45
C ILE B 963 20.50 6.25 -17.28
N LEU B 964 19.85 5.75 -18.33
CA LEU B 964 20.46 4.72 -19.16
C LEU B 964 21.56 5.29 -20.06
N SER B 965 21.43 6.56 -20.43
CA SER B 965 22.45 7.18 -21.28
C SER B 965 23.64 7.70 -20.47
N ARG B 966 23.50 7.83 -19.15
CA ARG B 966 24.56 8.36 -18.31
C ARG B 966 25.26 7.27 -17.51
N LEU B 967 24.49 6.41 -16.84
CA LEU B 967 25.04 5.39 -15.96
C LEU B 967 25.03 4.03 -16.65
N ASP B 968 26.12 3.29 -16.49
CA ASP B 968 26.21 1.96 -17.08
C ASP B 968 25.20 1.02 -16.44
N LYS B 969 25.14 -0.20 -16.96
CA LYS B 969 24.09 -1.13 -16.57
C LYS B 969 24.14 -1.46 -15.09
N VAL B 970 25.30 -1.91 -14.60
CA VAL B 970 25.39 -2.42 -13.25
C VAL B 970 25.05 -1.33 -12.23
N GLU B 971 25.58 -0.12 -12.45
CA GLU B 971 25.28 0.98 -11.54
C GLU B 971 23.83 1.45 -11.73
N ALA B 972 23.35 1.46 -12.98
CA ALA B 972 22.00 1.89 -13.27
C ALA B 972 20.94 0.97 -12.68
N GLU B 973 21.30 -0.26 -12.28
CA GLU B 973 20.30 -1.16 -11.72
C GLU B 973 19.65 -0.55 -10.48
N VAL B 974 20.44 0.11 -9.63
CA VAL B 974 19.88 0.67 -8.40
C VAL B 974 18.86 1.75 -8.71
N GLN B 975 19.21 2.64 -9.65
CA GLN B 975 18.28 3.72 -10.02
C GLN B 975 17.01 3.15 -10.64
N ILE B 976 17.17 2.14 -11.50
CA ILE B 976 16.00 1.53 -12.13
C ILE B 976 15.10 0.90 -11.08
N ASP B 977 15.71 0.21 -10.10
CA ASP B 977 14.92 -0.40 -9.03
C ASP B 977 14.17 0.68 -8.24
N ARG B 978 14.85 1.79 -7.94
CA ARG B 978 14.19 2.86 -7.20
C ARG B 978 12.97 3.37 -7.94
N LEU B 979 13.14 3.67 -9.23
CA LEU B 979 12.03 4.20 -10.02
C LEU B 979 10.90 3.19 -10.15
N ILE B 980 11.26 1.92 -10.38
CA ILE B 980 10.23 0.90 -10.53
C ILE B 980 9.42 0.74 -9.25
N THR B 981 10.09 0.72 -8.10
CA THR B 981 9.36 0.60 -6.84
C THR B 981 8.45 1.80 -6.63
N GLY B 982 8.94 3.00 -6.90
CA GLY B 982 8.10 4.17 -6.74
C GLY B 982 6.86 4.14 -7.62
N ARG B 983 7.05 3.79 -8.90
CA ARG B 983 5.93 3.81 -9.82
C ARG B 983 4.94 2.67 -9.52
N LEU B 984 5.45 1.52 -9.08
CA LEU B 984 4.55 0.45 -8.66
C LEU B 984 3.74 0.86 -7.45
N GLN B 985 4.35 1.58 -6.50
CA GLN B 985 3.59 2.07 -5.36
C GLN B 985 2.52 3.05 -5.81
N SER B 986 2.83 3.93 -6.75
CA SER B 986 1.83 4.85 -7.26
C SER B 986 0.66 4.09 -7.89
N LEU B 987 0.97 3.08 -8.69
CA LEU B 987 -0.10 2.29 -9.30
C LEU B 987 -0.95 1.59 -8.25
N GLN B 988 -0.32 1.02 -7.23
CA GLN B 988 -1.09 0.35 -6.18
C GLN B 988 -1.98 1.32 -5.43
N THR B 989 -1.49 2.51 -5.14
CA THR B 989 -2.33 3.50 -4.46
C THR B 989 -3.53 3.85 -5.31
N TYR B 990 -3.31 4.09 -6.61
CA TYR B 990 -4.42 4.40 -7.49
C TYR B 990 -5.44 3.27 -7.52
N VAL B 991 -4.95 2.03 -7.59
CA VAL B 991 -5.86 0.88 -7.68
C VAL B 991 -6.69 0.75 -6.41
N THR B 992 -6.06 0.94 -5.25
CA THR B 992 -6.80 0.83 -4.00
C THR B 992 -7.87 1.92 -3.88
N GLN B 993 -7.52 3.16 -4.24
CA GLN B 993 -8.52 4.21 -4.21
C GLN B 993 -9.66 3.91 -5.18
N GLN B 994 -9.33 3.39 -6.37
CA GLN B 994 -10.38 3.03 -7.32
C GLN B 994 -11.28 1.94 -6.77
N LEU B 995 -10.70 0.95 -6.08
CA LEU B 995 -11.51 -0.12 -5.52
C LEU B 995 -12.48 0.42 -4.47
N ILE B 996 -12.00 1.30 -3.59
CA ILE B 996 -12.89 1.84 -2.55
C ILE B 996 -13.98 2.71 -3.18
N ARG B 997 -13.61 3.54 -4.16
CA ARG B 997 -14.62 4.34 -4.84
C ARG B 997 -15.65 3.46 -5.54
N ALA B 998 -15.19 2.35 -6.14
CA ALA B 998 -16.12 1.44 -6.79
C ALA B 998 -17.06 0.80 -5.78
N ALA B 999 -16.56 0.48 -4.59
CA ALA B 999 -17.45 -0.04 -3.55
C ALA B 999 -18.52 0.98 -3.19
N GLU B 1000 -18.13 2.24 -3.02
CA GLU B 1000 -19.12 3.27 -2.69
C GLU B 1000 -20.15 3.42 -3.81
N ILE B 1001 -19.68 3.42 -5.06
CA ILE B 1001 -20.59 3.57 -6.18
C ILE B 1001 -21.51 2.36 -6.30
N ARG B 1002 -21.01 1.17 -5.97
CA ARG B 1002 -21.87 -0.01 -5.97
C ARG B 1002 -22.97 0.11 -4.92
N ALA B 1003 -22.61 0.62 -3.74
CA ALA B 1003 -23.65 0.85 -2.73
C ALA B 1003 -24.72 1.80 -3.26
N SER B 1004 -24.28 2.90 -3.89
CA SER B 1004 -25.24 3.86 -4.43
C SER B 1004 -26.09 3.22 -5.53
N ALA B 1005 -25.48 2.38 -6.37
CA ALA B 1005 -26.23 1.76 -7.47
C ALA B 1005 -27.24 0.74 -6.95
N ASN B 1006 -26.88 0.00 -5.91
CA ASN B 1006 -27.85 -0.91 -5.30
C ASN B 1006 -29.01 -0.13 -4.69
N LEU B 1007 -28.72 0.99 -4.04
CA LEU B 1007 -29.81 1.82 -3.53
C LEU B 1007 -30.69 2.32 -4.66
N ALA B 1008 -30.08 2.71 -5.78
CA ALA B 1008 -30.86 3.19 -6.92
C ALA B 1008 -31.74 2.08 -7.49
N ALA B 1009 -31.21 0.86 -7.57
CA ALA B 1009 -32.01 -0.26 -8.06
C ALA B 1009 -33.19 -0.54 -7.13
N THR B 1010 -32.96 -0.51 -5.82
CA THR B 1010 -34.05 -0.70 -4.88
C THR B 1010 -35.09 0.39 -5.01
N LYS B 1011 -34.64 1.63 -5.20
CA LYS B 1011 -35.58 2.74 -5.37
C LYS B 1011 -36.39 2.57 -6.64
N MET B 1012 -35.76 2.12 -7.72
CA MET B 1012 -36.51 1.87 -8.95
C MET B 1012 -37.55 0.78 -8.74
N SER B 1013 -37.16 -0.29 -8.04
CA SER B 1013 -38.10 -1.38 -7.80
C SER B 1013 -39.30 -0.93 -6.96
N GLU B 1014 -39.05 -0.13 -5.92
CA GLU B 1014 -40.07 0.13 -4.92
C GLU B 1014 -40.88 1.40 -5.18
N CYS B 1015 -40.28 2.42 -5.78
CA CYS B 1015 -40.96 3.69 -6.04
C CYS B 1015 -41.54 3.77 -7.44
N VAL B 1016 -40.80 3.33 -8.46
CA VAL B 1016 -41.26 3.45 -9.83
C VAL B 1016 -42.22 2.32 -10.18
N LEU B 1017 -41.79 1.08 -9.99
CA LEU B 1017 -42.62 -0.08 -10.35
C LEU B 1017 -43.76 -0.30 -9.38
N GLY B 1018 -43.81 0.42 -8.27
CA GLY B 1018 -44.89 0.27 -7.32
C GLY B 1018 -44.96 1.48 -6.41
N GLN B 1019 -45.91 1.44 -5.49
CA GLN B 1019 -46.10 2.50 -4.51
C GLN B 1019 -45.45 2.08 -3.20
N SER B 1020 -44.65 2.98 -2.62
CA SER B 1020 -43.82 2.65 -1.47
C SER B 1020 -44.45 3.20 -0.19
N LYS B 1021 -44.54 2.35 0.83
CA LYS B 1021 -45.06 2.74 2.13
C LYS B 1021 -43.97 3.20 3.09
N ARG B 1022 -42.70 3.05 2.73
CA ARG B 1022 -41.61 3.53 3.57
C ARG B 1022 -41.63 5.05 3.64
N VAL B 1023 -41.40 5.59 4.83
CA VAL B 1023 -41.43 7.03 5.01
C VAL B 1023 -40.14 7.64 4.50
N ASP B 1024 -40.26 8.71 3.72
CA ASP B 1024 -39.14 9.49 3.19
C ASP B 1024 -38.22 8.67 2.30
N PHE B 1025 -38.59 7.45 1.93
CA PHE B 1025 -37.78 6.69 1.00
C PHE B 1025 -37.88 7.26 -0.41
N CYS B 1026 -39.11 7.39 -0.91
CA CYS B 1026 -39.36 7.86 -2.27
C CYS B 1026 -39.84 9.31 -2.29
N GLY B 1027 -39.30 10.15 -1.43
CA GLY B 1027 -39.58 11.56 -1.48
C GLY B 1027 -40.31 12.06 -0.24
N LYS B 1028 -40.17 13.35 0.02
CA LYS B 1028 -40.81 13.96 1.18
C LYS B 1028 -42.33 14.00 1.00
N GLY B 1029 -43.04 13.55 2.02
CA GLY B 1029 -44.48 13.47 1.98
C GLY B 1029 -44.99 12.06 1.76
N TYR B 1030 -46.20 11.97 1.24
CA TYR B 1030 -46.83 10.69 0.93
C TYR B 1030 -46.57 10.34 -0.52
N HIS B 1031 -45.99 9.18 -0.76
CA HIS B 1031 -45.59 8.81 -2.11
C HIS B 1031 -46.79 8.41 -2.95
N LEU B 1032 -46.84 8.94 -4.17
CA LEU B 1032 -47.83 8.53 -5.17
C LEU B 1032 -47.21 7.76 -6.31
N MET B 1033 -46.15 8.28 -6.93
CA MET B 1033 -45.49 7.61 -8.03
C MET B 1033 -44.12 8.25 -8.22
N SER B 1034 -43.36 7.70 -9.16
CA SER B 1034 -42.04 8.23 -9.47
C SER B 1034 -41.74 8.01 -10.95
N PHE B 1035 -40.85 8.86 -11.47
CA PHE B 1035 -40.46 8.80 -12.87
C PHE B 1035 -38.93 8.84 -12.94
N PRO B 1036 -38.29 7.90 -13.62
CA PRO B 1036 -36.83 7.95 -13.74
C PRO B 1036 -36.39 8.75 -14.96
N GLN B 1037 -35.20 9.34 -14.84
CA GLN B 1037 -34.56 10.04 -15.94
C GLN B 1037 -33.08 9.69 -15.92
N ALA B 1038 -32.47 9.51 -17.08
CA ALA B 1038 -31.05 9.23 -17.12
C ALA B 1038 -30.26 10.50 -16.93
N ALA B 1039 -28.99 10.35 -16.56
CA ALA B 1039 -28.07 11.47 -16.46
C ALA B 1039 -26.65 10.91 -16.51
N PRO B 1040 -25.67 11.75 -16.84
CA PRO B 1040 -24.29 11.24 -16.97
C PRO B 1040 -23.85 10.52 -15.71
N HIS B 1041 -23.65 9.22 -15.83
CA HIS B 1041 -23.18 8.39 -14.71
C HIS B 1041 -24.15 8.42 -13.53
N GLY B 1042 -25.45 8.46 -13.81
CA GLY B 1042 -26.40 8.46 -12.71
C GLY B 1042 -27.83 8.51 -13.19
N VAL B 1043 -28.74 8.49 -12.22
CA VAL B 1043 -30.18 8.48 -12.46
C VAL B 1043 -30.82 9.54 -11.58
N VAL B 1044 -31.76 10.28 -12.15
CA VAL B 1044 -32.51 11.31 -11.44
C VAL B 1044 -33.95 10.84 -11.32
N PHE B 1045 -34.44 10.73 -10.09
CA PHE B 1045 -35.79 10.31 -9.81
C PHE B 1045 -36.65 11.54 -9.54
N LEU B 1046 -37.80 11.62 -10.22
CA LEU B 1046 -38.81 12.63 -9.95
C LEU B 1046 -39.90 11.94 -9.14
N HIS B 1047 -39.93 12.24 -7.85
CA HIS B 1047 -40.88 11.63 -6.93
C HIS B 1047 -42.09 12.55 -6.80
N VAL B 1048 -43.28 12.03 -7.11
CA VAL B 1048 -44.52 12.76 -6.93
C VAL B 1048 -45.09 12.41 -5.56
N THR B 1049 -45.40 13.43 -4.77
CA THR B 1049 -45.88 13.24 -3.41
C THR B 1049 -47.08 14.13 -3.14
N TYR B 1050 -47.91 13.67 -2.22
CA TYR B 1050 -49.12 14.37 -1.79
C TYR B 1050 -48.85 14.98 -0.42
N VAL B 1051 -48.84 16.30 -0.33
CA VAL B 1051 -48.54 17.01 0.90
C VAL B 1051 -49.80 17.74 1.36
N PRO B 1052 -50.32 17.46 2.55
CA PRO B 1052 -51.50 18.18 3.02
C PRO B 1052 -51.19 19.63 3.36
N SER B 1053 -52.25 20.43 3.45
CA SER B 1053 -52.10 21.86 3.73
C SER B 1053 -53.47 22.41 4.09
N GLN B 1054 -53.46 23.66 4.58
CA GLN B 1054 -54.66 24.34 5.07
C GLN B 1054 -55.31 23.53 6.22
N GLU B 1055 -54.55 23.45 7.31
CA GLU B 1055 -55.03 22.77 8.49
C GLU B 1055 -56.21 23.50 9.11
N ARG B 1056 -57.09 22.73 9.75
CA ARG B 1056 -58.17 23.26 10.56
C ARG B 1056 -58.18 22.56 11.90
N ASN B 1057 -58.39 23.31 12.96
CA ASN B 1057 -58.46 22.76 14.30
C ASN B 1057 -59.89 22.28 14.60
N PHE B 1058 -59.99 21.18 15.33
CA PHE B 1058 -61.28 20.64 15.70
C PHE B 1058 -61.18 20.04 17.09
N THR B 1059 -62.31 19.93 17.77
CA THR B 1059 -62.39 19.23 19.04
C THR B 1059 -62.87 17.82 18.77
N THR B 1060 -62.10 16.83 19.23
CA THR B 1060 -62.33 15.43 18.91
C THR B 1060 -62.63 14.64 20.18
N ALA B 1061 -63.08 13.40 19.97
CA ALA B 1061 -63.45 12.52 21.07
C ALA B 1061 -63.05 11.09 20.72
N PRO B 1062 -62.50 10.33 21.67
CA PRO B 1062 -62.14 8.95 21.36
C PRO B 1062 -63.32 8.09 20.93
N ALA B 1063 -64.51 8.32 21.49
CA ALA B 1063 -65.67 7.49 21.20
C ALA B 1063 -66.91 8.32 21.43
N ILE B 1064 -68.07 7.74 21.13
CA ILE B 1064 -69.36 8.40 21.35
C ILE B 1064 -70.26 7.47 22.13
N CYS B 1065 -70.79 7.97 23.24
CA CYS B 1065 -71.66 7.18 24.11
C CYS B 1065 -73.11 7.35 23.65
N HIS B 1066 -73.78 6.23 23.35
CA HIS B 1066 -75.16 6.24 22.92
C HIS B 1066 -75.88 5.05 23.53
N GLU B 1067 -77.03 5.31 24.15
CA GLU B 1067 -77.85 4.27 24.74
C GLU B 1067 -77.03 3.40 25.69
N GLY B 1068 -76.04 3.99 26.36
CA GLY B 1068 -75.27 3.29 27.35
C GLY B 1068 -74.12 2.45 26.82
N LYS B 1069 -73.82 2.53 25.52
CA LYS B 1069 -72.70 1.79 24.94
C LYS B 1069 -71.87 2.70 24.06
N ALA B 1070 -70.58 2.37 23.92
CA ALA B 1070 -69.63 3.24 23.27
C ALA B 1070 -69.37 2.81 21.83
N TYR B 1071 -69.45 3.78 20.92
CA TYR B 1071 -69.16 3.60 19.51
C TYR B 1071 -67.78 4.18 19.20
N PHE B 1072 -66.93 3.37 18.55
CA PHE B 1072 -65.64 3.78 18.04
C PHE B 1072 -65.70 3.85 16.51
N PRO B 1073 -64.88 4.69 15.88
CA PRO B 1073 -64.96 4.83 14.42
C PRO B 1073 -64.20 3.72 13.71
N ARG B 1074 -64.83 3.12 12.70
CA ARG B 1074 -64.14 2.12 11.90
C ARG B 1074 -62.93 2.72 11.20
N GLU B 1075 -63.08 3.92 10.65
CA GLU B 1075 -61.98 4.63 10.01
C GLU B 1075 -62.10 6.11 10.34
N GLY B 1076 -60.96 6.78 10.42
CA GLY B 1076 -60.95 8.19 10.70
C GLY B 1076 -61.15 8.50 12.17
N VAL B 1077 -61.60 9.74 12.41
CA VAL B 1077 -61.76 10.27 13.76
C VAL B 1077 -63.03 11.10 13.86
N PHE B 1078 -63.46 11.32 15.09
CA PHE B 1078 -64.59 12.21 15.36
C PHE B 1078 -64.11 13.66 15.42
N VAL B 1079 -64.98 14.58 14.99
CA VAL B 1079 -64.70 16.01 15.03
C VAL B 1079 -65.98 16.75 15.38
N PHE B 1080 -65.81 18.02 15.77
CA PHE B 1080 -66.94 18.87 16.11
C PHE B 1080 -66.67 20.26 15.52
N ASN B 1081 -67.36 20.57 14.42
CA ASN B 1081 -67.13 21.82 13.72
C ASN B 1081 -67.68 23.03 14.46
N GLY B 1082 -68.45 22.83 15.53
CA GLY B 1082 -69.09 23.91 16.25
C GLY B 1082 -70.60 23.85 16.25
N THR B 1083 -71.20 22.95 15.48
CA THR B 1083 -72.65 22.78 15.45
C THR B 1083 -73.08 21.34 15.70
N SER B 1084 -72.31 20.36 15.25
CA SER B 1084 -72.67 18.96 15.44
C SER B 1084 -71.42 18.10 15.34
N TRP B 1085 -71.53 16.87 15.82
CA TRP B 1085 -70.44 15.92 15.75
C TRP B 1085 -70.44 15.19 14.43
N PHE B 1086 -69.26 15.06 13.82
CA PHE B 1086 -69.11 14.39 12.53
C PHE B 1086 -67.97 13.40 12.61
N ILE B 1087 -67.85 12.58 11.56
CA ILE B 1087 -66.77 11.63 11.39
C ILE B 1087 -66.03 11.99 10.11
N THR B 1088 -64.70 11.96 10.16
CA THR B 1088 -63.91 12.38 9.02
C THR B 1088 -62.65 11.54 8.92
N GLN B 1089 -61.98 11.63 7.78
CA GLN B 1089 -60.70 10.96 7.59
C GLN B 1089 -59.60 11.73 8.31
N ARG B 1090 -58.50 11.04 8.60
CA ARG B 1090 -57.37 11.71 9.25
C ARG B 1090 -56.62 12.61 8.28
N ASN B 1091 -56.60 12.28 6.99
CA ASN B 1091 -55.73 12.93 6.03
C ASN B 1091 -56.46 13.95 5.16
N PHE B 1092 -57.74 14.19 5.40
CA PHE B 1092 -58.51 15.10 4.58
C PHE B 1092 -59.85 15.35 5.27
N PHE B 1093 -60.26 16.61 5.32
CA PHE B 1093 -61.52 16.96 5.98
C PHE B 1093 -62.66 16.69 5.02
N SER B 1094 -63.35 15.57 5.22
CA SER B 1094 -64.53 15.20 4.46
C SER B 1094 -65.60 14.78 5.46
N PRO B 1095 -66.22 15.73 6.14
CA PRO B 1095 -67.14 15.39 7.23
C PRO B 1095 -68.33 14.59 6.71
N GLN B 1096 -68.76 13.61 7.50
CA GLN B 1096 -69.88 12.76 7.15
C GLN B 1096 -70.71 12.48 8.40
N ILE B 1097 -71.99 12.24 8.19
CA ILE B 1097 -72.88 11.92 9.30
C ILE B 1097 -72.37 10.68 10.01
N ILE B 1098 -72.57 10.64 11.33
CA ILE B 1098 -72.22 9.47 12.12
C ILE B 1098 -73.36 8.46 12.01
N THR B 1099 -73.04 7.25 11.57
CA THR B 1099 -74.02 6.18 11.41
C THR B 1099 -73.50 4.93 12.08
N THR B 1100 -74.20 3.81 11.87
CA THR B 1100 -73.81 2.54 12.47
C THR B 1100 -72.88 1.73 11.57
N ASP B 1101 -72.89 1.98 10.26
CA ASP B 1101 -72.03 1.21 9.37
C ASP B 1101 -70.57 1.60 9.51
N ASN B 1102 -70.27 2.86 9.80
CA ASN B 1102 -68.90 3.33 9.94
C ASN B 1102 -68.44 3.40 11.40
N THR B 1103 -69.24 2.86 12.32
CA THR B 1103 -68.87 2.79 13.73
C THR B 1103 -69.14 1.39 14.25
N PHE B 1104 -68.40 0.99 15.28
CA PHE B 1104 -68.62 -0.30 15.92
C PHE B 1104 -68.64 -0.13 17.44
N VAL B 1105 -69.45 -0.96 18.10
CA VAL B 1105 -69.69 -0.83 19.53
C VAL B 1105 -68.75 -1.73 20.29
N SER B 1106 -68.43 -1.34 21.52
CA SER B 1106 -67.59 -2.17 22.39
C SER B 1106 -67.76 -1.69 23.83
N GLY B 1107 -68.28 -2.56 24.69
CA GLY B 1107 -68.35 -2.27 26.10
C GLY B 1107 -69.36 -1.19 26.44
N SER B 1108 -69.10 -0.49 27.53
CA SER B 1108 -69.96 0.55 28.04
C SER B 1108 -69.23 1.90 27.98
N CYS B 1109 -69.86 2.93 28.53
CA CYS B 1109 -69.34 4.29 28.43
C CYS B 1109 -68.46 4.69 29.61
N ASP B 1110 -68.36 3.87 30.64
CA ASP B 1110 -67.66 4.22 31.87
C ASP B 1110 -66.20 3.73 31.85
N VAL B 1111 -65.80 3.02 30.80
CA VAL B 1111 -64.47 2.43 30.76
C VAL B 1111 -63.50 3.21 29.88
N VAL B 1112 -63.98 4.17 29.10
CA VAL B 1112 -63.13 4.97 28.21
C VAL B 1112 -63.22 6.43 28.65
N ILE B 1113 -62.07 7.08 28.76
CA ILE B 1113 -62.00 8.47 29.19
C ILE B 1113 -62.06 9.37 27.96
N GLY B 1114 -62.83 10.45 28.06
CA GLY B 1114 -63.02 11.36 26.96
C GLY B 1114 -64.24 11.09 26.10
N ILE B 1115 -65.06 10.11 26.48
CA ILE B 1115 -66.25 9.79 25.70
C ILE B 1115 -67.25 10.93 25.80
N ILE B 1116 -67.95 11.20 24.70
CA ILE B 1116 -68.90 12.30 24.60
C ILE B 1116 -70.26 11.74 24.24
N ASN B 1117 -71.28 12.12 25.01
CA ASN B 1117 -72.64 11.68 24.73
C ASN B 1117 -73.14 12.27 23.41
N ASN B 1118 -73.78 11.43 22.61
CA ASN B 1118 -74.34 11.86 21.33
C ASN B 1118 -75.21 10.72 20.80
N THR B 1119 -75.98 11.03 19.77
CA THR B 1119 -76.89 10.05 19.17
C THR B 1119 -76.53 9.81 17.71
N VAL B 1120 -76.82 8.60 17.25
CA VAL B 1120 -76.52 8.16 15.89
C VAL B 1120 -77.82 7.71 15.24
N TYR B 1121 -78.38 8.56 14.38
CA TYR B 1121 -79.65 8.24 13.75
C TYR B 1121 -79.45 7.18 12.67
N ASP B 1122 -80.28 6.14 12.72
CA ASP B 1122 -80.24 5.05 11.76
C ASP B 1122 -81.60 4.98 11.08
N PRO B 1123 -81.70 5.12 9.76
CA PRO B 1123 -83.03 5.21 9.13
C PRO B 1123 -83.92 4.00 9.40
N LEU B 1124 -83.35 2.80 9.49
CA LEU B 1124 -84.14 1.61 9.77
C LEU B 1124 -84.65 1.65 11.20
N GLN C 33 21.77 -30.57 41.02
CA GLN C 33 21.00 -29.76 40.08
C GLN C 33 19.82 -29.10 40.77
N PHE C 34 19.94 -27.80 41.02
CA PHE C 34 18.86 -27.01 41.57
C PHE C 34 18.03 -26.41 40.44
N LEU C 35 17.12 -25.51 40.78
CA LEU C 35 16.28 -24.82 39.81
C LEU C 35 16.46 -23.32 40.00
N SER C 36 16.69 -22.59 38.89
CA SER C 36 17.06 -21.16 38.93
C SER C 36 15.90 -20.21 39.19
N SER C 37 14.68 -20.70 39.40
CA SER C 37 13.50 -19.80 39.56
C SER C 37 13.46 -18.89 38.33
N HIS C 38 13.31 -17.58 38.49
CA HIS C 38 13.27 -16.60 37.37
C HIS C 38 14.52 -15.74 37.49
N ARG C 39 15.67 -16.37 37.77
CA ARG C 39 16.91 -15.66 37.98
C ARG C 39 17.80 -15.73 36.74
N GLY C 40 18.68 -14.75 36.61
CA GLY C 40 19.63 -14.72 35.52
C GLY C 40 19.25 -13.76 34.41
N VAL C 41 18.78 -12.57 34.78
CA VAL C 41 18.39 -11.55 33.82
C VAL C 41 19.35 -10.37 33.95
N TYR C 42 19.93 -9.96 32.83
CA TYR C 42 20.89 -8.88 32.79
C TYR C 42 20.52 -7.92 31.68
N TYR C 43 21.04 -6.70 31.74
CA TYR C 43 20.79 -5.72 30.72
C TYR C 43 21.61 -6.06 29.48
N PRO C 44 20.97 -6.34 28.33
CA PRO C 44 21.77 -6.67 27.13
C PRO C 44 22.21 -5.45 26.35
N ILE C 47 22.82 1.25 26.40
CA ILE C 47 21.63 1.93 25.91
C ILE C 47 20.68 2.19 27.08
N PHE C 48 19.92 3.27 26.98
CA PHE C 48 18.93 3.63 27.98
C PHE C 48 17.54 3.59 27.34
N ARG C 49 16.57 3.07 28.08
CA ARG C 49 15.18 3.05 27.62
C ARG C 49 14.28 2.97 28.83
N SER C 50 13.00 3.30 28.63
CA SER C 50 12.04 3.33 29.72
C SER C 50 10.64 3.13 29.16
N ASN C 51 9.87 2.26 29.82
CA ASN C 51 8.48 2.00 29.45
C ASN C 51 8.38 1.62 27.97
N VAL C 52 9.16 0.62 27.56
CA VAL C 52 9.24 0.24 26.17
C VAL C 52 8.73 -1.18 25.90
N LEU C 53 8.85 -2.09 26.87
CA LEU C 53 8.43 -3.48 26.68
C LEU C 53 9.11 -4.07 25.44
N HIS C 54 10.43 -4.15 25.53
CA HIS C 54 11.27 -4.41 24.36
C HIS C 54 11.67 -5.88 24.31
N LEU C 55 11.60 -6.46 23.11
CA LEU C 55 11.87 -7.87 22.89
C LEU C 55 13.28 -8.03 22.30
N VAL C 56 14.11 -8.84 22.95
CA VAL C 56 15.51 -8.96 22.60
C VAL C 56 15.94 -10.42 22.59
N GLN C 57 16.73 -10.78 21.58
CA GLN C 57 17.27 -12.13 21.45
C GLN C 57 18.75 -12.08 21.81
N ASP C 58 19.15 -12.85 22.81
CA ASP C 58 20.52 -12.81 23.31
C ASP C 58 20.80 -14.07 24.11
N HIS C 59 21.98 -14.11 24.72
CA HIS C 59 22.40 -15.24 25.55
C HIS C 59 21.83 -15.05 26.95
N PHE C 60 20.71 -15.73 27.23
CA PHE C 60 20.03 -15.65 28.51
C PHE C 60 19.94 -17.04 29.13
N LEU C 61 19.69 -17.05 30.44
CA LEU C 61 19.53 -18.30 31.18
C LEU C 61 18.05 -18.68 31.19
N PRO C 62 17.66 -19.82 30.61
CA PRO C 62 16.24 -20.17 30.57
C PRO C 62 15.65 -20.27 31.97
N PHE C 63 14.39 -19.85 32.09
CA PHE C 63 13.69 -19.91 33.36
C PHE C 63 13.42 -21.35 33.75
N ASP C 64 13.52 -21.63 35.05
CA ASP C 64 13.38 -22.99 35.57
C ASP C 64 14.33 -23.94 34.87
N SER C 65 15.58 -23.51 34.71
CA SER C 65 16.63 -24.34 34.14
C SER C 65 17.45 -24.99 35.25
N ASN C 66 18.29 -25.94 34.86
CA ASN C 66 19.16 -26.62 35.81
C ASN C 66 20.46 -25.84 35.98
N VAL C 67 20.77 -25.49 37.21
CA VAL C 67 22.02 -24.82 37.55
C VAL C 67 22.79 -25.73 38.51
N THR C 68 24.01 -26.08 38.14
CA THR C 68 24.79 -27.00 38.94
C THR C 68 25.28 -26.31 40.22
N ARG C 69 25.53 -27.11 41.25
CA ARG C 69 26.00 -26.60 42.54
C ARG C 69 27.35 -27.22 42.86
N PHE C 70 28.26 -26.40 43.39
CA PHE C 70 29.57 -26.87 43.81
C PHE C 70 29.75 -26.59 45.31
N ASN C 79 35.96 -27.24 44.05
CA ASN C 79 36.31 -26.00 43.36
C ASN C 79 37.15 -26.37 42.13
N PRO C 80 36.51 -27.03 41.15
CA PRO C 80 37.24 -27.49 39.97
C PRO C 80 37.31 -26.48 38.85
N ILE C 81 37.91 -26.87 37.72
CA ILE C 81 37.90 -26.05 36.52
C ILE C 81 36.56 -26.21 35.82
N ILE C 82 35.84 -25.10 35.66
CA ILE C 82 34.46 -25.10 35.19
C ILE C 82 34.43 -24.57 33.77
N PRO C 83 33.98 -25.35 32.79
CA PRO C 83 33.90 -24.83 31.41
C PRO C 83 32.99 -23.61 31.33
N PHE C 84 33.35 -22.69 30.43
CA PHE C 84 32.69 -21.39 30.31
C PHE C 84 31.62 -21.37 29.24
N ARG C 85 31.86 -22.00 28.09
CA ARG C 85 30.89 -22.08 26.99
C ARG C 85 30.55 -20.67 26.55
N ASP C 86 29.28 -20.28 26.51
CA ASP C 86 28.85 -18.99 25.95
C ASP C 86 28.45 -17.98 27.00
N GLY C 87 29.09 -17.98 28.16
CA GLY C 87 28.75 -17.08 29.24
C GLY C 87 28.22 -17.90 30.40
N ILE C 88 28.18 -17.29 31.58
CA ILE C 88 27.74 -18.00 32.76
C ILE C 88 26.99 -17.07 33.70
N TYR C 89 26.08 -17.66 34.46
CA TYR C 89 25.43 -17.02 35.59
C TYR C 89 25.94 -17.70 36.85
N PHE C 90 26.66 -16.95 37.68
CA PHE C 90 27.27 -17.46 38.90
C PHE C 90 26.53 -16.86 40.09
N ALA C 91 26.35 -17.65 41.15
CA ALA C 91 25.63 -17.19 42.32
C ALA C 91 26.20 -17.85 43.57
N ALA C 92 26.01 -17.19 44.70
CA ALA C 92 26.47 -17.72 45.98
C ALA C 92 25.59 -17.24 47.13
N VAL C 98 34.59 -15.06 52.17
CA VAL C 98 33.66 -15.90 51.45
C VAL C 98 34.29 -16.25 50.10
N ILE C 99 33.73 -15.74 49.00
CA ILE C 99 34.36 -15.88 47.69
C ILE C 99 34.97 -14.53 47.32
N ARG C 100 36.24 -14.55 46.93
CA ARG C 100 36.99 -13.31 46.73
C ARG C 100 37.05 -12.87 45.27
N GLY C 101 37.23 -13.78 44.33
CA GLY C 101 37.34 -13.39 42.95
C GLY C 101 37.12 -14.53 41.98
N TRP C 102 37.72 -14.38 40.79
CA TRP C 102 37.57 -15.35 39.72
C TRP C 102 38.81 -15.30 38.84
N VAL C 103 39.02 -16.40 38.11
CA VAL C 103 40.10 -16.50 37.13
C VAL C 103 39.51 -17.08 35.86
N PHE C 104 39.61 -16.35 34.75
CA PHE C 104 39.11 -16.81 33.47
C PHE C 104 40.28 -17.02 32.51
N GLY C 105 40.16 -18.02 31.65
CA GLY C 105 41.23 -18.29 30.71
C GLY C 105 40.85 -19.45 29.81
N SER C 106 41.86 -19.94 29.09
CA SER C 106 41.70 -21.09 28.20
C SER C 106 42.49 -22.30 28.69
N THR C 107 43.79 -22.13 28.95
CA THR C 107 44.63 -23.20 29.47
C THR C 107 45.03 -22.99 30.91
N MET C 108 45.14 -21.73 31.35
CA MET C 108 45.46 -21.42 32.74
C MET C 108 46.77 -22.06 33.18
N ASN C 109 47.75 -22.12 32.26
CA ASN C 109 49.01 -22.78 32.55
C ASN C 109 50.20 -21.99 32.03
N ASN C 110 50.05 -20.67 31.89
CA ASN C 110 51.07 -19.70 31.50
C ASN C 110 51.37 -19.73 30.00
N LYS C 111 50.74 -20.63 29.24
CA LYS C 111 50.89 -20.66 27.80
C LYS C 111 49.82 -19.84 27.08
N SER C 112 48.91 -19.23 27.83
CA SER C 112 47.80 -18.49 27.25
C SER C 112 47.32 -17.45 28.25
N GLN C 113 47.04 -16.25 27.75
CA GLN C 113 46.66 -15.15 28.62
C GLN C 113 45.40 -15.49 29.42
N SER C 114 45.43 -15.17 30.71
CA SER C 114 44.29 -15.37 31.60
C SER C 114 44.08 -14.12 32.43
N VAL C 115 42.83 -13.86 32.79
CA VAL C 115 42.45 -12.65 33.52
C VAL C 115 42.04 -13.05 34.94
N ILE C 116 42.57 -12.33 35.92
CA ILE C 116 42.30 -12.58 37.32
C ILE C 116 41.61 -11.35 37.89
N ILE C 117 40.40 -11.56 38.43
CA ILE C 117 39.66 -10.54 39.16
C ILE C 117 39.71 -10.93 40.63
N MET C 118 40.08 -9.99 41.50
CA MET C 118 40.17 -10.33 42.92
C MET C 118 39.97 -9.07 43.76
N ASN C 119 39.74 -9.30 45.06
CA ASN C 119 39.49 -8.25 46.03
C ASN C 119 40.34 -8.53 47.26
N ASN C 120 41.22 -7.60 47.59
CA ASN C 120 42.07 -7.73 48.77
C ASN C 120 41.64 -6.76 49.86
N LEU C 124 40.07 -3.48 44.78
CA LEU C 124 39.77 -4.40 43.70
C LEU C 124 40.87 -4.38 42.65
N VAL C 125 41.30 -5.56 42.21
CA VAL C 125 42.38 -5.71 41.25
C VAL C 125 41.90 -6.58 40.11
N ILE C 126 42.18 -6.14 38.88
CA ILE C 126 41.92 -6.92 37.68
C ILE C 126 43.20 -6.90 36.84
N ARG C 127 43.76 -8.07 36.58
CA ARG C 127 44.97 -8.15 35.78
C ARG C 127 44.86 -9.29 34.79
N ALA C 128 45.14 -9.00 33.52
CA ALA C 128 45.16 -10.00 32.47
C ALA C 128 46.62 -10.25 32.10
N CYS C 129 47.13 -11.44 32.41
CA CYS C 129 48.52 -11.78 32.12
C CYS C 129 48.65 -13.29 31.96
N ASN C 130 49.87 -13.71 31.60
CA ASN C 130 50.20 -15.12 31.41
C ASN C 130 50.63 -15.72 32.74
N PHE C 131 49.65 -15.90 33.61
CA PHE C 131 49.92 -16.38 34.96
C PHE C 131 50.35 -17.84 34.95
N GLU C 132 51.15 -18.23 35.95
CA GLU C 132 51.56 -19.61 36.08
C GLU C 132 50.41 -20.48 36.59
N LEU C 133 49.66 -19.97 37.57
CA LEU C 133 48.50 -20.68 38.11
C LEU C 133 48.81 -22.15 38.40
N ASN C 156 54.63 -14.80 38.88
CA ASN C 156 55.38 -14.41 37.69
C ASN C 156 54.44 -14.02 36.56
N ALA C 157 54.29 -12.72 36.34
CA ALA C 157 53.45 -12.18 35.28
C ALA C 157 54.32 -11.56 34.20
N PHE C 158 54.18 -12.05 32.98
CA PHE C 158 55.02 -11.64 31.87
C PHE C 158 54.17 -11.47 30.61
N ASN C 159 54.61 -10.58 29.73
CA ASN C 159 53.98 -10.37 28.43
C ASN C 159 52.47 -10.19 28.57
N CYS C 160 52.08 -9.12 29.25
CA CYS C 160 50.67 -8.86 29.49
C CYS C 160 50.32 -7.37 29.46
N THR C 161 49.05 -7.10 29.22
CA THR C 161 48.62 -5.80 28.72
C THR C 161 47.74 -5.11 29.73
N PHE C 162 46.63 -5.71 30.17
CA PHE C 162 45.59 -4.95 30.85
C PHE C 162 45.79 -4.99 32.36
N GLU C 163 45.46 -3.88 33.02
CA GLU C 163 45.58 -3.76 34.46
C GLU C 163 44.61 -2.70 34.97
N TYR C 164 44.01 -2.97 36.13
CA TYR C 164 43.04 -2.05 36.72
C TYR C 164 42.99 -2.21 38.22
N VAL C 165 43.28 -1.14 38.97
CA VAL C 165 43.37 -1.19 40.41
C VAL C 165 42.49 -0.08 40.98
N SER C 166 41.64 -0.42 41.94
CA SER C 166 40.78 0.56 42.58
C SER C 166 40.79 0.40 44.10
N LEU C 183 22.87 -13.17 49.41
CA LEU C 183 22.90 -13.72 48.06
C LEU C 183 23.63 -12.79 47.10
N ARG C 184 24.66 -13.34 46.45
CA ARG C 184 25.44 -12.62 45.44
C ARG C 184 25.21 -13.28 44.10
N GLU C 185 25.07 -12.48 43.05
CA GLU C 185 24.86 -12.98 41.70
C GLU C 185 25.71 -12.19 40.72
N PHE C 186 26.21 -12.88 39.69
CA PHE C 186 27.02 -12.25 38.67
C PHE C 186 26.72 -12.93 37.34
N VAL C 187 26.87 -12.18 36.26
CA VAL C 187 26.73 -12.71 34.91
C VAL C 187 27.96 -12.31 34.12
N PHE C 188 28.59 -13.30 33.48
CA PHE C 188 29.80 -13.08 32.70
C PHE C 188 29.55 -13.45 31.26
N ARG C 189 29.84 -12.51 30.36
CA ARG C 189 29.72 -12.74 28.92
C ARG C 189 30.98 -12.25 28.24
N ASN C 190 31.26 -12.78 27.06
CA ASN C 190 32.45 -12.42 26.29
C ASN C 190 32.01 -12.17 24.84
N LYS C 191 31.91 -10.90 24.46
CA LYS C 191 31.48 -10.51 23.13
C LYS C 191 32.46 -9.51 22.54
N ASP C 192 32.95 -9.80 21.34
CA ASP C 192 33.85 -8.92 20.60
C ASP C 192 35.07 -8.54 21.44
N GLY C 193 35.57 -9.52 22.19
CA GLY C 193 36.76 -9.33 22.98
C GLY C 193 36.51 -8.62 24.29
N PHE C 194 35.29 -8.14 24.50
CA PHE C 194 34.92 -7.45 25.72
C PHE C 194 34.27 -8.42 26.69
N LEU C 195 34.77 -8.43 27.92
CA LEU C 195 34.19 -9.24 29.00
C LEU C 195 33.19 -8.36 29.73
N HIS C 196 31.91 -8.67 29.56
CA HIS C 196 30.86 -7.98 30.30
C HIS C 196 30.61 -8.68 31.62
N VAL C 197 30.68 -7.92 32.71
CA VAL C 197 30.45 -8.42 34.07
C VAL C 197 29.30 -7.64 34.66
N TYR C 198 28.21 -8.33 34.97
CA TYR C 198 27.03 -7.77 35.61
C TYR C 198 26.93 -8.32 37.03
N SER C 199 26.47 -7.49 37.96
CA SER C 199 26.45 -7.87 39.37
C SER C 199 25.06 -7.62 39.95
N GLY C 200 24.78 -8.33 41.04
CA GLY C 200 23.53 -8.16 41.76
C GLY C 200 23.64 -8.78 43.14
N TYR C 201 22.79 -8.30 44.05
CA TYR C 201 22.85 -8.74 45.44
C TYR C 201 21.46 -8.66 46.05
N GLN C 202 21.12 -9.65 46.87
CA GLN C 202 19.86 -9.69 47.57
C GLN C 202 20.07 -10.16 49.00
N PRO C 203 19.31 -9.64 49.97
CA PRO C 203 19.44 -10.08 51.37
C PRO C 203 18.61 -11.31 51.72
N ILE C 204 19.14 -12.48 51.38
CA ILE C 204 18.51 -13.74 51.75
C ILE C 204 19.33 -14.42 52.83
N GLY C 213 13.31 -15.50 43.73
CA GLY C 213 12.58 -14.30 43.34
C GLY C 213 12.94 -13.81 41.95
N PHE C 214 13.21 -12.52 41.84
CA PHE C 214 13.58 -11.92 40.57
C PHE C 214 14.38 -10.65 40.84
N ASN C 215 15.41 -10.42 40.02
CA ASN C 215 16.21 -9.21 40.12
C ASN C 215 17.09 -9.06 38.89
N ALA C 216 17.07 -7.87 38.27
CA ALA C 216 17.90 -7.58 37.11
C ALA C 216 19.28 -7.15 37.57
N LEU C 217 20.30 -7.67 36.88
CA LEU C 217 21.69 -7.45 37.27
C LEU C 217 22.25 -6.27 36.49
N LYS C 218 22.54 -5.18 37.19
CA LYS C 218 23.03 -3.97 36.55
C LYS C 218 24.47 -4.15 36.08
N PRO C 219 24.81 -3.66 34.89
CA PRO C 219 26.17 -3.84 34.39
C PRO C 219 27.20 -3.16 35.29
N ILE C 220 28.35 -3.81 35.43
CA ILE C 220 29.45 -3.33 36.25
C ILE C 220 30.69 -3.03 35.41
N PHE C 221 31.11 -3.99 34.60
CA PHE C 221 32.33 -3.84 33.81
C PHE C 221 32.09 -4.27 32.36
N LYS C 222 32.79 -3.58 31.45
CA LYS C 222 32.96 -4.02 30.07
C LYS C 222 34.46 -3.95 29.80
N LEU C 223 35.16 -5.01 30.17
CA LEU C 223 36.62 -5.01 30.16
C LEU C 223 37.13 -5.32 28.75
N PRO C 224 38.01 -4.48 28.17
CA PRO C 224 38.62 -4.80 26.86
C PRO C 224 39.79 -5.77 26.98
N LEU C 225 39.47 -7.06 27.09
CA LEU C 225 40.47 -8.08 27.30
C LEU C 225 40.97 -8.68 25.99
N GLY C 226 40.06 -9.10 25.13
CA GLY C 226 40.45 -9.73 23.88
C GLY C 226 41.18 -11.04 24.07
N ILE C 227 40.62 -11.94 24.87
CA ILE C 227 41.21 -13.25 25.09
C ILE C 227 40.12 -14.31 24.94
N ASN C 228 40.54 -15.52 24.59
CA ASN C 228 39.63 -16.64 24.40
C ASN C 228 39.41 -17.34 25.74
N ILE C 229 38.19 -17.30 26.25
CA ILE C 229 37.84 -17.88 27.53
C ILE C 229 37.07 -19.17 27.28
N THR C 230 37.64 -20.30 27.72
CA THR C 230 36.97 -21.59 27.64
C THR C 230 36.94 -22.31 28.98
N ASN C 231 37.50 -21.72 30.03
CA ASN C 231 37.48 -22.30 31.36
C ASN C 231 37.62 -21.18 32.38
N PHE C 232 37.21 -21.47 33.61
CA PHE C 232 37.36 -20.52 34.69
C PHE C 232 37.37 -21.26 36.02
N ARG C 233 37.81 -20.53 37.04
CA ARG C 233 37.91 -21.07 38.40
C ARG C 233 37.55 -19.97 39.38
N THR C 234 37.12 -20.38 40.56
CA THR C 234 36.81 -19.47 41.65
C THR C 234 37.98 -19.41 42.62
N LEU C 235 38.07 -18.28 43.32
CA LEU C 235 39.11 -18.06 44.31
C LEU C 235 38.46 -17.88 45.68
N LEU C 236 38.91 -18.65 46.65
CA LEU C 236 38.32 -18.63 47.99
C LEU C 236 39.39 -18.30 49.04
N ALA C 252 28.90 -23.24 49.34
CA ALA C 252 28.63 -23.74 48.01
C ALA C 252 28.15 -22.62 47.10
N TYR C 253 28.40 -22.76 45.79
CA TYR C 253 28.00 -21.75 44.83
C TYR C 253 27.42 -22.44 43.59
N PHE C 254 26.54 -21.71 42.90
CA PHE C 254 25.77 -22.25 41.79
C PHE C 254 26.24 -21.64 40.48
N VAL C 255 26.36 -22.48 39.45
CA VAL C 255 26.82 -22.07 38.13
C VAL C 255 25.81 -22.56 37.10
N GLY C 256 25.40 -21.66 36.21
CA GLY C 256 24.52 -22.03 35.13
C GLY C 256 25.02 -21.45 33.82
N TYR C 257 24.70 -22.13 32.74
CA TYR C 257 25.19 -21.77 31.41
C TYR C 257 24.10 -21.03 30.64
N LEU C 258 24.48 -19.92 30.03
CA LEU C 258 23.54 -19.15 29.21
C LEU C 258 23.40 -19.79 27.84
N LYS C 259 22.20 -19.69 27.28
CA LYS C 259 21.87 -20.22 25.98
C LYS C 259 21.19 -19.14 25.16
N PRO C 260 21.24 -19.24 23.82
CA PRO C 260 20.59 -18.22 22.99
C PRO C 260 19.08 -18.34 23.01
N THR C 261 18.40 -17.29 23.48
CA THR C 261 16.96 -17.30 23.61
C THR C 261 16.45 -15.88 23.49
N THR C 262 15.15 -15.74 23.24
CA THR C 262 14.51 -14.45 23.11
C THR C 262 13.67 -14.16 24.35
N PHE C 263 13.92 -12.99 24.96
CA PHE C 263 13.22 -12.54 26.15
C PHE C 263 12.44 -11.27 25.83
N MET C 264 11.51 -10.94 26.72
CA MET C 264 10.71 -9.73 26.61
C MET C 264 10.77 -9.00 27.95
N LEU C 265 11.55 -7.92 27.99
CA LEU C 265 11.77 -7.17 29.21
C LEU C 265 10.88 -5.93 29.22
N LYS C 266 10.66 -5.39 30.42
CA LYS C 266 9.70 -4.30 30.61
C LYS C 266 10.35 -2.92 30.63
N TYR C 267 11.50 -2.78 31.28
CA TYR C 267 12.15 -1.48 31.38
C TYR C 267 11.21 -0.43 31.96
N GLY C 271 14.98 2.04 32.01
CA GLY C 271 15.82 2.33 33.16
C GLY C 271 16.07 1.10 34.01
N THR C 272 15.04 0.67 34.73
CA THR C 272 15.12 -0.50 35.59
C THR C 272 14.25 -1.61 35.02
N ILE C 273 14.86 -2.74 34.69
CA ILE C 273 14.12 -3.90 34.20
C ILE C 273 13.21 -4.41 35.31
N THR C 274 12.03 -4.89 34.92
CA THR C 274 11.07 -5.43 35.87
C THR C 274 10.23 -6.48 35.18
N ASP C 275 10.13 -7.65 35.80
CA ASP C 275 9.23 -8.72 35.35
C ASP C 275 9.48 -9.04 33.88
N ALA C 276 10.64 -9.64 33.62
CA ALA C 276 10.92 -10.20 32.30
C ALA C 276 10.29 -11.58 32.17
N VAL C 277 10.02 -11.97 30.93
CA VAL C 277 9.37 -13.25 30.63
C VAL C 277 10.16 -13.96 29.53
N ASP C 278 10.31 -15.27 29.68
CA ASP C 278 11.02 -16.09 28.70
C ASP C 278 10.01 -16.76 27.78
N CYS C 279 10.19 -16.58 26.48
CA CYS C 279 9.16 -16.94 25.50
C CYS C 279 9.17 -18.42 25.13
N SER C 280 10.13 -19.20 25.62
CA SER C 280 10.34 -20.56 25.14
C SER C 280 10.07 -21.63 26.20
N GLN C 281 9.30 -21.31 27.24
CA GLN C 281 9.10 -22.23 28.35
C GLN C 281 7.68 -22.73 28.50
N ASN C 282 6.68 -21.91 28.19
CA ASN C 282 5.28 -22.29 28.36
C ASN C 282 4.46 -21.78 27.18
N PRO C 283 3.32 -22.40 26.90
CA PRO C 283 2.40 -21.79 25.93
C PRO C 283 1.94 -20.41 26.34
N LEU C 284 1.70 -20.21 27.64
CA LEU C 284 1.30 -18.90 28.11
C LEU C 284 2.39 -17.87 27.88
N ALA C 285 3.64 -18.23 28.18
CA ALA C 285 4.75 -17.30 27.94
C ALA C 285 4.92 -17.02 26.46
N GLU C 286 4.74 -18.04 25.62
CA GLU C 286 4.82 -17.84 24.18
C GLU C 286 3.75 -16.86 23.71
N LEU C 287 2.52 -17.02 24.20
CA LEU C 287 1.46 -16.10 23.84
C LEU C 287 1.77 -14.69 24.33
N LYS C 288 2.26 -14.59 25.57
CA LYS C 288 2.61 -13.28 26.12
C LYS C 288 3.67 -12.59 25.26
N CYS C 289 4.64 -13.34 24.77
CA CYS C 289 5.71 -12.77 23.96
C CYS C 289 5.22 -12.41 22.56
N SER C 290 4.35 -13.24 21.98
CA SER C 290 3.86 -12.97 20.63
C SER C 290 2.83 -11.85 20.59
N VAL C 291 2.22 -11.52 21.73
CA VAL C 291 1.26 -10.42 21.80
C VAL C 291 1.89 -9.13 22.29
N LYS C 292 3.13 -9.18 22.80
CA LYS C 292 3.83 -7.99 23.28
C LYS C 292 3.05 -7.29 24.39
N SER C 293 2.48 -8.09 25.28
CA SER C 293 1.77 -7.55 26.44
C SER C 293 1.90 -8.55 27.58
N PHE C 294 1.82 -8.04 28.81
CA PHE C 294 1.94 -8.90 29.98
C PHE C 294 0.59 -9.27 30.56
N GLU C 295 -0.45 -8.50 30.25
CA GLU C 295 -1.81 -8.81 30.68
C GLU C 295 -2.63 -9.18 29.45
N ILE C 296 -3.26 -10.36 29.49
CA ILE C 296 -4.00 -10.90 28.36
C ILE C 296 -5.45 -11.04 28.76
N ASP C 297 -6.36 -10.59 27.91
CA ASP C 297 -7.78 -10.76 28.13
C ASP C 297 -8.23 -12.14 27.68
N LYS C 298 -9.42 -12.54 28.14
CA LYS C 298 -9.95 -13.84 27.78
C LYS C 298 -10.06 -13.97 26.27
N GLY C 299 -9.61 -15.10 25.74
CA GLY C 299 -9.77 -15.36 24.33
C GLY C 299 -8.75 -16.36 23.83
N ILE C 300 -8.78 -16.56 22.51
CA ILE C 300 -7.93 -17.50 21.81
C ILE C 300 -7.13 -16.73 20.77
N TYR C 301 -5.80 -16.89 20.81
CA TYR C 301 -4.90 -16.14 19.94
C TYR C 301 -3.93 -17.07 19.24
N GLN C 302 -3.60 -16.75 18.00
CA GLN C 302 -2.54 -17.44 17.28
C GLN C 302 -1.18 -16.92 17.74
N THR C 303 -0.19 -17.81 17.75
CA THR C 303 1.13 -17.49 18.28
C THR C 303 2.21 -17.94 17.30
N SER C 304 3.31 -17.17 17.28
CA SER C 304 4.47 -17.54 16.48
C SER C 304 5.28 -18.61 17.18
N ASN C 305 6.22 -19.21 16.45
CA ASN C 305 7.01 -20.32 16.95
C ASN C 305 8.17 -19.78 17.77
N PHE C 306 8.05 -19.85 19.09
CA PHE C 306 9.16 -19.65 20.01
C PHE C 306 9.57 -20.95 20.69
N ARG C 307 8.88 -22.05 20.38
CA ARG C 307 9.05 -23.28 21.16
C ARG C 307 10.45 -23.87 20.95
N VAL C 308 10.87 -24.05 19.70
CA VAL C 308 12.05 -24.81 19.36
C VAL C 308 12.89 -24.04 18.37
N ALA C 309 14.21 -24.03 18.59
CA ALA C 309 15.17 -23.47 17.68
C ALA C 309 16.29 -24.46 17.45
N PRO C 310 16.90 -24.45 16.26
CA PRO C 310 17.96 -25.42 15.98
C PRO C 310 19.17 -25.21 16.87
N SER C 311 19.81 -26.32 17.23
CA SER C 311 21.02 -26.31 18.06
C SER C 311 22.21 -26.92 17.34
N LYS C 312 22.04 -28.10 16.75
CA LYS C 312 23.12 -28.77 16.05
C LYS C 312 23.20 -28.28 14.61
N GLU C 313 24.23 -28.74 13.89
CA GLU C 313 24.42 -28.42 12.48
C GLU C 313 24.76 -29.70 11.73
N VAL C 314 24.31 -29.78 10.49
CA VAL C 314 24.51 -30.96 9.65
C VAL C 314 25.20 -30.50 8.38
N VAL C 315 26.52 -30.55 8.37
CA VAL C 315 27.32 -30.18 7.21
C VAL C 315 27.59 -31.42 6.39
N ARG C 316 27.30 -31.35 5.09
CA ARG C 316 27.52 -32.47 4.16
C ARG C 316 28.17 -31.93 2.90
N PHE C 317 29.39 -32.37 2.63
CA PHE C 317 30.17 -31.97 1.48
C PHE C 317 30.55 -33.22 0.69
N PRO C 318 30.90 -33.06 -0.59
CA PRO C 318 31.25 -34.23 -1.39
C PRO C 318 32.59 -34.81 -0.97
N ASN C 319 32.85 -36.03 -1.44
CA ASN C 319 34.05 -36.77 -1.06
C ASN C 319 35.22 -36.34 -1.94
N ILE C 320 35.84 -35.24 -1.55
CA ILE C 320 37.01 -34.70 -2.26
C ILE C 320 38.11 -34.45 -1.25
N THR C 321 39.30 -34.96 -1.52
CA THR C 321 40.45 -34.80 -0.64
C THR C 321 41.63 -34.10 -1.27
N ASN C 322 41.71 -34.04 -2.60
CA ASN C 322 42.86 -33.40 -3.24
C ASN C 322 42.81 -31.89 -3.01
N LEU C 323 44.00 -31.29 -2.96
CA LEU C 323 44.14 -29.85 -2.76
C LEU C 323 44.46 -29.19 -4.11
N CYS C 324 43.79 -28.08 -4.37
CA CYS C 324 43.99 -27.41 -5.65
C CYS C 324 45.45 -26.98 -5.76
N PRO C 325 46.06 -27.08 -6.95
CA PRO C 325 47.48 -26.72 -7.10
C PRO C 325 47.69 -25.22 -7.25
N PHE C 326 47.25 -24.45 -6.25
CA PHE C 326 47.44 -23.01 -6.29
C PHE C 326 48.91 -22.66 -6.29
N GLY C 327 49.72 -23.40 -5.52
CA GLY C 327 51.14 -23.13 -5.49
C GLY C 327 51.79 -23.29 -6.85
N GLU C 328 51.44 -24.35 -7.58
CA GLU C 328 52.02 -24.56 -8.90
C GLU C 328 51.60 -23.46 -9.87
N VAL C 329 50.31 -23.12 -9.89
CA VAL C 329 49.81 -22.14 -10.85
C VAL C 329 50.39 -20.77 -10.56
N PHE C 330 50.35 -20.34 -9.30
CA PHE C 330 50.82 -19.00 -8.95
C PHE C 330 52.34 -18.89 -8.99
N ASN C 331 53.06 -20.02 -8.99
CA ASN C 331 54.51 -20.02 -8.98
C ASN C 331 55.10 -20.35 -10.35
N ALA C 332 54.27 -20.43 -11.38
CA ALA C 332 54.78 -20.76 -12.71
C ALA C 332 55.79 -19.71 -13.17
N THR C 333 56.83 -20.17 -13.86
CA THR C 333 57.91 -19.26 -14.25
C THR C 333 57.46 -18.30 -15.35
N THR C 334 56.45 -18.68 -16.13
CA THR C 334 56.01 -17.90 -17.27
C THR C 334 54.50 -17.72 -17.22
N PHE C 335 54.05 -16.49 -17.45
CA PHE C 335 52.64 -16.15 -17.54
C PHE C 335 52.34 -15.55 -18.91
N PRO C 336 51.12 -15.74 -19.43
CA PRO C 336 50.81 -15.23 -20.76
C PRO C 336 50.67 -13.71 -20.76
N SER C 337 50.86 -13.13 -21.95
CA SER C 337 50.58 -11.73 -22.12
C SER C 337 49.09 -11.47 -21.96
N VAL C 338 48.75 -10.22 -21.62
CA VAL C 338 47.35 -9.90 -21.37
C VAL C 338 46.52 -10.11 -22.62
N TYR C 339 47.11 -9.88 -23.80
CA TYR C 339 46.38 -10.07 -25.04
C TYR C 339 46.22 -11.54 -25.41
N ALA C 340 46.96 -12.44 -24.77
CA ALA C 340 46.88 -13.88 -25.02
C ALA C 340 46.61 -14.63 -23.72
N TRP C 341 45.77 -14.05 -22.87
CA TRP C 341 45.46 -14.67 -21.59
C TRP C 341 44.90 -16.08 -21.81
N GLU C 342 45.34 -17.01 -20.98
CA GLU C 342 44.91 -18.40 -21.07
C GLU C 342 43.76 -18.66 -20.10
N ARG C 343 43.19 -19.86 -20.19
CA ARG C 343 42.11 -20.28 -19.32
C ARG C 343 42.36 -21.71 -18.87
N LYS C 344 42.05 -21.98 -17.61
CA LYS C 344 42.19 -23.32 -17.04
C LYS C 344 40.92 -23.66 -16.29
N ARG C 345 40.53 -24.93 -16.30
CA ARG C 345 39.38 -25.41 -15.55
C ARG C 345 39.90 -26.10 -14.29
N ILE C 346 39.47 -25.61 -13.13
CA ILE C 346 39.85 -26.23 -11.86
C ILE C 346 38.72 -27.12 -11.39
N SER C 347 39.04 -28.37 -11.07
CA SER C 347 38.02 -29.34 -10.73
C SER C 347 38.61 -30.39 -9.78
N ASN C 348 37.71 -31.03 -9.03
CA ASN C 348 38.06 -32.15 -8.16
C ASN C 348 39.20 -31.78 -7.21
N CYS C 349 39.07 -30.62 -6.58
CA CYS C 349 40.05 -30.19 -5.59
C CYS C 349 39.36 -29.28 -4.58
N VAL C 350 39.95 -29.20 -3.39
CA VAL C 350 39.43 -28.37 -2.32
C VAL C 350 40.18 -27.04 -2.32
N ALA C 351 39.44 -25.95 -2.44
CA ALA C 351 40.03 -24.61 -2.57
C ALA C 351 40.39 -24.11 -1.18
N ASP C 352 41.66 -24.26 -0.82
CA ASP C 352 42.17 -23.83 0.48
C ASP C 352 43.17 -22.70 0.23
N TYR C 353 42.70 -21.46 0.38
CA TYR C 353 43.60 -20.31 0.24
C TYR C 353 44.49 -20.14 1.46
N SER C 354 44.15 -20.76 2.59
CA SER C 354 44.95 -20.60 3.80
C SER C 354 46.36 -21.11 3.59
N VAL C 355 46.52 -22.25 2.92
CA VAL C 355 47.84 -22.80 2.64
C VAL C 355 48.71 -21.80 1.90
N LEU C 356 48.10 -20.78 1.28
CA LEU C 356 48.81 -19.80 0.50
C LEU C 356 49.25 -18.58 1.30
N TYR C 357 48.87 -18.48 2.58
CA TYR C 357 49.27 -17.33 3.38
C TYR C 357 50.78 -17.30 3.62
N ASN C 358 51.47 -18.41 3.40
CA ASN C 358 52.92 -18.44 3.57
C ASN C 358 53.63 -17.60 2.51
N SER C 359 52.95 -17.24 1.43
CA SER C 359 53.53 -16.41 0.37
C SER C 359 52.40 -15.69 -0.35
N THR C 360 52.72 -15.07 -1.49
CA THR C 360 51.71 -14.50 -2.38
C THR C 360 50.85 -13.48 -1.64
N SER C 361 51.50 -12.37 -1.28
CA SER C 361 50.86 -11.32 -0.49
C SER C 361 49.48 -10.91 -1.02
N PHE C 362 49.20 -11.12 -2.31
CA PHE C 362 47.88 -10.83 -2.88
C PHE C 362 47.50 -9.37 -2.68
N SER C 363 48.23 -8.51 -3.39
CA SER C 363 47.97 -7.07 -3.34
C SER C 363 46.52 -6.72 -3.71
N THR C 364 45.74 -7.66 -4.23
CA THR C 364 44.34 -7.40 -4.55
C THR C 364 43.57 -8.71 -4.49
N PHE C 365 42.45 -8.71 -3.76
CA PHE C 365 41.60 -9.88 -3.62
C PHE C 365 40.13 -9.49 -3.71
N LYS C 366 39.79 -8.67 -4.69
CA LYS C 366 38.39 -8.28 -4.87
C LYS C 366 37.57 -9.49 -5.29
N CYS C 367 36.43 -9.69 -4.62
CA CYS C 367 35.52 -10.79 -4.91
C CYS C 367 34.16 -10.22 -5.27
N TYR C 368 33.63 -10.64 -6.42
CA TYR C 368 32.35 -10.16 -6.93
C TYR C 368 31.33 -11.29 -6.90
N GLY C 369 30.14 -10.99 -6.40
CA GLY C 369 29.09 -11.99 -6.30
C GLY C 369 29.12 -12.73 -4.99
N VAL C 370 30.23 -13.42 -4.72
CA VAL C 370 30.41 -14.12 -3.45
C VAL C 370 31.30 -13.28 -2.55
N SER C 371 31.31 -13.58 -1.26
CA SER C 371 32.16 -12.91 -0.29
C SER C 371 33.32 -13.82 0.09
N ALA C 372 34.53 -13.25 0.12
CA ALA C 372 35.71 -14.05 0.37
C ALA C 372 35.57 -14.87 1.64
N THR C 373 34.99 -14.29 2.69
CA THR C 373 34.85 -15.01 3.95
C THR C 373 34.02 -16.28 3.76
N LYS C 374 33.10 -16.28 2.80
CA LYS C 374 32.26 -17.45 2.58
C LYS C 374 32.94 -18.50 1.71
N LEU C 375 34.10 -18.20 1.13
CA LEU C 375 34.72 -19.14 0.20
C LEU C 375 35.15 -20.43 0.87
N ASN C 376 35.19 -20.46 2.20
CA ASN C 376 35.54 -21.67 2.93
C ASN C 376 34.33 -22.55 3.23
N ASP C 377 33.15 -22.15 2.80
CA ASP C 377 31.92 -22.92 3.07
C ASP C 377 31.04 -22.96 1.84
N LEU C 378 31.63 -22.83 0.66
CA LEU C 378 30.90 -22.85 -0.61
C LEU C 378 31.45 -23.95 -1.50
N CYS C 379 30.57 -24.52 -2.32
CA CYS C 379 30.94 -25.47 -3.35
C CYS C 379 30.46 -24.93 -4.68
N PHE C 380 31.31 -25.02 -5.70
CA PHE C 380 31.01 -24.50 -7.03
C PHE C 380 30.89 -25.65 -8.02
N SER C 381 30.06 -25.45 -9.05
CA SER C 381 29.92 -26.45 -10.09
C SER C 381 31.01 -26.35 -11.15
N ASN C 382 31.62 -25.19 -11.31
CA ASN C 382 32.66 -25.01 -12.32
C ASN C 382 33.49 -23.77 -12.01
N VAL C 383 34.81 -23.89 -12.05
CA VAL C 383 35.73 -22.81 -11.74
C VAL C 383 36.70 -22.64 -12.90
N TYR C 384 36.80 -21.41 -13.41
CA TYR C 384 37.68 -21.07 -14.52
C TYR C 384 38.70 -20.05 -14.04
N ALA C 385 39.98 -20.33 -14.25
CA ALA C 385 41.05 -19.43 -13.86
C ALA C 385 41.72 -18.88 -15.11
N ASP C 386 41.69 -17.55 -15.27
CA ASP C 386 42.32 -16.87 -16.39
C ASP C 386 43.49 -16.04 -15.88
N SER C 387 44.69 -16.34 -16.37
CA SER C 387 45.91 -15.75 -15.85
C SER C 387 46.59 -14.90 -16.90
N PHE C 388 47.23 -13.82 -16.46
CA PHE C 388 47.98 -12.95 -17.36
C PHE C 388 48.81 -11.97 -16.53
N VAL C 389 49.49 -11.06 -17.21
CA VAL C 389 50.39 -10.10 -16.58
C VAL C 389 50.06 -8.71 -17.11
N VAL C 390 49.96 -7.74 -16.21
CA VAL C 390 49.63 -6.36 -16.57
C VAL C 390 50.52 -5.40 -15.80
N LYS C 391 50.34 -4.11 -16.06
CA LYS C 391 51.00 -3.06 -15.31
C LYS C 391 50.41 -2.94 -13.91
N GLY C 392 51.13 -2.24 -13.04
CA GLY C 392 50.56 -1.90 -11.74
C GLY C 392 49.39 -0.94 -11.88
N ASP C 393 49.48 0.01 -12.80
CA ASP C 393 48.40 0.97 -13.02
C ASP C 393 47.23 0.35 -13.76
N ASP C 394 47.43 -0.77 -14.45
CA ASP C 394 46.38 -1.41 -15.21
C ASP C 394 45.56 -2.41 -14.41
N VAL C 395 45.97 -2.72 -13.17
CA VAL C 395 45.21 -3.68 -12.38
C VAL C 395 43.82 -3.13 -12.08
N ARG C 396 43.70 -1.81 -11.96
CA ARG C 396 42.40 -1.22 -11.67
C ARG C 396 41.38 -1.56 -12.76
N GLN C 397 41.85 -1.82 -13.97
CA GLN C 397 40.95 -2.03 -15.10
C GLN C 397 40.32 -3.41 -15.09
N ILE C 398 40.84 -4.34 -14.28
CA ILE C 398 40.30 -5.71 -14.25
C ILE C 398 39.16 -5.69 -13.24
N ALA C 399 37.98 -5.30 -13.72
CA ALA C 399 36.76 -5.28 -12.93
C ALA C 399 35.59 -4.94 -13.85
N PRO C 400 34.38 -5.41 -13.55
CA PRO C 400 33.25 -5.13 -14.43
C PRO C 400 32.95 -3.64 -14.49
N GLY C 401 32.73 -3.14 -15.70
CA GLY C 401 32.35 -1.76 -15.91
C GLY C 401 33.49 -0.79 -16.13
N GLN C 402 34.73 -1.20 -15.91
CA GLN C 402 35.85 -0.31 -16.15
C GLN C 402 36.13 -0.19 -17.63
N THR C 403 36.78 0.91 -18.01
CA THR C 403 37.17 1.16 -19.39
C THR C 403 38.62 1.59 -19.45
N GLY C 404 39.27 1.22 -20.53
CA GLY C 404 40.68 1.50 -20.71
C GLY C 404 41.26 0.54 -21.72
N VAL C 405 42.57 0.65 -21.92
CA VAL C 405 43.22 -0.20 -22.92
C VAL C 405 42.99 -1.66 -22.60
N ILE C 406 43.28 -2.06 -21.36
CA ILE C 406 43.12 -3.46 -20.99
C ILE C 406 41.67 -3.88 -21.03
N ALA C 407 40.78 -3.06 -20.47
CA ALA C 407 39.39 -3.46 -20.33
C ALA C 407 38.73 -3.70 -21.68
N ASP C 408 38.97 -2.80 -22.64
CA ASP C 408 38.21 -2.84 -23.89
C ASP C 408 38.98 -3.36 -25.10
N TYR C 409 40.31 -3.51 -25.00
CA TYR C 409 41.08 -4.02 -26.13
C TYR C 409 41.77 -5.35 -25.85
N ASN C 410 42.06 -5.68 -24.59
CA ASN C 410 42.81 -6.87 -24.26
C ASN C 410 42.01 -7.88 -23.46
N TYR C 411 41.41 -7.48 -22.35
CA TYR C 411 40.65 -8.39 -21.49
C TYR C 411 39.41 -7.67 -20.98
N LYS C 412 38.25 -8.25 -21.22
CA LYS C 412 36.98 -7.67 -20.81
C LYS C 412 36.24 -8.63 -19.91
N LEU C 413 35.62 -8.10 -18.85
CA LEU C 413 34.88 -8.89 -17.89
C LEU C 413 33.37 -8.67 -18.03
N PRO C 414 32.54 -9.69 -17.81
CA PRO C 414 31.10 -9.50 -17.94
C PRO C 414 30.57 -8.54 -16.88
N ASP C 415 29.48 -7.86 -17.22
CA ASP C 415 28.80 -7.00 -16.26
C ASP C 415 28.17 -7.80 -15.13
N ASP C 416 27.93 -9.09 -15.33
CA ASP C 416 27.35 -9.99 -14.33
C ASP C 416 28.42 -10.89 -13.73
N PHE C 417 29.62 -10.36 -13.53
CA PHE C 417 30.73 -11.16 -13.05
C PHE C 417 30.39 -11.79 -11.71
N LEU C 418 30.66 -13.08 -11.57
CA LEU C 418 30.45 -13.83 -10.33
C LEU C 418 31.74 -14.61 -10.08
N GLY C 419 32.59 -14.06 -9.23
CA GLY C 419 33.87 -14.67 -8.98
C GLY C 419 34.80 -13.78 -8.17
N CYS C 420 36.09 -13.82 -8.50
CA CYS C 420 37.07 -13.07 -7.72
C CYS C 420 38.25 -12.76 -8.62
N VAL C 421 39.03 -11.75 -8.24
CA VAL C 421 40.23 -11.35 -8.96
C VAL C 421 41.38 -11.26 -7.96
N LEU C 422 42.50 -11.88 -8.31
CA LEU C 422 43.70 -11.91 -7.48
C LEU C 422 44.83 -11.26 -8.26
N ALA C 423 45.64 -10.45 -7.59
CA ALA C 423 46.75 -9.79 -8.26
C ALA C 423 47.91 -9.62 -7.28
N TRP C 424 49.11 -9.90 -7.75
CA TRP C 424 50.29 -9.75 -6.90
C TRP C 424 51.48 -9.32 -7.71
N ASN C 425 52.34 -8.50 -7.09
CA ASN C 425 53.53 -8.02 -7.76
C ASN C 425 54.54 -9.14 -7.96
N THR C 426 55.25 -9.10 -9.08
CA THR C 426 56.34 -10.03 -9.34
C THR C 426 57.53 -9.29 -9.92
N ASN C 427 57.87 -8.14 -9.33
CA ASN C 427 58.96 -7.33 -9.86
C ASN C 427 60.30 -8.06 -9.79
N SER C 428 60.44 -9.05 -8.92
CA SER C 428 61.66 -9.82 -8.82
C SER C 428 61.70 -11.00 -9.79
N LYS C 429 60.59 -11.27 -10.48
CA LYS C 429 60.48 -12.43 -11.36
C LYS C 429 60.20 -12.04 -12.80
N ASP C 430 59.28 -11.10 -13.02
CA ASP C 430 58.86 -10.72 -14.36
C ASP C 430 59.57 -9.47 -14.87
N SER C 431 60.60 -9.00 -14.18
CA SER C 431 61.31 -7.78 -14.55
C SER C 431 62.80 -8.04 -14.58
N SER C 432 63.54 -7.12 -15.21
CA SER C 432 64.98 -7.25 -15.34
C SER C 432 65.59 -5.85 -15.41
N THR C 433 66.90 -5.78 -15.13
CA THR C 433 67.58 -4.50 -15.21
C THR C 433 67.58 -3.95 -16.62
N SER C 434 67.88 -4.80 -17.61
CA SER C 434 67.90 -4.35 -19.00
C SER C 434 66.51 -4.19 -19.59
N GLY C 435 65.47 -4.70 -18.92
CA GLY C 435 64.12 -4.59 -19.41
C GLY C 435 63.59 -5.90 -19.94
N ASN C 436 62.44 -6.33 -19.45
CA ASN C 436 61.79 -7.56 -19.91
C ASN C 436 60.66 -7.18 -20.85
N TYR C 437 60.91 -7.31 -22.15
CA TYR C 437 59.96 -6.88 -23.18
C TYR C 437 59.10 -8.02 -23.69
N ASN C 438 59.16 -9.20 -23.07
CA ASN C 438 58.39 -10.34 -23.54
C ASN C 438 56.90 -10.20 -23.29
N TYR C 439 56.48 -9.21 -22.52
CA TYR C 439 55.07 -9.00 -22.22
C TYR C 439 54.53 -7.85 -23.07
N LEU C 440 53.45 -8.12 -23.81
CA LEU C 440 52.90 -7.19 -24.77
C LEU C 440 51.42 -6.95 -24.48
N TYR C 441 50.90 -5.85 -25.00
CA TYR C 441 49.48 -5.56 -24.89
C TYR C 441 49.02 -4.86 -26.17
N ARG C 442 47.73 -5.02 -26.47
CA ARG C 442 47.14 -4.47 -27.68
C ARG C 442 46.56 -3.10 -27.36
N TRP C 443 47.01 -2.08 -28.11
CA TRP C 443 46.59 -0.71 -27.85
C TRP C 443 45.74 -0.11 -28.96
N VAL C 444 45.42 -0.87 -30.01
CA VAL C 444 44.54 -0.40 -31.07
C VAL C 444 43.62 -1.53 -31.48
N ARG C 445 42.36 -1.18 -31.76
CA ARG C 445 41.37 -2.14 -32.22
C ARG C 445 40.15 -1.37 -32.69
N ARG C 446 39.56 -1.79 -33.80
CA ARG C 446 38.45 -1.05 -34.38
C ARG C 446 37.25 -1.01 -33.41
N SER C 447 36.98 -2.11 -32.73
CA SER C 447 35.86 -2.19 -31.81
C SER C 447 36.30 -2.85 -30.51
N LYS C 448 35.58 -2.56 -29.44
CA LYS C 448 35.91 -3.12 -28.13
C LYS C 448 35.56 -4.61 -28.07
N LEU C 449 36.31 -5.34 -27.27
CA LEU C 449 36.06 -6.76 -27.11
C LEU C 449 34.75 -7.02 -26.37
N ASN C 450 34.08 -8.09 -26.75
CA ASN C 450 32.97 -8.59 -25.96
C ASN C 450 33.52 -9.28 -24.71
N PRO C 451 32.69 -9.44 -23.68
CA PRO C 451 33.18 -10.04 -22.44
C PRO C 451 33.79 -11.42 -22.68
N TYR C 452 34.91 -11.68 -22.02
CA TYR C 452 35.60 -12.96 -22.08
C TYR C 452 35.94 -13.32 -23.52
N GLU C 453 36.62 -12.40 -24.21
CA GLU C 453 36.99 -12.61 -25.59
C GLU C 453 38.49 -12.44 -25.76
N ARG C 454 39.03 -13.11 -26.77
CA ARG C 454 40.47 -13.12 -27.05
C ARG C 454 40.69 -12.63 -28.48
N ASP C 455 41.82 -11.95 -28.70
CA ASP C 455 42.08 -11.27 -29.97
C ASP C 455 43.49 -11.57 -30.46
N LEU C 456 43.84 -12.85 -30.53
CA LEU C 456 45.16 -13.24 -31.04
C LEU C 456 45.26 -12.93 -32.53
N SER C 457 45.90 -11.81 -32.87
CA SER C 457 46.12 -11.42 -34.25
C SER C 457 47.09 -10.25 -34.27
N ASN C 458 47.95 -10.21 -35.28
CA ASN C 458 49.00 -9.20 -35.37
C ASN C 458 48.99 -8.52 -36.75
N ASP C 459 47.82 -8.39 -37.35
CA ASP C 459 47.71 -7.70 -38.62
C ASP C 459 47.98 -6.20 -38.43
N ILE C 460 48.69 -5.60 -39.38
CA ILE C 460 49.04 -4.19 -39.27
C ILE C 460 47.77 -3.35 -39.32
N TYR C 461 47.70 -2.36 -38.44
CA TYR C 461 46.51 -1.53 -38.29
C TYR C 461 46.69 -0.19 -39.02
N SER C 462 45.59 0.29 -39.59
CA SER C 462 45.57 1.59 -40.25
C SER C 462 44.29 2.33 -39.87
N PRO C 463 44.39 3.54 -39.30
CA PRO C 463 43.15 4.25 -38.91
C PRO C 463 42.19 4.46 -40.05
N GLY C 464 42.69 4.72 -41.25
CA GLY C 464 41.86 5.03 -42.40
C GLY C 464 41.40 3.84 -43.22
N GLY C 465 41.63 2.62 -42.74
CA GLY C 465 41.25 1.45 -43.50
C GLY C 465 42.00 1.30 -44.80
N GLN C 466 43.30 1.59 -44.80
CA GLN C 466 44.14 1.46 -45.97
C GLN C 466 44.77 0.07 -46.01
N SER C 467 45.52 -0.20 -47.09
CA SER C 467 46.23 -1.46 -47.24
C SER C 467 47.67 -1.27 -46.78
N CYS C 468 47.85 -1.37 -45.46
CA CYS C 468 49.18 -1.22 -44.88
C CYS C 468 50.06 -2.38 -45.28
N SER C 469 51.37 -2.13 -45.32
CA SER C 469 52.36 -3.14 -45.66
C SER C 469 53.47 -3.28 -44.62
N ALA C 470 53.88 -2.20 -43.98
CA ALA C 470 54.94 -2.25 -42.98
C ALA C 470 54.75 -1.10 -42.00
N VAL C 471 55.36 -1.25 -40.82
CA VAL C 471 55.26 -0.21 -39.80
C VAL C 471 55.82 1.08 -40.37
N GLY C 472 55.09 2.18 -40.13
CA GLY C 472 55.48 3.48 -40.63
C GLY C 472 54.37 4.49 -40.46
N PRO C 473 54.34 5.51 -41.31
CA PRO C 473 53.26 6.51 -41.23
C PRO C 473 51.91 5.88 -41.48
N ASN C 474 50.98 6.07 -40.53
CA ASN C 474 49.62 5.56 -40.64
C ASN C 474 49.59 4.03 -40.73
N CYS C 475 50.63 3.37 -40.22
CA CYS C 475 50.67 1.91 -40.18
C CYS C 475 51.30 1.52 -38.85
N TYR C 476 50.46 1.28 -37.85
CA TYR C 476 50.92 0.97 -36.50
C TYR C 476 50.83 -0.51 -36.22
N ASN C 477 51.75 -0.99 -35.38
CA ASN C 477 51.69 -2.36 -34.89
C ASN C 477 50.80 -2.40 -33.66
N PRO C 478 49.68 -3.13 -33.69
CA PRO C 478 48.73 -3.05 -32.57
C PRO C 478 49.29 -3.53 -31.25
N LEU C 479 50.37 -4.32 -31.25
CA LEU C 479 50.96 -4.84 -30.02
C LEU C 479 52.14 -3.97 -29.61
N ARG C 480 52.20 -3.62 -28.34
CA ARG C 480 53.28 -2.80 -27.79
C ARG C 480 53.82 -3.49 -26.54
N PRO C 481 55.13 -3.57 -26.35
CA PRO C 481 55.66 -4.22 -25.15
C PRO C 481 55.55 -3.33 -23.93
N TYR C 482 55.48 -3.98 -22.76
CA TYR C 482 55.38 -3.23 -21.52
C TYR C 482 56.73 -2.63 -21.13
N GLY C 483 57.81 -3.38 -21.27
CA GLY C 483 59.12 -2.90 -20.89
C GLY C 483 59.26 -2.75 -19.39
N PHE C 484 59.25 -3.87 -18.67
CA PHE C 484 59.29 -3.85 -17.22
C PHE C 484 60.73 -3.67 -16.73
N PHE C 485 60.93 -2.70 -15.85
CA PHE C 485 62.23 -2.41 -15.27
C PHE C 485 62.17 -2.63 -13.76
N THR C 486 63.30 -3.04 -13.18
CA THR C 486 63.32 -3.34 -11.76
C THR C 486 63.13 -2.07 -10.92
N THR C 487 63.65 -0.94 -11.39
CA THR C 487 63.64 0.29 -10.63
C THR C 487 62.45 1.19 -10.92
N ALA C 488 61.56 0.79 -11.82
CA ALA C 488 60.43 1.63 -12.18
C ALA C 488 59.43 1.71 -11.03
N GLY C 489 58.65 2.78 -11.03
CA GLY C 489 57.67 2.97 -9.98
C GLY C 489 56.62 1.88 -9.97
N VAL C 490 55.91 1.78 -8.85
CA VAL C 490 54.98 0.67 -8.65
C VAL C 490 53.99 0.59 -9.81
N GLY C 491 53.67 1.72 -10.42
CA GLY C 491 52.79 1.70 -11.56
C GLY C 491 53.36 0.89 -12.72
N HIS C 492 54.63 1.10 -13.03
CA HIS C 492 55.29 0.40 -14.13
C HIS C 492 56.05 -0.82 -13.63
N GLN C 493 55.32 -1.72 -12.97
CA GLN C 493 55.88 -2.96 -12.48
C GLN C 493 54.93 -4.10 -12.79
N PRO C 494 55.44 -5.30 -13.07
CA PRO C 494 54.56 -6.41 -13.42
C PRO C 494 53.66 -6.79 -12.27
N TYR C 495 52.42 -7.13 -12.60
CA TYR C 495 51.45 -7.53 -11.58
C TYR C 495 50.70 -8.74 -12.14
N ARG C 496 51.11 -9.93 -11.72
CA ARG C 496 50.45 -11.14 -12.18
C ARG C 496 49.00 -11.14 -11.69
N VAL C 497 48.07 -11.40 -12.59
CA VAL C 497 46.64 -11.36 -12.32
C VAL C 497 46.04 -12.71 -12.66
N VAL C 498 45.18 -13.20 -11.78
CA VAL C 498 44.42 -14.44 -11.98
C VAL C 498 42.97 -14.16 -11.63
N VAL C 499 42.08 -14.40 -12.57
CA VAL C 499 40.65 -14.15 -12.41
C VAL C 499 39.95 -15.49 -12.30
N LEU C 500 39.25 -15.71 -11.19
CA LEU C 500 38.49 -16.93 -10.95
C LEU C 500 37.02 -16.65 -11.20
N SER C 501 36.40 -17.49 -12.02
CA SER C 501 34.98 -17.38 -12.37
C SER C 501 34.28 -18.64 -11.89
N PHE C 502 33.21 -18.46 -11.12
CA PHE C 502 32.52 -19.55 -10.46
C PHE C 502 31.12 -19.72 -11.02
N GLU C 503 30.66 -20.97 -11.06
CA GLU C 503 29.28 -21.28 -11.45
C GLU C 503 28.60 -22.01 -10.30
N LEU C 504 27.58 -21.39 -9.72
CA LEU C 504 26.80 -21.99 -8.65
C LEU C 504 25.50 -22.58 -9.20
N LEU C 505 25.59 -23.66 -9.96
CA LEU C 505 24.45 -24.23 -10.66
C LEU C 505 23.94 -25.46 -9.93
N ASN C 506 22.72 -25.85 -10.28
CA ASN C 506 22.10 -27.08 -9.75
C ASN C 506 22.68 -28.29 -10.47
N ALA C 507 23.98 -28.45 -10.33
CA ALA C 507 24.77 -29.48 -11.00
C ALA C 507 25.77 -30.05 -10.01
N PRO C 508 26.34 -31.22 -10.29
CA PRO C 508 27.29 -31.82 -9.35
C PRO C 508 28.42 -30.84 -9.03
N ALA C 509 28.76 -30.78 -7.74
CA ALA C 509 29.81 -29.89 -7.29
C ALA C 509 31.18 -30.44 -7.70
N THR C 510 32.07 -29.54 -8.08
CA THR C 510 33.43 -29.90 -8.50
C THR C 510 34.50 -29.33 -7.58
N VAL C 511 34.36 -28.07 -7.17
CA VAL C 511 35.32 -27.41 -6.29
C VAL C 511 34.60 -27.05 -5.00
N CYS C 512 35.19 -27.43 -3.88
CA CYS C 512 34.56 -27.27 -2.58
C CYS C 512 35.55 -26.66 -1.60
N GLY C 513 35.03 -26.12 -0.52
CA GLY C 513 35.86 -25.55 0.53
C GLY C 513 36.43 -26.61 1.43
N PRO C 514 37.35 -26.20 2.31
CA PRO C 514 38.02 -27.15 3.22
C PRO C 514 37.23 -27.38 4.50
N LYS C 515 35.96 -27.77 4.34
CA LYS C 515 35.07 -28.05 5.44
C LYS C 515 34.95 -29.56 5.63
N LEU C 516 34.63 -29.96 6.86
CA LEU C 516 34.50 -31.36 7.23
C LEU C 516 33.03 -31.71 7.34
N SER C 517 32.65 -32.81 6.70
CA SER C 517 31.25 -33.26 6.74
C SER C 517 30.90 -33.78 8.12
N THR C 518 29.61 -33.71 8.45
CA THR C 518 29.07 -34.18 9.71
C THR C 518 28.05 -35.29 9.46
N ASP C 519 27.75 -36.04 10.50
CA ASP C 519 26.78 -37.12 10.39
C ASP C 519 25.39 -36.55 10.11
N LEU C 520 24.51 -37.42 9.63
CA LEU C 520 23.16 -37.02 9.27
C LEU C 520 22.23 -37.11 10.48
N ILE C 521 21.51 -36.03 10.74
CA ILE C 521 20.55 -35.95 11.83
C ILE C 521 19.17 -35.72 11.22
N LYS C 522 18.22 -36.58 11.56
CA LYS C 522 16.90 -36.56 10.96
C LYS C 522 15.82 -36.37 12.02
N ASN C 523 14.67 -35.84 11.59
CA ASN C 523 13.53 -35.62 12.46
C ASN C 523 13.85 -34.63 13.57
N GLN C 524 14.71 -33.65 13.28
CA GLN C 524 15.03 -32.59 14.23
C GLN C 524 15.16 -31.28 13.47
N CYS C 525 14.70 -30.20 14.09
CA CYS C 525 14.90 -28.87 13.52
C CYS C 525 16.38 -28.53 13.66
N VAL C 526 17.13 -28.72 12.59
CA VAL C 526 18.58 -28.66 12.64
C VAL C 526 19.09 -27.87 11.46
N ASN C 527 20.08 -27.01 11.70
CA ASN C 527 20.75 -26.31 10.61
C ASN C 527 21.54 -27.31 9.76
N PHE C 528 21.57 -27.04 8.45
CA PHE C 528 22.25 -27.93 7.53
C PHE C 528 22.99 -27.11 6.49
N ASN C 529 24.03 -27.73 5.93
CA ASN C 529 24.87 -27.11 4.89
C ASN C 529 25.20 -28.21 3.88
N PHE C 530 24.40 -28.28 2.82
CA PHE C 530 24.54 -29.30 1.78
C PHE C 530 25.19 -28.65 0.56
N ASN C 531 26.50 -28.87 0.39
CA ASN C 531 27.23 -28.40 -0.78
C ASN C 531 27.08 -26.89 -0.97
N GLY C 532 26.96 -26.15 0.13
CA GLY C 532 26.79 -24.71 0.07
C GLY C 532 25.38 -24.25 0.31
N LEU C 533 24.39 -25.12 0.20
CA LEU C 533 23.01 -24.80 0.54
C LEU C 533 22.89 -24.82 2.05
N THR C 534 22.90 -23.62 2.65
CA THR C 534 22.72 -23.50 4.10
C THR C 534 21.26 -23.20 4.39
N GLY C 535 20.71 -23.92 5.36
CA GLY C 535 19.30 -23.73 5.67
C GLY C 535 18.96 -24.30 7.02
N THR C 536 17.69 -24.14 7.39
CA THR C 536 17.12 -24.66 8.62
C THR C 536 15.89 -25.48 8.28
N GLY C 537 15.83 -26.71 8.77
CA GLY C 537 14.71 -27.56 8.47
C GLY C 537 14.83 -28.89 9.19
N VAL C 538 13.97 -29.82 8.80
CA VAL C 538 13.92 -31.15 9.38
C VAL C 538 14.18 -32.14 8.26
N LEU C 539 15.37 -32.74 8.27
CA LEU C 539 15.74 -33.68 7.22
C LEU C 539 15.04 -35.01 7.44
N THR C 540 14.39 -35.53 6.40
CA THR C 540 13.75 -36.82 6.48
C THR C 540 13.92 -37.57 5.17
N PRO C 541 13.89 -38.91 5.20
CA PRO C 541 13.97 -39.68 3.96
C PRO C 541 12.78 -39.41 3.06
N SER C 542 12.99 -39.53 1.75
CA SER C 542 11.98 -39.16 0.79
C SER C 542 12.09 -40.03 -0.45
N SER C 543 10.99 -40.08 -1.21
CA SER C 543 10.90 -40.86 -2.43
C SER C 543 10.76 -39.98 -3.66
N LYS C 544 11.21 -38.72 -3.58
CA LYS C 544 11.09 -37.82 -4.72
C LYS C 544 11.90 -38.34 -5.90
N ARG C 545 11.42 -38.05 -7.11
CA ARG C 545 12.10 -38.46 -8.33
C ARG C 545 13.06 -37.35 -8.74
N PHE C 546 14.36 -37.64 -8.67
CA PHE C 546 15.40 -36.67 -9.00
C PHE C 546 16.10 -37.08 -10.29
N GLN C 547 16.46 -36.07 -11.09
CA GLN C 547 17.20 -36.31 -12.31
C GLN C 547 18.61 -36.79 -11.98
N PRO C 548 19.28 -37.42 -12.95
CA PRO C 548 20.61 -38.00 -12.64
C PRO C 548 21.59 -37.00 -12.08
N PHE C 549 21.56 -35.75 -12.57
CA PHE C 549 22.51 -34.73 -12.15
C PHE C 549 21.92 -33.72 -11.17
N GLN C 550 20.62 -33.76 -10.92
CA GLN C 550 20.00 -32.80 -10.03
C GLN C 550 20.63 -32.88 -8.64
N GLN C 551 20.85 -31.72 -8.03
CA GLN C 551 21.46 -31.61 -6.72
C GLN C 551 20.50 -31.14 -5.64
N PHE C 552 19.50 -30.35 -5.99
CA PHE C 552 18.49 -29.92 -5.03
C PHE C 552 17.23 -29.56 -5.80
N GLY C 553 16.12 -29.50 -5.07
CA GLY C 553 14.84 -29.19 -5.68
C GLY C 553 14.00 -28.26 -4.83
N ARG C 554 13.20 -27.43 -5.49
CA ARG C 554 12.35 -26.46 -4.82
C ARG C 554 10.96 -26.52 -5.45
N ASP C 555 10.04 -25.73 -4.90
CA ASP C 555 8.64 -25.75 -5.31
C ASP C 555 8.26 -24.40 -5.92
N VAL C 556 6.96 -24.21 -6.14
CA VAL C 556 6.48 -23.02 -6.84
C VAL C 556 6.90 -21.76 -6.09
N SER C 557 6.98 -21.82 -4.77
CA SER C 557 7.39 -20.68 -3.96
C SER C 557 8.90 -20.60 -3.77
N ASP C 558 9.68 -21.30 -4.59
CA ASP C 558 11.14 -21.30 -4.49
C ASP C 558 11.58 -21.59 -3.05
N PHE C 559 11.00 -22.64 -2.48
CA PHE C 559 11.38 -23.16 -1.18
C PHE C 559 12.01 -24.52 -1.38
N THR C 560 13.24 -24.70 -0.88
CA THR C 560 14.02 -25.91 -1.14
C THR C 560 13.41 -27.06 -0.35
N ASP C 561 12.50 -27.78 -1.00
CA ASP C 561 11.77 -28.85 -0.33
C ASP C 561 12.47 -30.21 -0.40
N SER C 562 13.58 -30.32 -1.13
CA SER C 562 14.31 -31.57 -1.21
C SER C 562 15.76 -31.29 -1.58
N VAL C 563 16.64 -32.22 -1.24
CA VAL C 563 18.08 -32.04 -1.45
C VAL C 563 18.73 -33.40 -1.57
N ARG C 564 19.83 -33.46 -2.32
CA ARG C 564 20.58 -34.68 -2.54
C ARG C 564 21.77 -34.73 -1.58
N ASP C 565 21.97 -35.88 -0.96
CA ASP C 565 23.12 -36.06 -0.07
C ASP C 565 24.38 -36.26 -0.91
N PRO C 566 25.38 -35.38 -0.82
CA PRO C 566 26.52 -35.47 -1.74
C PRO C 566 27.32 -36.75 -1.60
N LYS C 567 27.32 -37.39 -0.42
CA LYS C 567 28.16 -38.55 -0.19
C LYS C 567 27.44 -39.86 -0.41
N THR C 568 26.13 -39.92 -0.14
CA THR C 568 25.34 -41.13 -0.35
C THR C 568 24.33 -41.00 -1.48
N SER C 569 24.04 -39.78 -1.94
CA SER C 569 23.14 -39.56 -3.06
C SER C 569 21.75 -40.12 -2.77
N GLU C 570 21.23 -39.80 -1.60
CA GLU C 570 19.86 -40.14 -1.21
C GLU C 570 19.06 -38.85 -1.11
N ILE C 571 17.88 -38.85 -1.71
CA ILE C 571 17.03 -37.67 -1.72
C ILE C 571 16.40 -37.52 -0.34
N LEU C 572 16.55 -36.33 0.25
CA LEU C 572 16.01 -36.02 1.57
C LEU C 572 15.05 -34.85 1.43
N ASP C 573 13.86 -34.99 1.99
CA ASP C 573 12.91 -33.88 2.05
C ASP C 573 13.22 -33.07 3.31
N ILE C 574 12.97 -31.77 3.25
CA ILE C 574 13.17 -30.90 4.40
C ILE C 574 11.92 -30.07 4.62
N SER C 575 11.45 -30.02 5.86
CA SER C 575 10.25 -29.26 6.19
C SER C 575 10.59 -28.21 7.24
N PRO C 576 9.83 -27.13 7.30
CA PRO C 576 10.09 -26.13 8.35
C PRO C 576 9.81 -26.70 9.73
N CYS C 577 10.22 -25.96 10.75
CA CYS C 577 10.06 -26.39 12.13
C CYS C 577 8.77 -25.90 12.78
N SER C 578 8.34 -24.68 12.47
CA SER C 578 7.15 -24.13 13.12
C SER C 578 5.91 -24.95 12.81
N PHE C 579 5.71 -25.32 11.54
CA PHE C 579 4.60 -26.15 11.08
C PHE C 579 3.26 -25.40 11.10
N GLY C 580 3.22 -24.23 11.74
CA GLY C 580 2.08 -23.35 11.57
C GLY C 580 0.85 -23.77 12.35
N GLY C 581 0.21 -22.82 13.03
CA GLY C 581 -1.16 -22.99 13.49
C GLY C 581 -1.37 -23.12 14.98
N VAL C 582 -0.32 -23.20 15.80
CA VAL C 582 -0.55 -23.36 17.23
C VAL C 582 -1.25 -22.13 17.77
N SER C 583 -2.33 -22.33 18.52
CA SER C 583 -3.09 -21.23 19.11
C SER C 583 -3.29 -21.49 20.58
N VAL C 584 -3.24 -20.44 21.39
CA VAL C 584 -3.39 -20.58 22.83
C VAL C 584 -4.73 -19.99 23.27
N ILE C 585 -5.35 -20.63 24.26
CA ILE C 585 -6.67 -20.29 24.76
C ILE C 585 -6.49 -19.95 26.24
N THR C 586 -6.83 -18.72 26.63
CA THR C 586 -6.64 -18.30 28.01
C THR C 586 -7.89 -17.60 28.55
N PRO C 587 -8.28 -17.86 29.80
CA PRO C 587 -9.35 -17.06 30.41
C PRO C 587 -8.91 -15.72 30.94
N GLY C 588 -7.67 -15.31 30.65
CA GLY C 588 -7.15 -14.05 31.16
C GLY C 588 -6.17 -14.27 32.28
N THR C 589 -4.98 -13.66 32.19
CA THR C 589 -3.99 -13.82 33.24
C THR C 589 -4.52 -13.34 34.59
N ASN C 590 -5.43 -12.37 34.57
CA ASN C 590 -6.00 -11.88 35.83
C ASN C 590 -6.76 -12.98 36.55
N THR C 591 -7.53 -13.79 35.80
CA THR C 591 -8.30 -14.86 36.42
C THR C 591 -7.39 -16.03 36.80
N SER C 592 -6.72 -16.63 35.82
CA SER C 592 -5.84 -17.76 36.06
C SER C 592 -4.78 -17.81 34.98
N SER C 593 -3.66 -18.45 35.30
CA SER C 593 -2.58 -18.65 34.35
C SER C 593 -2.72 -19.94 33.57
N GLU C 594 -3.73 -20.76 33.87
CA GLU C 594 -3.95 -21.97 33.10
C GLU C 594 -4.45 -21.64 31.71
N VAL C 595 -3.93 -22.36 30.72
CA VAL C 595 -4.27 -22.15 29.31
C VAL C 595 -4.39 -23.51 28.63
N ALA C 596 -4.96 -23.49 27.42
CA ALA C 596 -5.08 -24.66 26.58
C ALA C 596 -4.43 -24.38 25.24
N VAL C 597 -4.04 -25.43 24.53
CA VAL C 597 -3.32 -25.32 23.27
C VAL C 597 -4.09 -26.07 22.19
N LEU C 598 -4.28 -25.42 21.05
CA LEU C 598 -4.95 -25.99 19.90
C LEU C 598 -3.96 -26.08 18.75
N TYR C 599 -3.74 -27.28 18.25
CA TYR C 599 -2.96 -27.50 17.04
C TYR C 599 -3.93 -27.71 15.89
N GLN C 600 -3.84 -26.84 14.87
CA GLN C 600 -4.96 -26.66 13.96
C GLN C 600 -5.29 -27.92 13.18
N ASP C 601 -4.27 -28.62 12.68
CA ASP C 601 -4.53 -29.75 11.79
C ASP C 601 -3.83 -31.04 12.21
N VAL C 602 -3.21 -31.08 13.38
CA VAL C 602 -2.55 -32.31 13.81
C VAL C 602 -3.59 -33.30 14.29
N ASN C 603 -3.34 -34.59 14.05
CA ASN C 603 -4.20 -35.65 14.55
C ASN C 603 -3.73 -36.15 15.91
N CYS C 604 -3.54 -35.20 16.83
CA CYS C 604 -3.13 -35.49 18.20
C CYS C 604 -1.87 -36.37 18.22
N THR C 605 -0.79 -35.80 17.67
CA THR C 605 0.52 -36.42 17.69
C THR C 605 1.56 -35.34 17.94
N ASP C 606 2.83 -35.75 17.95
CA ASP C 606 3.93 -34.85 18.28
C ASP C 606 4.60 -34.36 16.98
N VAL C 607 3.92 -33.41 16.35
CA VAL C 607 4.48 -32.66 15.23
C VAL C 607 5.44 -31.60 15.76
N PRO C 608 5.10 -30.87 16.84
CA PRO C 608 6.08 -29.93 17.41
C PRO C 608 7.19 -30.69 18.11
N VAL C 609 8.23 -31.05 17.36
CA VAL C 609 9.24 -32.01 17.79
C VAL C 609 9.59 -31.74 19.24
N ALA C 610 9.51 -32.78 20.07
CA ALA C 610 9.63 -32.65 21.52
C ALA C 610 11.11 -32.71 21.92
N ILE C 611 11.79 -31.58 21.72
CA ILE C 611 13.18 -31.43 22.15
C ILE C 611 13.27 -30.17 23.01
N HIS C 612 12.18 -29.83 23.70
CA HIS C 612 12.14 -28.70 24.61
C HIS C 612 11.64 -29.15 25.97
N ALA C 613 12.20 -28.56 27.02
CA ALA C 613 11.79 -28.92 28.38
C ALA C 613 10.33 -28.50 28.59
N ASP C 614 9.75 -29.02 29.68
CA ASP C 614 8.30 -28.94 29.91
C ASP C 614 7.69 -29.70 28.73
N GLN C 615 6.72 -29.14 27.99
CA GLN C 615 6.41 -29.68 26.68
C GLN C 615 6.05 -28.59 25.67
N LEU C 616 6.33 -27.33 25.95
CA LEU C 616 6.16 -26.27 24.96
C LEU C 616 6.76 -24.97 25.46
N VAL C 622 -1.61 -27.46 28.18
CA VAL C 622 -0.37 -26.77 27.84
C VAL C 622 0.62 -27.76 27.21
N TYR C 623 0.50 -29.02 27.58
CA TYR C 623 1.48 -30.04 27.22
C TYR C 623 1.24 -30.53 25.80
N SER C 624 2.16 -31.37 25.32
CA SER C 624 2.01 -32.00 24.02
C SER C 624 1.66 -33.47 24.20
N THR C 625 0.47 -33.84 23.75
CA THR C 625 -0.03 -35.22 23.88
C THR C 625 0.08 -35.69 25.32
N GLY C 626 -0.64 -35.01 26.21
CA GLY C 626 -0.76 -35.45 27.58
C GLY C 626 -1.82 -36.53 27.72
N ASN C 627 -2.63 -36.40 28.75
CA ASN C 627 -3.76 -37.31 28.99
C ASN C 627 -5.08 -36.66 28.60
N ASN C 628 -5.25 -35.38 28.91
CA ASN C 628 -6.50 -34.67 28.66
C ASN C 628 -6.46 -34.05 27.25
N VAL C 629 -6.81 -34.89 26.26
CA VAL C 629 -6.76 -34.51 24.86
C VAL C 629 -8.15 -34.67 24.26
N PHE C 630 -8.53 -33.74 23.37
CA PHE C 630 -9.79 -33.78 22.66
C PHE C 630 -9.53 -33.57 21.18
N GLN C 631 -10.11 -34.42 20.34
CA GLN C 631 -9.86 -34.36 18.90
C GLN C 631 -10.99 -33.56 18.25
N THR C 632 -10.79 -32.25 18.17
CA THR C 632 -11.77 -31.38 17.53
C THR C 632 -11.67 -31.53 16.02
N GLN C 633 -12.82 -31.44 15.35
CA GLN C 633 -12.82 -31.46 13.89
C GLN C 633 -11.88 -30.38 13.37
N ALA C 634 -10.85 -30.80 12.66
CA ALA C 634 -9.78 -29.91 12.22
C ALA C 634 -9.09 -29.27 13.43
N GLY C 635 -8.48 -30.13 14.25
CA GLY C 635 -7.69 -29.66 15.38
C GLY C 635 -7.55 -30.65 16.52
N CYS C 636 -6.47 -30.52 17.27
CA CYS C 636 -6.28 -31.24 18.52
C CYS C 636 -6.15 -30.24 19.66
N LEU C 637 -6.97 -30.41 20.70
CA LEU C 637 -7.05 -29.46 21.79
C LEU C 637 -6.57 -30.14 23.07
N ILE C 638 -5.63 -29.50 23.76
CA ILE C 638 -5.04 -30.06 24.97
C ILE C 638 -5.12 -29.04 26.09
N GLY C 639 -5.50 -29.52 27.28
CA GLY C 639 -5.67 -28.66 28.43
C GLY C 639 -7.10 -28.28 28.74
N ALA C 640 -8.07 -28.76 27.97
CA ALA C 640 -9.48 -28.47 28.19
C ALA C 640 -10.24 -29.78 28.35
N GLU C 641 -11.18 -29.80 29.29
CA GLU C 641 -11.95 -31.01 29.59
C GLU C 641 -13.25 -31.00 28.78
N HIS C 642 -13.53 -32.11 28.11
CA HIS C 642 -14.71 -32.21 27.25
C HIS C 642 -15.91 -32.68 28.07
N VAL C 643 -16.98 -31.90 28.02
CA VAL C 643 -18.21 -32.17 28.76
C VAL C 643 -19.34 -32.36 27.76
N ASP C 644 -20.09 -33.44 27.91
CA ASP C 644 -21.19 -33.71 26.99
C ASP C 644 -22.25 -32.61 27.05
N THR C 645 -22.41 -31.97 28.20
CA THR C 645 -23.35 -30.86 28.31
C THR C 645 -22.93 -29.73 27.38
N SER C 646 -23.92 -29.14 26.70
CA SER C 646 -23.68 -28.09 25.73
C SER C 646 -24.24 -26.77 26.25
N TYR C 647 -23.41 -25.73 26.21
CA TYR C 647 -23.81 -24.40 26.66
C TYR C 647 -23.60 -23.38 25.55
N GLU C 648 -23.90 -22.11 25.84
CA GLU C 648 -23.62 -21.05 24.89
C GLU C 648 -22.11 -20.91 24.69
N CYS C 649 -21.73 -20.21 23.62
CA CYS C 649 -20.33 -20.08 23.25
C CYS C 649 -19.72 -18.89 23.98
N ASP C 650 -18.57 -19.10 24.62
CA ASP C 650 -17.83 -18.05 25.29
C ASP C 650 -16.51 -17.75 24.58
N ILE C 651 -15.68 -18.75 24.38
CA ILE C 651 -14.43 -18.61 23.64
C ILE C 651 -14.48 -19.55 22.44
N PRO C 652 -14.82 -19.05 21.26
CA PRO C 652 -14.96 -19.94 20.10
C PRO C 652 -13.64 -20.63 19.76
N ILE C 653 -13.74 -21.89 19.36
CA ILE C 653 -12.58 -22.66 18.90
C ILE C 653 -12.78 -22.97 17.43
N GLY C 654 -13.88 -23.62 17.09
CA GLY C 654 -14.20 -23.87 15.70
C GLY C 654 -14.90 -25.19 15.50
N ALA C 655 -15.43 -25.38 14.31
CA ALA C 655 -16.17 -26.59 13.96
C ALA C 655 -17.31 -26.85 14.93
N GLY C 656 -17.90 -25.76 15.42
CA GLY C 656 -19.00 -25.89 16.36
C GLY C 656 -18.58 -26.28 17.75
N ILE C 657 -17.31 -26.05 18.10
CA ILE C 657 -16.78 -26.35 19.43
C ILE C 657 -16.30 -25.06 20.05
N CYS C 658 -16.70 -24.82 21.29
CA CYS C 658 -16.30 -23.63 22.05
C CYS C 658 -15.71 -24.07 23.37
N ALA C 659 -15.17 -23.11 24.12
CA ALA C 659 -14.57 -23.38 25.43
C ALA C 659 -14.82 -22.21 26.36
N SER C 660 -14.77 -22.49 27.65
CA SER C 660 -14.97 -21.47 28.67
C SER C 660 -14.38 -21.95 29.99
N TYR C 661 -14.20 -21.01 30.92
CA TYR C 661 -13.57 -21.30 32.20
C TYR C 661 -14.65 -21.53 33.26
N HIS C 662 -15.35 -22.66 33.13
CA HIS C 662 -16.40 -22.99 34.07
C HIS C 662 -15.81 -23.57 35.36
N THR C 663 -16.66 -23.61 36.38
CA THR C 663 -16.33 -24.33 37.60
C THR C 663 -16.82 -25.77 37.49
N VAL C 664 -16.28 -26.63 38.36
CA VAL C 664 -16.66 -28.04 38.35
C VAL C 664 -16.52 -28.62 39.76
N LYS C 673 -12.36 -25.34 39.49
CA LYS C 673 -12.34 -24.42 38.36
C LYS C 673 -11.28 -24.86 37.34
N SER C 674 -11.70 -25.03 36.09
CA SER C 674 -10.81 -25.50 35.04
C SER C 674 -11.40 -25.07 33.69
N ILE C 675 -10.60 -25.23 32.64
CA ILE C 675 -11.04 -24.91 31.29
C ILE C 675 -11.82 -26.09 30.75
N VAL C 676 -13.02 -25.81 30.21
CA VAL C 676 -13.92 -26.84 29.71
C VAL C 676 -14.22 -26.54 28.25
N ALA C 677 -14.17 -27.58 27.41
CA ALA C 677 -14.51 -27.48 26.00
C ALA C 677 -15.79 -28.26 25.76
N TYR C 678 -16.66 -27.73 24.91
CA TYR C 678 -17.94 -28.35 24.64
C TYR C 678 -18.38 -28.01 23.22
N THR C 679 -19.49 -28.61 22.81
CA THR C 679 -20.12 -28.28 21.54
C THR C 679 -21.19 -27.22 21.75
N MET C 680 -21.32 -26.33 20.77
CA MET C 680 -22.18 -25.17 20.91
C MET C 680 -23.64 -25.59 21.07
N SER C 681 -24.44 -24.69 21.63
CA SER C 681 -25.88 -24.88 21.78
C SER C 681 -26.58 -23.92 20.83
N LEU C 682 -27.40 -24.47 19.93
CA LEU C 682 -28.09 -23.65 18.94
C LEU C 682 -29.22 -22.84 19.54
N GLY C 683 -30.04 -23.43 20.38
CA GLY C 683 -31.15 -22.71 20.98
C GLY C 683 -32.00 -23.65 21.83
N ALA C 684 -33.02 -23.07 22.44
CA ALA C 684 -33.91 -23.80 23.33
C ALA C 684 -34.83 -24.68 22.49
N ASP C 685 -34.62 -25.99 22.55
CA ASP C 685 -35.49 -26.91 21.83
C ASP C 685 -36.94 -26.68 22.22
N SER C 686 -37.80 -26.60 21.21
CA SER C 686 -39.20 -26.27 21.41
C SER C 686 -40.07 -27.34 20.76
N SER C 687 -41.21 -27.61 21.39
CA SER C 687 -42.19 -28.57 20.88
C SER C 687 -43.37 -27.79 20.32
N ILE C 688 -43.55 -27.86 19.00
CA ILE C 688 -44.64 -27.17 18.32
C ILE C 688 -45.51 -28.25 17.67
N ALA C 689 -46.79 -28.24 18.01
CA ALA C 689 -47.73 -29.24 17.52
C ALA C 689 -48.54 -28.64 16.37
N TYR C 690 -48.54 -29.32 15.23
CA TYR C 690 -49.30 -28.90 14.07
C TYR C 690 -50.65 -29.60 14.07
N SER C 691 -51.72 -28.82 13.91
CA SER C 691 -53.07 -29.34 13.85
C SER C 691 -53.81 -28.66 12.72
N ASN C 692 -54.63 -29.43 12.01
CA ASN C 692 -55.37 -28.92 10.87
C ASN C 692 -56.62 -28.14 11.26
N ASN C 693 -57.07 -28.26 12.50
CA ASN C 693 -58.28 -27.56 12.93
C ASN C 693 -58.12 -26.88 14.29
N THR C 694 -56.95 -26.35 14.60
CA THR C 694 -56.74 -25.64 15.85
C THR C 694 -55.82 -24.45 15.62
N ILE C 695 -56.14 -23.33 16.26
CA ILE C 695 -55.37 -22.09 16.15
C ILE C 695 -55.15 -21.54 17.54
N ALA C 696 -53.96 -20.99 17.76
CA ALA C 696 -53.60 -20.36 19.03
C ALA C 696 -53.66 -18.85 18.87
N ILE C 697 -54.41 -18.19 19.74
CA ILE C 697 -54.55 -16.74 19.66
C ILE C 697 -54.14 -16.11 20.99
N PRO C 698 -53.48 -14.95 21.00
CA PRO C 698 -53.14 -14.32 22.27
C PRO C 698 -54.34 -13.68 22.92
N THR C 699 -54.38 -13.75 24.25
CA THR C 699 -55.43 -13.11 25.04
C THR C 699 -54.96 -11.88 25.79
N ASN C 700 -53.65 -11.65 25.89
CA ASN C 700 -53.12 -10.44 26.51
C ASN C 700 -51.93 -9.98 25.70
N PHE C 701 -51.40 -8.82 26.07
CA PHE C 701 -50.26 -8.25 25.36
C PHE C 701 -49.35 -7.54 26.36
N SER C 702 -48.13 -7.29 25.92
CA SER C 702 -47.17 -6.54 26.73
C SER C 702 -46.42 -5.56 25.83
N ILE C 703 -45.92 -4.49 26.44
CA ILE C 703 -45.18 -3.45 25.75
C ILE C 703 -43.70 -3.63 26.08
N SER C 704 -42.87 -3.75 25.05
CA SER C 704 -41.45 -4.00 25.20
C SER C 704 -40.66 -2.87 24.56
N ILE C 705 -39.75 -2.27 25.31
CA ILE C 705 -38.88 -1.22 24.81
C ILE C 705 -37.48 -1.79 24.67
N THR C 706 -36.97 -1.83 23.44
CA THR C 706 -35.68 -2.43 23.13
C THR C 706 -34.72 -1.36 22.63
N THR C 707 -33.44 -1.54 22.93
CA THR C 707 -32.42 -0.56 22.56
C THR C 707 -31.65 -1.04 21.33
N GLU C 708 -31.29 -0.08 20.49
CA GLU C 708 -30.44 -0.36 19.32
C GLU C 708 -29.39 0.72 19.21
N VAL C 709 -28.13 0.34 19.37
CA VAL C 709 -27.00 1.28 19.30
C VAL C 709 -26.43 1.25 17.90
N MET C 710 -26.24 2.42 17.30
CA MET C 710 -25.74 2.53 15.94
C MET C 710 -24.64 3.58 15.89
N PRO C 711 -23.40 3.22 15.57
CA PRO C 711 -22.38 4.24 15.30
C PRO C 711 -22.78 5.10 14.12
N VAL C 712 -22.49 6.40 14.21
CA VAL C 712 -22.91 7.34 13.18
C VAL C 712 -21.70 8.11 12.64
N SER C 713 -20.65 8.23 13.45
CA SER C 713 -19.49 9.00 13.04
C SER C 713 -18.25 8.51 13.77
N MET C 714 -17.10 8.86 13.22
CA MET C 714 -15.81 8.47 13.77
C MET C 714 -14.94 9.71 13.89
N ALA C 715 -13.94 9.64 14.77
CA ALA C 715 -13.08 10.79 15.02
C ALA C 715 -12.44 11.27 13.74
N LYS C 716 -12.44 12.59 13.55
CA LYS C 716 -11.83 13.22 12.39
C LYS C 716 -10.36 13.49 12.68
N THR C 717 -9.47 12.92 11.86
CA THR C 717 -8.04 13.02 12.07
C THR C 717 -7.39 13.77 10.92
N SER C 718 -6.30 14.47 11.23
CA SER C 718 -5.51 15.18 10.24
C SER C 718 -4.04 14.95 10.53
N VAL C 719 -3.24 14.92 9.47
CA VAL C 719 -1.81 14.64 9.56
C VAL C 719 -1.05 15.70 8.78
N ASP C 720 0.24 15.83 9.08
CA ASP C 720 1.12 16.81 8.45
C ASP C 720 2.23 16.10 7.70
N CYS C 721 2.59 16.63 6.53
CA CYS C 721 3.65 16.04 5.73
C CYS C 721 4.97 16.02 6.48
N ASN C 722 5.53 17.19 6.72
CA ASN C 722 6.89 17.29 7.20
C ASN C 722 6.99 16.95 8.68
N MET C 723 6.09 17.48 9.51
CA MET C 723 6.21 17.26 10.94
C MET C 723 6.18 15.78 11.28
N TYR C 724 5.57 14.96 10.42
CA TYR C 724 5.59 13.51 10.64
C TYR C 724 6.76 12.86 9.93
N ILE C 725 6.83 13.02 8.60
CA ILE C 725 7.87 12.35 7.83
C ILE C 725 9.25 12.84 8.25
N CYS C 726 9.39 14.15 8.42
CA CYS C 726 10.68 14.78 8.68
C CYS C 726 10.79 15.39 10.06
N GLY C 727 9.84 16.25 10.43
CA GLY C 727 9.91 16.98 11.69
C GLY C 727 10.22 18.44 11.46
N ASP C 728 11.44 18.86 11.77
CA ASP C 728 11.86 20.24 11.56
C ASP C 728 13.18 20.31 10.80
N SER C 729 13.54 19.26 10.09
CA SER C 729 14.81 19.20 9.37
C SER C 729 14.62 19.76 7.96
N THR C 730 15.37 20.83 7.65
CA THR C 730 15.28 21.43 6.33
C THR C 730 15.73 20.47 5.24
N GLU C 731 16.83 19.75 5.48
CA GLU C 731 17.34 18.83 4.48
C GLU C 731 16.34 17.72 4.18
N CYS C 732 15.68 17.20 5.22
CA CYS C 732 14.67 16.18 4.99
C CYS C 732 13.48 16.73 4.21
N ALA C 733 13.10 17.98 4.47
CA ALA C 733 12.02 18.58 3.69
C ALA C 733 12.41 18.71 2.23
N ASN C 734 13.65 19.15 1.96
CA ASN C 734 14.11 19.24 0.59
C ASN C 734 14.09 17.88 -0.09
N LEU C 735 14.55 16.84 0.62
CA LEU C 735 14.54 15.50 0.05
C LEU C 735 13.11 15.02 -0.20
N LEU C 736 12.19 15.36 0.71
CA LEU C 736 10.81 14.91 0.57
C LEU C 736 10.11 15.59 -0.59
N LEU C 737 10.48 16.84 -0.90
CA LEU C 737 9.87 17.51 -2.04
C LEU C 737 10.02 16.70 -3.30
N GLN C 738 11.10 15.91 -3.41
CA GLN C 738 11.38 15.14 -4.60
C GLN C 738 10.39 14.01 -4.84
N TYR C 739 9.62 13.61 -3.84
CA TYR C 739 8.70 12.48 -3.97
C TYR C 739 7.37 12.85 -4.59
N GLY C 740 7.08 14.13 -4.76
CA GLY C 740 5.89 14.54 -5.48
C GLY C 740 4.75 15.01 -4.60
N SER C 741 3.54 14.52 -4.88
CA SER C 741 2.33 14.96 -4.21
C SER C 741 1.68 13.82 -3.44
N PHE C 742 2.49 13.02 -2.74
CA PHE C 742 1.94 11.93 -1.93
C PHE C 742 1.15 12.49 -0.76
N CYS C 743 1.80 13.25 0.12
CA CYS C 743 1.12 13.71 1.31
C CYS C 743 0.00 14.69 0.99
N THR C 744 0.06 15.38 -0.15
CA THR C 744 -1.06 16.22 -0.55
C THR C 744 -2.31 15.38 -0.76
N GLN C 745 -2.17 14.24 -1.45
CA GLN C 745 -3.31 13.37 -1.65
C GLN C 745 -3.74 12.68 -0.36
N LEU C 746 -2.79 12.38 0.53
CA LEU C 746 -3.17 11.86 1.84
C LEU C 746 -4.02 12.87 2.60
N ASN C 747 -3.61 14.15 2.58
CA ASN C 747 -4.40 15.19 3.23
C ASN C 747 -5.76 15.31 2.60
N ARG C 748 -5.84 15.22 1.26
CA ARG C 748 -7.13 15.29 0.60
C ARG C 748 -8.03 14.14 1.04
N ALA C 749 -7.49 12.93 1.13
CA ALA C 749 -8.30 11.79 1.57
C ALA C 749 -8.78 11.98 3.00
N LEU C 750 -7.90 12.44 3.89
CA LEU C 750 -8.31 12.62 5.28
C LEU C 750 -9.38 13.70 5.41
N SER C 751 -9.23 14.79 4.64
CA SER C 751 -10.25 15.83 4.66
C SER C 751 -11.58 15.30 4.14
N GLY C 752 -11.55 14.49 3.09
CA GLY C 752 -12.77 13.87 2.61
C GLY C 752 -13.43 13.03 3.68
N ILE C 753 -12.63 12.26 4.42
CA ILE C 753 -13.19 11.44 5.49
C ILE C 753 -13.84 12.31 6.55
N ALA C 754 -13.18 13.41 6.93
CA ALA C 754 -13.73 14.27 7.98
C ALA C 754 -15.04 14.90 7.55
N VAL C 755 -15.08 15.44 6.33
CA VAL C 755 -16.32 16.05 5.84
C VAL C 755 -17.42 15.00 5.73
N GLU C 756 -17.06 13.78 5.33
CA GLU C 756 -18.05 12.71 5.25
C GLU C 756 -18.62 12.41 6.62
N GLN C 757 -17.78 12.41 7.66
CA GLN C 757 -18.29 12.16 9.01
C GLN C 757 -19.25 13.27 9.45
N ASP C 758 -18.90 14.52 9.16
CA ASP C 758 -19.79 15.62 9.51
C ASP C 758 -21.13 15.46 8.79
N ARG C 759 -21.08 15.11 7.50
CA ARG C 759 -22.31 14.88 6.75
C ARG C 759 -23.10 13.72 7.32
N ASN C 760 -22.42 12.66 7.75
CA ASN C 760 -23.12 11.52 8.34
C ASN C 760 -23.94 11.95 9.54
N THR C 761 -23.30 12.65 10.47
CA THR C 761 -24.03 13.10 11.65
C THR C 761 -25.18 14.02 11.27
N ARG C 762 -24.94 14.98 10.36
CA ARG C 762 -25.98 15.93 10.00
C ARG C 762 -27.17 15.23 9.37
N GLU C 763 -26.92 14.29 8.45
CA GLU C 763 -28.00 13.62 7.77
C GLU C 763 -28.76 12.69 8.71
N VAL C 764 -28.07 12.07 9.67
CA VAL C 764 -28.77 11.21 10.61
C VAL C 764 -29.70 12.04 11.49
N PHE C 765 -29.23 13.19 11.98
CA PHE C 765 -29.98 13.93 12.98
C PHE C 765 -30.81 15.07 12.40
N ALA C 766 -30.27 15.83 11.45
CA ALA C 766 -30.97 17.00 10.92
C ALA C 766 -32.05 16.53 9.94
N GLN C 767 -33.10 15.93 10.49
CA GLN C 767 -34.24 15.48 9.71
C GLN C 767 -35.50 16.29 9.98
N VAL C 768 -35.50 17.17 10.97
CA VAL C 768 -36.63 18.03 11.29
C VAL C 768 -36.24 19.46 10.98
N LYS C 769 -37.06 20.14 10.18
CA LYS C 769 -36.81 21.53 9.85
C LYS C 769 -37.32 22.48 10.93
N GLN C 770 -38.09 21.99 11.90
CA GLN C 770 -38.62 22.81 12.97
C GLN C 770 -38.15 22.26 14.31
N MET C 771 -37.59 23.13 15.15
CA MET C 771 -37.11 22.76 16.47
C MET C 771 -38.28 22.85 17.45
N TYR C 772 -39.10 21.80 17.47
CA TYR C 772 -40.28 21.79 18.32
C TYR C 772 -39.89 22.01 19.77
N LYS C 773 -40.64 22.88 20.45
CA LYS C 773 -40.32 23.24 21.82
C LYS C 773 -40.71 22.13 22.78
N THR C 774 -39.88 21.91 23.79
CA THR C 774 -40.15 20.87 24.77
C THR C 774 -41.36 21.24 25.61
N PRO C 775 -42.39 20.39 25.67
CA PRO C 775 -43.57 20.75 26.47
C PRO C 775 -43.26 20.80 27.95
N THR C 776 -43.97 21.68 28.66
CA THR C 776 -43.82 21.76 30.11
C THR C 776 -44.45 20.56 30.80
N LEU C 777 -45.62 20.14 30.32
CA LEU C 777 -46.31 18.98 30.87
C LEU C 777 -45.87 17.74 30.10
N LYS C 778 -45.10 16.88 30.75
CA LYS C 778 -44.46 15.75 30.10
C LYS C 778 -45.18 14.43 30.34
N ASP C 779 -46.40 14.47 30.86
CA ASP C 779 -47.23 13.28 31.01
C ASP C 779 -48.37 13.37 30.00
N PHE C 780 -48.40 12.44 29.05
CA PHE C 780 -49.36 12.45 27.94
C PHE C 780 -50.27 11.24 28.08
N GLY C 781 -51.37 11.42 28.79
CA GLY C 781 -52.31 10.32 29.00
C GLY C 781 -51.72 9.20 29.83
N GLY C 782 -50.89 9.54 30.82
CA GLY C 782 -50.26 8.55 31.67
C GLY C 782 -48.90 8.08 31.21
N PHE C 783 -48.48 8.45 30.00
CA PHE C 783 -47.17 8.06 29.49
C PHE C 783 -46.15 9.07 29.97
N ASN C 784 -45.27 8.64 30.88
CA ASN C 784 -44.27 9.53 31.48
C ASN C 784 -43.06 9.59 30.56
N PHE C 785 -42.90 10.72 29.88
CA PHE C 785 -41.77 10.95 28.99
C PHE C 785 -40.63 11.70 29.65
N SER C 786 -40.75 12.04 30.94
CA SER C 786 -39.75 12.88 31.58
C SER C 786 -38.38 12.24 31.58
N GLN C 787 -38.28 10.92 31.45
CA GLN C 787 -36.98 10.27 31.44
C GLN C 787 -36.24 10.50 30.14
N ILE C 788 -36.97 10.71 29.03
CA ILE C 788 -36.33 10.84 27.72
C ILE C 788 -36.34 12.28 27.21
N LEU C 789 -37.01 13.21 27.91
CA LEU C 789 -37.00 14.61 27.52
C LEU C 789 -36.10 15.41 28.44
N PRO C 790 -35.55 16.54 27.97
CA PRO C 790 -34.65 17.32 28.83
C PRO C 790 -35.37 17.85 30.06
N ASP C 791 -34.60 18.02 31.13
CA ASP C 791 -35.11 18.60 32.37
C ASP C 791 -34.72 20.07 32.42
N PRO C 792 -35.67 21.01 32.41
CA PRO C 792 -35.28 22.43 32.37
C PRO C 792 -34.44 22.87 33.56
N LEU C 793 -34.66 22.28 34.74
CA LEU C 793 -33.91 22.71 35.91
C LEU C 793 -32.41 22.49 35.72
N LYS C 794 -32.04 21.42 35.04
CA LYS C 794 -30.63 21.15 34.76
C LYS C 794 -30.10 22.07 33.68
N THR C 796 -25.84 19.73 30.52
CA THR C 796 -26.93 19.51 31.47
C THR C 796 -28.29 19.60 30.78
N LYS C 797 -28.28 20.00 29.51
CA LYS C 797 -29.50 20.09 28.71
C LYS C 797 -29.92 18.76 28.11
N ARG C 798 -29.20 17.68 28.42
CA ARG C 798 -29.53 16.37 27.89
C ARG C 798 -30.56 15.69 28.79
N SER C 799 -31.25 14.70 28.22
CA SER C 799 -32.20 13.92 28.99
C SER C 799 -31.46 12.91 29.86
N PHE C 800 -32.18 12.30 30.80
CA PHE C 800 -31.50 11.44 31.78
C PHE C 800 -30.84 10.26 31.08
N ILE C 801 -31.55 9.62 30.15
CA ILE C 801 -30.99 8.47 29.46
C ILE C 801 -29.79 8.89 28.62
N GLU C 802 -29.85 10.07 28.04
CA GLU C 802 -28.70 10.58 27.30
C GLU C 802 -27.50 10.77 28.23
N ASP C 803 -27.75 11.28 29.43
CA ASP C 803 -26.65 11.44 30.39
C ASP C 803 -26.05 10.09 30.75
N LEU C 804 -26.90 9.09 31.00
CA LEU C 804 -26.39 7.76 31.32
C LEU C 804 -25.55 7.20 30.17
N LEU C 805 -26.04 7.36 28.93
CA LEU C 805 -25.31 6.84 27.78
C LEU C 805 -23.97 7.53 27.61
N PHE C 806 -23.95 8.86 27.77
CA PHE C 806 -22.68 9.58 27.65
C PHE C 806 -21.71 9.15 28.76
N ASN C 807 -22.21 8.93 29.97
CA ASN C 807 -21.34 8.53 31.06
C ASN C 807 -20.83 7.10 30.87
N LYS C 808 -21.60 6.24 30.19
CA LYS C 808 -21.20 4.84 30.08
C LYS C 808 -19.97 4.66 29.20
N VAL C 809 -19.84 5.47 28.15
CA VAL C 809 -18.74 5.34 27.21
C VAL C 809 -17.60 6.25 27.65
N THR C 810 -16.40 5.67 27.77
CA THR C 810 -15.21 6.41 28.17
C THR C 810 -14.55 6.98 26.92
N LEU C 811 -14.74 8.27 26.69
CA LEU C 811 -14.19 8.92 25.51
C LEU C 811 -12.77 9.41 25.77
N LEU C 832 0.64 8.18 23.34
CA LEU C 832 0.34 9.32 24.20
C LEU C 832 -0.02 10.54 23.36
N ILE C 833 -1.06 11.26 23.76
CA ILE C 833 -1.58 12.35 22.95
C ILE C 833 -0.50 13.40 22.67
N CYS C 834 0.41 13.60 23.62
CA CYS C 834 1.45 14.62 23.43
C CYS C 834 2.36 14.25 22.27
N ALA C 835 2.74 12.97 22.16
CA ALA C 835 3.56 12.54 21.03
C ALA C 835 2.83 12.73 19.72
N GLN C 836 1.52 12.42 19.69
CA GLN C 836 0.75 12.64 18.48
C GLN C 836 0.75 14.10 18.09
N LYS C 837 0.58 15.00 19.07
CA LYS C 837 0.61 16.42 18.78
C LYS C 837 1.97 16.85 18.24
N PHE C 838 3.05 16.34 18.83
CA PHE C 838 4.38 16.71 18.37
C PHE C 838 4.78 16.08 17.04
N ASN C 839 4.05 15.06 16.58
CA ASN C 839 4.35 14.41 15.31
C ASN C 839 3.33 14.73 14.23
N GLY C 840 2.58 15.82 14.39
CA GLY C 840 1.68 16.27 13.36
C GLY C 840 0.34 15.57 13.32
N LEU C 841 0.05 14.69 14.26
CA LEU C 841 -1.21 13.98 14.30
C LEU C 841 -2.20 14.76 15.16
N THR C 842 -3.29 15.22 14.56
CA THR C 842 -4.26 16.06 15.26
C THR C 842 -5.66 15.50 15.03
N VAL C 843 -6.57 15.88 15.92
CA VAL C 843 -7.97 15.48 15.84
C VAL C 843 -8.81 16.75 15.74
N LEU C 844 -9.59 16.85 14.67
CA LEU C 844 -10.46 17.99 14.43
C LEU C 844 -11.79 17.79 15.16
N PRO C 845 -12.29 18.79 15.89
CA PRO C 845 -13.54 18.60 16.61
C PRO C 845 -14.72 18.52 15.66
N PRO C 846 -15.78 17.81 16.04
CA PRO C 846 -16.94 17.71 15.15
C PRO C 846 -17.67 19.04 15.02
N LEU C 847 -18.38 19.19 13.90
CA LEU C 847 -19.07 20.44 13.62
C LEU C 847 -20.20 20.67 14.60
N LEU C 848 -20.98 19.64 14.91
CA LEU C 848 -22.13 19.75 15.80
C LEU C 848 -21.73 19.27 17.19
N THR C 849 -21.85 20.16 18.17
CA THR C 849 -21.51 19.83 19.54
C THR C 849 -22.59 18.96 20.16
N ASP C 850 -22.26 18.35 21.31
CA ASP C 850 -23.19 17.44 21.96
C ASP C 850 -24.51 18.11 22.28
N ASP C 851 -24.46 19.39 22.67
CA ASP C 851 -25.68 20.11 23.02
C ASP C 851 -26.61 20.21 21.81
N MET C 852 -26.05 20.43 20.62
CA MET C 852 -26.88 20.56 19.43
C MET C 852 -27.55 19.24 19.07
N ILE C 853 -26.82 18.12 19.18
CA ILE C 853 -27.42 16.83 18.89
C ILE C 853 -28.49 16.51 19.94
N ALA C 854 -28.24 16.85 21.20
CA ALA C 854 -29.26 16.65 22.22
C ALA C 854 -30.50 17.48 21.93
N ALA C 855 -30.30 18.72 21.45
CA ALA C 855 -31.44 19.55 21.07
C ALA C 855 -32.21 18.92 19.91
N TYR C 856 -31.49 18.37 18.93
CA TYR C 856 -32.17 17.71 17.82
C TYR C 856 -33.00 16.53 18.30
N THR C 857 -32.44 15.71 19.18
CA THR C 857 -33.19 14.54 19.66
C THR C 857 -34.38 14.96 20.51
N ALA C 858 -34.22 16.00 21.33
CA ALA C 858 -35.34 16.48 22.12
C ALA C 858 -36.44 17.03 21.23
N ALA C 859 -36.06 17.74 20.16
CA ALA C 859 -37.06 18.23 19.21
C ALA C 859 -37.78 17.07 18.54
N LEU C 860 -37.04 16.03 18.14
CA LEU C 860 -37.69 14.88 17.52
C LEU C 860 -38.65 14.20 18.47
N VAL C 861 -38.26 14.03 19.73
CA VAL C 861 -39.14 13.37 20.69
C VAL C 861 -40.38 14.23 20.95
N SER C 862 -40.21 15.54 21.06
CA SER C 862 -41.37 16.41 21.28
C SER C 862 -42.31 16.37 20.08
N GLY C 863 -41.77 16.40 18.87
CA GLY C 863 -42.61 16.29 17.70
C GLY C 863 -43.36 14.98 17.64
N THR C 864 -42.67 13.88 17.96
CA THR C 864 -43.33 12.59 17.96
C THR C 864 -44.44 12.54 19.02
N ALA C 865 -44.20 13.11 20.19
CA ALA C 865 -45.18 13.05 21.26
C ALA C 865 -46.39 13.92 20.96
N THR C 866 -46.19 15.06 20.30
CA THR C 866 -47.29 15.99 20.06
C THR C 866 -47.98 15.72 18.72
N ALA C 867 -47.25 15.82 17.62
CA ALA C 867 -47.81 15.67 16.28
C ALA C 867 -47.81 14.23 15.77
N GLY C 868 -47.18 13.32 16.49
CA GLY C 868 -47.19 11.94 16.04
C GLY C 868 -46.40 11.74 14.77
N TRP C 869 -46.88 10.83 13.93
CA TRP C 869 -46.18 10.51 12.69
C TRP C 869 -46.23 11.65 11.68
N THR C 870 -47.16 12.61 11.86
CA THR C 870 -47.51 13.51 10.76
C THR C 870 -46.39 14.49 10.46
N PHE C 871 -45.62 14.90 11.48
CA PHE C 871 -44.58 15.89 11.26
C PHE C 871 -43.48 15.38 10.34
N GLY C 872 -43.42 14.08 10.10
CA GLY C 872 -42.49 13.52 9.14
C GLY C 872 -42.97 13.49 7.71
N ALA C 873 -44.26 13.75 7.48
CA ALA C 873 -44.85 13.70 6.16
C ALA C 873 -45.25 15.07 5.63
N GLY C 874 -44.71 16.15 6.21
CA GLY C 874 -45.05 17.49 5.80
C GLY C 874 -45.34 18.40 6.97
N ALA C 875 -46.52 19.01 6.98
CA ALA C 875 -46.92 19.84 8.10
C ALA C 875 -47.16 19.00 9.34
N ALA C 876 -46.88 19.56 10.51
CA ALA C 876 -47.05 18.85 11.78
C ALA C 876 -48.44 19.15 12.35
N LEU C 877 -49.26 18.11 12.44
CA LEU C 877 -50.63 18.24 12.91
C LEU C 877 -50.72 17.63 14.30
N GLN C 878 -51.12 18.44 15.28
CA GLN C 878 -51.21 17.95 16.65
C GLN C 878 -52.33 16.93 16.78
N ILE C 879 -52.16 16.02 17.74
CA ILE C 879 -53.16 14.99 18.01
C ILE C 879 -52.97 14.49 19.43
N PRO C 880 -54.06 14.24 20.18
CA PRO C 880 -53.89 13.69 21.53
C PRO C 880 -53.12 12.38 21.49
N PHE C 881 -52.30 12.15 22.51
CA PHE C 881 -51.45 10.96 22.52
C PHE C 881 -52.30 9.69 22.54
N ALA C 882 -53.45 9.73 23.20
CA ALA C 882 -54.29 8.54 23.23
C ALA C 882 -54.75 8.16 21.83
N MET C 883 -55.18 9.13 21.04
CA MET C 883 -55.64 8.83 19.69
C MET C 883 -54.48 8.44 18.78
N GLN C 884 -53.31 9.04 19.00
CA GLN C 884 -52.12 8.62 18.26
C GLN C 884 -51.82 7.15 18.52
N MET C 885 -51.85 6.75 19.78
CA MET C 885 -51.60 5.35 20.11
C MET C 885 -52.73 4.45 19.61
N ALA C 886 -53.97 4.95 19.56
CA ALA C 886 -55.05 4.17 18.99
C ALA C 886 -54.82 3.90 17.51
N TYR C 887 -54.39 4.91 16.77
CA TYR C 887 -54.07 4.70 15.37
C TYR C 887 -52.91 3.73 15.22
N ARG C 888 -51.89 3.86 16.07
CA ARG C 888 -50.74 2.96 15.99
C ARG C 888 -51.14 1.53 16.29
N PHE C 889 -52.09 1.33 17.23
CA PHE C 889 -52.62 -0.01 17.47
C PHE C 889 -53.37 -0.52 16.25
N ASN C 890 -54.19 0.32 15.64
CA ASN C 890 -54.88 -0.10 14.41
C ASN C 890 -53.88 -0.51 13.35
N GLY C 891 -52.72 0.15 13.32
CA GLY C 891 -51.72 -0.16 12.30
C GLY C 891 -51.17 -1.56 12.40
N ILE C 892 -51.41 -2.27 13.49
CA ILE C 892 -50.90 -3.62 13.67
C ILE C 892 -52.05 -4.59 13.87
N GLY C 893 -53.20 -4.28 13.28
CA GLY C 893 -54.31 -5.20 13.28
C GLY C 893 -55.03 -5.38 14.61
N VAL C 894 -54.99 -4.39 15.49
CA VAL C 894 -55.69 -4.43 16.77
C VAL C 894 -56.66 -3.25 16.81
N THR C 895 -57.93 -3.53 17.08
CA THR C 895 -58.92 -2.47 17.10
C THR C 895 -58.59 -1.44 18.18
N GLN C 896 -59.01 -0.21 17.97
CA GLN C 896 -58.66 0.85 18.92
C GLN C 896 -59.39 0.70 20.25
N ASN C 897 -60.50 -0.03 20.29
CA ASN C 897 -61.18 -0.22 21.57
C ASN C 897 -60.29 -0.91 22.59
N VAL C 898 -59.38 -1.76 22.11
CA VAL C 898 -58.44 -2.43 23.01
C VAL C 898 -57.65 -1.39 23.80
N LEU C 899 -57.12 -0.38 23.10
CA LEU C 899 -56.35 0.65 23.79
C LEU C 899 -57.22 1.49 24.70
N TYR C 900 -58.41 1.90 24.22
CA TYR C 900 -59.23 2.77 25.04
C TYR C 900 -59.76 2.05 26.27
N GLU C 901 -59.75 0.71 26.28
CA GLU C 901 -60.14 -0.04 27.47
C GLU C 901 -58.96 -0.44 28.35
N ASN C 902 -57.76 -0.56 27.79
CA ASN C 902 -56.58 -0.96 28.55
C ASN C 902 -55.52 0.14 28.58
N GLN C 903 -55.95 1.40 28.50
CA GLN C 903 -55.00 2.51 28.52
C GLN C 903 -54.17 2.52 29.79
N LYS C 904 -54.80 2.27 30.94
CA LYS C 904 -54.04 2.29 32.19
C LYS C 904 -52.94 1.22 32.18
N GLN C 905 -53.28 0.01 31.74
CA GLN C 905 -52.29 -1.05 31.69
C GLN C 905 -51.18 -0.71 30.69
N ILE C 906 -51.56 -0.17 29.53
CA ILE C 906 -50.54 0.14 28.52
C ILE C 906 -49.61 1.23 29.02
N ALA C 907 -50.15 2.27 29.65
CA ALA C 907 -49.30 3.33 30.19
C ALA C 907 -48.39 2.80 31.28
N ASN C 908 -48.91 1.94 32.15
CA ASN C 908 -48.09 1.38 33.21
C ASN C 908 -46.97 0.53 32.63
N GLN C 909 -47.28 -0.27 31.61
CA GLN C 909 -46.24 -1.08 30.98
C GLN C 909 -45.19 -0.20 30.30
N PHE C 910 -45.63 0.87 29.65
CA PHE C 910 -44.69 1.83 29.06
C PHE C 910 -43.73 2.36 30.12
N ASN C 911 -44.27 2.84 31.24
CA ASN C 911 -43.42 3.42 32.28
C ASN C 911 -42.50 2.37 32.88
N LYS C 912 -43.01 1.17 33.14
CA LYS C 912 -42.17 0.12 33.71
C LYS C 912 -41.04 -0.25 32.77
N ALA C 913 -41.32 -0.35 31.46
CA ALA C 913 -40.27 -0.66 30.50
C ALA C 913 -39.24 0.46 30.45
N ILE C 914 -39.68 1.71 30.52
CA ILE C 914 -38.74 2.83 30.52
C ILE C 914 -37.83 2.76 31.74
N SER C 915 -38.41 2.48 32.91
CA SER C 915 -37.59 2.36 34.11
C SER C 915 -36.64 1.18 34.00
N GLN C 916 -37.09 0.07 33.41
CA GLN C 916 -36.23 -1.09 33.26
C GLN C 916 -35.03 -0.79 32.38
N ILE C 917 -35.26 -0.11 31.25
CA ILE C 917 -34.13 0.24 30.38
C ILE C 917 -33.22 1.22 31.10
N GLN C 918 -33.80 2.12 31.89
CA GLN C 918 -33.01 3.06 32.67
C GLN C 918 -32.03 2.32 33.57
N GLU C 919 -32.54 1.37 34.34
CA GLU C 919 -31.68 0.62 35.26
C GLU C 919 -30.69 -0.25 34.50
N SER C 920 -31.13 -0.86 33.38
CA SER C 920 -30.23 -1.70 32.61
C SER C 920 -29.05 -0.90 32.09
N LEU C 921 -29.31 0.32 31.58
CA LEU C 921 -28.21 1.17 31.15
C LEU C 921 -27.33 1.56 32.32
N THR C 922 -27.86 1.79 33.52
CA THR C 922 -27.06 2.28 34.68
C THR C 922 -26.13 1.17 35.21
N THR C 923 -26.58 -0.07 35.31
CA THR C 923 -25.84 -1.25 35.82
C THR C 923 -24.74 -1.52 34.80
N THR C 924 -23.49 -1.61 35.22
CA THR C 924 -22.38 -1.70 34.24
C THR C 924 -22.73 -2.80 33.26
N SER C 925 -22.83 -2.49 31.96
CA SER C 925 -23.19 -3.44 30.90
C SER C 925 -22.38 -3.13 29.63
N THR C 926 -22.58 -3.88 28.55
CA THR C 926 -21.87 -3.67 27.25
C THR C 926 -22.92 -3.17 26.24
N ALA C 927 -23.87 -2.35 26.68
CA ALA C 927 -24.93 -1.80 25.81
C ALA C 927 -24.28 -1.08 24.63
N LEU C 928 -23.22 -0.31 24.87
CA LEU C 928 -22.54 0.50 23.83
C LEU C 928 -21.20 -0.12 23.42
N GLY C 929 -21.09 -1.44 23.20
CA GLY C 929 -19.83 -2.00 22.74
C GLY C 929 -19.36 -1.41 21.44
N LYS C 930 -20.30 -1.03 20.56
CA LYS C 930 -19.92 -0.55 19.24
C LYS C 930 -19.27 0.84 19.30
N LEU C 931 -19.84 1.75 20.09
CA LEU C 931 -19.28 3.08 20.18
C LEU C 931 -17.90 3.06 20.83
N GLN C 932 -17.78 2.36 21.96
CA GLN C 932 -16.47 2.21 22.58
C GLN C 932 -15.51 1.49 21.65
N ASP C 933 -16.01 0.56 20.84
CA ASP C 933 -15.14 -0.17 19.92
C ASP C 933 -14.57 0.77 18.86
N VAL C 934 -15.39 1.65 18.30
CA VAL C 934 -14.87 2.58 17.30
C VAL C 934 -13.90 3.56 17.94
N VAL C 935 -14.20 4.01 19.15
CA VAL C 935 -13.27 4.92 19.84
C VAL C 935 -11.92 4.23 20.04
N ASN C 936 -11.95 2.98 20.51
CA ASN C 936 -10.72 2.24 20.71
C ASN C 936 -9.98 2.01 19.41
N GLN C 937 -10.72 1.72 18.33
CA GLN C 937 -10.08 1.52 17.04
C GLN C 937 -9.31 2.77 16.62
N ASN C 938 -9.94 3.93 16.71
CA ASN C 938 -9.26 5.16 16.32
C ASN C 938 -8.03 5.41 17.20
N ALA C 939 -8.18 5.24 18.51
CA ALA C 939 -7.06 5.48 19.40
C ALA C 939 -5.89 4.55 19.10
N GLN C 940 -6.19 3.26 18.89
CA GLN C 940 -5.15 2.29 18.60
C GLN C 940 -4.48 2.60 17.26
N ALA C 941 -5.25 3.01 16.27
CA ALA C 941 -4.66 3.34 14.98
C ALA C 941 -3.68 4.50 15.12
N LEU C 942 -4.08 5.56 15.83
CA LEU C 942 -3.17 6.69 16.01
C LEU C 942 -1.93 6.28 16.80
N ASN C 943 -2.11 5.47 17.85
CA ASN C 943 -0.96 5.05 18.64
C ASN C 943 0.01 4.22 17.82
N THR C 944 -0.50 3.31 17.01
CA THR C 944 0.38 2.53 16.13
C THR C 944 1.09 3.43 15.14
N LEU C 945 0.38 4.41 14.58
CA LEU C 945 1.02 5.33 13.64
C LEU C 945 2.18 6.04 14.29
N VAL C 946 1.98 6.55 15.51
CA VAL C 946 3.04 7.32 16.15
C VAL C 946 4.19 6.41 16.58
N LYS C 947 3.88 5.20 17.05
CA LYS C 947 4.93 4.27 17.45
C LYS C 947 5.71 3.73 16.26
N GLN C 948 5.17 3.84 15.04
CA GLN C 948 5.91 3.40 13.87
C GLN C 948 7.19 4.20 13.64
N LEU C 949 7.32 5.38 14.27
CA LEU C 949 8.52 6.19 14.06
C LEU C 949 9.74 5.54 14.71
N SER C 950 9.54 4.80 15.79
CA SER C 950 10.67 4.20 16.49
C SER C 950 11.41 3.18 15.64
N SER C 951 10.77 2.64 14.61
CA SER C 951 11.43 1.67 13.74
C SER C 951 12.42 2.37 12.83
N ASN C 952 13.64 1.84 12.76
CA ASN C 952 14.67 2.43 11.91
C ASN C 952 14.57 1.98 10.45
N PHE C 953 13.69 1.03 10.15
CA PHE C 953 13.42 0.62 8.78
C PHE C 953 14.68 0.14 8.07
N GLY C 954 15.57 -0.51 8.81
CA GLY C 954 16.78 -1.05 8.24
C GLY C 954 17.87 -0.03 7.97
N ALA C 955 17.72 1.20 8.43
CA ALA C 955 18.72 2.23 8.24
C ALA C 955 19.66 2.28 9.45
N ILE C 956 20.55 3.27 9.49
CA ILE C 956 21.47 3.40 10.60
C ILE C 956 20.71 3.60 11.90
N SER C 957 19.69 4.45 11.89
CA SER C 957 18.89 4.70 13.07
C SER C 957 17.54 5.25 12.65
N SER C 958 16.61 5.22 13.60
CA SER C 958 15.26 5.72 13.37
C SER C 958 15.16 7.23 13.57
N VAL C 959 16.25 7.89 13.94
CA VAL C 959 16.26 9.31 14.24
C VAL C 959 17.03 10.03 13.15
N LEU C 960 16.49 11.15 12.68
CA LEU C 960 17.18 11.95 11.68
C LEU C 960 18.34 12.73 12.29
N ASN C 961 18.21 13.15 13.55
CA ASN C 961 19.23 13.99 14.16
C ASN C 961 20.59 13.29 14.17
N ASP C 962 20.63 12.04 14.63
CA ASP C 962 21.92 11.36 14.74
C ASP C 962 22.46 10.98 13.37
N ILE C 963 21.59 10.65 12.42
CA ILE C 963 22.04 10.36 11.07
C ILE C 963 22.69 11.59 10.46
N LEU C 964 22.06 12.76 10.65
CA LEU C 964 22.60 13.99 10.08
C LEU C 964 23.85 14.44 10.82
N SER C 965 23.95 14.13 12.11
CA SER C 965 25.13 14.53 12.87
C SER C 965 26.32 13.60 12.65
N ARG C 966 26.07 12.35 12.23
CA ARG C 966 27.14 11.38 12.04
C ARG C 966 27.56 11.27 10.57
N LEU C 967 26.61 11.00 9.69
CA LEU C 967 26.91 10.73 8.28
C LEU C 967 26.79 12.00 7.45
N ASP C 968 27.76 12.20 6.56
CA ASP C 968 27.74 13.36 5.68
C ASP C 968 26.56 13.26 4.71
N LYS C 969 26.40 14.32 3.90
CA LYS C 969 25.21 14.43 3.06
C LYS C 969 25.11 13.28 2.07
N VAL C 970 26.17 13.05 1.30
CA VAL C 970 26.11 12.10 0.20
C VAL C 970 25.78 10.71 0.72
N GLU C 971 26.43 10.29 1.81
CA GLU C 971 26.14 8.98 2.36
C GLU C 971 24.80 8.98 3.08
N ALA C 972 24.46 10.08 3.75
CA ALA C 972 23.20 10.17 4.47
C ALA C 972 21.98 10.13 3.55
N GLU C 973 22.16 10.34 2.25
CA GLU C 973 21.02 10.28 1.34
C GLU C 973 20.34 8.93 1.40
N VAL C 974 21.12 7.84 1.46
CA VAL C 974 20.53 6.51 1.47
C VAL C 974 19.68 6.32 2.73
N GLN C 975 20.21 6.72 3.88
CA GLN C 975 19.46 6.56 5.12
C GLN C 975 18.20 7.41 5.11
N ILE C 976 18.31 8.65 4.62
CA ILE C 976 17.14 9.52 4.56
C ILE C 976 16.07 8.91 3.66
N ASP C 977 16.49 8.39 2.50
CA ASP C 977 15.53 7.76 1.60
C ASP C 977 14.86 6.57 2.26
N ARG C 978 15.63 5.73 2.97
CA ARG C 978 15.05 4.58 3.64
C ARG C 978 13.98 5.02 4.64
N LEU C 979 14.33 5.98 5.51
CA LEU C 979 13.37 6.42 6.52
C LEU C 979 12.15 7.06 5.88
N ILE C 980 12.35 7.88 4.84
CA ILE C 980 11.22 8.55 4.21
C ILE C 980 10.28 7.53 3.58
N THR C 981 10.83 6.54 2.88
CA THR C 981 9.97 5.53 2.28
C THR C 981 9.20 4.75 3.35
N GLY C 982 9.87 4.38 4.44
CA GLY C 982 9.18 3.66 5.50
C GLY C 982 8.03 4.47 6.09
N ARG C 983 8.30 5.74 6.39
CA ARG C 983 7.28 6.56 7.04
C ARG C 983 6.14 6.88 6.08
N LEU C 984 6.44 7.06 4.79
CA LEU C 984 5.38 7.25 3.80
C LEU C 984 4.51 6.01 3.71
N GLN C 985 5.12 4.83 3.73
CA GLN C 985 4.31 3.60 3.70
C GLN C 985 3.43 3.50 4.93
N SER C 986 3.96 3.86 6.11
CA SER C 986 3.14 3.84 7.30
C SER C 986 1.94 4.77 7.17
N LEU C 987 2.19 5.98 6.68
CA LEU C 987 1.09 6.93 6.49
C LEU C 987 0.05 6.39 5.51
N GLN C 988 0.51 5.79 4.40
CA GLN C 988 -0.43 5.25 3.43
C GLN C 988 -1.27 4.14 4.02
N THR C 989 -0.64 3.24 4.80
CA THR C 989 -1.41 2.17 5.42
C THR C 989 -2.47 2.73 6.36
N TYR C 990 -2.08 3.71 7.17
CA TYR C 990 -3.05 4.32 8.08
C TYR C 990 -4.20 4.94 7.31
N VAL C 991 -3.90 5.64 6.22
CA VAL C 991 -4.93 6.33 5.46
C VAL C 991 -5.89 5.33 4.83
N THR C 992 -5.36 4.24 4.28
CA THR C 992 -6.23 3.22 3.70
C THR C 992 -7.13 2.59 4.74
N GLN C 993 -6.57 2.26 5.91
CA GLN C 993 -7.41 1.70 6.97
C GLN C 993 -8.49 2.67 7.38
N GLN C 994 -8.15 3.96 7.49
CA GLN C 994 -9.16 4.97 7.83
C GLN C 994 -10.23 5.07 6.76
N LEU C 995 -9.84 4.95 5.49
CA LEU C 995 -10.84 5.00 4.42
C LEU C 995 -11.82 3.85 4.53
N ILE C 996 -11.32 2.64 4.78
CA ILE C 996 -12.22 1.49 4.91
C ILE C 996 -13.13 1.65 6.12
N ARG C 997 -12.56 2.10 7.26
CA ARG C 997 -13.39 2.32 8.43
C ARG C 997 -14.45 3.38 8.17
N ALA C 998 -14.10 4.43 7.43
CA ALA C 998 -15.06 5.46 7.11
C ALA C 998 -16.17 4.93 6.22
N ALA C 999 -15.84 4.03 5.29
CA ALA C 999 -16.88 3.41 4.48
C ALA C 999 -17.85 2.61 5.36
N GLU C 1000 -17.31 1.84 6.30
CA GLU C 1000 -18.19 1.08 7.19
C GLU C 1000 -19.07 2.00 8.03
N ILE C 1001 -18.49 3.07 8.55
CA ILE C 1001 -19.26 4.00 9.37
C ILE C 1001 -20.32 4.70 8.52
N ARG C 1002 -20.02 5.00 7.25
CA ARG C 1002 -21.01 5.60 6.38
C ARG C 1002 -22.17 4.65 6.14
N ALA C 1003 -21.88 3.36 5.96
CA ALA C 1003 -22.96 2.39 5.82
C ALA C 1003 -23.84 2.38 7.07
N SER C 1004 -23.21 2.39 8.25
CA SER C 1004 -23.99 2.41 9.48
C SER C 1004 -24.81 3.69 9.61
N ALA C 1005 -24.24 4.82 9.20
CA ALA C 1005 -24.95 6.09 9.30
C ALA C 1005 -26.14 6.14 8.35
N ASN C 1006 -25.98 5.59 7.15
CA ASN C 1006 -27.13 5.51 6.23
C ASN C 1006 -28.23 4.62 6.81
N LEU C 1007 -27.85 3.50 7.42
CA LEU C 1007 -28.86 2.65 8.05
C LEU C 1007 -29.55 3.39 9.19
N ALA C 1008 -28.80 4.17 9.96
CA ALA C 1008 -29.40 4.94 11.06
C ALA C 1008 -30.35 6.01 10.53
N ALA C 1009 -29.99 6.65 9.41
CA ALA C 1009 -30.88 7.63 8.81
C ALA C 1009 -32.17 6.97 8.34
N THR C 1010 -32.06 5.79 7.72
CA THR C 1010 -33.25 5.07 7.30
C THR C 1010 -34.12 4.70 8.49
N LYS C 1011 -33.50 4.24 9.59
CA LYS C 1011 -34.26 3.91 10.78
C LYS C 1011 -34.95 5.14 11.35
N MET C 1012 -34.28 6.28 11.37
CA MET C 1012 -34.92 7.50 11.85
C MET C 1012 -36.12 7.85 10.97
N SER C 1013 -35.96 7.73 9.65
CA SER C 1013 -37.05 8.08 8.76
C SER C 1013 -38.25 7.15 8.94
N GLU C 1014 -38.01 5.85 9.10
CA GLU C 1014 -39.10 4.89 9.01
C GLU C 1014 -39.69 4.51 10.36
N CYS C 1015 -38.86 4.37 11.40
CA CYS C 1015 -39.33 3.98 12.72
C CYS C 1015 -39.75 5.16 13.58
N VAL C 1016 -39.01 6.27 13.52
CA VAL C 1016 -39.29 7.42 14.38
C VAL C 1016 -40.35 8.32 13.76
N LEU C 1017 -40.16 8.74 12.51
CA LEU C 1017 -41.11 9.62 11.84
C LEU C 1017 -42.29 8.88 11.25
N GLY C 1018 -42.50 7.62 11.63
CA GLY C 1018 -43.62 6.86 11.12
C GLY C 1018 -43.63 5.48 11.74
N GLN C 1019 -44.61 4.69 11.32
CA GLN C 1019 -44.76 3.31 11.79
C GLN C 1019 -44.28 2.37 10.70
N SER C 1020 -43.37 1.46 11.07
CA SER C 1020 -42.75 0.56 10.11
C SER C 1020 -43.46 -0.78 10.07
N LYS C 1021 -43.79 -1.22 8.86
CA LYS C 1021 -44.42 -2.51 8.65
C LYS C 1021 -43.43 -3.63 8.39
N ARG C 1022 -42.13 -3.34 8.43
CA ARG C 1022 -41.13 -4.36 8.17
C ARG C 1022 -40.82 -5.14 9.45
N VAL C 1023 -40.58 -6.43 9.29
CA VAL C 1023 -40.35 -7.29 10.45
C VAL C 1023 -38.94 -7.09 10.98
N ASP C 1024 -38.82 -6.91 12.30
CA ASP C 1024 -37.55 -6.81 13.01
C ASP C 1024 -36.70 -5.63 12.57
N PHE C 1025 -37.22 -4.74 11.73
CA PHE C 1025 -36.44 -3.57 11.34
C PHE C 1025 -36.37 -2.55 12.46
N CYS C 1026 -37.47 -2.36 13.17
CA CYS C 1026 -37.56 -1.37 14.25
C CYS C 1026 -37.90 -2.06 15.56
N GLY C 1027 -37.21 -3.14 15.87
CA GLY C 1027 -37.38 -3.84 17.13
C GLY C 1027 -38.15 -5.13 16.98
N LYS C 1028 -37.91 -6.05 17.91
CA LYS C 1028 -38.58 -7.35 17.87
C LYS C 1028 -40.04 -7.19 18.28
N GLY C 1029 -40.93 -7.80 17.51
CA GLY C 1029 -42.35 -7.68 17.72
C GLY C 1029 -43.01 -6.77 16.70
N TYR C 1030 -44.18 -6.26 17.08
CA TYR C 1030 -44.93 -5.34 16.24
C TYR C 1030 -44.57 -3.91 16.63
N HIS C 1031 -44.13 -3.13 15.67
CA HIS C 1031 -43.63 -1.80 15.96
C HIS C 1031 -44.78 -0.83 16.23
N LEU C 1032 -44.65 -0.07 17.32
CA LEU C 1032 -45.59 1.00 17.64
C LEU C 1032 -44.98 2.39 17.42
N MET C 1033 -43.79 2.62 17.96
CA MET C 1033 -43.11 3.91 17.78
C MET C 1033 -41.66 3.73 18.19
N SER C 1034 -40.90 4.82 18.10
CA SER C 1034 -39.50 4.80 18.48
C SER C 1034 -39.09 6.18 18.95
N PHE C 1035 -38.03 6.22 19.76
CA PHE C 1035 -37.51 7.46 20.31
C PHE C 1035 -36.00 7.47 20.12
N PRO C 1036 -35.41 8.52 19.55
CA PRO C 1036 -33.96 8.57 19.41
C PRO C 1036 -33.31 9.21 20.63
N GLN C 1037 -32.08 8.81 20.88
CA GLN C 1037 -31.24 9.38 21.93
C GLN C 1037 -29.83 9.49 21.40
N ALA C 1038 -29.14 10.57 21.74
CA ALA C 1038 -27.76 10.73 21.29
C ALA C 1038 -26.82 9.91 22.17
N ALA C 1039 -25.62 9.67 21.65
CA ALA C 1039 -24.58 9.00 22.41
C ALA C 1039 -23.25 9.30 21.74
N PRO C 1040 -22.13 9.16 22.46
CA PRO C 1040 -20.84 9.51 21.86
C PRO C 1040 -20.61 8.77 20.55
N HIS C 1041 -20.59 9.52 19.46
CA HIS C 1041 -20.37 8.96 18.13
C HIS C 1041 -21.41 7.92 17.77
N GLY C 1042 -22.66 8.16 18.13
CA GLY C 1042 -23.70 7.21 17.78
C GLY C 1042 -25.06 7.64 18.26
N VAL C 1043 -26.05 6.83 17.89
CA VAL C 1043 -27.45 7.06 18.22
C VAL C 1043 -28.05 5.78 18.79
N VAL C 1044 -28.80 5.92 19.87
CA VAL C 1044 -29.49 4.80 20.51
C VAL C 1044 -30.98 4.96 20.26
N PHE C 1045 -31.60 3.96 19.66
CA PHE C 1045 -33.03 3.95 19.38
C PHE C 1045 -33.74 3.12 20.44
N LEU C 1046 -34.77 3.71 21.04
CA LEU C 1046 -35.67 2.99 21.94
C LEU C 1046 -36.91 2.64 21.12
N HIS C 1047 -37.02 1.37 20.75
CA HIS C 1047 -38.12 0.89 19.94
C HIS C 1047 -39.21 0.33 20.86
N VAL C 1048 -40.42 0.86 20.73
CA VAL C 1048 -41.58 0.37 21.48
C VAL C 1048 -42.31 -0.63 20.61
N THR C 1049 -42.55 -1.83 21.16
CA THR C 1049 -43.15 -2.92 20.41
C THR C 1049 -44.25 -3.57 21.23
N TYR C 1050 -45.21 -4.15 20.52
CA TYR C 1050 -46.36 -4.83 21.10
C TYR C 1050 -46.16 -6.33 20.92
N VAL C 1051 -45.96 -7.06 22.01
CA VAL C 1051 -45.71 -8.48 21.95
C VAL C 1051 -46.90 -9.21 22.56
N PRO C 1052 -47.59 -10.09 21.82
CA PRO C 1052 -48.70 -10.83 22.40
C PRO C 1052 -48.24 -11.86 23.41
N SER C 1053 -49.18 -12.30 24.25
CA SER C 1053 -48.88 -13.25 25.30
C SER C 1053 -50.19 -13.82 25.84
N GLN C 1054 -50.05 -14.85 26.69
CA GLN C 1054 -51.19 -15.58 27.24
C GLN C 1054 -52.04 -16.19 26.12
N GLU C 1055 -51.40 -17.13 25.42
CA GLU C 1055 -52.04 -17.82 24.32
C GLU C 1055 -53.19 -18.68 24.81
N ARG C 1056 -54.19 -18.85 23.95
CA ARG C 1056 -55.26 -19.81 24.18
C ARG C 1056 -55.49 -20.60 22.89
N ASN C 1057 -55.70 -21.90 23.05
CA ASN C 1057 -55.98 -22.77 21.90
C ASN C 1057 -57.48 -22.75 21.59
N PHE C 1058 -57.81 -22.86 20.31
CA PHE C 1058 -59.21 -22.90 19.90
C PHE C 1058 -59.32 -23.82 18.70
N THR C 1059 -60.52 -24.35 18.49
CA THR C 1059 -60.83 -25.11 17.29
C THR C 1059 -61.46 -24.16 16.28
N THR C 1060 -60.86 -24.08 15.10
CA THR C 1060 -61.22 -23.09 14.10
C THR C 1060 -61.75 -23.78 12.84
N ALA C 1061 -62.27 -22.97 11.92
CA ALA C 1061 -62.86 -23.48 10.70
C ALA C 1061 -62.61 -22.49 9.56
N PRO C 1062 -62.29 -22.98 8.36
CA PRO C 1062 -62.10 -22.06 7.23
C PRO C 1062 -63.33 -21.22 6.92
N ALA C 1063 -64.52 -21.77 7.05
CA ALA C 1063 -65.74 -21.09 6.68
C ALA C 1063 -66.89 -21.69 7.47
N ILE C 1064 -68.08 -21.10 7.33
CA ILE C 1064 -69.28 -21.59 8.00
C ILE C 1064 -70.36 -21.80 6.97
N CYS C 1065 -70.92 -23.01 6.94
CA CYS C 1065 -71.98 -23.34 6.00
C CYS C 1065 -73.32 -22.95 6.61
N HIS C 1066 -74.10 -22.16 5.87
CA HIS C 1066 -75.39 -21.68 6.34
C HIS C 1066 -76.36 -21.70 5.17
N GLU C 1067 -77.48 -22.41 5.33
CA GLU C 1067 -78.52 -22.49 4.30
C GLU C 1067 -77.94 -22.80 2.93
N GLY C 1068 -76.90 -23.63 2.89
CA GLY C 1068 -76.34 -24.10 1.65
C GLY C 1068 -75.30 -23.21 1.01
N LYS C 1069 -74.86 -22.15 1.67
CA LYS C 1069 -73.82 -21.29 1.14
C LYS C 1069 -72.75 -21.05 2.20
N ALA C 1070 -71.52 -20.81 1.76
CA ALA C 1070 -70.39 -20.68 2.67
C ALA C 1070 -70.10 -19.22 2.98
N TYR C 1071 -69.99 -18.92 4.27
CA TYR C 1071 -69.65 -17.59 4.77
C TYR C 1071 -68.20 -17.62 5.20
N PHE C 1072 -67.40 -16.69 4.67
CA PHE C 1072 -66.03 -16.46 5.08
C PHE C 1072 -65.94 -15.17 5.89
N PRO C 1073 -64.95 -15.05 6.77
CA PRO C 1073 -64.85 -13.84 7.61
C PRO C 1073 -64.17 -12.71 6.86
N ARG C 1074 -64.73 -11.51 6.96
CA ARG C 1074 -64.08 -10.35 6.36
C ARG C 1074 -62.72 -10.10 6.98
N GLU C 1075 -62.62 -10.21 8.30
CA GLU C 1075 -61.36 -10.08 9.01
C GLU C 1075 -61.35 -11.08 10.16
N GLY C 1076 -60.15 -11.48 10.56
CA GLY C 1076 -60.02 -12.40 11.66
C GLY C 1076 -60.32 -13.83 11.27
N VAL C 1077 -60.61 -14.64 12.29
CA VAL C 1077 -60.82 -16.08 12.12
C VAL C 1077 -61.98 -16.53 12.99
N PHE C 1078 -62.48 -17.73 12.67
CA PHE C 1078 -63.50 -18.37 13.48
C PHE C 1078 -62.86 -19.14 14.63
N VAL C 1079 -63.57 -19.18 15.76
CA VAL C 1079 -63.10 -19.92 16.94
C VAL C 1079 -64.32 -20.57 17.60
N PHE C 1080 -64.03 -21.51 18.50
CA PHE C 1080 -65.06 -22.25 19.23
C PHE C 1080 -64.56 -22.45 20.65
N ASN C 1081 -65.05 -21.62 21.58
CA ASN C 1081 -64.59 -21.68 22.96
C ASN C 1081 -65.11 -22.90 23.71
N GLY C 1082 -66.07 -23.63 23.15
CA GLY C 1082 -66.69 -24.76 23.82
C GLY C 1082 -68.19 -24.62 23.99
N THR C 1083 -68.77 -23.47 23.67
CA THR C 1083 -70.21 -23.25 23.76
C THR C 1083 -70.82 -22.85 22.44
N SER C 1084 -70.14 -22.03 21.64
CA SER C 1084 -70.69 -21.57 20.38
C SER C 1084 -69.54 -21.09 19.49
N TRP C 1085 -69.84 -20.94 18.20
CA TRP C 1085 -68.87 -20.46 17.24
C TRP C 1085 -68.85 -18.93 17.22
N PHE C 1086 -67.66 -18.36 17.33
CA PHE C 1086 -67.48 -16.91 17.37
C PHE C 1086 -66.48 -16.52 16.31
N ILE C 1087 -66.35 -15.20 16.10
CA ILE C 1087 -65.38 -14.62 15.19
C ILE C 1087 -64.52 -13.65 15.98
N THR C 1088 -63.21 -13.70 15.75
CA THR C 1088 -62.28 -12.91 16.54
C THR C 1088 -61.14 -12.42 15.65
N GLN C 1089 -60.37 -11.48 16.18
CA GLN C 1089 -59.18 -11.00 15.49
C GLN C 1089 -58.05 -12.02 15.61
N ARG C 1090 -57.09 -11.94 14.70
CA ARG C 1090 -55.94 -12.84 14.76
C ARG C 1090 -55.00 -12.47 15.90
N ASN C 1091 -54.90 -11.18 16.23
CA ASN C 1091 -53.87 -10.69 17.12
C ASN C 1091 -54.36 -10.44 18.54
N PHE C 1092 -55.60 -10.78 18.84
CA PHE C 1092 -56.16 -10.53 20.16
C PHE C 1092 -57.50 -11.25 20.26
N PHE C 1093 -57.78 -11.83 21.41
CA PHE C 1093 -59.03 -12.55 21.63
C PHE C 1093 -60.10 -11.53 22.01
N SER C 1094 -60.94 -11.18 21.04
CA SER C 1094 -62.08 -10.30 21.24
C SER C 1094 -63.29 -10.98 20.59
N PRO C 1095 -63.81 -12.04 21.23
CA PRO C 1095 -64.87 -12.82 20.58
C PRO C 1095 -66.10 -11.98 20.30
N GLN C 1096 -66.71 -12.22 19.14
CA GLN C 1096 -67.90 -11.49 18.72
C GLN C 1096 -68.83 -12.44 17.98
N ILE C 1097 -70.12 -12.11 18.01
CA ILE C 1097 -71.11 -12.94 17.34
C ILE C 1097 -70.87 -12.92 15.84
N ILE C 1098 -71.23 -14.01 15.17
CA ILE C 1098 -71.08 -14.11 13.73
C ILE C 1098 -72.34 -13.57 13.09
N THR C 1099 -72.20 -12.50 12.31
CA THR C 1099 -73.32 -11.83 11.66
C THR C 1099 -72.98 -11.62 10.19
N THR C 1100 -73.84 -10.88 9.50
CA THR C 1100 -73.67 -10.65 8.07
C THR C 1100 -72.71 -9.50 7.76
N ASP C 1101 -72.54 -8.56 8.69
CA ASP C 1101 -71.67 -7.42 8.43
C ASP C 1101 -70.19 -7.81 8.42
N ASN C 1102 -69.79 -8.78 9.24
CA ASN C 1102 -68.39 -9.19 9.32
C ASN C 1102 -68.11 -10.47 8.54
N THR C 1103 -69.06 -10.94 7.74
CA THR C 1103 -68.87 -12.13 6.92
C THR C 1103 -69.38 -11.86 5.51
N PHE C 1104 -68.81 -12.56 4.53
CA PHE C 1104 -69.27 -12.46 3.15
C PHE C 1104 -69.39 -13.85 2.55
N VAL C 1105 -70.34 -14.01 1.64
CA VAL C 1105 -70.67 -15.30 1.06
C VAL C 1105 -69.93 -15.48 -0.25
N SER C 1106 -69.61 -16.74 -0.57
CA SER C 1106 -68.98 -17.06 -1.85
C SER C 1106 -69.15 -18.55 -2.11
N GLY C 1107 -69.87 -18.90 -3.18
CA GLY C 1107 -69.98 -20.28 -3.59
C GLY C 1107 -70.94 -21.08 -2.71
N SER C 1108 -70.68 -22.38 -2.66
CA SER C 1108 -71.49 -23.32 -1.90
C SER C 1108 -70.63 -23.99 -0.83
N CYS C 1109 -71.22 -24.96 -0.13
CA CYS C 1109 -70.56 -25.64 0.98
C CYS C 1109 -69.78 -26.88 0.57
N ASP C 1110 -69.88 -27.31 -0.68
CA ASP C 1110 -69.31 -28.58 -1.11
C ASP C 1110 -67.92 -28.40 -1.74
N VAL C 1111 -67.40 -27.19 -1.79
CA VAL C 1111 -66.15 -26.91 -2.48
C VAL C 1111 -64.99 -26.57 -1.53
N VAL C 1112 -65.26 -26.33 -0.24
CA VAL C 1112 -64.24 -26.00 0.74
C VAL C 1112 -64.20 -27.10 1.78
N ILE C 1113 -63.00 -27.55 2.14
CA ILE C 1113 -62.82 -28.59 3.13
C ILE C 1113 -62.67 -27.96 4.51
N GLY C 1114 -63.28 -28.58 5.51
CA GLY C 1114 -63.26 -28.05 6.86
C GLY C 1114 -64.42 -27.15 7.21
N ILE C 1115 -65.40 -27.01 6.34
CA ILE C 1115 -66.55 -26.15 6.61
C ILE C 1115 -67.38 -26.75 7.74
N ILE C 1116 -67.93 -25.88 8.59
CA ILE C 1116 -68.71 -26.28 9.75
C ILE C 1116 -70.10 -25.67 9.64
N ASN C 1117 -71.13 -26.50 9.82
CA ASN C 1117 -72.49 -26.00 9.80
C ASN C 1117 -72.76 -25.12 11.02
N ASN C 1118 -73.43 -23.99 10.79
CA ASN C 1118 -73.79 -23.07 11.86
C ASN C 1118 -74.68 -22.00 11.26
N THR C 1119 -75.20 -21.12 12.13
CA THR C 1119 -76.08 -20.03 11.73
C THR C 1119 -75.35 -18.70 11.81
N VAL C 1120 -75.71 -17.79 10.91
CA VAL C 1120 -75.18 -16.44 10.87
C VAL C 1120 -76.31 -15.49 11.24
N TYR C 1121 -76.17 -14.84 12.39
CA TYR C 1121 -77.25 -13.99 12.87
C TYR C 1121 -77.46 -12.80 11.95
N ASP C 1122 -78.71 -12.57 11.58
CA ASP C 1122 -79.10 -11.43 10.75
C ASP C 1122 -80.00 -10.51 11.56
N PRO C 1123 -79.58 -9.29 11.89
CA PRO C 1123 -80.43 -8.43 12.73
C PRO C 1123 -81.80 -8.16 12.13
N LEU C 1124 -81.90 -7.99 10.82
CA LEU C 1124 -83.18 -7.72 10.18
C LEU C 1124 -83.81 -9.02 9.69
#